data_7B0J
#
_entry.id   7B0J
#
_cell.length_a   1.00
_cell.length_b   1.00
_cell.length_c   1.00
_cell.angle_alpha   90.00
_cell.angle_beta   90.00
_cell.angle_gamma   90.00
#
_symmetry.space_group_name_H-M   'P 1'
#
loop_
_entity.id
_entity.type
_entity.pdbx_description
1 polymer 'Transient receptor potential cation channel subfamily c member 4a'
2 non-polymer '2-(HEXADECANOYLOXY)-1-[(PHOSPHONOOXY)METHYL]ETHYL HEXADECANOATE'
3 non-polymer 'CALCIUM ION'
#
_entity_poly.entity_id   1
_entity_poly.type   'polypeptide(L)'
_entity_poly.pdbx_seq_one_letter_code
;GSQLYFRRTDNSSYRDRIPLRIVRAESELSTQEKSYLSAVEKGDYASVKLALEEAEIYFKININCIDPLGRTALLIAIEN
ENLEIIELLLSFNVYVGDALLHAIRKEVVGAVELLLNHKKPSGEKQVPPILLDKQFSDFTPDITPIILAAHTNNYEIIKM
LVQKGVSVPQPHEVRCNCVECVSSSDVDSLRHSRSRLNIYKALASPSLIALSSEDPFLTAFQLSWELQELSKVENEFKAE
YEELSHQCKHFAKDLLDQTRSSRELELILNFRDDMNLLQDEANNELARLKLAIKYRQKEFVAQPNCQQLLASRWYDEFPG
WRRRHWAGKLITCVFIGLMFPLLSLCYLVAPKSRYGLFIRKPFIKFICHTASYLTFLFLLLLASQHIVSNNPDRQGPKPT
TVEWMILPWVLGFIWTEIKQMWDGGFQDYIHDWWNLMDFVMNSLYLATISLKIVAYVKYSGCKPRDTWEMWHPTLVAEAV
FAIANIFSSLRLISLFTANSHLGPLQISLGRMLLDILKFLFIYCLVLLAFANGLNQLYFYYENSEGMTCKGIRCERQNNA
FSTLFETLQSLFWSIFGLISLYVTNVKADHKFTEFVGATMFGTYNVISLVVLLNMLIAMMNNSYQHIADHADIEWKFART
KLWMSYFEEGGTLPPPFNIIPSPKSICYLITWIKVHVFKRRSKRTETFGTLGRRAAENVRLNHQYQEVLRNLVKRYVAAM
IRDAKTEEGLTEENFKELKQDISSFRYEVIGMMKGNRKSTRANKSDTSASDVSHPEGSLQYSSALKQNSKLHLYDVTTAL
QQQNSEEAKASLGCLANGSAVVLTEPILKDKARSDFPKDFTDFGLFPKKQNPNKIYSLAEEATESDPDILDWGKEDKPLA
GKVEQDVNESKCLMEEDERVLEEQEMEHIASSHEH
;
_entity_poly.pdbx_strand_id   A,B,C,D
#
# COMPACT_ATOMS: atom_id res chain seq x y z
N ARG A 17 -32.93 15.46 -31.98
CA ARG A 17 -33.39 14.36 -31.14
C ARG A 17 -33.32 14.75 -29.67
N ILE A 18 -34.08 14.05 -28.84
CA ILE A 18 -34.18 14.28 -27.40
C ILE A 18 -34.46 15.75 -27.14
N PRO A 19 -35.68 16.23 -27.37
CA PRO A 19 -36.01 17.60 -26.96
C PRO A 19 -36.00 17.71 -25.45
N LEU A 20 -35.37 18.78 -24.95
CA LEU A 20 -35.15 18.94 -23.53
C LEU A 20 -36.06 20.03 -22.98
N ARG A 21 -36.81 19.69 -21.95
CA ARG A 21 -37.79 20.58 -21.35
C ARG A 21 -37.66 20.55 -19.84
N ILE A 22 -38.06 21.65 -19.21
CA ILE A 22 -37.97 21.76 -17.76
C ILE A 22 -39.02 20.87 -17.11
N VAL A 23 -38.61 20.12 -16.11
CA VAL A 23 -39.50 19.34 -15.26
C VAL A 23 -39.18 19.73 -13.82
N ARG A 24 -40.20 19.67 -12.96
CA ARG A 24 -40.06 19.83 -11.51
C ARG A 24 -39.21 21.04 -11.13
N ALA A 25 -39.31 22.12 -11.90
CA ALA A 25 -38.66 23.39 -11.60
C ALA A 25 -39.64 24.55 -11.80
N GLU A 26 -40.82 24.40 -11.20
CA GLU A 26 -41.98 25.22 -11.53
C GLU A 26 -41.69 26.71 -11.53
N SER A 27 -41.26 27.26 -10.39
CA SER A 27 -41.31 28.70 -10.17
C SER A 27 -40.17 29.41 -10.89
N GLU A 28 -40.50 30.47 -11.62
CA GLU A 28 -39.53 31.35 -12.26
C GLU A 28 -39.81 32.79 -11.85
N LEU A 29 -38.76 33.59 -11.82
CA LEU A 29 -38.80 34.90 -11.18
C LEU A 29 -39.05 36.01 -12.19
N SER A 30 -39.81 37.01 -11.77
CA SER A 30 -40.02 38.19 -12.59
C SER A 30 -38.77 39.06 -12.61
N THR A 31 -38.77 40.06 -13.50
CA THR A 31 -37.59 40.91 -13.66
C THR A 31 -37.28 41.68 -12.38
N GLN A 32 -38.32 42.19 -11.69
CA GLN A 32 -38.09 42.88 -10.44
C GLN A 32 -37.52 41.95 -9.38
N GLU A 33 -38.02 40.72 -9.32
CA GLU A 33 -37.52 39.74 -8.37
C GLU A 33 -36.05 39.42 -8.62
N LYS A 34 -35.68 39.23 -9.89
CA LYS A 34 -34.27 38.98 -10.19
C LYS A 34 -33.42 40.19 -9.85
N SER A 35 -33.91 41.40 -10.13
CA SER A 35 -33.14 42.60 -9.81
C SER A 35 -32.90 42.71 -8.30
N TYR A 36 -33.94 42.47 -7.51
CA TYR A 36 -33.83 42.60 -6.06
C TYR A 36 -32.94 41.51 -5.46
N LEU A 37 -33.08 40.27 -5.95
CA LEU A 37 -32.20 39.20 -5.47
C LEU A 37 -30.76 39.45 -5.89
N SER A 38 -30.54 39.99 -7.10
CA SER A 38 -29.19 40.33 -7.53
C SER A 38 -28.60 41.45 -6.68
N ALA A 39 -29.43 42.42 -6.30
CA ALA A 39 -28.96 43.46 -5.39
C ALA A 39 -28.56 42.88 -4.05
N VAL A 40 -29.33 41.92 -3.54
CA VAL A 40 -28.95 41.27 -2.29
C VAL A 40 -27.65 40.49 -2.46
N GLU A 41 -27.49 39.83 -3.61
CA GLU A 41 -26.22 39.16 -3.92
C GLU A 41 -25.05 40.12 -3.86
N LYS A 42 -25.15 41.26 -4.55
CA LYS A 42 -24.03 42.16 -4.68
C LYS A 42 -23.77 42.95 -3.40
N GLY A 43 -24.67 42.90 -2.44
CA GLY A 43 -24.53 43.67 -1.23
C GLY A 43 -25.05 45.08 -1.31
N ASP A 44 -25.80 45.40 -2.36
CA ASP A 44 -26.23 46.77 -2.59
C ASP A 44 -27.29 47.18 -1.57
N TYR A 45 -26.85 47.88 -0.52
CA TYR A 45 -27.77 48.25 0.55
C TYR A 45 -28.82 49.24 0.07
N ALA A 46 -28.42 50.19 -0.78
CA ALA A 46 -29.35 51.20 -1.24
C ALA A 46 -30.41 50.60 -2.16
N SER A 47 -30.01 49.71 -3.06
CA SER A 47 -30.97 49.10 -3.97
C SER A 47 -31.94 48.20 -3.22
N VAL A 48 -31.46 47.45 -2.23
CA VAL A 48 -32.31 46.56 -1.46
C VAL A 48 -33.29 47.37 -0.62
N LYS A 49 -32.81 48.42 0.03
CA LYS A 49 -33.69 49.30 0.78
C LYS A 49 -34.76 49.91 -0.12
N LEU A 50 -34.37 50.32 -1.33
CA LEU A 50 -35.33 50.92 -2.24
C LEU A 50 -36.38 49.91 -2.68
N ALA A 51 -35.95 48.72 -3.09
CA ALA A 51 -36.89 47.71 -3.56
C ALA A 51 -37.78 47.21 -2.44
N LEU A 52 -37.29 47.21 -1.20
CA LEU A 52 -38.11 46.79 -0.08
C LEU A 52 -39.10 47.87 0.33
N GLU A 53 -38.71 49.14 0.24
CA GLU A 53 -39.67 50.21 0.50
C GLU A 53 -40.69 50.36 -0.62
N GLU A 54 -40.35 49.90 -1.83
CA GLU A 54 -41.30 49.83 -2.93
C GLU A 54 -42.09 48.53 -2.90
N ALA A 55 -41.85 47.69 -1.89
CA ALA A 55 -42.56 46.43 -1.72
C ALA A 55 -43.70 46.53 -0.71
N GLU A 56 -44.05 47.75 -0.31
CA GLU A 56 -45.09 47.95 0.69
C GLU A 56 -46.19 48.88 0.21
N ILE A 57 -45.86 49.88 -0.62
CA ILE A 57 -46.88 50.73 -1.21
C ILE A 57 -47.70 49.94 -2.23
N TYR A 58 -47.03 49.45 -3.27
CA TYR A 58 -47.64 48.56 -4.27
C TYR A 58 -46.69 47.38 -4.41
N PHE A 59 -47.06 46.24 -3.84
CA PHE A 59 -46.10 45.17 -3.62
C PHE A 59 -45.48 44.68 -4.92
N LYS A 60 -46.25 43.96 -5.73
CA LYS A 60 -45.84 43.51 -7.06
C LYS A 60 -44.43 42.92 -7.12
N ILE A 61 -43.91 42.42 -5.99
CA ILE A 61 -42.53 41.96 -5.98
C ILE A 61 -42.39 40.59 -5.36
N ASN A 62 -43.30 40.23 -4.46
CA ASN A 62 -43.20 38.99 -3.67
C ASN A 62 -41.88 38.97 -2.90
N ILE A 63 -41.84 39.83 -1.88
CA ILE A 63 -40.67 40.08 -1.03
C ILE A 63 -39.92 38.82 -0.65
N ASN A 64 -40.63 37.70 -0.49
CA ASN A 64 -40.04 36.43 -0.10
C ASN A 64 -39.76 35.52 -1.28
N CYS A 65 -39.41 36.08 -2.43
CA CYS A 65 -39.19 35.28 -3.63
C CYS A 65 -38.07 34.26 -3.41
N ILE A 66 -38.02 33.26 -4.29
CA ILE A 66 -37.06 32.18 -4.18
C ILE A 66 -36.34 32.02 -5.51
N ASP A 67 -35.01 32.10 -5.47
CA ASP A 67 -34.18 31.95 -6.67
C ASP A 67 -34.06 30.48 -7.04
N PRO A 68 -33.47 30.16 -8.19
CA PRO A 68 -33.11 28.76 -8.45
C PRO A 68 -32.16 28.26 -7.38
N LEU A 69 -32.25 26.96 -7.10
CA LEU A 69 -31.56 26.33 -5.98
C LEU A 69 -32.06 26.85 -4.64
N GLY A 70 -33.28 27.37 -4.58
CA GLY A 70 -33.82 27.94 -3.36
C GLY A 70 -33.25 29.31 -3.11
N ARG A 71 -32.40 29.42 -2.10
CA ARG A 71 -31.52 30.58 -1.93
C ARG A 71 -32.33 31.88 -1.87
N THR A 72 -33.09 32.02 -0.79
CA THR A 72 -33.93 33.20 -0.56
C THR A 72 -33.06 34.40 -0.16
N ALA A 73 -33.65 35.60 -0.30
CA ALA A 73 -32.92 36.84 -0.03
C ALA A 73 -32.28 36.84 1.35
N LEU A 74 -33.06 36.50 2.39
CA LEU A 74 -32.49 36.38 3.72
C LEU A 74 -31.39 35.33 3.74
N LEU A 75 -31.64 34.18 3.12
CA LEU A 75 -30.62 33.13 3.08
C LEU A 75 -29.42 33.58 2.26
N ILE A 76 -29.64 34.39 1.22
CA ILE A 76 -28.51 34.90 0.43
C ILE A 76 -27.64 35.78 1.31
N ALA A 77 -28.25 36.72 2.03
CA ALA A 77 -27.50 37.59 2.91
C ALA A 77 -26.77 36.79 3.97
N ILE A 78 -27.38 35.71 4.44
CA ILE A 78 -26.71 34.83 5.39
C ILE A 78 -25.48 34.19 4.76
N GLU A 79 -25.60 33.69 3.53
CA GLU A 79 -24.46 33.10 2.85
C GLU A 79 -23.38 34.10 2.52
N ASN A 80 -23.70 35.39 2.42
CA ASN A 80 -22.72 36.40 2.13
C ASN A 80 -22.11 37.05 3.36
N GLU A 81 -22.52 36.65 4.56
CA GLU A 81 -22.00 37.22 5.79
C GLU A 81 -22.34 38.70 5.92
N ASN A 82 -23.39 39.17 5.24
CA ASN A 82 -23.75 40.58 5.25
C ASN A 82 -24.75 40.82 6.37
N LEU A 83 -24.27 41.41 7.46
CA LEU A 83 -25.13 41.64 8.61
C LEU A 83 -26.04 42.85 8.43
N GLU A 84 -25.58 43.89 7.73
CA GLU A 84 -26.40 45.07 7.50
C GLU A 84 -27.68 44.71 6.75
N ILE A 85 -27.53 43.97 5.65
CA ILE A 85 -28.69 43.55 4.86
C ILE A 85 -29.58 42.63 5.68
N ILE A 86 -29.00 41.81 6.54
CA ILE A 86 -29.82 40.92 7.36
C ILE A 86 -30.67 41.74 8.33
N GLU A 87 -30.07 42.72 9.00
CA GLU A 87 -30.85 43.58 9.89
C GLU A 87 -31.94 44.31 9.14
N LEU A 88 -31.64 44.82 7.94
CA LEU A 88 -32.66 45.50 7.15
C LEU A 88 -33.80 44.55 6.79
N LEU A 89 -33.47 43.37 6.28
CA LEU A 89 -34.48 42.42 5.85
C LEU A 89 -35.37 42.00 7.02
N LEU A 90 -34.77 41.76 8.19
CA LEU A 90 -35.56 41.46 9.37
C LEU A 90 -36.41 42.65 9.78
N SER A 91 -35.90 43.87 9.62
CA SER A 91 -36.68 45.05 9.92
C SER A 91 -37.90 45.18 9.01
N PHE A 92 -37.86 44.57 7.83
CA PHE A 92 -39.03 44.59 6.95
C PHE A 92 -39.84 43.31 6.97
N ASN A 93 -39.70 42.48 8.01
CA ASN A 93 -40.59 41.35 8.27
C ASN A 93 -40.63 40.37 7.10
N VAL A 94 -39.49 39.78 6.83
CA VAL A 94 -39.42 38.68 5.87
C VAL A 94 -39.66 37.39 6.62
N TYR A 95 -40.01 36.33 5.87
CA TYR A 95 -40.26 35.03 6.45
C TYR A 95 -38.93 34.36 6.74
N VAL A 96 -38.54 34.31 8.02
CA VAL A 96 -37.25 33.75 8.37
C VAL A 96 -37.23 32.24 8.16
N GLY A 97 -38.31 31.55 8.53
CA GLY A 97 -38.39 30.12 8.34
C GLY A 97 -37.26 29.36 8.98
N ASP A 98 -36.38 28.80 8.15
CA ASP A 98 -35.18 28.10 8.61
C ASP A 98 -33.95 28.97 8.58
N ALA A 99 -34.11 30.29 8.60
CA ALA A 99 -32.95 31.18 8.52
C ALA A 99 -31.96 30.90 9.64
N LEU A 100 -32.46 30.65 10.84
CA LEU A 100 -31.59 30.34 11.96
C LEU A 100 -30.77 29.10 11.69
N LEU A 101 -31.39 28.09 11.07
CA LEU A 101 -30.69 26.84 10.82
C LEU A 101 -29.62 26.99 9.76
N HIS A 102 -29.87 27.74 8.70
CA HIS A 102 -28.82 27.98 7.70
C HIS A 102 -27.72 28.87 8.27
N ALA A 103 -28.07 29.82 9.13
CA ALA A 103 -27.04 30.62 9.78
C ALA A 103 -26.15 29.77 10.66
N ILE A 104 -26.73 28.84 11.40
CA ILE A 104 -25.95 27.97 12.26
C ILE A 104 -25.09 27.01 11.44
N ARG A 105 -25.69 26.40 10.41
CA ARG A 105 -24.96 25.43 9.60
C ARG A 105 -23.77 26.06 8.91
N LYS A 106 -23.82 27.37 8.66
CA LYS A 106 -22.70 28.08 8.07
C LYS A 106 -21.78 28.71 9.09
N GLU A 107 -22.06 28.53 10.38
CA GLU A 107 -21.21 29.05 11.45
C GLU A 107 -21.09 30.57 11.36
N VAL A 108 -22.24 31.22 11.31
CA VAL A 108 -22.33 32.66 11.09
C VAL A 108 -22.78 33.28 12.41
N VAL A 109 -21.83 33.75 13.21
CA VAL A 109 -22.16 34.15 14.58
C VAL A 109 -23.03 35.40 14.61
N GLY A 110 -22.77 36.35 13.72
CA GLY A 110 -23.56 37.58 13.72
C GLY A 110 -25.02 37.35 13.37
N ALA A 111 -25.27 36.56 12.32
CA ALA A 111 -26.65 36.26 11.95
C ALA A 111 -27.33 35.45 13.03
N VAL A 112 -26.62 34.50 13.65
CA VAL A 112 -27.23 33.77 14.76
C VAL A 112 -27.59 34.71 15.89
N GLU A 113 -26.76 35.72 16.13
CA GLU A 113 -27.09 36.70 17.16
C GLU A 113 -28.36 37.47 16.80
N LEU A 114 -28.50 37.85 15.52
CA LEU A 114 -29.67 38.64 15.12
C LEU A 114 -30.95 37.81 15.10
N LEU A 115 -30.87 36.59 14.54
CA LEU A 115 -32.06 35.76 14.40
C LEU A 115 -32.49 35.14 15.73
N LEU A 116 -31.64 35.16 16.75
CA LEU A 116 -32.05 34.62 18.05
C LEU A 116 -32.92 35.58 18.82
N ASN A 117 -32.93 36.86 18.48
CA ASN A 117 -33.75 37.86 19.15
C ASN A 117 -34.48 38.65 18.08
N HIS A 118 -35.64 38.13 17.66
CA HIS A 118 -36.40 38.73 16.57
C HIS A 118 -37.87 38.39 16.77
N LYS A 119 -38.69 39.42 16.99
CA LYS A 119 -40.12 39.22 17.18
C LYS A 119 -40.94 40.11 16.25
N GLN A 135 -44.85 22.83 1.74
CA GLN A 135 -43.73 23.06 2.64
C GLN A 135 -42.44 22.41 2.15
N PHE A 136 -41.33 23.12 2.30
CA PHE A 136 -40.03 22.58 1.95
C PHE A 136 -38.96 23.17 2.85
N SER A 137 -38.04 22.32 3.29
CA SER A 137 -36.95 22.71 4.18
C SER A 137 -35.72 21.90 3.83
N ASP A 138 -34.55 22.46 4.12
CA ASP A 138 -33.29 21.79 3.88
C ASP A 138 -32.86 20.94 5.06
N PHE A 139 -33.66 20.86 6.11
CA PHE A 139 -33.28 20.19 7.34
C PHE A 139 -34.37 19.22 7.77
N THR A 140 -33.93 18.04 8.20
CA THR A 140 -34.83 17.04 8.71
C THR A 140 -35.59 17.61 9.91
N PRO A 141 -36.91 17.41 10.00
CA PRO A 141 -37.68 18.12 11.03
C PRO A 141 -37.27 17.81 12.47
N ASP A 142 -36.48 16.77 12.69
CA ASP A 142 -35.97 16.52 14.04
C ASP A 142 -34.77 17.39 14.40
N ILE A 143 -34.23 18.16 13.45
CA ILE A 143 -33.07 18.99 13.72
C ILE A 143 -33.53 20.27 14.39
N THR A 144 -33.06 20.49 15.60
CA THR A 144 -33.28 21.72 16.35
C THR A 144 -32.02 22.57 16.32
N PRO A 145 -32.10 23.86 16.65
CA PRO A 145 -30.91 24.70 16.59
C PRO A 145 -29.72 24.18 17.38
N ILE A 146 -29.94 23.66 18.60
CA ILE A 146 -28.82 23.21 19.41
C ILE A 146 -28.20 21.95 18.82
N ILE A 147 -29.02 21.04 18.29
CA ILE A 147 -28.48 19.84 17.69
C ILE A 147 -27.58 20.19 16.51
N LEU A 148 -28.04 21.09 15.64
CA LEU A 148 -27.25 21.46 14.48
C LEU A 148 -25.98 22.22 14.88
N ALA A 149 -26.09 23.11 15.86
CA ALA A 149 -24.91 23.80 16.36
C ALA A 149 -23.88 22.81 16.87
N ALA A 150 -24.31 21.83 17.66
CA ALA A 150 -23.39 20.83 18.18
C ALA A 150 -22.83 19.95 17.06
N HIS A 151 -23.60 19.76 15.98
CA HIS A 151 -23.06 19.11 14.79
C HIS A 151 -21.90 19.90 14.21
N THR A 152 -22.04 21.23 14.15
CA THR A 152 -20.98 22.06 13.60
C THR A 152 -19.79 22.18 14.53
N ASN A 153 -19.98 21.91 15.83
CA ASN A 153 -18.92 22.01 16.83
C ASN A 153 -18.33 23.42 16.90
N ASN A 154 -19.18 24.44 16.73
CA ASN A 154 -18.76 25.81 16.89
C ASN A 154 -19.10 26.25 18.31
N TYR A 155 -18.08 26.70 19.05
CA TYR A 155 -18.28 26.91 20.47
C TYR A 155 -19.04 28.20 20.75
N GLU A 156 -18.90 29.23 19.90
CA GLU A 156 -19.62 30.48 20.12
C GLU A 156 -21.12 30.32 19.94
N ILE A 157 -21.53 29.67 18.85
CA ILE A 157 -22.95 29.48 18.59
C ILE A 157 -23.57 28.57 19.64
N ILE A 158 -22.89 27.49 20.01
CA ILE A 158 -23.40 26.62 21.06
C ILE A 158 -23.52 27.39 22.37
N LYS A 159 -22.52 28.23 22.67
CA LYS A 159 -22.55 28.99 23.91
C LYS A 159 -23.73 29.95 23.93
N MET A 160 -24.00 30.64 22.82
CA MET A 160 -25.10 31.58 22.84
C MET A 160 -26.47 30.90 22.73
N LEU A 161 -26.52 29.68 22.22
CA LEU A 161 -27.79 28.94 22.26
C LEU A 161 -28.07 28.40 23.65
N VAL A 162 -27.04 27.90 24.35
CA VAL A 162 -27.26 27.31 25.66
C VAL A 162 -27.76 28.37 26.64
N GLN A 163 -27.20 29.58 26.57
CA GLN A 163 -27.64 30.64 27.47
C GLN A 163 -29.12 30.94 27.32
N LYS A 164 -29.68 30.75 26.12
CA LYS A 164 -31.10 30.99 25.93
C LYS A 164 -31.95 30.00 26.71
N GLY A 165 -31.52 28.74 26.77
CA GLY A 165 -32.27 27.75 27.52
C GLY A 165 -32.70 26.54 26.72
N VAL A 166 -31.94 26.20 25.68
CA VAL A 166 -32.24 25.05 24.84
C VAL A 166 -31.99 23.77 25.61
N SER A 167 -32.46 22.65 25.06
CA SER A 167 -32.20 21.33 25.62
C SER A 167 -32.15 20.32 24.49
N VAL A 168 -31.49 19.20 24.74
CA VAL A 168 -31.33 18.16 23.72
C VAL A 168 -32.01 16.89 24.22
N PRO A 169 -32.79 16.20 23.39
CA PRO A 169 -33.50 15.01 23.88
C PRO A 169 -32.54 13.91 24.30
N GLN A 170 -33.02 13.09 25.23
CA GLN A 170 -32.22 12.01 25.78
C GLN A 170 -32.67 10.69 25.18
N PRO A 171 -31.83 10.02 24.40
CA PRO A 171 -32.22 8.72 23.84
C PRO A 171 -32.18 7.63 24.89
N HIS A 172 -32.83 6.52 24.56
CA HIS A 172 -32.92 5.39 25.49
C HIS A 172 -31.56 4.71 25.64
N GLU A 173 -31.55 3.66 26.45
CA GLU A 173 -30.30 3.04 26.89
C GLU A 173 -29.41 2.68 25.70
N VAL A 174 -29.87 1.75 24.86
CA VAL A 174 -29.08 1.33 23.71
C VAL A 174 -29.94 0.54 22.73
N VAL A 187 -42.45 2.62 14.23
CA VAL A 187 -43.45 2.83 13.19
C VAL A 187 -42.84 3.53 11.99
N ASP A 188 -41.84 4.37 12.25
CA ASP A 188 -41.05 5.02 11.19
C ASP A 188 -39.58 4.76 11.54
N SER A 189 -39.05 3.66 11.05
CA SER A 189 -37.69 3.28 11.39
C SER A 189 -36.67 4.30 10.90
N LEU A 190 -36.90 4.86 9.71
CA LEU A 190 -35.94 5.80 9.14
C LEU A 190 -35.83 7.06 10.00
N ARG A 191 -36.96 7.68 10.34
CA ARG A 191 -36.92 8.87 11.16
C ARG A 191 -36.33 8.58 12.52
N HIS A 192 -36.71 7.46 13.14
CA HIS A 192 -36.22 7.15 14.48
C HIS A 192 -34.71 6.96 14.48
N SER A 193 -34.19 6.15 13.57
CA SER A 193 -32.76 5.91 13.52
C SER A 193 -32.00 7.18 13.20
N ARG A 194 -32.51 7.98 12.25
CA ARG A 194 -31.83 9.22 11.89
C ARG A 194 -31.83 10.20 13.05
N SER A 195 -32.94 10.31 13.78
CA SER A 195 -32.99 11.23 14.90
C SER A 195 -32.05 10.79 16.01
N ARG A 196 -32.00 9.49 16.29
CA ARG A 196 -31.05 9.00 17.30
C ARG A 196 -29.61 9.30 16.90
N LEU A 197 -29.28 9.10 15.63
CA LEU A 197 -27.94 9.44 15.17
C LEU A 197 -27.67 10.94 15.31
N ASN A 198 -28.66 11.76 14.99
CA ASN A 198 -28.48 13.21 15.09
C ASN A 198 -28.26 13.65 16.53
N ILE A 199 -28.97 13.05 17.49
CA ILE A 199 -28.81 13.47 18.87
C ILE A 199 -27.66 12.77 19.57
N TYR A 200 -27.06 11.76 18.95
CA TYR A 200 -25.80 11.24 19.45
C TYR A 200 -24.60 11.96 18.87
N LYS A 201 -24.71 12.44 17.64
CA LYS A 201 -23.64 13.23 17.06
C LYS A 201 -23.56 14.60 17.72
N ALA A 202 -24.70 15.13 18.16
CA ALA A 202 -24.70 16.37 18.94
C ALA A 202 -24.09 16.14 20.31
N LEU A 203 -24.46 15.06 20.99
CA LEU A 203 -23.98 14.80 22.33
C LEU A 203 -22.47 14.59 22.35
N ALA A 204 -21.95 13.87 21.36
CA ALA A 204 -20.53 13.58 21.26
C ALA A 204 -19.77 14.73 20.61
N SER A 205 -20.00 15.94 21.08
CA SER A 205 -19.39 17.12 20.50
C SER A 205 -18.45 17.74 21.53
N PRO A 206 -17.17 17.94 21.18
CA PRO A 206 -16.25 18.53 22.16
C PRO A 206 -16.71 19.86 22.72
N SER A 207 -17.33 20.71 21.88
CA SER A 207 -17.80 22.00 22.39
C SER A 207 -18.93 21.82 23.39
N LEU A 208 -19.89 20.96 23.09
CA LEU A 208 -21.02 20.76 23.99
C LEU A 208 -20.59 20.03 25.25
N ILE A 209 -19.65 19.09 25.14
CA ILE A 209 -19.12 18.44 26.33
C ILE A 209 -18.31 19.42 27.17
N ALA A 210 -17.70 20.42 26.55
CA ALA A 210 -16.94 21.39 27.31
C ALA A 210 -17.83 22.45 27.97
N LEU A 211 -18.93 22.83 27.34
CA LEU A 211 -19.83 23.82 27.91
C LEU A 211 -20.76 23.24 28.97
N SER A 212 -20.93 21.93 28.99
CA SER A 212 -21.89 21.27 29.85
C SER A 212 -21.21 20.04 30.42
N SER A 213 -21.96 19.10 30.99
CA SER A 213 -21.39 17.84 31.45
C SER A 213 -20.31 18.08 32.51
N GLU A 214 -20.78 18.20 33.76
CA GLU A 214 -19.94 18.46 34.91
C GLU A 214 -18.56 17.80 34.86
N ASP A 215 -18.51 16.53 34.44
CA ASP A 215 -17.22 15.86 34.24
C ASP A 215 -17.08 15.46 32.78
N PRO A 216 -16.36 16.23 31.96
CA PRO A 216 -16.17 15.85 30.56
C PRO A 216 -15.47 14.53 30.37
N PHE A 217 -14.63 14.11 31.31
CA PHE A 217 -13.94 12.83 31.15
C PHE A 217 -14.90 11.66 31.27
N LEU A 218 -15.74 11.67 32.30
CA LEU A 218 -16.74 10.62 32.45
C LEU A 218 -17.72 10.62 31.29
N THR A 219 -18.14 11.80 30.86
CA THR A 219 -19.06 11.90 29.73
C THR A 219 -18.43 11.32 28.47
N ALA A 220 -17.16 11.65 28.21
CA ALA A 220 -16.49 11.12 27.03
C ALA A 220 -16.37 9.61 27.09
N PHE A 221 -15.99 9.06 28.25
CA PHE A 221 -15.86 7.61 28.39
C PHE A 221 -17.20 6.92 28.15
N GLN A 222 -18.24 7.36 28.86
CA GLN A 222 -19.54 6.73 28.74
C GLN A 222 -20.08 6.83 27.33
N LEU A 223 -19.90 7.99 26.70
CA LEU A 223 -20.44 8.19 25.36
C LEU A 223 -19.70 7.35 24.33
N SER A 224 -18.38 7.23 24.45
CA SER A 224 -17.65 6.36 23.54
C SER A 224 -18.10 4.92 23.70
N TRP A 225 -18.30 4.48 24.94
CA TRP A 225 -18.80 3.12 25.16
C TRP A 225 -20.18 2.92 24.55
N GLU A 226 -21.08 3.87 24.74
CA GLU A 226 -22.43 3.77 24.22
C GLU A 226 -22.43 3.72 22.70
N LEU A 227 -21.63 4.58 22.07
CA LEU A 227 -21.56 4.58 20.61
C LEU A 227 -20.95 3.29 20.09
N GLN A 228 -19.98 2.73 20.81
CA GLN A 228 -19.42 1.45 20.41
C GLN A 228 -20.49 0.36 20.46
N GLU A 229 -21.33 0.35 21.49
CA GLU A 229 -22.40 -0.65 21.55
C GLU A 229 -23.42 -0.43 20.45
N LEU A 230 -23.76 0.83 20.16
CA LEU A 230 -24.72 1.10 19.12
C LEU A 230 -24.19 0.71 17.74
N SER A 231 -22.88 0.77 17.55
CA SER A 231 -22.34 0.29 16.28
C SER A 231 -22.50 -1.21 16.11
N LYS A 232 -22.87 -1.93 17.16
CA LYS A 232 -23.24 -3.33 17.06
C LYS A 232 -24.76 -3.49 16.89
N VAL A 233 -25.53 -2.76 17.69
CA VAL A 233 -26.98 -2.85 17.59
C VAL A 233 -27.47 -2.31 16.24
N GLU A 234 -27.00 -1.13 15.86
CA GLU A 234 -27.39 -0.51 14.59
C GLU A 234 -26.31 -0.77 13.54
N ASN A 235 -26.28 -2.02 13.08
CA ASN A 235 -25.21 -2.44 12.18
C ASN A 235 -25.31 -1.84 10.80
N GLU A 236 -26.43 -1.18 10.46
CA GLU A 236 -26.51 -0.51 9.16
C GLU A 236 -25.82 0.83 9.17
N PHE A 237 -25.82 1.52 10.31
CA PHE A 237 -25.10 2.77 10.47
C PHE A 237 -23.79 2.57 11.23
N LYS A 238 -23.36 1.31 11.38
CA LYS A 238 -22.19 0.96 12.16
C LYS A 238 -21.03 1.92 11.97
N ALA A 239 -20.54 2.03 10.74
CA ALA A 239 -19.43 2.90 10.41
C ALA A 239 -19.56 4.24 11.11
N GLU A 240 -20.69 4.91 10.85
CA GLU A 240 -20.91 6.25 11.41
C GLU A 240 -20.76 6.25 12.91
N TYR A 241 -21.46 5.33 13.59
CA TYR A 241 -21.34 5.28 15.05
C TYR A 241 -19.91 5.05 15.47
N GLU A 242 -19.22 4.11 14.81
CA GLU A 242 -17.83 3.87 15.16
C GLU A 242 -17.02 5.15 15.05
N GLU A 243 -17.20 5.89 13.96
CA GLU A 243 -16.46 7.13 13.81
C GLU A 243 -16.74 8.05 14.98
N LEU A 244 -18.02 8.20 15.33
CA LEU A 244 -18.38 9.02 16.48
C LEU A 244 -17.66 8.53 17.72
N SER A 245 -17.71 7.23 17.97
CA SER A 245 -17.03 6.67 19.14
C SER A 245 -15.56 7.09 19.13
N HIS A 246 -14.91 6.91 17.98
CA HIS A 246 -13.50 7.27 17.88
C HIS A 246 -13.29 8.72 18.26
N GLN A 247 -14.14 9.60 17.74
CA GLN A 247 -14.00 11.02 18.05
C GLN A 247 -14.00 11.25 19.55
N CYS A 248 -14.96 10.64 20.25
CA CYS A 248 -15.02 10.77 21.70
C CYS A 248 -13.69 10.40 22.33
N LYS A 249 -13.12 9.27 21.90
CA LYS A 249 -11.85 8.85 22.46
C LYS A 249 -10.80 9.93 22.32
N HIS A 250 -10.66 10.48 21.11
CA HIS A 250 -9.66 11.52 20.94
C HIS A 250 -9.92 12.71 21.83
N PHE A 251 -11.19 13.09 22.00
CA PHE A 251 -11.49 14.18 22.92
C PHE A 251 -10.84 13.92 24.26
N ALA A 252 -11.07 12.73 24.83
CA ALA A 252 -10.47 12.40 26.11
C ALA A 252 -8.96 12.59 26.06
N LYS A 253 -8.32 12.00 25.05
CA LYS A 253 -6.88 12.17 24.91
C LYS A 253 -6.51 13.63 24.83
N ASP A 254 -7.17 14.38 23.95
CA ASP A 254 -6.80 15.77 23.79
C ASP A 254 -7.20 16.62 24.97
N LEU A 255 -8.10 16.13 25.82
CA LEU A 255 -8.37 16.89 27.04
C LEU A 255 -7.32 16.61 28.10
N LEU A 256 -6.65 15.47 28.01
CA LEU A 256 -5.60 15.13 28.96
C LEU A 256 -4.24 15.65 28.52
N ASP A 257 -4.09 16.01 27.25
CA ASP A 257 -2.85 16.60 26.78
C ASP A 257 -2.68 18.04 27.22
N GLN A 258 -3.74 18.65 27.77
CA GLN A 258 -3.71 20.01 28.27
C GLN A 258 -3.22 20.10 29.70
N THR A 259 -2.59 19.06 30.23
CA THR A 259 -2.03 19.13 31.56
C THR A 259 -0.62 19.71 31.51
N ARG A 260 -0.33 20.63 32.43
CA ARG A 260 0.97 21.27 32.47
C ARG A 260 1.78 20.90 33.70
N SER A 261 1.29 20.01 34.55
CA SER A 261 1.98 19.69 35.78
C SER A 261 1.69 18.25 36.13
N SER A 262 2.65 17.61 36.80
CA SER A 262 2.47 16.22 37.21
C SER A 262 1.53 16.11 38.40
N ARG A 263 1.46 17.13 39.25
CA ARG A 263 0.53 17.10 40.37
C ARG A 263 -0.91 17.18 39.87
N GLU A 264 -1.16 18.05 38.91
CA GLU A 264 -2.48 18.18 38.30
C GLU A 264 -2.86 16.92 37.53
N LEU A 265 -1.92 16.33 36.80
CA LEU A 265 -2.19 15.07 36.12
C LEU A 265 -2.46 13.95 37.10
N GLU A 266 -1.75 13.93 38.22
CA GLU A 266 -2.02 12.94 39.26
C GLU A 266 -3.41 13.13 39.84
N LEU A 267 -3.84 14.38 40.03
CA LEU A 267 -5.21 14.64 40.46
C LEU A 267 -6.20 14.08 39.46
N ILE A 268 -5.94 14.30 38.17
CA ILE A 268 -6.85 13.78 37.14
C ILE A 268 -6.94 12.27 37.20
N LEU A 269 -5.79 11.59 37.34
CA LEU A 269 -5.78 10.14 37.25
C LEU A 269 -6.19 9.46 38.55
N ASN A 270 -5.97 10.11 39.70
CA ASN A 270 -6.40 9.56 40.99
C ASN A 270 -7.68 10.26 41.42
N PHE A 271 -8.79 9.87 40.81
CA PHE A 271 -10.08 10.45 41.17
C PHE A 271 -11.11 9.35 41.32
N ARG A 272 -11.85 9.40 42.43
CA ARG A 272 -12.86 8.40 42.73
C ARG A 272 -14.25 9.01 42.66
N ASN A 284 -7.70 1.08 44.88
CA ASN A 284 -7.64 2.32 45.65
C ASN A 284 -7.13 3.49 44.82
N GLU A 285 -5.85 3.46 44.47
CA GLU A 285 -5.21 4.55 43.75
C GLU A 285 -5.33 4.32 42.25
N LEU A 286 -5.04 5.39 41.49
CA LEU A 286 -5.08 5.37 40.04
C LEU A 286 -6.47 4.98 39.54
N ALA A 287 -7.51 5.41 40.25
CA ALA A 287 -8.86 4.95 39.98
C ALA A 287 -9.35 5.38 38.60
N ARG A 288 -9.10 6.63 38.23
CA ARG A 288 -9.59 7.11 36.94
C ARG A 288 -8.87 6.45 35.78
N LEU A 289 -7.60 6.08 35.99
CA LEU A 289 -6.89 5.31 34.97
C LEU A 289 -7.46 3.90 34.84
N LYS A 290 -7.81 3.25 35.95
CA LYS A 290 -8.46 1.96 35.86
C LYS A 290 -9.79 2.09 35.14
N LEU A 291 -10.52 3.17 35.39
CA LEU A 291 -11.78 3.40 34.69
C LEU A 291 -11.56 3.57 33.20
N ALA A 292 -10.51 4.28 32.81
CA ALA A 292 -10.17 4.40 31.40
C ALA A 292 -9.83 3.04 30.80
N ILE A 293 -9.11 2.20 31.54
CA ILE A 293 -8.81 0.86 31.08
C ILE A 293 -10.09 0.07 30.86
N LYS A 294 -11.03 0.19 31.79
CA LYS A 294 -12.28 -0.57 31.68
C LYS A 294 -13.10 -0.13 30.48
N TYR A 295 -13.12 1.17 30.18
CA TYR A 295 -13.85 1.68 29.02
C TYR A 295 -13.04 1.60 27.74
N ARG A 296 -11.84 1.03 27.78
CA ARG A 296 -11.04 0.76 26.58
C ARG A 296 -10.64 2.06 25.88
N GLN A 297 -10.22 3.03 26.68
CA GLN A 297 -9.76 4.33 26.16
C GLN A 297 -8.28 4.21 25.88
N LYS A 298 -7.96 3.59 24.74
CA LYS A 298 -6.57 3.29 24.42
C LYS A 298 -5.74 4.55 24.25
N GLU A 299 -6.31 5.56 23.57
CA GLU A 299 -5.57 6.79 23.35
C GLU A 299 -5.33 7.55 24.64
N PHE A 300 -6.32 7.59 25.53
CA PHE A 300 -6.15 8.24 26.81
C PHE A 300 -5.06 7.56 27.62
N VAL A 301 -5.04 6.23 27.62
CA VAL A 301 -4.04 5.49 28.38
C VAL A 301 -2.65 5.68 27.77
N ALA A 302 -2.55 5.61 26.44
CA ALA A 302 -1.28 5.70 25.75
C ALA A 302 -0.78 7.13 25.60
N GLN A 303 -1.38 8.08 26.31
CA GLN A 303 -0.89 9.43 26.30
C GLN A 303 0.51 9.47 26.93
N PRO A 304 1.44 10.25 26.37
CA PRO A 304 2.83 10.20 26.87
C PRO A 304 2.97 10.52 28.34
N ASN A 305 2.17 11.45 28.87
CA ASN A 305 2.30 11.82 30.27
C ASN A 305 1.76 10.74 31.19
N CYS A 306 0.64 10.11 30.82
CA CYS A 306 0.17 8.93 31.53
C CYS A 306 1.24 7.87 31.60
N GLN A 307 1.87 7.56 30.47
CA GLN A 307 2.89 6.52 30.45
C GLN A 307 4.09 6.91 31.30
N GLN A 308 4.46 8.19 31.31
CA GLN A 308 5.59 8.62 32.10
C GLN A 308 5.30 8.46 33.58
N LEU A 309 4.11 8.86 34.02
CA LEU A 309 3.71 8.67 35.41
C LEU A 309 3.64 7.19 35.76
N LEU A 310 3.12 6.38 34.86
CA LEU A 310 3.00 4.95 35.11
C LEU A 310 4.36 4.29 35.22
N ALA A 311 5.32 4.70 34.39
CA ALA A 311 6.66 4.13 34.51
C ALA A 311 7.30 4.54 35.83
N SER A 312 7.12 5.80 36.23
CA SER A 312 7.63 6.22 37.53
C SER A 312 7.05 5.37 38.65
N ARG A 313 5.77 5.00 38.55
CA ARG A 313 5.21 4.08 39.55
C ARG A 313 5.59 2.63 39.30
N TRP A 314 6.06 2.31 38.11
CA TRP A 314 6.49 0.96 37.78
C TRP A 314 7.83 0.62 38.40
N TYR A 315 8.71 1.60 38.55
CA TYR A 315 10.03 1.28 39.08
C TYR A 315 10.13 1.48 40.60
N ASP A 316 9.93 2.71 41.07
CA ASP A 316 9.79 3.03 42.50
C ASP A 316 11.03 2.87 43.35
N GLU A 317 12.07 2.22 42.83
CA GLU A 317 13.33 2.15 43.54
C GLU A 317 14.52 2.19 42.60
N PHE A 318 14.28 2.44 41.32
CA PHE A 318 15.28 2.23 40.28
C PHE A 318 15.41 3.52 39.48
N PRO A 319 15.94 4.57 40.09
CA PRO A 319 16.25 5.77 39.30
C PRO A 319 17.29 5.42 38.25
N GLY A 320 16.97 5.70 37.00
CA GLY A 320 17.74 5.16 35.91
C GLY A 320 16.89 4.19 35.14
N TRP A 321 17.50 3.09 34.67
CA TRP A 321 16.82 2.09 33.85
C TRP A 321 16.47 2.65 32.48
N ARG A 322 16.63 3.96 32.32
CA ARG A 322 16.61 4.63 31.03
C ARG A 322 18.00 5.02 30.59
N ARG A 323 18.82 5.51 31.51
CA ARG A 323 20.21 5.83 31.26
C ARG A 323 21.14 4.67 31.54
N ARG A 324 20.63 3.54 32.01
CA ARG A 324 21.46 2.39 32.32
C ARG A 324 21.67 1.53 31.08
N HIS A 325 22.84 0.90 31.00
CA HIS A 325 23.17 0.06 29.87
C HIS A 325 22.50 -1.30 30.00
N TRP A 326 22.20 -1.90 28.85
CA TRP A 326 21.44 -3.14 28.84
C TRP A 326 22.16 -4.25 29.61
N ALA A 327 23.48 -4.17 29.72
CA ALA A 327 24.22 -5.20 30.44
C ALA A 327 23.87 -5.19 31.91
N GLY A 328 23.91 -4.02 32.54
CA GLY A 328 23.56 -3.93 33.95
C GLY A 328 22.12 -4.29 34.21
N LYS A 329 21.22 -3.89 33.30
CA LYS A 329 19.83 -4.30 33.38
C LYS A 329 19.73 -5.83 33.40
N LEU A 330 20.35 -6.49 32.44
CA LEU A 330 20.25 -7.94 32.35
C LEU A 330 20.81 -8.59 33.61
N ILE A 331 21.97 -8.13 34.08
CA ILE A 331 22.58 -8.73 35.26
C ILE A 331 21.67 -8.57 36.46
N THR A 332 21.10 -7.38 36.67
CA THR A 332 20.31 -7.17 37.87
C THR A 332 18.97 -7.89 37.80
N CYS A 333 18.36 -7.99 36.62
CA CYS A 333 17.13 -8.78 36.51
C CYS A 333 17.40 -10.25 36.79
N VAL A 334 18.48 -10.81 36.22
CA VAL A 334 18.81 -12.20 36.53
C VAL A 334 19.11 -12.35 38.02
N PHE A 335 19.76 -11.36 38.61
CA PHE A 335 20.15 -11.42 40.01
C PHE A 335 18.91 -11.50 40.91
N ILE A 336 17.96 -10.57 40.70
CA ILE A 336 16.74 -10.54 41.51
C ILE A 336 15.87 -11.75 41.22
N GLY A 337 15.77 -12.16 39.95
CA GLY A 337 15.06 -13.38 39.65
C GLY A 337 15.63 -14.57 40.38
N LEU A 338 16.96 -14.66 40.44
CA LEU A 338 17.60 -15.77 41.11
C LEU A 338 17.26 -15.80 42.60
N MET A 339 17.24 -14.64 43.25
CA MET A 339 16.80 -14.68 44.64
C MET A 339 15.34 -14.30 44.84
N PHE A 340 14.47 -14.57 43.87
CA PHE A 340 13.05 -14.42 44.11
C PHE A 340 12.56 -15.20 45.35
N PRO A 341 12.99 -16.46 45.61
CA PRO A 341 12.45 -17.14 46.79
C PRO A 341 12.78 -16.44 48.09
N LEU A 342 13.97 -15.84 48.19
CA LEU A 342 14.31 -15.13 49.41
C LEU A 342 13.44 -13.90 49.61
N LEU A 343 13.21 -13.13 48.55
CA LEU A 343 12.34 -11.96 48.65
C LEU A 343 10.93 -12.36 49.06
N SER A 344 10.43 -13.43 48.46
CA SER A 344 9.09 -13.89 48.82
C SER A 344 9.05 -14.36 50.27
N LEU A 345 10.10 -15.04 50.72
CA LEU A 345 10.16 -15.49 52.11
C LEU A 345 10.14 -14.30 53.07
N CYS A 346 10.93 -13.26 52.77
CA CYS A 346 10.91 -12.08 53.62
C CYS A 346 9.54 -11.43 53.66
N TYR A 347 8.88 -11.32 52.50
CA TYR A 347 7.53 -10.78 52.53
C TYR A 347 6.56 -11.68 53.28
N LEU A 348 6.83 -12.98 53.34
CA LEU A 348 6.01 -13.88 54.16
C LEU A 348 6.18 -13.58 55.64
N VAL A 349 7.42 -13.50 56.10
CA VAL A 349 7.65 -13.48 57.54
C VAL A 349 7.67 -12.06 58.09
N ALA A 350 8.33 -11.12 57.41
CA ALA A 350 8.49 -9.76 57.90
C ALA A 350 8.12 -8.78 56.81
N PRO A 351 6.82 -8.63 56.51
CA PRO A 351 6.43 -7.75 55.40
C PRO A 351 6.42 -6.29 55.80
N LYS A 352 7.45 -5.86 56.53
CA LYS A 352 7.65 -4.45 56.82
C LYS A 352 9.11 -4.04 56.86
N SER A 353 10.03 -4.96 56.59
CA SER A 353 11.45 -4.68 56.75
C SER A 353 11.99 -3.96 55.52
N ARG A 354 13.31 -3.75 55.50
CA ARG A 354 13.96 -3.15 54.35
C ARG A 354 13.99 -4.09 53.16
N TYR A 355 13.72 -5.38 53.36
CA TYR A 355 13.66 -6.36 52.29
C TYR A 355 12.27 -6.92 52.08
N GLY A 356 11.43 -6.95 53.10
CA GLY A 356 10.06 -7.40 52.92
C GLY A 356 9.25 -6.48 52.02
N LEU A 357 9.57 -5.20 52.03
CA LEU A 357 8.91 -4.24 51.15
C LEU A 357 9.53 -4.18 49.76
N PHE A 358 10.63 -4.88 49.54
CA PHE A 358 11.34 -4.76 48.27
C PHE A 358 10.56 -5.45 47.16
N ILE A 359 9.85 -6.53 47.48
CA ILE A 359 8.98 -7.20 46.51
C ILE A 359 7.68 -6.43 46.29
N ARG A 360 7.36 -5.48 47.15
CA ARG A 360 6.16 -4.66 46.97
C ARG A 360 6.27 -3.75 45.76
N LYS A 361 7.45 -3.60 45.19
CA LYS A 361 7.67 -2.70 44.07
C LYS A 361 7.27 -3.39 42.77
N PRO A 362 6.46 -2.75 41.92
CA PRO A 362 5.84 -3.48 40.81
C PRO A 362 6.81 -4.15 39.88
N PHE A 363 7.93 -3.50 39.55
CA PHE A 363 8.89 -4.13 38.67
C PHE A 363 9.57 -5.31 39.34
N ILE A 364 9.89 -5.17 40.63
CA ILE A 364 10.53 -6.28 41.34
C ILE A 364 9.60 -7.47 41.42
N LYS A 365 8.33 -7.25 41.71
CA LYS A 365 7.44 -8.40 41.82
C LYS A 365 7.09 -8.97 40.46
N PHE A 366 7.13 -8.15 39.40
CA PHE A 366 6.99 -8.72 38.07
C PHE A 366 8.17 -9.63 37.74
N ILE A 367 9.38 -9.21 38.11
CA ILE A 367 10.55 -10.06 37.92
C ILE A 367 10.43 -11.34 38.75
N CYS A 368 9.90 -11.23 39.97
CA CYS A 368 9.76 -12.41 40.82
C CYS A 368 8.74 -13.39 40.26
N HIS A 369 7.59 -12.89 39.79
CA HIS A 369 6.61 -13.77 39.15
C HIS A 369 7.17 -14.41 37.89
N THR A 370 7.90 -13.64 37.08
CA THR A 370 8.51 -14.22 35.89
C THR A 370 9.52 -15.30 36.25
N ALA A 371 10.33 -15.05 37.28
CA ALA A 371 11.31 -16.05 37.70
C ALA A 371 10.62 -17.31 38.22
N SER A 372 9.54 -17.16 38.99
CA SER A 372 8.83 -18.34 39.47
C SER A 372 8.21 -19.10 38.31
N TYR A 373 7.69 -18.39 37.31
CA TYR A 373 7.13 -19.09 36.16
C TYR A 373 8.20 -19.83 35.37
N LEU A 374 9.37 -19.21 35.19
CA LEU A 374 10.46 -19.91 34.51
C LEU A 374 10.94 -21.11 35.31
N THR A 375 10.94 -21.00 36.64
CA THR A 375 11.25 -22.16 37.47
C THR A 375 10.24 -23.28 37.24
N PHE A 376 8.96 -22.91 37.15
CA PHE A 376 7.93 -23.90 36.89
C PHE A 376 8.17 -24.58 35.55
N LEU A 377 8.42 -23.80 34.50
CA LEU A 377 8.63 -24.38 33.18
C LEU A 377 9.85 -25.27 33.14
N PHE A 378 10.92 -24.87 33.82
CA PHE A 378 12.09 -25.74 33.90
C PHE A 378 11.77 -27.02 34.66
N LEU A 379 10.86 -26.95 35.63
CA LEU A 379 10.44 -28.18 36.31
C LEU A 379 9.68 -29.10 35.37
N LEU A 380 8.79 -28.53 34.55
CA LEU A 380 8.14 -29.31 33.50
C LEU A 380 9.14 -29.92 32.53
N LEU A 381 10.21 -29.21 32.21
CA LEU A 381 11.23 -29.82 31.37
C LEU A 381 11.90 -30.98 32.06
N LEU A 382 12.22 -30.84 33.35
CA LEU A 382 12.81 -31.96 34.08
C LEU A 382 11.84 -33.13 34.20
N ALA A 383 10.54 -32.86 34.16
CA ALA A 383 9.58 -33.95 34.30
C ALA A 383 9.68 -34.97 33.19
N SER A 384 10.29 -34.62 32.06
CA SER A 384 10.42 -35.52 30.92
C SER A 384 11.83 -36.06 30.74
N GLN A 385 12.64 -36.07 31.79
CA GLN A 385 13.98 -36.63 31.75
C GLN A 385 14.02 -37.97 32.47
N HIS A 386 14.69 -38.94 31.86
CA HIS A 386 14.77 -40.28 32.42
C HIS A 386 15.63 -40.34 33.67
N ILE A 387 16.35 -39.28 33.99
CA ILE A 387 17.24 -39.29 35.16
C ILE A 387 16.49 -38.97 36.46
N VAL A 388 15.33 -38.34 36.38
CA VAL A 388 14.59 -37.96 37.58
C VAL A 388 13.15 -38.43 37.48
N SER A 389 12.91 -39.43 36.65
CA SER A 389 11.59 -40.03 36.51
C SER A 389 11.60 -41.45 37.06
N ASN A 390 10.41 -42.06 37.12
CA ASN A 390 10.29 -43.44 37.53
C ASN A 390 10.30 -44.34 36.29
N ASN A 391 10.23 -45.64 36.51
CA ASN A 391 10.23 -46.54 35.37
C ASN A 391 8.87 -46.58 34.69
N PRO A 392 8.83 -46.85 33.38
CA PRO A 392 7.55 -46.83 32.68
C PRO A 392 6.65 -48.00 33.00
N ASP A 393 7.20 -49.10 33.53
CA ASP A 393 6.43 -50.31 33.78
C ASP A 393 5.84 -50.29 35.18
N ARG A 394 5.06 -49.25 35.45
CA ARG A 394 4.52 -49.03 36.79
C ARG A 394 3.18 -48.33 36.66
N GLN A 395 2.10 -49.07 36.84
CA GLN A 395 0.78 -48.48 36.92
C GLN A 395 0.60 -47.88 38.31
N GLY A 396 -0.03 -46.71 38.39
CA GLY A 396 -0.13 -46.02 39.66
C GLY A 396 1.23 -45.53 40.11
N PRO A 397 1.74 -44.52 39.40
CA PRO A 397 3.18 -44.21 39.50
C PRO A 397 3.67 -43.80 40.89
N LYS A 398 2.78 -43.33 41.79
CA LYS A 398 3.23 -42.80 43.08
C LYS A 398 4.18 -41.62 42.82
N PRO A 399 3.62 -40.46 42.50
CA PRO A 399 4.40 -39.36 41.90
C PRO A 399 5.78 -39.07 42.48
N THR A 400 6.71 -38.79 41.58
CA THR A 400 8.11 -38.58 41.91
C THR A 400 8.34 -37.22 42.56
N THR A 401 9.62 -36.93 42.87
CA THR A 401 9.97 -35.69 43.53
C THR A 401 9.66 -34.48 42.66
N VAL A 402 9.95 -34.57 41.37
CA VAL A 402 9.71 -33.43 40.48
C VAL A 402 8.23 -33.09 40.45
N GLU A 403 7.35 -34.09 40.36
CA GLU A 403 5.92 -33.80 40.32
C GLU A 403 5.47 -33.21 41.65
N TRP A 404 6.01 -33.70 42.77
CA TRP A 404 5.70 -33.11 44.07
C TRP A 404 6.06 -31.64 44.09
N MET A 405 7.25 -31.29 43.60
CA MET A 405 7.64 -29.88 43.55
C MET A 405 6.78 -29.10 42.56
N ILE A 406 6.27 -29.76 41.54
CA ILE A 406 5.38 -29.09 40.59
C ILE A 406 4.07 -28.73 41.26
N LEU A 407 3.58 -29.60 42.15
CA LEU A 407 2.26 -29.45 42.74
C LEU A 407 1.98 -28.08 43.38
N PRO A 408 2.87 -27.50 44.19
CA PRO A 408 2.55 -26.17 44.73
C PRO A 408 2.36 -25.11 43.67
N TRP A 409 3.12 -25.15 42.57
CA TRP A 409 2.88 -24.21 41.48
C TRP A 409 1.49 -24.40 40.90
N VAL A 410 1.06 -25.65 40.71
CA VAL A 410 -0.26 -25.91 40.15
C VAL A 410 -1.34 -25.37 41.06
N LEU A 411 -1.22 -25.64 42.36
CA LEU A 411 -2.22 -25.15 43.31
C LEU A 411 -2.23 -23.62 43.33
N GLY A 412 -1.05 -22.99 43.31
CA GLY A 412 -0.99 -21.55 43.28
C GLY A 412 -1.60 -20.95 42.03
N PHE A 413 -1.38 -21.60 40.88
CA PHE A 413 -1.97 -21.13 39.64
C PHE A 413 -3.49 -21.22 39.70
N ILE A 414 -4.01 -22.33 40.22
CA ILE A 414 -5.46 -22.48 40.34
C ILE A 414 -6.02 -21.45 41.30
N TRP A 415 -5.33 -21.21 42.40
CA TRP A 415 -5.79 -20.21 43.37
C TRP A 415 -5.80 -18.82 42.76
N THR A 416 -4.76 -18.48 42.00
CA THR A 416 -4.72 -17.18 41.34
C THR A 416 -5.86 -17.04 40.34
N GLU A 417 -6.13 -18.09 39.58
CA GLU A 417 -7.22 -18.01 38.61
C GLU A 417 -8.56 -17.88 39.30
N ILE A 418 -8.76 -18.58 40.42
CA ILE A 418 -9.99 -18.43 41.20
C ILE A 418 -10.15 -17.01 41.69
N LYS A 419 -9.07 -16.43 42.22
CA LYS A 419 -9.16 -15.06 42.72
C LYS A 419 -9.47 -14.08 41.60
N GLN A 420 -8.86 -14.26 40.42
CA GLN A 420 -9.20 -13.41 39.29
C GLN A 420 -10.67 -13.57 38.88
N MET A 421 -11.15 -14.82 38.85
CA MET A 421 -12.56 -15.04 38.51
C MET A 421 -13.49 -14.39 39.51
N TRP A 422 -13.07 -14.30 40.77
CA TRP A 422 -13.89 -13.63 41.78
C TRP A 422 -13.77 -12.11 41.68
N ASP A 423 -12.58 -11.58 41.93
CA ASP A 423 -12.38 -10.12 41.95
C ASP A 423 -12.27 -9.61 40.53
N GLY A 424 -13.42 -9.43 39.89
CA GLY A 424 -13.46 -8.98 38.52
C GLY A 424 -14.61 -9.56 37.73
N GLY A 425 -15.34 -10.49 38.34
CA GLY A 425 -16.47 -11.09 37.69
C GLY A 425 -16.08 -12.17 36.70
N PHE A 426 -17.08 -12.60 35.93
CA PHE A 426 -16.91 -13.66 34.96
C PHE A 426 -17.05 -13.19 33.52
N GLN A 427 -17.55 -11.98 33.29
CA GLN A 427 -17.62 -11.45 31.93
C GLN A 427 -16.31 -10.77 31.54
N ASP A 428 -15.80 -9.87 32.39
CA ASP A 428 -14.52 -9.26 32.12
C ASP A 428 -13.40 -10.30 32.16
N TYR A 429 -13.59 -11.37 32.92
CA TYR A 429 -12.55 -12.39 33.06
C TYR A 429 -12.30 -13.10 31.74
N ILE A 430 -13.36 -13.45 31.00
CA ILE A 430 -13.20 -14.19 29.75
C ILE A 430 -12.93 -13.29 28.57
N HIS A 431 -13.00 -11.96 28.74
CA HIS A 431 -12.64 -11.07 27.64
C HIS A 431 -11.17 -11.21 27.27
N ASP A 432 -10.33 -11.59 28.22
CA ASP A 432 -8.93 -11.86 27.94
C ASP A 432 -8.78 -13.29 27.49
N TRP A 433 -8.13 -13.49 26.34
CA TRP A 433 -7.96 -14.85 25.83
C TRP A 433 -6.91 -15.60 26.63
N TRP A 434 -5.91 -14.90 27.16
CA TRP A 434 -4.95 -15.54 28.05
C TRP A 434 -5.65 -16.13 29.27
N ASN A 435 -6.75 -15.53 29.71
CA ASN A 435 -7.49 -16.08 30.84
C ASN A 435 -8.16 -17.39 30.47
N LEU A 436 -8.71 -17.48 29.26
CA LEU A 436 -9.26 -18.74 28.79
C LEU A 436 -8.17 -19.80 28.70
N MET A 437 -6.99 -19.43 28.20
CA MET A 437 -5.89 -20.38 28.14
C MET A 437 -5.49 -20.84 29.54
N ASP A 438 -5.46 -19.92 30.50
CA ASP A 438 -5.16 -20.30 31.88
C ASP A 438 -6.20 -21.25 32.44
N PHE A 439 -7.47 -21.00 32.14
CA PHE A 439 -8.52 -21.88 32.63
C PHE A 439 -8.35 -23.28 32.07
N VAL A 440 -8.07 -23.38 30.77
CA VAL A 440 -7.85 -24.69 30.16
C VAL A 440 -6.63 -25.38 30.79
N MET A 441 -5.56 -24.63 30.98
CA MET A 441 -4.35 -25.19 31.59
C MET A 441 -4.64 -25.76 32.97
N ASN A 442 -5.34 -25.00 33.81
CA ASN A 442 -5.57 -25.46 35.17
C ASN A 442 -6.59 -26.58 35.21
N SER A 443 -7.57 -26.56 34.32
CA SER A 443 -8.46 -27.71 34.20
C SER A 443 -7.68 -28.97 33.83
N LEU A 444 -6.73 -28.85 32.92
CA LEU A 444 -5.93 -30.00 32.51
C LEU A 444 -5.06 -30.50 33.66
N TYR A 445 -4.49 -29.59 34.45
CA TYR A 445 -3.70 -30.03 35.60
C TYR A 445 -4.56 -30.69 36.68
N LEU A 446 -5.77 -30.16 36.89
CA LEU A 446 -6.70 -30.83 37.80
C LEU A 446 -7.02 -32.24 37.32
N ALA A 447 -7.24 -32.38 36.01
CA ALA A 447 -7.46 -33.71 35.45
C ALA A 447 -6.25 -34.61 35.66
N THR A 448 -5.04 -34.06 35.52
CA THR A 448 -3.84 -34.85 35.75
C THR A 448 -3.79 -35.37 37.19
N ILE A 449 -4.03 -34.48 38.16
CA ILE A 449 -4.00 -34.90 39.56
C ILE A 449 -5.06 -35.94 39.84
N SER A 450 -6.28 -35.72 39.35
CA SER A 450 -7.36 -36.66 39.61
C SER A 450 -7.08 -38.03 38.98
N LEU A 451 -6.55 -38.03 37.76
CA LEU A 451 -6.28 -39.30 37.08
C LEU A 451 -5.13 -40.03 37.74
N LYS A 452 -4.11 -39.31 38.19
CA LYS A 452 -3.03 -39.94 38.93
C LYS A 452 -3.55 -40.56 40.23
N ILE A 453 -4.43 -39.84 40.93
CA ILE A 453 -5.00 -40.36 42.17
C ILE A 453 -5.80 -41.62 41.90
N VAL A 454 -6.64 -41.58 40.86
CA VAL A 454 -7.46 -42.74 40.52
C VAL A 454 -6.57 -43.93 40.18
N ALA A 455 -5.53 -43.70 39.37
CA ALA A 455 -4.63 -44.79 39.02
C ALA A 455 -3.90 -45.34 40.25
N TYR A 456 -3.62 -44.49 41.23
CA TYR A 456 -2.91 -44.99 42.41
C TYR A 456 -3.80 -45.83 43.30
N VAL A 457 -5.11 -45.60 43.30
CA VAL A 457 -6.02 -46.32 44.18
C VAL A 457 -6.77 -47.42 43.43
N LYS A 458 -6.41 -47.71 42.19
CA LYS A 458 -7.03 -48.79 41.44
C LYS A 458 -6.05 -49.68 40.71
N TYR A 459 -4.80 -49.25 40.50
CA TYR A 459 -3.80 -50.04 39.79
C TYR A 459 -2.55 -50.09 40.66
N SER A 460 -2.53 -51.05 41.59
CA SER A 460 -1.39 -51.23 42.48
C SER A 460 -0.32 -52.14 41.90
N GLY A 461 -0.58 -52.76 40.76
CA GLY A 461 0.39 -53.64 40.15
C GLY A 461 1.23 -52.97 39.09
N CYS A 462 2.35 -53.62 38.76
CA CYS A 462 3.27 -53.13 37.75
C CYS A 462 3.44 -54.18 36.66
N LYS A 463 3.50 -53.72 35.42
CA LYS A 463 3.58 -54.58 34.25
C LYS A 463 4.14 -53.78 33.09
N PRO A 464 4.71 -54.43 32.08
CA PRO A 464 5.33 -53.67 30.98
C PRO A 464 4.31 -52.80 30.26
N ARG A 465 4.79 -51.64 29.80
CA ARG A 465 3.88 -50.64 29.25
C ARG A 465 3.29 -51.10 27.92
N ASP A 466 4.04 -51.85 27.13
CA ASP A 466 3.55 -52.29 25.82
C ASP A 466 2.27 -53.10 25.96
N THR A 467 2.11 -53.82 27.07
CA THR A 467 0.94 -54.66 27.28
C THR A 467 -0.21 -53.93 27.95
N TRP A 468 -0.04 -52.66 28.30
CA TRP A 468 -1.13 -51.92 28.93
C TRP A 468 -2.30 -51.81 27.96
N GLU A 469 -3.46 -51.50 28.51
CA GLU A 469 -4.63 -51.33 27.67
C GLU A 469 -4.87 -49.87 27.41
N MET A 470 -5.46 -49.58 26.26
CA MET A 470 -5.83 -48.22 25.91
C MET A 470 -6.73 -47.66 27.00
N TRP A 471 -6.77 -46.32 27.10
CA TRP A 471 -7.65 -45.64 28.04
C TRP A 471 -7.31 -45.99 29.49
N HIS A 472 -6.09 -46.43 29.71
CA HIS A 472 -5.60 -46.63 31.06
C HIS A 472 -5.48 -45.29 31.76
N PRO A 473 -5.94 -45.17 33.01
CA PRO A 473 -5.85 -43.88 33.69
C PRO A 473 -4.46 -43.25 33.68
N THR A 474 -3.41 -44.05 33.83
CA THR A 474 -2.06 -43.50 33.82
C THR A 474 -1.72 -42.91 32.45
N LEU A 475 -2.08 -43.62 31.38
CA LEU A 475 -1.81 -43.12 30.04
C LEU A 475 -2.51 -41.81 29.77
N VAL A 476 -3.79 -41.73 30.16
CA VAL A 476 -4.54 -40.50 29.97
C VAL A 476 -3.96 -39.39 30.83
N ALA A 477 -3.47 -39.74 32.02
CA ALA A 477 -2.82 -38.74 32.87
C ALA A 477 -1.60 -38.16 32.19
N GLU A 478 -0.76 -39.01 31.60
CA GLU A 478 0.40 -38.49 30.88
C GLU A 478 -0.01 -37.63 29.69
N ALA A 479 -1.06 -38.03 28.98
CA ALA A 479 -1.51 -37.26 27.82
C ALA A 479 -1.99 -35.87 28.21
N VAL A 480 -2.86 -35.79 29.21
CA VAL A 480 -3.38 -34.49 29.63
C VAL A 480 -2.28 -33.65 30.27
N PHE A 481 -1.34 -34.29 30.96
CA PHE A 481 -0.22 -33.55 31.51
C PHE A 481 0.65 -32.95 30.42
N ALA A 482 0.85 -33.67 29.32
CA ALA A 482 1.63 -33.14 28.22
C ALA A 482 0.92 -31.97 27.55
N ILE A 483 -0.40 -32.09 27.36
CA ILE A 483 -1.14 -30.98 26.78
C ILE A 483 -1.06 -29.75 27.69
N ALA A 484 -1.19 -29.96 29.00
CA ALA A 484 -1.05 -28.87 29.95
C ALA A 484 0.35 -28.28 29.92
N ASN A 485 1.37 -29.10 29.68
CA ASN A 485 2.72 -28.57 29.52
C ASN A 485 2.81 -27.63 28.34
N ILE A 486 2.19 -27.99 27.21
CA ILE A 486 2.21 -27.10 26.07
C ILE A 486 1.54 -25.77 26.41
N PHE A 487 0.38 -25.83 27.06
CA PHE A 487 -0.31 -24.58 27.39
C PHE A 487 0.48 -23.74 28.39
N SER A 488 1.11 -24.38 29.37
CA SER A 488 1.93 -23.67 30.34
C SER A 488 3.09 -22.97 29.65
N SER A 489 3.74 -23.65 28.71
CA SER A 489 4.88 -23.05 28.04
C SER A 489 4.46 -21.98 27.04
N LEU A 490 3.24 -22.04 26.51
CA LEU A 490 2.74 -20.96 25.67
C LEU A 490 2.29 -19.76 26.49
N ARG A 491 1.95 -19.95 27.75
CA ARG A 491 1.63 -18.83 28.63
C ARG A 491 2.83 -17.90 28.84
N LEU A 492 3.98 -18.26 28.27
CA LEU A 492 5.18 -17.45 28.38
C LEU A 492 5.26 -16.36 27.31
N ILE A 493 4.40 -16.38 26.30
CA ILE A 493 4.43 -15.35 25.29
C ILE A 493 3.75 -14.08 25.76
N SER A 494 2.84 -14.19 26.73
CA SER A 494 2.18 -13.00 27.27
C SER A 494 3.13 -12.09 28.03
N LEU A 495 4.27 -12.59 28.48
CA LEU A 495 5.24 -11.77 29.18
C LEU A 495 6.10 -10.96 28.23
N PHE A 496 5.70 -10.81 26.97
CA PHE A 496 6.39 -9.94 26.05
C PHE A 496 5.70 -8.62 25.81
N THR A 497 4.48 -8.43 26.31
CA THR A 497 3.94 -7.08 26.29
C THR A 497 4.80 -6.15 27.12
N ALA A 498 5.57 -6.69 28.06
CA ALA A 498 6.46 -5.89 28.89
C ALA A 498 7.68 -5.40 28.13
N ASN A 499 7.99 -5.99 26.99
CA ASN A 499 9.18 -5.67 26.22
C ASN A 499 8.82 -4.74 25.07
N SER A 500 9.63 -3.69 24.89
CA SER A 500 9.34 -2.69 23.88
C SER A 500 9.67 -3.16 22.47
N HIS A 501 10.35 -4.29 22.32
CA HIS A 501 10.73 -4.81 21.02
C HIS A 501 9.83 -5.94 20.57
N LEU A 502 9.55 -6.88 21.46
CA LEU A 502 8.66 -7.99 21.18
C LEU A 502 7.22 -7.72 21.56
N GLY A 503 6.94 -6.58 22.19
CA GLY A 503 5.61 -6.26 22.63
C GLY A 503 4.66 -5.87 21.52
N PRO A 504 5.01 -4.83 20.75
CA PRO A 504 4.13 -4.45 19.65
C PRO A 504 3.91 -5.57 18.67
N LEU A 505 4.96 -6.35 18.40
CA LEU A 505 4.83 -7.48 17.51
C LEU A 505 3.88 -8.53 18.06
N GLN A 506 4.04 -8.91 19.32
CA GLN A 506 3.16 -9.93 19.90
C GLN A 506 1.72 -9.45 19.93
N ILE A 507 1.49 -8.19 20.26
CA ILE A 507 0.13 -7.66 20.26
C ILE A 507 -0.46 -7.69 18.86
N SER A 508 0.32 -7.27 17.85
CA SER A 508 -0.20 -7.26 16.48
C SER A 508 -0.49 -8.67 15.99
N LEU A 509 0.39 -9.63 16.29
CA LEU A 509 0.11 -11.01 15.91
C LEU A 509 -1.16 -11.51 16.57
N GLY A 510 -1.37 -11.18 17.84
CA GLY A 510 -2.63 -11.50 18.47
C GLY A 510 -3.82 -10.82 17.80
N ARG A 511 -3.60 -9.67 17.18
CA ARG A 511 -4.70 -8.96 16.53
C ARG A 511 -5.03 -9.50 15.15
N MET A 512 -4.18 -10.34 14.56
CA MET A 512 -4.49 -10.96 13.28
C MET A 512 -5.26 -12.26 13.41
N LEU A 513 -5.39 -12.79 14.63
CA LEU A 513 -5.93 -14.14 14.80
C LEU A 513 -7.36 -14.25 14.32
N LEU A 514 -8.17 -13.21 14.50
CA LEU A 514 -9.59 -13.34 14.15
C LEU A 514 -9.79 -13.59 12.66
N ASP A 515 -9.01 -12.93 11.82
CA ASP A 515 -9.08 -13.22 10.39
C ASP A 515 -8.64 -14.64 10.09
N ILE A 516 -7.61 -15.12 10.81
CA ILE A 516 -7.20 -16.51 10.66
C ILE A 516 -8.35 -17.44 11.00
N LEU A 517 -9.08 -17.16 12.08
CA LEU A 517 -10.19 -18.03 12.45
C LEU A 517 -11.30 -18.04 11.42
N LYS A 518 -11.66 -16.88 10.86
CA LYS A 518 -12.69 -16.89 9.82
C LYS A 518 -12.22 -17.69 8.61
N PHE A 519 -10.98 -17.47 8.21
CA PHE A 519 -10.44 -18.19 7.06
C PHE A 519 -10.39 -19.69 7.34
N LEU A 520 -10.04 -20.08 8.56
CA LEU A 520 -9.96 -21.50 8.90
C LEU A 520 -11.34 -22.12 8.97
N PHE A 521 -12.37 -21.34 9.28
CA PHE A 521 -13.73 -21.88 9.21
C PHE A 521 -14.09 -22.20 7.76
N ILE A 522 -13.79 -21.29 6.85
CA ILE A 522 -14.01 -21.58 5.43
C ILE A 522 -13.21 -22.80 4.99
N TYR A 523 -11.96 -22.90 5.44
CA TYR A 523 -11.14 -24.04 5.06
C TYR A 523 -11.72 -25.33 5.62
N CYS A 524 -12.25 -25.30 6.83
CA CYS A 524 -12.87 -26.49 7.39
C CYS A 524 -14.05 -26.94 6.57
N LEU A 525 -14.83 -25.99 6.03
CA LEU A 525 -15.90 -26.41 5.13
C LEU A 525 -15.37 -27.07 3.87
N VAL A 526 -14.33 -26.49 3.28
CA VAL A 526 -13.73 -27.10 2.08
C VAL A 526 -13.23 -28.50 2.40
N LEU A 527 -12.55 -28.64 3.54
CA LEU A 527 -12.05 -29.92 4.01
C LEU A 527 -13.18 -30.93 4.16
N LEU A 528 -14.28 -30.52 4.78
CA LEU A 528 -15.39 -31.44 4.98
C LEU A 528 -16.00 -31.86 3.64
N ALA A 529 -16.10 -30.93 2.69
CA ALA A 529 -16.62 -31.28 1.38
C ALA A 529 -15.78 -32.35 0.70
N PHE A 530 -14.47 -32.13 0.62
CA PHE A 530 -13.62 -33.10 -0.05
C PHE A 530 -13.50 -34.39 0.75
N ALA A 531 -13.59 -34.33 2.07
CA ALA A 531 -13.58 -35.55 2.87
C ALA A 531 -14.81 -36.38 2.58
N ASN A 532 -15.98 -35.74 2.53
CA ASN A 532 -17.19 -36.45 2.17
C ASN A 532 -17.06 -37.13 0.82
N GLY A 533 -16.57 -36.40 -0.18
CA GLY A 533 -16.43 -36.98 -1.50
C GLY A 533 -15.44 -38.14 -1.54
N LEU A 534 -14.26 -37.95 -0.97
CA LEU A 534 -13.23 -38.98 -1.02
C LEU A 534 -13.65 -40.21 -0.25
N ASN A 535 -14.24 -40.04 0.92
CA ASN A 535 -14.74 -41.18 1.66
C ASN A 535 -15.82 -41.91 0.87
N GLN A 536 -16.72 -41.18 0.23
CA GLN A 536 -17.74 -41.83 -0.57
C GLN A 536 -17.12 -42.67 -1.68
N LEU A 537 -16.03 -42.18 -2.28
CA LEU A 537 -15.39 -42.93 -3.35
C LEU A 537 -14.69 -44.17 -2.83
N TYR A 538 -14.04 -44.07 -1.67
CA TYR A 538 -13.05 -45.06 -1.28
C TYR A 538 -13.50 -46.03 -0.20
N PHE A 539 -14.71 -45.89 0.35
CA PHE A 539 -15.04 -46.70 1.51
C PHE A 539 -15.38 -48.14 1.17
N TYR A 540 -15.49 -48.48 -0.11
CA TYR A 540 -15.76 -49.86 -0.48
C TYR A 540 -14.51 -50.72 -0.50
N TYR A 541 -13.32 -50.11 -0.50
CA TYR A 541 -12.07 -50.85 -0.59
C TYR A 541 -11.32 -50.88 0.73
N GLU A 542 -11.99 -50.66 1.85
CA GLU A 542 -11.34 -50.76 3.14
C GLU A 542 -10.71 -52.14 3.29
N ASN A 543 -9.47 -52.16 3.76
CA ASN A 543 -8.65 -53.36 3.76
C ASN A 543 -8.06 -53.59 5.13
N SER A 544 -8.04 -54.83 5.56
CA SER A 544 -7.43 -55.18 6.83
C SER A 544 -6.38 -56.28 6.69
N GLU A 545 -6.62 -57.26 5.83
CA GLU A 545 -5.72 -58.41 5.73
C GLU A 545 -4.33 -57.96 5.31
N GLY A 546 -3.32 -58.61 5.88
CA GLY A 546 -1.95 -58.23 5.61
C GLY A 546 -1.38 -57.29 6.65
N MET A 547 -1.47 -55.99 6.39
CA MET A 547 -0.89 -54.98 7.25
C MET A 547 -1.32 -55.16 8.69
N THR A 548 -0.45 -54.74 9.61
CA THR A 548 -0.74 -54.77 11.04
C THR A 548 -0.97 -53.40 11.64
N CYS A 549 -0.53 -52.34 10.98
CA CYS A 549 -0.84 -50.96 11.35
C CYS A 549 -1.64 -50.34 10.21
N LYS A 550 -2.82 -49.82 10.52
CA LYS A 550 -3.71 -49.29 9.50
C LYS A 550 -3.89 -47.78 9.69
N GLY A 551 -3.80 -47.05 8.60
CA GLY A 551 -4.00 -45.61 8.58
C GLY A 551 -2.91 -44.93 7.77
N ILE A 552 -2.74 -43.63 8.00
CA ILE A 552 -1.68 -42.88 7.35
C ILE A 552 -0.46 -42.71 8.23
N ARG A 553 -0.59 -42.93 9.53
CA ARG A 553 0.54 -42.88 10.45
C ARG A 553 1.23 -44.22 10.47
N CYS A 554 1.76 -44.65 9.32
CA CYS A 554 2.53 -45.88 9.26
C CYS A 554 3.48 -45.78 8.08
N GLU A 555 4.53 -46.60 8.10
CA GLU A 555 5.57 -46.51 7.08
C GLU A 555 4.96 -46.63 5.68
N ARG A 556 4.18 -47.68 5.45
CA ARG A 556 3.46 -47.85 4.19
C ARG A 556 2.05 -47.36 4.44
N GLN A 557 1.75 -46.18 3.93
CA GLN A 557 0.50 -45.49 4.22
C GLN A 557 -0.65 -46.23 3.55
N ASN A 558 -1.31 -47.09 4.31
CA ASN A 558 -2.46 -47.83 3.82
C ASN A 558 -3.69 -46.95 4.04
N ASN A 559 -4.88 -47.56 4.13
CA ASN A 559 -6.17 -46.92 3.96
C ASN A 559 -6.19 -45.50 4.47
N ALA A 560 -6.44 -44.56 3.57
CA ALA A 560 -6.35 -43.15 3.88
C ALA A 560 -7.68 -42.44 3.70
N PHE A 561 -8.61 -43.02 2.96
CA PHE A 561 -9.93 -42.45 2.75
C PHE A 561 -11.01 -43.49 3.02
N SER A 562 -10.72 -44.50 3.83
CA SER A 562 -11.64 -45.60 4.06
C SER A 562 -12.61 -45.34 5.20
N THR A 563 -12.34 -44.37 6.07
CA THR A 563 -13.28 -43.92 7.06
C THR A 563 -13.26 -42.39 7.06
N LEU A 564 -14.35 -41.80 7.56
CA LEU A 564 -14.46 -40.34 7.51
C LEU A 564 -13.40 -39.69 8.38
N PHE A 565 -13.13 -40.25 9.56
CA PHE A 565 -12.07 -39.72 10.41
C PHE A 565 -10.72 -39.83 9.75
N GLU A 566 -10.43 -40.99 9.16
CA GLU A 566 -9.15 -41.18 8.48
C GLU A 566 -9.04 -40.28 7.26
N THR A 567 -10.16 -40.06 6.56
CA THR A 567 -10.15 -39.13 5.44
C THR A 567 -9.86 -37.72 5.91
N LEU A 568 -10.43 -37.32 7.04
CA LEU A 568 -10.17 -36.00 7.57
C LEU A 568 -8.70 -35.82 7.92
N GLN A 569 -8.10 -36.83 8.55
CA GLN A 569 -6.67 -36.75 8.83
C GLN A 569 -5.83 -36.72 7.56
N SER A 570 -6.19 -37.54 6.57
CA SER A 570 -5.44 -37.57 5.33
C SER A 570 -5.47 -36.21 4.64
N LEU A 571 -6.64 -35.59 4.57
CA LEU A 571 -6.73 -34.30 3.92
C LEU A 571 -6.10 -33.20 4.76
N PHE A 572 -6.06 -33.35 6.08
CA PHE A 572 -5.32 -32.39 6.89
C PHE A 572 -3.82 -32.49 6.65
N TRP A 573 -3.26 -33.69 6.68
CA TRP A 573 -1.82 -33.83 6.52
C TRP A 573 -1.39 -33.66 5.08
N SER A 574 -2.33 -33.70 4.14
CA SER A 574 -2.00 -33.45 2.74
C SER A 574 -1.49 -32.04 2.53
N ILE A 575 -1.89 -31.09 3.37
CA ILE A 575 -1.49 -29.70 3.17
C ILE A 575 -0.08 -29.42 3.64
N PHE A 576 0.57 -30.39 4.26
CA PHE A 576 1.99 -30.29 4.57
C PHE A 576 2.83 -31.30 3.80
N GLY A 577 2.23 -31.98 2.82
CA GLY A 577 2.97 -32.90 2.00
C GLY A 577 3.36 -34.19 2.69
N LEU A 578 2.68 -34.55 3.75
CA LEU A 578 3.02 -35.74 4.52
C LEU A 578 2.21 -36.95 4.12
N ILE A 579 1.34 -36.83 3.12
CA ILE A 579 0.56 -37.94 2.61
C ILE A 579 1.12 -38.27 1.23
N SER A 580 1.50 -39.54 1.04
CA SER A 580 2.10 -39.94 -0.22
C SER A 580 1.03 -40.05 -1.30
N LEU A 581 1.48 -40.18 -2.53
CA LEU A 581 0.57 -40.22 -3.66
C LEU A 581 -0.04 -41.59 -3.90
N TYR A 582 0.51 -42.63 -3.32
CA TYR A 582 0.04 -43.98 -3.54
C TYR A 582 -1.09 -44.38 -2.63
N VAL A 583 -1.58 -43.48 -1.77
CA VAL A 583 -2.75 -43.77 -0.96
C VAL A 583 -4.03 -43.68 -1.76
N THR A 584 -3.97 -43.12 -2.97
CA THR A 584 -5.13 -43.02 -3.83
C THR A 584 -5.37 -44.29 -4.63
N ASN A 585 -4.53 -45.31 -4.46
CA ASN A 585 -4.68 -46.59 -5.13
C ASN A 585 -5.50 -47.54 -4.29
N VAL A 586 -6.03 -48.57 -4.95
CA VAL A 586 -6.74 -49.65 -4.30
C VAL A 586 -6.09 -50.96 -4.70
N LYS A 587 -6.47 -52.04 -4.02
CA LYS A 587 -5.96 -53.38 -4.33
C LYS A 587 -6.63 -54.01 -5.54
N ALA A 588 -7.30 -53.22 -6.37
CA ALA A 588 -7.93 -53.72 -7.57
C ALA A 588 -7.35 -52.98 -8.78
N ASP A 589 -7.73 -53.44 -9.97
CA ASP A 589 -7.27 -52.85 -11.22
C ASP A 589 -8.15 -51.69 -11.66
N HIS A 590 -8.91 -51.09 -10.75
CA HIS A 590 -9.91 -50.08 -11.09
C HIS A 590 -9.20 -48.74 -11.29
N LYS A 591 -8.63 -48.56 -12.48
CA LYS A 591 -7.91 -47.32 -12.76
C LYS A 591 -8.84 -46.12 -12.84
N PHE A 592 -10.11 -46.34 -13.14
CA PHE A 592 -11.03 -45.20 -13.22
C PHE A 592 -11.30 -44.62 -11.83
N THR A 593 -11.61 -45.47 -10.86
CA THR A 593 -11.87 -44.97 -9.51
C THR A 593 -10.60 -44.37 -8.91
N GLU A 594 -9.45 -44.99 -9.16
CA GLU A 594 -8.19 -44.41 -8.68
C GLU A 594 -7.93 -43.06 -9.32
N PHE A 595 -8.20 -42.92 -10.61
CA PHE A 595 -7.99 -41.63 -11.25
C PHE A 595 -8.94 -40.58 -10.70
N VAL A 596 -10.21 -40.95 -10.48
CA VAL A 596 -11.15 -40.00 -9.93
C VAL A 596 -10.74 -39.59 -8.52
N GLY A 597 -10.28 -40.54 -7.73
CA GLY A 597 -9.81 -40.22 -6.39
C GLY A 597 -8.59 -39.34 -6.40
N ALA A 598 -7.64 -39.62 -7.28
CA ALA A 598 -6.47 -38.78 -7.41
C ALA A 598 -6.84 -37.39 -7.89
N THR A 599 -7.91 -37.26 -8.68
CA THR A 599 -8.35 -35.94 -9.11
C THR A 599 -9.05 -35.18 -8.00
N MET A 600 -9.86 -35.86 -7.17
CA MET A 600 -10.37 -35.21 -5.97
C MET A 600 -9.24 -34.73 -5.08
N PHE A 601 -8.24 -35.59 -4.86
CA PHE A 601 -7.11 -35.23 -4.02
C PHE A 601 -6.32 -34.08 -4.60
N GLY A 602 -6.10 -34.09 -5.92
CA GLY A 602 -5.36 -33.02 -6.55
C GLY A 602 -6.12 -31.71 -6.55
N THR A 603 -7.43 -31.77 -6.75
CA THR A 603 -8.23 -30.56 -6.68
C THR A 603 -8.25 -30.01 -5.27
N TYR A 604 -8.24 -30.88 -4.26
CA TYR A 604 -8.18 -30.39 -2.90
C TYR A 604 -6.85 -29.72 -2.62
N ASN A 605 -5.74 -30.29 -3.12
CA ASN A 605 -4.45 -29.64 -2.95
C ASN A 605 -4.37 -28.31 -3.70
N VAL A 606 -4.94 -28.23 -4.89
CA VAL A 606 -4.95 -26.95 -5.59
C VAL A 606 -5.77 -25.92 -4.82
N ILE A 607 -6.95 -26.31 -4.35
CA ILE A 607 -7.80 -25.35 -3.65
C ILE A 607 -7.14 -24.88 -2.36
N SER A 608 -6.53 -25.80 -1.62
CA SER A 608 -6.04 -25.45 -0.29
C SER A 608 -4.62 -24.90 -0.28
N LEU A 609 -3.71 -25.46 -1.07
CA LEU A 609 -2.30 -25.11 -0.99
C LEU A 609 -1.88 -23.99 -1.93
N VAL A 610 -2.56 -23.81 -3.06
CA VAL A 610 -2.18 -22.75 -3.99
C VAL A 610 -3.30 -21.76 -4.22
N VAL A 611 -4.44 -21.91 -3.55
CA VAL A 611 -5.49 -20.92 -3.69
C VAL A 611 -5.83 -20.35 -2.32
N LEU A 612 -6.33 -21.19 -1.41
CA LEU A 612 -6.73 -20.67 -0.10
C LEU A 612 -5.54 -20.14 0.69
N LEU A 613 -4.42 -20.86 0.68
CA LEU A 613 -3.28 -20.41 1.45
C LEU A 613 -2.81 -19.03 1.01
N ASN A 614 -2.77 -18.80 -0.30
CA ASN A 614 -2.36 -17.49 -0.79
C ASN A 614 -3.41 -16.43 -0.51
N MET A 615 -4.69 -16.80 -0.53
CA MET A 615 -5.73 -15.84 -0.11
C MET A 615 -5.56 -15.47 1.35
N LEU A 616 -5.15 -16.42 2.18
CA LEU A 616 -4.83 -16.13 3.58
C LEU A 616 -3.66 -15.17 3.69
N ILE A 617 -2.63 -15.36 2.88
CA ILE A 617 -1.51 -14.42 2.87
C ILE A 617 -1.99 -13.03 2.48
N ALA A 618 -2.84 -12.93 1.46
CA ALA A 618 -3.36 -11.64 1.04
C ALA A 618 -4.18 -10.95 2.12
N MET A 619 -5.09 -11.70 2.77
CA MET A 619 -5.90 -11.10 3.82
C MET A 619 -5.03 -10.67 4.99
N MET A 620 -4.03 -11.47 5.35
CA MET A 620 -3.13 -11.11 6.42
C MET A 620 -2.36 -9.84 6.10
N ASN A 621 -1.93 -9.69 4.85
CA ASN A 621 -1.23 -8.48 4.46
C ASN A 621 -2.12 -7.26 4.58
N ASN A 622 -3.36 -7.37 4.12
CA ASN A 622 -4.28 -6.25 4.30
C ASN A 622 -4.50 -5.95 5.77
N SER A 623 -4.67 -6.98 6.59
CA SER A 623 -4.86 -6.75 8.02
C SER A 623 -3.66 -6.04 8.63
N TYR A 624 -2.46 -6.54 8.35
CA TYR A 624 -1.27 -5.99 8.97
C TYR A 624 -0.96 -4.59 8.49
N GLN A 625 -1.43 -4.20 7.30
CA GLN A 625 -1.28 -2.80 6.92
C GLN A 625 -1.91 -1.89 7.95
N HIS A 626 -3.16 -2.16 8.32
CA HIS A 626 -3.87 -1.32 9.29
C HIS A 626 -3.37 -1.56 10.70
N ILE A 627 -3.17 -2.82 11.08
CA ILE A 627 -2.84 -3.17 12.46
C ILE A 627 -1.54 -2.50 12.88
N ALA A 628 -0.56 -2.45 11.99
CA ALA A 628 0.71 -1.84 12.34
C ALA A 628 0.63 -0.33 12.49
N ASP A 629 -0.44 0.31 12.03
CA ASP A 629 -0.60 1.74 12.29
C ASP A 629 -0.85 2.01 13.77
N HIS A 630 -1.81 1.31 14.36
CA HIS A 630 -2.03 1.40 15.80
C HIS A 630 -1.26 0.34 16.55
N ALA A 631 0.03 0.20 16.26
CA ALA A 631 0.79 -0.82 16.96
C ALA A 631 1.26 -0.33 18.33
N ASP A 632 1.84 0.87 18.37
CA ASP A 632 2.30 1.41 19.64
C ASP A 632 1.15 1.70 20.58
N ILE A 633 0.03 2.23 20.08
CA ILE A 633 -1.08 2.55 20.95
C ILE A 633 -1.64 1.29 21.60
N GLU A 634 -1.89 0.26 20.80
CA GLU A 634 -2.40 -0.98 21.36
C GLU A 634 -1.39 -1.66 22.27
N TRP A 635 -0.12 -1.63 21.90
CA TRP A 635 0.86 -2.28 22.76
C TRP A 635 0.97 -1.57 24.08
N LYS A 636 0.91 -0.23 24.07
CA LYS A 636 0.99 0.52 25.32
C LYS A 636 -0.24 0.31 26.17
N PHE A 637 -1.41 0.14 25.55
CA PHE A 637 -2.58 -0.26 26.31
C PHE A 637 -2.36 -1.62 26.98
N ALA A 638 -1.84 -2.59 26.23
CA ALA A 638 -1.60 -3.91 26.80
C ALA A 638 -0.56 -3.88 27.90
N ARG A 639 0.51 -3.11 27.70
CA ARG A 639 1.54 -2.99 28.72
C ARG A 639 1.05 -2.26 29.94
N THR A 640 0.16 -1.28 29.76
CA THR A 640 -0.48 -0.65 30.91
C THR A 640 -1.31 -1.64 31.70
N LYS A 641 -2.08 -2.49 31.02
CA LYS A 641 -2.83 -3.51 31.73
C LYS A 641 -1.89 -4.44 32.51
N LEU A 642 -0.84 -4.92 31.85
CA LEU A 642 0.11 -5.79 32.53
C LEU A 642 0.74 -5.10 33.73
N TRP A 643 1.22 -3.87 33.54
CA TRP A 643 1.84 -3.11 34.62
C TRP A 643 0.88 -2.93 35.78
N MET A 644 -0.34 -2.52 35.48
CA MET A 644 -1.30 -2.17 36.51
C MET A 644 -1.71 -3.40 37.30
N SER A 645 -1.64 -4.57 36.68
CA SER A 645 -1.89 -5.80 37.41
C SER A 645 -0.87 -6.06 38.52
N TYR A 646 0.26 -5.35 38.52
CA TYR A 646 1.28 -5.52 39.56
C TYR A 646 1.38 -4.34 40.50
N PHE A 647 0.41 -3.44 40.49
CA PHE A 647 0.42 -2.29 41.38
C PHE A 647 -0.25 -2.54 42.72
N GLU A 648 -1.10 -3.55 42.80
CA GLU A 648 -1.89 -3.79 44.01
C GLU A 648 -1.07 -4.55 45.06
N GLU A 649 -1.57 -4.50 46.29
CA GLU A 649 -1.00 -5.31 47.36
C GLU A 649 -1.41 -6.75 47.26
N GLY A 650 -2.63 -7.02 46.79
CA GLY A 650 -3.05 -8.38 46.57
C GLY A 650 -2.33 -9.01 45.40
N GLY A 651 -2.11 -10.32 45.50
CA GLY A 651 -1.34 -11.02 44.48
C GLY A 651 0.10 -10.59 44.40
N THR A 652 0.76 -10.47 45.54
CA THR A 652 2.17 -10.08 45.57
C THR A 652 3.11 -11.28 45.56
N LEU A 653 2.76 -12.33 46.25
CA LEU A 653 3.65 -13.48 46.28
C LEU A 653 3.47 -14.34 45.04
N PRO A 654 4.54 -14.94 44.53
CA PRO A 654 4.44 -15.83 43.39
C PRO A 654 3.72 -17.12 43.77
N PRO A 655 3.27 -17.89 42.78
CA PRO A 655 2.37 -19.03 43.04
C PRO A 655 2.93 -20.06 44.00
N PRO A 656 4.22 -20.44 43.93
CA PRO A 656 4.69 -21.43 44.91
C PRO A 656 4.49 -20.98 46.35
N PHE A 657 4.69 -19.69 46.61
CA PHE A 657 4.47 -19.08 47.91
C PHE A 657 3.09 -18.49 48.07
N ASN A 658 2.30 -18.46 46.99
CA ASN A 658 0.94 -17.96 47.07
C ASN A 658 0.12 -18.78 48.05
N ILE A 659 0.28 -20.10 48.03
CA ILE A 659 -0.46 -21.00 48.94
C ILE A 659 0.40 -21.17 50.18
N ILE A 660 0.33 -20.17 51.06
CA ILE A 660 0.96 -20.28 52.37
C ILE A 660 -0.02 -19.70 53.39
N PRO A 661 -0.38 -20.46 54.42
CA PRO A 661 -1.22 -19.89 55.48
C PRO A 661 -0.67 -18.57 56.02
N SER A 662 -1.43 -17.51 55.81
CA SER A 662 -1.04 -16.15 56.20
C SER A 662 -0.90 -16.07 57.72
N PRO A 663 -0.38 -14.95 58.26
CA PRO A 663 -0.32 -14.80 59.73
C PRO A 663 -1.60 -15.23 60.42
N LYS A 664 -2.75 -14.81 59.91
CA LYS A 664 -4.03 -15.31 60.44
C LYS A 664 -4.39 -16.65 59.80
N SER A 665 -4.64 -16.64 58.48
CA SER A 665 -4.88 -17.83 57.67
C SER A 665 -6.18 -18.53 58.01
N ILE A 666 -6.82 -18.13 59.11
CA ILE A 666 -8.12 -18.68 59.47
C ILE A 666 -9.10 -17.55 59.75
N CYS A 667 -8.56 -16.35 60.02
CA CYS A 667 -9.41 -15.22 60.36
C CYS A 667 -10.17 -14.69 59.15
N TYR A 668 -9.49 -14.52 58.02
CA TYR A 668 -10.19 -14.12 56.81
C TYR A 668 -10.76 -15.33 56.08
N LEU A 669 -10.43 -16.54 56.54
CA LEU A 669 -11.05 -17.73 55.97
C LEU A 669 -12.36 -18.08 56.66
N ILE A 670 -12.40 -18.06 57.98
CA ILE A 670 -13.63 -18.36 58.71
C ILE A 670 -14.63 -17.21 58.54
N THR A 671 -14.17 -15.97 58.67
CA THR A 671 -15.07 -14.82 58.66
C THR A 671 -15.62 -14.52 57.28
N TRP A 672 -14.88 -14.87 56.22
CA TRP A 672 -15.36 -14.60 54.86
C TRP A 672 -16.67 -15.33 54.58
N ILE A 673 -16.81 -16.56 55.08
CA ILE A 673 -18.02 -17.34 54.86
C ILE A 673 -19.13 -16.96 55.83
N LYS A 674 -18.79 -16.32 56.95
CA LYS A 674 -19.79 -15.97 57.96
C LYS A 674 -20.63 -14.79 57.49
N VAL A 675 -21.43 -15.03 56.45
CA VAL A 675 -22.35 -14.05 55.91
C VAL A 675 -23.76 -14.60 55.80
N HIS A 676 -23.93 -15.72 55.09
CA HIS A 676 -25.24 -16.32 54.84
C HIS A 676 -26.31 -15.30 54.50
N ARG A 694 -17.99 11.05 58.25
CA ARG A 694 -17.23 12.22 58.68
C ARG A 694 -15.98 12.40 57.82
N ALA A 695 -16.13 12.23 56.51
CA ALA A 695 -15.04 12.34 55.55
C ALA A 695 -15.20 13.68 54.81
N ALA A 696 -14.64 14.73 55.39
CA ALA A 696 -14.66 16.04 54.76
C ALA A 696 -13.60 16.19 53.67
N GLU A 697 -12.64 15.27 53.60
CA GLU A 697 -11.65 15.28 52.54
C GLU A 697 -12.28 15.01 51.18
N ASN A 698 -13.42 14.32 51.14
CA ASN A 698 -14.06 13.99 49.87
C ASN A 698 -14.48 15.25 49.12
N VAL A 699 -15.15 16.16 49.82
CA VAL A 699 -15.61 17.39 49.19
C VAL A 699 -14.42 18.24 48.75
N ARG A 700 -13.38 18.31 49.58
CA ARG A 700 -12.19 19.09 49.21
C ARG A 700 -11.53 18.53 47.96
N LEU A 701 -11.37 17.20 47.90
CA LEU A 701 -10.84 16.56 46.70
C LEU A 701 -11.70 16.89 45.49
N ASN A 702 -13.03 16.85 45.66
CA ASN A 702 -13.92 17.10 44.53
C ASN A 702 -13.74 18.53 44.01
N HIS A 703 -13.65 19.50 44.91
CA HIS A 703 -13.46 20.89 44.45
C HIS A 703 -12.10 21.10 43.81
N GLN A 704 -11.05 20.49 44.37
CA GLN A 704 -9.73 20.67 43.78
C GLN A 704 -9.67 20.05 42.39
N TYR A 705 -10.30 18.88 42.22
CA TYR A 705 -10.45 18.30 40.90
C TYR A 705 -11.26 19.19 39.98
N GLN A 706 -12.29 19.85 40.51
CA GLN A 706 -13.10 20.74 39.70
C GLN A 706 -12.28 21.91 39.18
N GLU A 707 -11.40 22.47 40.02
CA GLU A 707 -10.54 23.55 39.56
C GLU A 707 -9.59 23.07 38.48
N VAL A 708 -8.98 21.89 38.69
CA VAL A 708 -8.13 21.32 37.66
C VAL A 708 -8.89 21.18 36.34
N LEU A 709 -10.09 20.62 36.42
CA LEU A 709 -10.88 20.35 35.22
C LEU A 709 -11.31 21.64 34.52
N ARG A 710 -11.65 22.66 35.30
CA ARG A 710 -11.93 23.98 34.74
C ARG A 710 -10.74 24.46 33.92
N ASN A 711 -9.53 24.36 34.49
CA ASN A 711 -8.36 24.84 33.78
C ASN A 711 -8.10 24.03 32.50
N LEU A 712 -8.20 22.71 32.58
CA LEU A 712 -8.01 21.89 31.37
C LEU A 712 -9.04 22.19 30.30
N VAL A 713 -10.31 22.39 30.67
CA VAL A 713 -11.30 22.67 29.64
C VAL A 713 -11.04 24.03 29.03
N LYS A 714 -10.66 25.01 29.85
CA LYS A 714 -10.31 26.32 29.32
C LYS A 714 -9.17 26.21 28.31
N ARG A 715 -8.11 25.49 28.68
CA ARG A 715 -6.97 25.32 27.79
C ARG A 715 -7.37 24.60 26.52
N TYR A 716 -8.21 23.56 26.63
CA TYR A 716 -8.62 22.81 25.46
C TYR A 716 -9.42 23.69 24.50
N VAL A 717 -10.37 24.45 25.02
CA VAL A 717 -11.14 25.36 24.16
C VAL A 717 -10.21 26.36 23.48
N ALA A 718 -9.27 26.92 24.25
CA ALA A 718 -8.37 27.90 23.66
C ALA A 718 -7.50 27.29 22.57
N ALA A 719 -6.99 26.09 22.77
CA ALA A 719 -5.90 25.58 21.95
C ALA A 719 -6.34 24.57 20.89
N MET A 720 -7.58 24.12 20.90
CA MET A 720 -8.04 23.21 19.86
C MET A 720 -9.39 23.57 19.28
N ILE A 721 -10.10 24.54 19.83
CA ILE A 721 -11.32 25.04 19.24
C ILE A 721 -11.10 26.41 18.61
N ARG A 722 -10.26 27.23 19.22
CA ARG A 722 -9.98 28.58 18.75
C ARG A 722 -8.81 28.64 17.78
N ASP A 723 -7.75 27.88 18.04
CA ASP A 723 -6.58 27.88 17.16
C ASP A 723 -6.66 26.82 16.07
N ALA A 724 -7.22 25.65 16.38
CA ALA A 724 -7.31 24.61 15.36
C ALA A 724 -8.28 25.01 14.26
N LYS A 725 -9.39 25.65 14.62
CA LYS A 725 -10.31 26.16 13.61
C LYS A 725 -9.63 27.20 12.73
N THR A 726 -8.82 28.07 13.33
CA THR A 726 -8.09 29.08 12.56
C THR A 726 -7.16 28.42 11.54
N GLU A 727 -6.49 27.34 11.92
CA GLU A 727 -5.60 26.60 11.04
C GLU A 727 -6.48 25.67 10.21
N GLU A 728 -7.01 26.22 9.12
CA GLU A 728 -7.88 25.45 8.22
C GLU A 728 -7.56 25.80 6.78
N GLY A 729 -8.43 25.38 5.85
CA GLY A 729 -8.26 25.75 4.46
C GLY A 729 -9.48 26.43 3.88
N LEU A 730 -9.33 27.66 3.41
CA LEU A 730 -10.49 28.45 3.01
C LEU A 730 -11.08 27.91 1.70
N THR A 731 -12.40 27.76 1.69
CA THR A 731 -13.15 27.14 0.62
C THR A 731 -13.60 28.19 -0.40
N GLU A 732 -14.50 27.82 -1.30
CA GLU A 732 -15.03 28.76 -2.28
C GLU A 732 -15.98 29.77 -1.64
N GLU A 733 -16.58 29.42 -0.50
CA GLU A 733 -17.46 30.35 0.21
C GLU A 733 -16.71 31.55 0.76
N ASN A 734 -15.44 31.38 1.11
CA ASN A 734 -14.64 32.48 1.61
C ASN A 734 -14.32 33.48 0.50
N PHE A 735 -14.01 32.98 -0.69
CA PHE A 735 -13.82 33.87 -1.83
C PHE A 735 -15.10 34.63 -2.14
N LYS A 736 -16.24 33.95 -2.06
CA LYS A 736 -17.51 34.62 -2.32
C LYS A 736 -17.78 35.71 -1.30
N GLU A 737 -17.49 35.44 -0.02
CA GLU A 737 -17.61 36.47 1.00
C GLU A 737 -16.69 37.66 0.74
N LEU A 738 -15.45 37.40 0.36
CA LEU A 738 -14.53 38.50 0.07
C LEU A 738 -15.04 39.35 -1.09
N LYS A 739 -15.46 38.70 -2.18
CA LYS A 739 -15.98 39.42 -3.32
C LYS A 739 -17.20 40.24 -2.94
N GLN A 740 -18.06 39.68 -2.08
CA GLN A 740 -19.27 40.39 -1.68
C GLN A 740 -18.94 41.60 -0.82
N ASP A 741 -17.95 41.48 0.08
CA ASP A 741 -17.53 42.64 0.86
C ASP A 741 -16.99 43.75 -0.04
N ILE A 742 -16.17 43.39 -1.03
CA ILE A 742 -15.63 44.41 -1.93
C ILE A 742 -16.76 45.06 -2.71
N SER A 743 -17.74 44.28 -3.18
CA SER A 743 -18.84 44.86 -3.95
C SER A 743 -19.70 45.78 -3.11
N SER A 744 -20.00 45.39 -1.86
CA SER A 744 -20.82 46.25 -1.02
C SER A 744 -20.09 47.54 -0.66
N PHE A 745 -18.79 47.45 -0.37
CA PHE A 745 -17.96 48.62 -0.18
C PHE A 745 -18.04 49.53 -1.40
N ARG A 746 -17.91 48.94 -2.59
CA ARG A 746 -17.96 49.69 -3.83
C ARG A 746 -19.28 50.42 -3.98
N TYR A 747 -20.39 49.73 -3.73
CA TYR A 747 -21.69 50.35 -3.91
C TYR A 747 -21.89 51.49 -2.92
N GLU A 748 -21.46 51.32 -1.67
CA GLU A 748 -21.56 52.43 -0.72
C GLU A 748 -20.78 53.63 -1.20
N VAL A 749 -19.52 53.44 -1.58
CA VAL A 749 -18.68 54.58 -1.96
C VAL A 749 -19.26 55.29 -3.18
N ILE A 750 -19.66 54.53 -4.20
CA ILE A 750 -20.21 55.16 -5.40
C ILE A 750 -21.52 55.87 -5.09
N GLY A 751 -22.32 55.30 -4.19
CA GLY A 751 -23.61 55.92 -3.90
C GLY A 751 -23.56 57.12 -2.99
N MET A 752 -22.47 57.29 -2.24
CA MET A 752 -22.36 58.45 -1.35
C MET A 752 -21.44 59.52 -1.91
N MET A 753 -21.14 59.47 -3.20
CA MET A 753 -20.35 60.51 -3.85
C MET A 753 -20.49 60.43 -5.37
N ARG B 17 25.26 29.21 -29.23
CA ARG B 17 24.71 28.04 -29.90
C ARG B 17 23.19 28.02 -29.76
N ILE B 18 22.53 27.28 -30.64
CA ILE B 18 21.08 27.14 -30.69
C ILE B 18 20.44 28.53 -30.66
N PRO B 19 20.47 29.27 -31.77
CA PRO B 19 19.71 30.53 -31.82
C PRO B 19 18.22 30.24 -31.79
N LEU B 20 17.51 30.99 -30.97
CA LEU B 20 16.10 30.74 -30.70
C LEU B 20 15.26 31.81 -31.39
N ARG B 21 14.30 31.36 -32.19
CA ARG B 21 13.45 32.24 -32.97
C ARG B 21 12.00 31.80 -32.85
N ILE B 22 11.09 32.75 -33.02
CA ILE B 22 9.67 32.46 -32.91
C ILE B 22 9.21 31.66 -34.12
N VAL B 23 8.46 30.61 -33.86
CA VAL B 23 7.79 29.82 -34.89
C VAL B 23 6.32 29.76 -34.50
N ARG B 24 5.45 29.66 -35.51
CA ARG B 24 4.01 29.42 -35.33
C ARG B 24 3.38 30.31 -34.26
N ALA B 25 3.85 31.55 -34.15
CA ALA B 25 3.27 32.55 -33.26
C ALA B 25 3.12 33.88 -33.98
N GLU B 26 2.51 33.81 -35.17
CA GLU B 26 2.57 34.90 -36.15
C GLU B 26 2.20 36.26 -35.56
N SER B 27 0.99 36.40 -35.04
CA SER B 27 0.41 37.71 -34.79
C SER B 27 0.98 38.36 -33.54
N GLU B 28 1.40 39.61 -33.66
CA GLU B 28 1.85 40.41 -32.53
C GLU B 28 1.07 41.73 -32.52
N LEU B 29 0.89 42.28 -31.33
CA LEU B 29 -0.05 43.36 -31.11
C LEU B 29 0.63 44.72 -31.14
N SER B 30 -0.07 45.71 -31.68
CA SER B 30 0.41 47.08 -31.66
C SER B 30 0.27 47.67 -30.26
N THR B 31 0.88 48.83 -30.05
CA THR B 31 0.88 49.46 -28.74
C THR B 31 -0.53 49.80 -28.28
N GLN B 32 -1.38 50.29 -29.19
CA GLN B 32 -2.76 50.60 -28.83
C GLN B 32 -3.52 49.33 -28.45
N GLU B 33 -3.28 48.24 -29.19
CA GLU B 33 -3.93 46.98 -28.88
C GLU B 33 -3.53 46.46 -27.51
N LYS B 34 -2.23 46.52 -27.19
CA LYS B 34 -1.81 46.11 -25.86
C LYS B 34 -2.40 47.00 -24.78
N SER B 35 -2.46 48.31 -25.02
CA SER B 35 -3.03 49.21 -24.03
C SER B 35 -4.50 48.89 -23.78
N TYR B 36 -5.26 48.65 -24.84
CA TYR B 36 -6.69 48.38 -24.70
C TYR B 36 -6.94 47.02 -24.05
N LEU B 37 -6.17 46.00 -24.44
CA LEU B 37 -6.31 44.70 -23.78
C LEU B 37 -5.89 44.76 -22.32
N SER B 38 -4.86 45.55 -22.00
CA SER B 38 -4.45 45.72 -20.61
C SER B 38 -5.52 46.44 -19.81
N ALA B 39 -6.18 47.43 -20.42
CA ALA B 39 -7.30 48.09 -19.76
C ALA B 39 -8.42 47.12 -19.47
N VAL B 40 -8.72 46.23 -20.43
CA VAL B 40 -9.75 45.21 -20.19
C VAL B 40 -9.32 44.27 -19.07
N GLU B 41 -8.03 43.91 -19.04
CA GLU B 41 -7.49 43.11 -17.93
C GLU B 41 -7.73 43.79 -16.59
N LYS B 42 -7.35 45.06 -16.47
CA LYS B 42 -7.40 45.74 -15.18
C LYS B 42 -8.82 46.09 -14.76
N GLY B 43 -9.79 45.97 -15.67
CA GLY B 43 -11.14 46.36 -15.37
C GLY B 43 -11.45 47.82 -15.60
N ASP B 44 -10.56 48.54 -16.28
CA ASP B 44 -10.71 49.98 -16.43
C ASP B 44 -11.84 50.31 -17.37
N TYR B 45 -13.02 50.62 -16.82
CA TYR B 45 -14.19 50.86 -17.64
C TYR B 45 -14.03 52.12 -18.48
N ALA B 46 -13.43 53.17 -17.89
CA ALA B 46 -13.29 54.42 -18.60
C ALA B 46 -12.31 54.30 -19.77
N SER B 47 -11.19 53.61 -19.55
CA SER B 47 -10.21 53.45 -20.62
C SER B 47 -10.76 52.58 -21.74
N VAL B 48 -11.49 51.53 -21.40
CA VAL B 48 -12.06 50.65 -22.43
C VAL B 48 -13.12 51.38 -23.23
N LYS B 49 -13.99 52.13 -22.54
CA LYS B 49 -14.99 52.93 -23.24
C LYS B 49 -14.33 53.95 -24.15
N LEU B 50 -13.24 54.57 -23.69
CA LEU B 50 -12.57 55.55 -24.51
C LEU B 50 -11.94 54.91 -25.75
N ALA B 51 -11.22 53.80 -25.55
CA ALA B 51 -10.56 53.16 -26.68
C ALA B 51 -11.56 52.57 -27.66
N LEU B 52 -12.72 52.15 -27.17
CA LEU B 52 -13.75 51.62 -28.06
C LEU B 52 -14.48 52.73 -28.82
N GLU B 53 -14.68 53.88 -28.19
CA GLU B 53 -15.26 55.01 -28.90
C GLU B 53 -14.26 55.63 -29.87
N GLU B 54 -12.97 55.45 -29.64
CA GLU B 54 -11.94 55.84 -30.59
C GLU B 54 -11.67 54.76 -31.61
N ALA B 55 -12.42 53.66 -31.56
CA ALA B 55 -12.31 52.56 -32.50
C ALA B 55 -13.36 52.61 -33.58
N GLU B 56 -14.09 53.72 -33.70
CA GLU B 56 -15.15 53.86 -34.68
C GLU B 56 -14.98 55.08 -35.57
N ILE B 57 -14.42 56.17 -35.04
CA ILE B 57 -14.10 57.33 -35.87
C ILE B 57 -12.97 57.00 -36.84
N TYR B 58 -11.81 56.67 -36.29
CA TYR B 58 -10.65 56.20 -37.05
C TYR B 58 -10.17 54.94 -36.35
N PHE B 59 -10.45 53.79 -36.95
CA PHE B 59 -10.34 52.53 -36.21
C PHE B 59 -8.92 52.28 -35.70
N LYS B 60 -8.00 51.96 -36.61
CA LYS B 60 -6.58 51.80 -36.30
C LYS B 60 -6.30 50.99 -35.04
N ILE B 61 -7.23 50.12 -34.61
CA ILE B 61 -7.06 49.42 -33.35
C ILE B 61 -7.31 47.93 -33.49
N ASN B 62 -8.13 47.53 -34.46
CA ASN B 62 -8.57 46.14 -34.60
C ASN B 62 -9.25 45.66 -33.31
N ILE B 63 -10.45 46.20 -33.10
CA ILE B 63 -11.26 46.01 -31.91
C ILE B 63 -11.28 44.56 -31.41
N ASN B 64 -11.19 43.61 -32.34
CA ASN B 64 -11.21 42.18 -32.01
C ASN B 64 -9.83 41.57 -31.92
N CYS B 65 -8.83 42.34 -31.47
CA CYS B 65 -7.46 41.85 -31.41
C CYS B 65 -7.37 40.61 -30.51
N ILE B 66 -6.26 39.88 -30.66
CA ILE B 66 -6.04 38.64 -29.94
C ILE B 66 -4.67 38.71 -29.26
N ASP B 67 -4.66 38.51 -27.95
CA ASP B 67 -3.43 38.52 -27.16
C ASP B 67 -2.69 37.20 -27.34
N PRO B 68 -1.46 37.08 -26.83
CA PRO B 68 -0.84 35.76 -26.75
C PRO B 68 -1.70 34.82 -25.91
N LEU B 69 -1.65 33.54 -26.26
CA LEU B 69 -2.53 32.52 -25.72
C LEU B 69 -3.98 32.76 -26.09
N GLY B 70 -4.23 33.47 -27.19
CA GLY B 70 -5.59 33.80 -27.60
C GLY B 70 -6.15 34.93 -26.77
N ARG B 71 -7.11 34.60 -25.91
CA ARG B 71 -7.52 35.49 -24.82
C ARG B 71 -7.95 36.86 -25.36
N THR B 72 -9.06 36.86 -26.08
CA THR B 72 -9.63 38.08 -26.66
C THR B 72 -10.27 38.95 -25.58
N ALA B 73 -10.47 40.23 -25.91
CA ALA B 73 -11.01 41.20 -24.95
C ALA B 73 -12.32 40.72 -24.32
N LEU B 74 -13.26 40.27 -25.15
CA LEU B 74 -14.49 39.70 -24.61
C LEU B 74 -14.19 38.50 -23.74
N LEU B 75 -13.32 37.62 -24.22
CA LEU B 75 -12.95 36.44 -23.44
C LEU B 75 -12.22 36.84 -22.17
N ILE B 76 -11.43 37.92 -22.22
CA ILE B 76 -10.74 38.40 -21.02
C ILE B 76 -11.76 38.84 -19.98
N ALA B 77 -12.72 39.66 -20.40
CA ALA B 77 -13.76 40.11 -19.49
C ALA B 77 -14.54 38.94 -18.92
N ILE B 78 -14.76 37.90 -19.74
CA ILE B 78 -15.42 36.70 -19.26
C ILE B 78 -14.58 36.02 -18.17
N GLU B 79 -13.27 35.89 -18.40
CA GLU B 79 -12.40 35.28 -17.40
C GLU B 79 -12.28 36.11 -16.13
N ASN B 80 -12.53 37.42 -16.21
CA ASN B 80 -12.45 38.27 -15.03
C ASN B 80 -13.77 38.44 -14.31
N GLU B 81 -14.85 37.83 -14.80
CA GLU B 81 -16.16 37.96 -14.17
C GLU B 81 -16.67 39.40 -14.21
N ASN B 82 -16.19 40.21 -15.14
CA ASN B 82 -16.58 41.62 -15.21
C ASN B 82 -17.77 41.75 -16.14
N LEU B 83 -18.95 41.93 -15.56
CA LEU B 83 -20.17 42.01 -16.36
C LEU B 83 -20.35 43.38 -17.01
N GLU B 84 -19.91 44.46 -16.35
CA GLU B 84 -20.03 45.79 -16.93
C GLU B 84 -19.28 45.89 -18.25
N ILE B 85 -18.02 45.45 -18.25
CA ILE B 85 -17.22 45.48 -19.47
C ILE B 85 -17.82 44.56 -20.53
N ILE B 86 -18.41 43.44 -20.12
CA ILE B 86 -19.02 42.55 -21.09
C ILE B 86 -20.21 43.23 -21.76
N GLU B 87 -21.07 43.89 -20.97
CA GLU B 87 -22.19 44.61 -21.57
C GLU B 87 -21.71 45.71 -22.50
N LEU B 88 -20.66 46.44 -22.10
CA LEU B 88 -20.13 47.49 -22.96
C LEU B 88 -19.60 46.90 -24.28
N LEU B 89 -18.79 45.85 -24.18
CA LEU B 89 -18.19 45.26 -25.37
C LEU B 89 -19.26 44.73 -26.32
N LEU B 90 -20.29 44.08 -25.77
CA LEU B 90 -21.40 43.64 -26.62
C LEU B 90 -22.14 44.82 -27.22
N SER B 91 -22.27 45.92 -26.46
CA SER B 91 -22.90 47.12 -27.00
C SER B 91 -22.11 47.71 -28.16
N PHE B 92 -20.82 47.41 -28.26
CA PHE B 92 -20.04 47.90 -29.40
C PHE B 92 -19.77 46.83 -30.45
N ASN B 93 -20.56 45.76 -30.46
CA ASN B 93 -20.57 44.79 -31.56
C ASN B 93 -19.19 44.17 -31.79
N VAL B 94 -18.72 43.46 -30.79
CA VAL B 94 -17.52 42.66 -30.94
C VAL B 94 -17.93 41.28 -31.44
N TYR B 95 -16.96 40.55 -31.98
CA TYR B 95 -17.20 39.21 -32.50
C TYR B 95 -17.23 38.24 -31.32
N VAL B 96 -18.44 37.80 -30.95
CA VAL B 96 -18.57 36.93 -29.79
C VAL B 96 -17.98 35.55 -30.07
N GLY B 97 -18.21 35.01 -31.28
CA GLY B 97 -17.68 33.72 -31.64
C GLY B 97 -18.05 32.61 -30.68
N ASP B 98 -17.06 32.13 -29.93
CA ASP B 98 -17.26 31.12 -28.90
C ASP B 98 -17.39 31.72 -27.50
N ALA B 99 -17.75 32.99 -27.40
CA ALA B 99 -17.84 33.63 -26.10
C ALA B 99 -18.80 32.89 -25.18
N LEU B 100 -19.92 32.43 -25.72
CA LEU B 100 -20.88 31.69 -24.91
C LEU B 100 -20.26 30.41 -24.37
N LEU B 101 -19.44 29.75 -25.17
CA LEU B 101 -18.85 28.49 -24.75
C LEU B 101 -17.80 28.70 -23.66
N HIS B 102 -16.98 29.74 -23.76
CA HIS B 102 -16.03 30.02 -22.69
C HIS B 102 -16.74 30.50 -21.43
N ALA B 103 -17.83 31.25 -21.58
CA ALA B 103 -18.61 31.65 -20.42
C ALA B 103 -19.20 30.44 -19.70
N ILE B 104 -19.70 29.48 -20.46
CA ILE B 104 -20.27 28.27 -19.87
C ILE B 104 -19.19 27.43 -19.21
N ARG B 105 -18.08 27.22 -19.93
CA ARG B 105 -17.01 26.38 -19.41
C ARG B 105 -16.45 26.92 -18.11
N LYS B 106 -16.53 28.23 -17.90
CA LYS B 106 -16.08 28.85 -16.67
C LYS B 106 -17.18 29.01 -15.64
N GLU B 107 -18.40 28.56 -15.94
CA GLU B 107 -19.52 28.60 -15.00
C GLU B 107 -19.81 30.05 -14.59
N VAL B 108 -19.98 30.90 -15.58
CA VAL B 108 -20.14 32.34 -15.39
C VAL B 108 -21.60 32.67 -15.71
N VAL B 109 -22.44 32.73 -14.68
CA VAL B 109 -23.88 32.81 -14.92
C VAL B 109 -24.27 34.15 -15.53
N GLY B 110 -23.64 35.24 -15.08
CA GLY B 110 -24.00 36.54 -15.61
C GLY B 110 -23.67 36.70 -17.09
N ALA B 111 -22.47 36.28 -17.49
CA ALA B 111 -22.11 36.35 -18.91
C ALA B 111 -22.98 35.43 -19.74
N VAL B 112 -23.31 34.24 -19.23
CA VAL B 112 -24.22 33.36 -19.97
C VAL B 112 -25.57 34.04 -20.14
N GLU B 113 -26.02 34.78 -19.12
CA GLU B 113 -27.28 35.50 -19.25
C GLU B 113 -27.19 36.57 -20.33
N LEU B 114 -26.06 37.29 -20.41
CA LEU B 114 -25.94 38.36 -21.39
C LEU B 114 -25.76 37.82 -22.80
N LEU B 115 -24.91 36.81 -22.98
CA LEU B 115 -24.64 36.27 -24.31
C LEU B 115 -25.78 35.43 -24.86
N LEU B 116 -26.73 35.02 -24.02
CA LEU B 116 -27.87 34.25 -24.51
C LEU B 116 -28.91 35.13 -25.19
N ASN B 117 -28.90 36.43 -24.94
CA ASN B 117 -29.84 37.37 -25.54
C ASN B 117 -29.05 38.53 -26.11
N HIS B 118 -28.57 38.37 -27.34
CA HIS B 118 -27.71 39.36 -27.97
C HIS B 118 -27.89 39.27 -29.48
N LYS B 119 -28.41 40.34 -30.08
CA LYS B 119 -28.62 40.38 -31.52
C LYS B 119 -27.99 41.62 -32.13
N GLN B 135 -9.79 29.74 -39.41
CA GLN B 135 -10.67 29.52 -38.28
C GLN B 135 -9.96 28.79 -37.14
N PHE B 136 -10.22 29.21 -35.91
CA PHE B 136 -9.68 28.54 -34.75
C PHE B 136 -10.65 28.66 -33.58
N SER B 137 -10.81 27.56 -32.85
CA SER B 137 -11.71 27.50 -31.70
C SER B 137 -11.11 26.59 -30.66
N ASP B 138 -11.47 26.82 -29.40
CA ASP B 138 -11.00 26.00 -28.30
C ASP B 138 -11.90 24.81 -28.03
N PHE B 139 -12.94 24.62 -28.84
CA PHE B 139 -13.94 23.59 -28.60
C PHE B 139 -14.16 22.77 -29.85
N THR B 140 -14.26 21.46 -29.65
CA THR B 140 -14.54 20.56 -30.75
C THR B 140 -15.88 20.93 -31.38
N PRO B 141 -15.99 20.97 -32.71
CA PRO B 141 -17.21 21.52 -33.32
C PRO B 141 -18.49 20.78 -32.98
N ASP B 142 -18.41 19.59 -32.41
CA ASP B 142 -19.62 18.91 -31.96
C ASP B 142 -20.12 19.41 -30.61
N ILE B 143 -19.37 20.26 -29.93
CA ILE B 143 -19.78 20.77 -28.62
C ILE B 143 -20.78 21.90 -28.82
N THR B 144 -21.98 21.70 -28.31
CA THR B 144 -23.03 22.71 -28.29
C THR B 144 -23.14 23.28 -26.88
N PRO B 145 -23.80 24.43 -26.71
CA PRO B 145 -23.88 25.02 -25.37
C PRO B 145 -24.46 24.10 -24.31
N ILE B 146 -25.51 23.33 -24.62
CA ILE B 146 -26.12 22.48 -23.62
C ILE B 146 -25.21 21.32 -23.25
N ILE B 147 -24.51 20.76 -24.25
CA ILE B 147 -23.59 19.67 -23.95
C ILE B 147 -22.49 20.13 -23.01
N LEU B 148 -21.91 21.29 -23.28
CA LEU B 148 -20.84 21.80 -22.43
C LEU B 148 -21.35 22.16 -21.04
N ALA B 149 -22.53 22.78 -20.97
CA ALA B 149 -23.13 23.08 -19.67
C ALA B 149 -23.31 21.80 -18.86
N ALA B 150 -23.85 20.75 -19.47
CA ALA B 150 -24.05 19.51 -18.76
C ALA B 150 -22.72 18.86 -18.40
N HIS B 151 -21.67 19.10 -19.19
CA HIS B 151 -20.33 18.68 -18.80
C HIS B 151 -19.90 19.37 -17.50
N THR B 152 -20.19 20.66 -17.37
CA THR B 152 -19.82 21.39 -16.17
C THR B 152 -20.68 21.03 -14.98
N ASN B 153 -21.88 20.48 -15.22
CA ASN B 153 -22.81 20.11 -14.15
C ASN B 153 -23.20 21.32 -13.30
N ASN B 154 -23.35 22.48 -13.93
CA ASN B 154 -23.83 23.67 -13.24
C ASN B 154 -25.32 23.78 -13.48
N TYR B 155 -26.10 23.82 -12.41
CA TYR B 155 -27.54 23.69 -12.56
C TYR B 155 -28.18 24.99 -13.05
N GLU B 156 -27.61 26.15 -12.71
CA GLU B 156 -28.17 27.41 -13.15
C GLU B 156 -28.03 27.59 -14.66
N ILE B 157 -26.84 27.34 -15.19
CA ILE B 157 -26.62 27.50 -16.63
C ILE B 157 -27.43 26.49 -17.41
N ILE B 158 -27.48 25.24 -16.96
CA ILE B 158 -28.31 24.25 -17.63
C ILE B 158 -29.77 24.66 -17.59
N LYS B 159 -30.21 25.18 -16.45
CA LYS B 159 -31.61 25.59 -16.32
C LYS B 159 -31.93 26.72 -17.29
N MET B 160 -31.05 27.71 -17.42
CA MET B 160 -31.36 28.81 -18.31
C MET B 160 -31.15 28.45 -19.78
N LEU B 161 -30.36 27.44 -20.08
CA LEU B 161 -30.27 26.97 -21.46
C LEU B 161 -31.49 26.15 -21.85
N VAL B 162 -31.99 25.30 -20.95
CA VAL B 162 -33.12 24.45 -21.27
C VAL B 162 -34.36 25.29 -21.55
N GLN B 163 -34.57 26.34 -20.76
CA GLN B 163 -35.73 27.21 -20.97
C GLN B 163 -35.74 27.81 -22.37
N LYS B 164 -34.56 28.05 -22.95
CA LYS B 164 -34.52 28.60 -24.30
C LYS B 164 -35.06 27.62 -25.33
N GLY B 165 -34.77 26.32 -25.16
CA GLY B 165 -35.29 25.34 -26.10
C GLY B 165 -34.23 24.48 -26.75
N VAL B 166 -33.11 24.29 -26.08
CA VAL B 166 -32.02 23.47 -26.61
C VAL B 166 -32.42 22.01 -26.61
N SER B 167 -31.64 21.19 -27.30
CA SER B 167 -31.83 19.74 -27.30
C SER B 167 -30.48 19.07 -27.44
N VAL B 168 -30.40 17.82 -27.03
CA VAL B 168 -29.15 17.06 -27.08
C VAL B 168 -29.34 15.87 -28.00
N PRO B 169 -28.41 15.57 -28.90
CA PRO B 169 -28.61 14.46 -29.83
C PRO B 169 -28.69 13.13 -29.11
N GLN B 170 -29.41 12.20 -29.74
CA GLN B 170 -29.62 10.88 -29.16
C GLN B 170 -28.73 9.87 -29.87
N PRO B 171 -27.77 9.28 -29.19
CA PRO B 171 -26.92 8.27 -29.83
C PRO B 171 -27.65 6.95 -30.00
N HIS B 172 -27.09 6.11 -30.86
CA HIS B 172 -27.70 4.82 -31.18
C HIS B 172 -27.61 3.88 -29.98
N GLU B 173 -28.12 2.67 -30.17
CA GLU B 173 -28.32 1.72 -29.06
C GLU B 173 -27.04 1.53 -28.27
N VAL B 174 -26.02 0.95 -28.90
CA VAL B 174 -24.75 0.70 -28.22
C VAL B 174 -23.65 0.37 -29.22
N VAL B 187 -16.62 6.93 -41.07
CA VAL B 187 -15.73 7.59 -42.01
C VAL B 187 -14.71 8.45 -41.27
N ASP B 188 -15.12 8.98 -40.12
CA ASP B 188 -14.22 9.72 -39.23
C ASP B 188 -14.42 9.11 -37.84
N SER B 189 -13.63 8.09 -37.53
CA SER B 189 -13.80 7.38 -36.27
C SER B 189 -13.53 8.28 -35.07
N LEU B 190 -12.54 9.16 -35.19
CA LEU B 190 -12.17 10.01 -34.07
C LEU B 190 -13.31 10.95 -33.71
N ARG B 191 -13.85 11.67 -34.69
CA ARG B 191 -14.95 12.59 -34.42
C ARG B 191 -16.16 11.85 -33.89
N HIS B 192 -16.49 10.70 -34.49
CA HIS B 192 -17.68 9.96 -34.06
C HIS B 192 -17.56 9.49 -32.62
N SER B 193 -16.44 8.86 -32.28
CA SER B 193 -16.26 8.37 -30.91
C SER B 193 -16.24 9.52 -29.92
N ARG B 194 -15.55 10.61 -30.27
CA ARG B 194 -15.47 11.75 -29.36
C ARG B 194 -16.84 12.38 -29.15
N SER B 195 -17.63 12.50 -30.22
CA SER B 195 -18.96 13.10 -30.09
C SER B 195 -19.87 12.21 -29.26
N ARG B 196 -19.81 10.90 -29.46
CA ARG B 196 -20.61 10.00 -28.63
C ARG B 196 -20.22 10.11 -27.16
N LEU B 197 -18.93 10.19 -26.88
CA LEU B 197 -18.49 10.37 -25.50
C LEU B 197 -19.00 11.70 -24.94
N ASN B 198 -18.95 12.75 -25.74
CA ASN B 198 -19.40 14.06 -25.26
C ASN B 198 -20.90 14.07 -24.97
N ILE B 199 -21.71 13.38 -25.79
CA ILE B 199 -23.14 13.39 -25.54
C ILE B 199 -23.58 12.33 -24.55
N TYR B 200 -22.69 11.42 -24.17
CA TYR B 200 -22.98 10.56 -23.03
C TYR B 200 -22.53 11.16 -21.72
N LYS B 201 -21.47 11.95 -21.73
CA LYS B 201 -21.06 12.65 -20.53
C LYS B 201 -22.04 13.76 -20.18
N ALA B 202 -22.66 14.36 -21.19
CA ALA B 202 -23.72 15.33 -20.94
C ALA B 202 -24.96 14.65 -20.39
N LEU B 203 -25.36 13.52 -20.97
CA LEU B 203 -26.57 12.84 -20.53
C LEU B 203 -26.46 12.34 -19.10
N ALA B 204 -25.29 11.82 -18.74
CA ALA B 204 -25.04 11.30 -17.40
C ALA B 204 -24.67 12.41 -16.44
N SER B 205 -25.44 13.48 -16.42
CA SER B 205 -25.15 14.62 -15.58
C SER B 205 -26.24 14.77 -14.53
N PRO B 206 -25.90 14.80 -13.25
CA PRO B 206 -26.94 14.93 -12.22
C PRO B 206 -27.84 16.14 -12.41
N SER B 207 -27.29 17.27 -12.84
CA SER B 207 -28.12 18.45 -13.06
C SER B 207 -29.10 18.24 -14.19
N LEU B 208 -28.64 17.69 -15.31
CA LEU B 208 -29.53 17.48 -16.45
C LEU B 208 -30.54 16.38 -16.18
N ILE B 209 -30.14 15.33 -15.44
CA ILE B 209 -31.10 14.32 -15.06
C ILE B 209 -32.11 14.87 -14.06
N ALA B 210 -31.73 15.86 -13.26
CA ALA B 210 -32.68 16.44 -12.33
C ALA B 210 -33.62 17.44 -12.99
N LEU B 211 -33.17 18.17 -14.00
CA LEU B 211 -34.02 19.13 -14.68
C LEU B 211 -34.95 18.49 -15.70
N SER B 212 -34.64 17.28 -16.13
CA SER B 212 -35.36 16.60 -17.20
C SER B 212 -35.56 15.17 -16.78
N SER B 213 -35.91 14.28 -17.71
CA SER B 213 -36.01 12.86 -17.38
C SER B 213 -37.04 12.61 -16.29
N GLU B 214 -38.30 12.49 -16.72
CA GLU B 214 -39.44 12.27 -15.84
C GLU B 214 -39.14 11.40 -14.63
N ASP B 215 -38.42 10.30 -14.82
CA ASP B 215 -37.98 9.47 -13.70
C ASP B 215 -36.47 9.44 -13.64
N PRO B 216 -35.84 10.24 -12.78
CA PRO B 216 -34.38 10.20 -12.67
C PRO B 216 -33.82 8.87 -12.25
N PHE B 217 -34.57 8.06 -11.50
CA PHE B 217 -34.06 6.76 -11.08
C PHE B 217 -33.93 5.81 -12.26
N LEU B 218 -34.97 5.71 -13.08
CA LEU B 218 -34.91 4.87 -14.27
C LEU B 218 -33.83 5.36 -15.23
N THR B 219 -33.74 6.67 -15.40
CA THR B 219 -32.72 7.22 -16.29
C THR B 219 -31.33 6.89 -15.78
N ALA B 220 -31.09 7.02 -14.47
CA ALA B 220 -29.78 6.70 -13.93
C ALA B 220 -29.45 5.22 -14.11
N PHE B 221 -30.42 4.34 -13.85
CA PHE B 221 -30.17 2.91 -14.01
C PHE B 221 -29.84 2.57 -15.46
N GLN B 222 -30.69 3.01 -16.39
CA GLN B 222 -30.48 2.68 -17.79
C GLN B 222 -29.17 3.25 -18.29
N LEU B 223 -28.85 4.47 -17.89
CA LEU B 223 -27.64 5.11 -18.38
C LEU B 223 -26.39 4.45 -17.82
N SER B 224 -26.40 4.05 -16.55
CA SER B 224 -25.26 3.32 -16.02
C SER B 224 -25.08 1.99 -16.74
N TRP B 225 -26.18 1.30 -17.03
CA TRP B 225 -26.07 0.05 -17.78
C TRP B 225 -25.50 0.28 -19.17
N GLU B 226 -25.98 1.31 -19.87
CA GLU B 226 -25.51 1.60 -21.21
C GLU B 226 -24.04 1.95 -21.22
N LEU B 227 -23.60 2.76 -20.26
CA LEU B 227 -22.19 3.14 -20.21
C LEU B 227 -21.33 1.93 -19.86
N GLN B 228 -21.84 1.04 -19.02
CA GLN B 228 -21.10 -0.19 -18.73
C GLN B 228 -20.92 -1.02 -19.99
N GLU B 229 -21.96 -1.15 -20.81
CA GLU B 229 -21.82 -1.89 -22.06
C GLU B 229 -20.86 -1.20 -23.02
N LEU B 230 -20.92 0.13 -23.10
CA LEU B 230 -20.03 0.84 -23.99
C LEU B 230 -18.58 0.72 -23.55
N SER B 231 -18.34 0.57 -22.26
CA SER B 231 -16.96 0.35 -21.82
C SER B 231 -16.43 -1.00 -22.28
N LYS B 232 -17.28 -1.89 -22.78
CA LYS B 232 -16.85 -3.11 -23.43
C LYS B 232 -16.72 -2.92 -24.93
N VAL B 233 -17.72 -2.29 -25.55
CA VAL B 233 -17.67 -2.08 -26.99
C VAL B 233 -16.53 -1.13 -27.36
N GLU B 234 -16.44 0.01 -26.67
CA GLU B 234 -15.40 0.99 -26.93
C GLU B 234 -14.26 0.81 -25.93
N ASN B 235 -13.49 -0.26 -26.14
CA ASN B 235 -12.46 -0.63 -25.18
C ASN B 235 -11.28 0.32 -25.16
N GLU B 236 -11.18 1.24 -26.12
CA GLU B 236 -10.10 2.22 -26.07
C GLU B 236 -10.41 3.36 -25.13
N PHE B 237 -11.69 3.72 -24.99
CA PHE B 237 -12.13 4.72 -24.04
C PHE B 237 -12.74 4.09 -22.79
N LYS B 238 -12.54 2.78 -22.61
CA LYS B 238 -13.15 2.01 -21.55
C LYS B 238 -13.15 2.75 -20.22
N ALA B 239 -11.96 3.08 -19.72
CA ALA B 239 -11.81 3.78 -18.45
C ALA B 239 -12.83 4.89 -18.32
N GLU B 240 -12.81 5.81 -19.29
CA GLU B 240 -13.69 6.97 -19.25
C GLU B 240 -15.14 6.55 -19.09
N TYR B 241 -15.60 5.65 -19.96
CA TYR B 241 -16.99 5.20 -19.86
C TYR B 241 -17.26 4.59 -18.50
N GLU B 242 -16.34 3.75 -18.00
CA GLU B 242 -16.55 3.16 -16.69
C GLU B 242 -16.73 4.24 -15.64
N GLU B 243 -15.87 5.26 -15.67
CA GLU B 243 -16.00 6.34 -14.70
C GLU B 243 -17.39 6.95 -14.80
N LEU B 244 -17.82 7.24 -16.01
CA LEU B 244 -19.15 7.80 -16.20
C LEU B 244 -20.19 6.88 -15.59
N SER B 245 -20.11 5.58 -15.90
CA SER B 245 -21.06 4.63 -15.34
C SER B 245 -21.08 4.75 -13.82
N HIS B 246 -19.89 4.75 -13.21
CA HIS B 246 -19.81 4.85 -11.77
C HIS B 246 -20.54 6.08 -11.27
N GLN B 247 -20.30 7.21 -11.94
CA GLN B 247 -20.95 8.45 -11.52
C GLN B 247 -22.46 8.28 -11.47
N CYS B 248 -23.03 7.70 -12.53
CA CYS B 248 -24.47 7.47 -12.56
C CYS B 248 -24.92 6.70 -11.34
N LYS B 249 -24.19 5.63 -11.00
CA LYS B 249 -24.55 4.83 -9.84
C LYS B 249 -24.64 5.70 -8.59
N HIS B 250 -23.60 6.51 -8.33
CA HIS B 250 -23.64 7.35 -7.15
C HIS B 250 -24.82 8.30 -7.18
N PHE B 251 -25.14 8.85 -8.35
CA PHE B 251 -26.33 9.70 -8.42
C PHE B 251 -27.53 8.99 -7.84
N ALA B 252 -27.78 7.76 -8.30
CA ALA B 252 -28.90 6.99 -7.77
C ALA B 252 -28.82 6.90 -6.26
N LYS B 253 -27.67 6.48 -5.74
CA LYS B 253 -27.49 6.39 -4.30
C LYS B 253 -27.78 7.73 -3.65
N ASP B 254 -27.15 8.80 -4.15
CA ASP B 254 -27.32 10.09 -3.51
C ASP B 254 -28.71 10.66 -3.74
N LEU B 255 -29.45 10.14 -4.71
CA LEU B 255 -30.83 10.61 -4.83
C LEU B 255 -31.73 9.87 -3.85
N LEU B 256 -31.32 8.69 -3.42
CA LEU B 256 -32.09 7.92 -2.46
C LEU B 256 -31.73 8.27 -1.02
N ASP B 257 -30.59 8.90 -0.80
CA ASP B 257 -30.21 9.34 0.53
C ASP B 257 -31.00 10.56 0.98
N GLN B 258 -31.74 11.19 0.07
CA GLN B 258 -32.56 12.35 0.36
C GLN B 258 -33.94 11.97 0.86
N THR B 259 -34.15 10.73 1.28
CA THR B 259 -35.43 10.35 1.85
C THR B 259 -35.46 10.64 3.33
N ARG B 260 -36.57 11.22 3.80
CA ARG B 260 -36.70 11.56 5.21
C ARG B 260 -37.75 10.74 5.93
N SER B 261 -38.37 9.77 5.27
CA SER B 261 -39.44 9.02 5.88
C SER B 261 -39.43 7.61 5.32
N SER B 262 -39.86 6.65 6.13
CA SER B 262 -39.92 5.27 5.68
C SER B 262 -41.09 5.03 4.73
N ARG B 263 -42.17 5.79 4.87
CA ARG B 263 -43.29 5.66 3.95
C ARG B 263 -42.91 6.13 2.56
N GLU B 264 -42.21 7.26 2.49
CA GLU B 264 -41.72 7.79 1.22
C GLU B 264 -40.68 6.87 0.59
N LEU B 265 -39.78 6.32 1.40
CA LEU B 265 -38.82 5.36 0.88
C LEU B 265 -39.49 4.08 0.39
N GLU B 266 -40.53 3.65 1.09
CA GLU B 266 -41.30 2.50 0.62
C GLU B 266 -41.99 2.79 -0.70
N LEU B 267 -42.51 4.00 -0.86
CA LEU B 267 -43.06 4.40 -2.16
C LEU B 267 -42.00 4.32 -3.25
N ILE B 268 -40.79 4.80 -2.95
CA ILE B 268 -39.72 4.77 -3.94
C ILE B 268 -39.40 3.33 -4.33
N LEU B 269 -39.31 2.44 -3.34
CA LEU B 269 -38.85 1.08 -3.61
C LEU B 269 -39.96 0.18 -4.15
N ASN B 270 -41.22 0.46 -3.81
CA ASN B 270 -42.35 -0.31 -4.33
C ASN B 270 -43.01 0.48 -5.45
N PHE B 271 -42.38 0.48 -6.61
CA PHE B 271 -42.94 1.18 -7.75
C PHE B 271 -42.86 0.30 -8.99
N ARG B 272 -43.98 0.20 -9.70
CA ARG B 272 -44.07 -0.63 -10.89
C ARG B 272 -44.23 0.23 -12.14
N ASN B 284 -44.02 -9.10 -7.29
CA ASN B 284 -45.08 -8.14 -6.98
C ASN B 284 -44.55 -6.91 -6.25
N GLU B 285 -44.14 -7.10 -5.00
CA GLU B 285 -43.68 -6.00 -4.16
C GLU B 285 -42.18 -5.80 -4.32
N LEU B 286 -41.70 -4.66 -3.83
CA LEU B 286 -40.30 -4.29 -3.88
C LEU B 286 -39.79 -4.26 -5.32
N ALA B 287 -40.64 -3.84 -6.24
CA ALA B 287 -40.34 -3.94 -7.66
C ALA B 287 -39.14 -3.09 -8.05
N ARG B 288 -39.08 -1.87 -7.56
CA ARG B 288 -37.99 -0.98 -7.95
C ARG B 288 -36.66 -1.44 -7.37
N LEU B 289 -36.70 -2.09 -6.21
CA LEU B 289 -35.49 -2.69 -5.67
C LEU B 289 -35.03 -3.88 -6.50
N LYS B 290 -35.96 -4.71 -6.97
CA LYS B 290 -35.57 -5.79 -7.87
C LYS B 290 -34.98 -5.23 -9.15
N LEU B 291 -35.54 -4.13 -9.65
CA LEU B 291 -34.99 -3.49 -10.84
C LEU B 291 -33.57 -2.98 -10.58
N ALA B 292 -33.33 -2.41 -9.41
CA ALA B 292 -31.97 -2.00 -9.06
C ALA B 292 -31.03 -3.20 -9.00
N ILE B 293 -31.50 -4.32 -8.46
CA ILE B 293 -30.70 -5.53 -8.43
C ILE B 293 -30.35 -5.97 -9.83
N LYS B 294 -31.33 -5.92 -10.75
CA LYS B 294 -31.10 -6.38 -12.11
C LYS B 294 -30.10 -5.50 -12.83
N TYR B 295 -30.13 -4.19 -12.60
CA TYR B 295 -29.18 -3.27 -13.21
C TYR B 295 -27.88 -3.16 -12.44
N ARG B 296 -27.71 -3.94 -11.37
CA ARG B 296 -26.45 -4.03 -10.65
C ARG B 296 -26.08 -2.70 -9.99
N GLN B 297 -27.07 -2.07 -9.38
CA GLN B 297 -26.87 -0.79 -8.68
C GLN B 297 -26.49 -1.11 -7.25
N LYS B 298 -25.22 -1.47 -7.07
CA LYS B 298 -24.76 -1.94 -5.76
C LYS B 298 -24.87 -0.86 -4.70
N GLU B 299 -24.51 0.38 -5.05
CA GLU B 299 -24.56 1.47 -4.08
C GLU B 299 -25.99 1.80 -3.69
N PHE B 300 -26.91 1.79 -4.66
CA PHE B 300 -28.30 2.05 -4.37
C PHE B 300 -28.86 0.99 -3.43
N VAL B 301 -28.52 -0.27 -3.67
CA VAL B 301 -29.02 -1.36 -2.84
C VAL B 301 -28.40 -1.29 -1.44
N ALA B 302 -27.10 -1.04 -1.36
CA ALA B 302 -26.38 -1.01 -0.10
C ALA B 302 -26.57 0.28 0.68
N GLN B 303 -27.53 1.11 0.28
CA GLN B 303 -27.84 2.31 1.04
C GLN B 303 -28.39 1.91 2.40
N PRO B 304 -27.99 2.62 3.47
CA PRO B 304 -28.39 2.16 4.82
C PRO B 304 -29.89 2.07 5.03
N ASN B 305 -30.67 2.96 4.42
CA ASN B 305 -32.11 2.93 4.63
C ASN B 305 -32.76 1.77 3.89
N CYS B 306 -32.29 1.49 2.67
CA CYS B 306 -32.71 0.28 1.97
C CYS B 306 -32.45 -0.96 2.81
N GLN B 307 -31.25 -1.07 3.37
CA GLN B 307 -30.93 -2.25 4.15
C GLN B 307 -31.77 -2.33 5.42
N GLN B 308 -32.08 -1.19 6.03
CA GLN B 308 -32.90 -1.20 7.23
C GLN B 308 -34.31 -1.69 6.91
N LEU B 309 -34.89 -1.19 5.82
CA LEU B 309 -36.20 -1.65 5.39
C LEU B 309 -36.18 -3.13 5.04
N LEU B 310 -35.13 -3.56 4.35
CA LEU B 310 -35.01 -4.97 3.96
C LEU B 310 -34.88 -5.87 5.16
N ALA B 311 -34.13 -5.47 6.18
CA ALA B 311 -34.04 -6.29 7.38
C ALA B 311 -35.38 -6.36 8.10
N SER B 312 -36.09 -5.23 8.17
CA SER B 312 -37.43 -5.27 8.75
C SER B 312 -38.32 -6.26 8.01
N ARG B 313 -38.20 -6.34 6.69
CA ARG B 313 -38.96 -7.35 5.95
C ARG B 313 -38.34 -8.73 6.04
N TRP B 314 -37.08 -8.83 6.44
CA TRP B 314 -36.40 -10.10 6.58
C TRP B 314 -36.84 -10.83 7.83
N TYR B 315 -37.19 -10.11 8.89
CA TYR B 315 -37.55 -10.80 10.12
C TYR B 315 -39.06 -11.03 10.27
N ASP B 316 -39.84 -9.95 10.32
CA ASP B 316 -41.31 -9.99 10.23
C ASP B 316 -42.03 -10.60 11.42
N GLU B 317 -41.31 -11.28 12.31
CA GLU B 317 -41.91 -11.77 13.54
C GLU B 317 -40.95 -11.71 14.70
N PHE B 318 -39.79 -11.11 14.52
CA PHE B 318 -38.68 -11.23 15.46
C PHE B 318 -38.22 -9.82 15.84
N PRO B 319 -39.05 -9.08 16.57
CA PRO B 319 -38.57 -7.80 17.11
C PRO B 319 -37.42 -8.06 18.06
N GLY B 320 -36.30 -7.41 17.80
CA GLY B 320 -35.06 -7.79 18.45
C GLY B 320 -34.12 -8.35 17.42
N TRP B 321 -33.35 -9.38 17.80
CA TRP B 321 -32.35 -9.99 16.94
C TRP B 321 -31.19 -9.04 16.70
N ARG B 322 -31.36 -7.79 17.12
CA ARG B 322 -30.29 -6.82 17.23
C ARG B 322 -29.88 -6.59 18.67
N ARG B 323 -30.85 -6.53 19.57
CA ARG B 323 -30.61 -6.43 21.00
C ARG B 323 -30.55 -7.79 21.68
N ARG B 324 -30.74 -8.87 20.95
CA ARG B 324 -30.70 -10.20 21.54
C ARG B 324 -29.28 -10.74 21.57
N HIS B 325 -28.99 -11.53 22.59
CA HIS B 325 -27.66 -12.10 22.75
C HIS B 325 -27.47 -13.29 21.82
N TRP B 326 -26.23 -13.50 21.41
CA TRP B 326 -25.94 -14.53 20.42
C TRP B 326 -26.38 -15.92 20.90
N ALA B 327 -26.42 -16.13 22.22
CA ALA B 327 -26.82 -17.43 22.74
C ALA B 327 -28.27 -17.73 22.40
N GLY B 328 -29.17 -16.79 22.67
CA GLY B 328 -30.57 -17.01 22.35
C GLY B 328 -30.80 -17.14 20.86
N LYS B 329 -30.08 -16.35 20.06
CA LYS B 329 -30.12 -16.51 18.62
C LYS B 329 -29.76 -17.93 18.21
N LEU B 330 -28.63 -18.43 18.69
CA LEU B 330 -28.19 -19.75 18.30
C LEU B 330 -29.21 -20.81 18.72
N ILE B 331 -29.71 -20.71 19.96
CA ILE B 331 -30.67 -21.70 20.44
C ILE B 331 -31.92 -21.69 19.58
N THR B 332 -32.45 -20.51 19.25
CA THR B 332 -33.71 -20.47 18.52
C THR B 332 -33.53 -20.88 17.07
N CYS B 333 -32.39 -20.54 16.44
CA CYS B 333 -32.15 -21.03 15.09
C CYS B 333 -32.03 -22.55 15.06
N VAL B 334 -31.29 -23.13 16.00
CA VAL B 334 -31.22 -24.60 16.05
C VAL B 334 -32.60 -25.19 16.31
N PHE B 335 -33.39 -24.53 17.15
CA PHE B 335 -34.71 -25.01 17.52
C PHE B 335 -35.63 -25.08 16.29
N ILE B 336 -35.71 -23.97 15.55
CA ILE B 336 -36.56 -23.91 14.36
C ILE B 336 -36.02 -24.81 13.25
N GLY B 337 -34.69 -24.86 13.09
CA GLY B 337 -34.13 -25.79 12.14
C GLY B 337 -34.50 -27.23 12.46
N LEU B 338 -34.46 -27.58 13.75
CA LEU B 338 -34.81 -28.93 14.16
C LEU B 338 -36.25 -29.27 13.82
N MET B 339 -37.18 -28.34 14.04
CA MET B 339 -38.54 -28.65 13.60
C MET B 339 -38.89 -28.07 12.24
N PHE B 340 -37.93 -27.90 11.34
CA PHE B 340 -38.28 -27.56 9.97
C PHE B 340 -39.30 -28.51 9.34
N PRO B 341 -39.21 -29.86 9.51
CA PRO B 341 -40.21 -30.71 8.84
C PRO B 341 -41.63 -30.44 9.31
N LEU B 342 -41.82 -30.12 10.60
CA LEU B 342 -43.16 -29.84 11.07
C LEU B 342 -43.70 -28.56 10.46
N LEU B 343 -42.88 -27.50 10.39
CA LEU B 343 -43.32 -26.26 9.77
C LEU B 343 -43.69 -26.48 8.31
N SER B 344 -42.86 -27.24 7.60
CA SER B 344 -43.17 -27.51 6.20
C SER B 344 -44.45 -28.33 6.06
N LEU B 345 -44.66 -29.28 6.96
CA LEU B 345 -45.89 -30.08 6.93
C LEU B 345 -47.12 -29.20 7.15
N CYS B 346 -47.05 -28.29 8.13
CA CYS B 346 -48.18 -27.38 8.35
C CYS B 346 -48.44 -26.52 7.13
N TYR B 347 -47.39 -25.99 6.51
CA TYR B 347 -47.62 -25.22 5.29
C TYR B 347 -48.17 -26.09 4.17
N LEU B 348 -47.88 -27.38 4.17
CA LEU B 348 -48.49 -28.29 3.19
C LEU B 348 -49.99 -28.42 3.41
N VAL B 349 -50.39 -28.70 4.65
CA VAL B 349 -51.77 -29.10 4.88
C VAL B 349 -52.67 -27.90 5.18
N ALA B 350 -52.21 -26.96 6.01
CA ALA B 350 -53.02 -25.83 6.44
C ALA B 350 -52.23 -24.55 6.27
N PRO B 351 -52.05 -24.08 5.03
CA PRO B 351 -51.22 -22.89 4.81
C PRO B 351 -51.97 -21.60 5.10
N LYS B 352 -52.74 -21.58 6.19
CA LYS B 352 -53.37 -20.36 6.67
C LYS B 352 -53.43 -20.26 8.18
N SER B 353 -52.88 -21.25 8.90
CA SER B 353 -53.04 -21.29 10.35
C SER B 353 -52.00 -20.40 11.02
N ARG B 354 -51.98 -20.44 12.35
CA ARG B 354 -50.97 -19.71 13.11
C ARG B 354 -49.59 -20.30 12.97
N TYR B 355 -49.47 -21.51 12.43
CA TYR B 355 -48.19 -22.15 12.18
C TYR B 355 -47.91 -22.37 10.71
N GLY B 356 -48.95 -22.49 9.88
CA GLY B 356 -48.72 -22.61 8.44
C GLY B 356 -48.13 -21.36 7.83
N LEU B 357 -48.44 -20.20 8.40
CA LEU B 357 -47.87 -18.94 7.94
C LEU B 357 -46.52 -18.64 8.56
N PHE B 358 -46.07 -19.46 9.50
CA PHE B 358 -44.84 -19.15 10.22
C PHE B 358 -43.62 -19.37 9.32
N ILE B 359 -43.69 -20.34 8.40
CA ILE B 359 -42.64 -20.55 7.42
C ILE B 359 -42.68 -19.53 6.30
N ARG B 360 -43.77 -18.78 6.17
CA ARG B 360 -43.87 -17.73 5.16
C ARG B 360 -42.92 -16.57 5.45
N LYS B 361 -42.35 -16.51 6.63
CA LYS B 361 -41.49 -15.41 7.02
C LYS B 361 -40.08 -15.65 6.50
N PRO B 362 -39.46 -14.68 5.83
CA PRO B 362 -38.24 -14.96 5.07
C PRO B 362 -37.11 -15.54 5.89
N PHE B 363 -36.91 -15.05 7.11
CA PHE B 363 -35.84 -15.61 7.93
C PHE B 363 -36.16 -17.03 8.37
N ILE B 364 -37.42 -17.29 8.71
CA ILE B 364 -37.79 -18.64 9.12
C ILE B 364 -37.61 -19.62 7.97
N LYS B 365 -38.02 -19.24 6.76
CA LYS B 365 -37.89 -20.19 5.66
C LYS B 365 -36.44 -20.31 5.21
N PHE B 366 -35.63 -19.27 5.41
CA PHE B 366 -34.20 -19.43 5.16
C PHE B 366 -33.59 -20.43 6.13
N ILE B 367 -33.99 -20.36 7.40
CA ILE B 367 -33.54 -21.34 8.38
C ILE B 367 -34.02 -22.74 8.01
N CYS B 368 -35.25 -22.85 7.51
CA CYS B 368 -35.78 -24.17 7.15
C CYS B 368 -35.04 -24.75 5.95
N HIS B 369 -34.77 -23.94 4.92
CA HIS B 369 -34.00 -24.43 3.79
C HIS B 369 -32.58 -24.81 4.21
N THR B 370 -31.96 -24.01 5.07
CA THR B 370 -30.62 -24.37 5.55
C THR B 370 -30.65 -25.67 6.33
N ALA B 371 -31.66 -25.87 7.17
CA ALA B 371 -31.76 -27.11 7.93
C ALA B 371 -31.99 -28.30 7.01
N SER B 372 -32.82 -28.15 5.98
CA SER B 372 -33.03 -29.25 5.06
C SER B 372 -31.75 -29.56 4.29
N TYR B 373 -30.99 -28.53 3.92
CA TYR B 373 -29.72 -28.78 3.24
C TYR B 373 -28.72 -29.48 4.14
N LEU B 374 -28.64 -29.08 5.41
CA LEU B 374 -27.75 -29.77 6.34
C LEU B 374 -28.19 -31.21 6.56
N THR B 375 -29.50 -31.45 6.59
CA THR B 375 -29.99 -32.82 6.67
C THR B 375 -29.55 -33.62 5.45
N PHE B 376 -29.63 -33.01 4.28
CA PHE B 376 -29.17 -33.68 3.06
C PHE B 376 -27.69 -34.02 3.16
N LEU B 377 -26.86 -33.06 3.56
CA LEU B 377 -25.43 -33.31 3.65
C LEU B 377 -25.11 -34.38 4.67
N PHE B 378 -25.81 -34.38 5.80
CA PHE B 378 -25.61 -35.45 6.77
C PHE B 378 -26.03 -36.79 6.20
N LEU B 379 -27.03 -36.81 5.33
CA LEU B 379 -27.40 -38.07 4.68
C LEU B 379 -26.29 -38.55 3.75
N LEU B 380 -25.69 -37.63 2.99
CA LEU B 380 -24.52 -37.97 2.19
C LEU B 380 -23.38 -38.49 3.05
N LEU B 381 -23.19 -37.93 4.24
CA LEU B 381 -22.17 -38.49 5.12
C LEU B 381 -22.51 -39.90 5.55
N LEU B 382 -23.77 -40.16 5.89
CA LEU B 382 -24.16 -41.52 6.24
C LEU B 382 -24.04 -42.48 5.07
N ALA B 383 -24.13 -41.97 3.84
CA ALA B 383 -24.05 -42.85 2.69
C ALA B 383 -22.70 -43.55 2.58
N SER B 384 -21.67 -43.03 3.25
CA SER B 384 -20.33 -43.62 3.20
C SER B 384 -19.95 -44.35 4.47
N GLN B 385 -20.92 -44.79 5.25
CA GLN B 385 -20.67 -45.57 6.46
C GLN B 385 -21.02 -47.02 6.23
N HIS B 386 -20.15 -47.91 6.70
CA HIS B 386 -20.35 -49.34 6.51
C HIS B 386 -21.50 -49.89 7.34
N ILE B 387 -22.05 -49.11 8.27
CA ILE B 387 -23.12 -49.59 9.13
C ILE B 387 -24.49 -49.49 8.47
N VAL B 388 -24.64 -48.65 7.45
CA VAL B 388 -25.93 -48.44 6.81
C VAL B 388 -25.80 -48.59 5.30
N SER B 389 -24.75 -49.28 4.86
CA SER B 389 -24.53 -49.56 3.45
C SER B 389 -24.70 -51.05 3.18
N ASN B 390 -24.67 -51.41 1.90
CA ASN B 390 -24.72 -52.80 1.51
C ASN B 390 -23.29 -53.33 1.34
N ASN B 391 -23.19 -54.61 1.01
CA ASN B 391 -21.86 -55.17 0.83
C ASN B 391 -21.26 -54.76 -0.52
N PRO B 392 -19.93 -54.68 -0.61
CA PRO B 392 -19.31 -54.24 -1.87
C PRO B 392 -19.39 -55.27 -2.98
N ASP B 393 -19.59 -56.54 -2.65
CA ASP B 393 -19.56 -57.60 -3.66
C ASP B 393 -20.95 -57.83 -4.23
N ARG B 394 -21.52 -56.77 -4.78
CA ARG B 394 -22.89 -56.80 -5.26
C ARG B 394 -23.01 -55.85 -6.44
N GLN B 395 -23.06 -56.39 -7.65
CA GLN B 395 -23.36 -55.59 -8.83
C GLN B 395 -24.86 -55.35 -8.88
N GLY B 396 -25.26 -54.14 -9.26
CA GLY B 396 -26.67 -53.80 -9.22
C GLY B 396 -27.15 -53.71 -7.79
N PRO B 397 -26.71 -52.68 -7.09
CA PRO B 397 -26.80 -52.68 -5.62
C PRO B 397 -28.22 -52.74 -5.07
N LYS B 398 -29.25 -52.37 -5.83
CA LYS B 398 -30.61 -52.28 -5.28
C LYS B 398 -30.61 -51.28 -4.13
N PRO B 399 -30.62 -49.98 -4.44
CA PRO B 399 -30.28 -48.94 -3.46
C PRO B 399 -30.84 -49.08 -2.05
N THR B 400 -30.00 -48.76 -1.07
CA THR B 400 -30.30 -48.91 0.34
C THR B 400 -31.26 -47.84 0.83
N THR B 401 -31.56 -47.90 2.14
CA THR B 401 -32.50 -46.96 2.73
C THR B 401 -31.97 -45.52 2.67
N VAL B 402 -30.69 -45.33 2.93
CA VAL B 402 -30.13 -43.97 2.92
C VAL B 402 -30.27 -43.36 1.54
N GLU B 403 -29.98 -44.12 0.48
CA GLU B 403 -30.09 -43.56 -0.86
C GLU B 403 -31.54 -43.25 -1.19
N TRP B 404 -32.47 -44.12 -0.76
CA TRP B 404 -33.89 -43.83 -0.94
C TRP B 404 -34.26 -42.51 -0.29
N MET B 405 -33.82 -42.28 0.94
CA MET B 405 -34.10 -41.01 1.60
C MET B 405 -33.40 -39.85 0.91
N ILE B 406 -32.26 -40.11 0.28
CA ILE B 406 -31.56 -39.06 -0.46
C ILE B 406 -32.37 -38.64 -1.68
N LEU B 407 -33.03 -39.60 -2.32
CA LEU B 407 -33.71 -39.36 -3.59
C LEU B 407 -34.69 -38.18 -3.59
N PRO B 408 -35.58 -38.01 -2.60
CA PRO B 408 -36.45 -36.83 -2.65
C PRO B 408 -35.71 -35.51 -2.63
N TRP B 409 -34.59 -35.42 -1.89
CA TRP B 409 -33.80 -34.20 -1.94
C TRP B 409 -33.25 -33.96 -3.34
N VAL B 410 -32.78 -35.01 -4.01
CA VAL B 410 -32.24 -34.87 -5.36
C VAL B 410 -33.31 -34.38 -6.31
N LEU B 411 -34.49 -34.99 -6.24
CA LEU B 411 -35.58 -34.58 -7.12
C LEU B 411 -36.01 -33.14 -6.83
N GLY B 412 -36.08 -32.77 -5.55
CA GLY B 412 -36.41 -31.40 -5.20
C GLY B 412 -35.38 -30.40 -5.69
N PHE B 413 -34.10 -30.76 -5.60
CA PHE B 413 -33.04 -29.88 -6.09
C PHE B 413 -33.16 -29.69 -7.60
N ILE B 414 -33.41 -30.77 -8.32
CA ILE B 414 -33.56 -30.68 -9.77
C ILE B 414 -34.78 -29.83 -10.12
N TRP B 415 -35.87 -30.02 -9.39
CA TRP B 415 -37.08 -29.24 -9.64
C TRP B 415 -36.85 -27.76 -9.38
N THR B 416 -36.15 -27.44 -8.29
CA THR B 416 -35.83 -26.05 -7.99
C THR B 416 -34.96 -25.44 -9.08
N GLU B 417 -33.97 -26.19 -9.56
CA GLU B 417 -33.12 -25.65 -10.61
C GLU B 417 -33.88 -25.45 -11.90
N ILE B 418 -34.81 -26.36 -12.23
CA ILE B 418 -35.65 -26.19 -13.40
C ILE B 418 -36.50 -24.93 -13.28
N LYS B 419 -37.10 -24.73 -12.11
CA LYS B 419 -37.93 -23.54 -11.92
C LYS B 419 -37.11 -22.27 -12.04
N GLN B 420 -35.90 -22.25 -11.48
CA GLN B 420 -35.04 -21.09 -11.65
C GLN B 420 -34.68 -20.86 -13.11
N MET B 421 -34.36 -21.93 -13.83
CA MET B 421 -34.04 -21.79 -15.25
C MET B 421 -35.23 -21.25 -16.03
N TRP B 422 -36.45 -21.57 -15.61
CA TRP B 422 -37.63 -21.04 -16.29
C TRP B 422 -37.91 -19.60 -15.86
N ASP B 423 -38.23 -19.39 -14.59
CA ASP B 423 -38.62 -18.07 -14.10
C ASP B 423 -37.36 -17.22 -13.90
N GLY B 424 -36.86 -16.67 -14.99
CA GLY B 424 -35.64 -15.88 -14.94
C GLY B 424 -34.79 -16.00 -16.18
N GLY B 425 -35.18 -16.90 -17.08
CA GLY B 425 -34.46 -17.08 -18.31
C GLY B 425 -33.21 -17.92 -18.14
N PHE B 426 -32.41 -17.95 -19.21
CA PHE B 426 -31.19 -18.73 -19.25
C PHE B 426 -29.93 -17.89 -19.29
N GLN B 427 -30.03 -16.59 -19.55
CA GLN B 427 -28.87 -15.72 -19.51
C GLN B 427 -28.59 -15.23 -18.09
N ASP B 428 -29.61 -14.69 -17.42
CA ASP B 428 -29.44 -14.29 -16.02
C ASP B 428 -29.15 -15.50 -15.14
N TYR B 429 -29.63 -16.68 -15.55
CA TYR B 429 -29.46 -17.87 -14.73
C TYR B 429 -27.98 -18.25 -14.62
N ILE B 430 -27.24 -18.18 -15.73
CA ILE B 430 -25.83 -18.59 -15.73
C ILE B 430 -24.90 -17.49 -15.28
N HIS B 431 -25.41 -16.26 -15.08
CA HIS B 431 -24.56 -15.20 -14.56
C HIS B 431 -24.08 -15.52 -13.15
N ASP B 432 -24.87 -16.29 -12.40
CA ASP B 432 -24.47 -16.74 -11.08
C ASP B 432 -23.65 -18.01 -11.22
N TRP B 433 -22.45 -18.03 -10.63
CA TRP B 433 -21.61 -19.21 -10.72
C TRP B 433 -22.13 -20.33 -9.84
N TRP B 434 -22.77 -20.00 -8.72
CA TRP B 434 -23.42 -21.02 -7.91
C TRP B 434 -24.49 -21.75 -8.71
N ASN B 435 -25.12 -21.09 -9.67
CA ASN B 435 -26.11 -21.76 -10.49
C ASN B 435 -25.46 -22.78 -11.43
N LEU B 436 -24.29 -22.44 -11.97
CA LEU B 436 -23.55 -23.41 -12.76
C LEU B 436 -23.14 -24.60 -11.91
N MET B 437 -22.69 -24.34 -10.68
CA MET B 437 -22.33 -25.45 -9.79
C MET B 437 -23.55 -26.32 -9.49
N ASP B 438 -24.71 -25.70 -9.28
CA ASP B 438 -25.93 -26.47 -9.05
C ASP B 438 -26.28 -27.31 -10.26
N PHE B 439 -26.13 -26.76 -11.45
CA PHE B 439 -26.43 -27.52 -12.66
C PHE B 439 -25.52 -28.73 -12.77
N VAL B 440 -24.22 -28.54 -12.52
CA VAL B 440 -23.29 -29.68 -12.56
C VAL B 440 -23.66 -30.72 -11.52
N MET B 441 -23.98 -30.27 -10.30
CA MET B 441 -24.37 -31.18 -9.23
C MET B 441 -25.57 -32.03 -9.62
N ASN B 442 -26.61 -31.38 -10.16
CA ASN B 442 -27.82 -32.13 -10.47
C ASN B 442 -27.63 -33.01 -11.70
N SER B 443 -26.82 -32.57 -12.66
CA SER B 443 -26.46 -33.46 -13.76
C SER B 443 -25.75 -34.70 -13.25
N LEU B 444 -24.85 -34.53 -12.29
CA LEU B 444 -24.12 -35.67 -11.73
C LEU B 444 -25.06 -36.61 -10.98
N TYR B 445 -26.03 -36.06 -10.24
CA TYR B 445 -26.98 -36.93 -9.55
C TYR B 445 -27.90 -37.66 -10.53
N LEU B 446 -28.31 -36.99 -11.61
CA LEU B 446 -29.06 -37.68 -12.65
C LEU B 446 -28.25 -38.82 -13.24
N ALA B 447 -26.97 -38.58 -13.48
CA ALA B 447 -26.10 -39.65 -13.96
C ALA B 447 -26.01 -40.79 -12.96
N THR B 448 -25.95 -40.46 -11.67
CA THR B 448 -25.91 -41.51 -10.65
C THR B 448 -27.17 -42.37 -10.69
N ILE B 449 -28.34 -41.74 -10.76
CA ILE B 449 -29.59 -42.50 -10.81
C ILE B 449 -29.65 -43.36 -12.06
N SER B 450 -29.30 -42.79 -13.21
CA SER B 450 -29.37 -43.54 -14.46
C SER B 450 -28.40 -44.72 -14.44
N LEU B 451 -27.19 -44.52 -13.93
CA LEU B 451 -26.20 -45.59 -13.92
C LEU B 451 -26.59 -46.68 -12.94
N LYS B 452 -27.16 -46.30 -11.79
CA LYS B 452 -27.65 -47.31 -10.86
C LYS B 452 -28.78 -48.12 -11.49
N ILE B 453 -29.69 -47.45 -12.20
CA ILE B 453 -30.78 -48.15 -12.87
C ILE B 453 -30.25 -49.13 -13.91
N VAL B 454 -29.29 -48.66 -14.72
CA VAL B 454 -28.71 -49.51 -15.75
C VAL B 454 -28.03 -50.72 -15.12
N ALA B 455 -27.26 -50.50 -14.06
CA ALA B 455 -26.60 -51.61 -13.39
C ALA B 455 -27.60 -52.58 -12.78
N TYR B 456 -28.76 -52.09 -12.34
CA TYR B 456 -29.73 -53.00 -11.74
C TYR B 456 -30.43 -53.86 -12.77
N VAL B 457 -30.55 -53.39 -14.01
CA VAL B 457 -31.26 -54.12 -15.05
C VAL B 457 -30.31 -54.83 -16.01
N LYS B 458 -29.01 -54.85 -15.71
CA LYS B 458 -28.05 -55.56 -16.53
C LYS B 458 -27.07 -56.40 -15.75
N TYR B 459 -26.91 -56.18 -14.44
CA TYR B 459 -25.97 -56.93 -13.62
C TYR B 459 -26.73 -57.45 -12.40
N SER B 460 -27.39 -58.60 -12.57
CA SER B 460 -28.14 -59.21 -11.49
C SER B 460 -27.30 -60.14 -10.62
N GLY B 461 -26.05 -60.38 -11.00
CA GLY B 461 -25.19 -61.25 -10.22
C GLY B 461 -24.29 -60.50 -9.27
N CYS B 462 -23.75 -61.24 -8.30
CA CYS B 462 -22.85 -60.69 -7.30
C CYS B 462 -21.52 -61.43 -7.35
N LYS B 463 -20.43 -60.69 -7.21
CA LYS B 463 -19.08 -61.23 -7.29
C LYS B 463 -18.13 -60.27 -6.58
N PRO B 464 -16.97 -60.73 -6.15
CA PRO B 464 -16.07 -59.86 -5.40
C PRO B 464 -15.64 -58.64 -6.22
N ARG B 465 -15.48 -57.51 -5.53
CA ARG B 465 -15.23 -56.25 -6.21
C ARG B 465 -13.87 -56.23 -6.89
N ASP B 466 -12.87 -56.88 -6.30
CA ASP B 466 -11.53 -56.87 -6.87
C ASP B 466 -11.51 -57.42 -8.29
N THR B 467 -12.41 -58.36 -8.59
CA THR B 467 -12.47 -58.99 -9.89
C THR B 467 -13.35 -58.25 -10.88
N TRP B 468 -14.01 -57.17 -10.47
CA TRP B 468 -14.86 -56.42 -11.38
C TRP B 468 -14.02 -55.85 -12.50
N GLU B 469 -14.68 -55.47 -13.58
CA GLU B 469 -13.97 -54.88 -14.70
C GLU B 469 -14.11 -53.37 -14.64
N MET B 470 -13.10 -52.69 -15.16
CA MET B 470 -13.13 -51.25 -15.26
C MET B 470 -14.37 -50.81 -16.03
N TRP B 471 -14.80 -49.58 -15.80
CA TRP B 471 -15.93 -48.99 -16.52
C TRP B 471 -17.22 -49.76 -16.25
N HIS B 472 -17.26 -50.48 -15.15
CA HIS B 472 -18.49 -51.11 -14.71
C HIS B 472 -19.50 -50.04 -14.33
N PRO B 473 -20.76 -50.17 -14.75
CA PRO B 473 -21.75 -49.13 -14.41
C PRO B 473 -21.82 -48.80 -12.92
N THR B 474 -21.71 -49.81 -12.05
CA THR B 474 -21.76 -49.53 -10.61
C THR B 474 -20.58 -48.69 -10.17
N LEU B 475 -19.38 -49.01 -10.67
CA LEU B 475 -18.20 -48.25 -10.30
C LEU B 475 -18.31 -46.80 -10.74
N VAL B 476 -18.77 -46.58 -11.97
CA VAL B 476 -18.93 -45.22 -12.46
C VAL B 476 -20.02 -44.51 -11.67
N ALA B 477 -21.05 -45.24 -11.26
CA ALA B 477 -22.09 -44.64 -10.43
C ALA B 477 -21.52 -44.14 -9.11
N GLU B 478 -20.69 -44.95 -8.45
CA GLU B 478 -20.06 -44.50 -7.21
C GLU B 478 -19.16 -43.30 -7.46
N ALA B 479 -18.42 -43.29 -8.56
CA ALA B 479 -17.52 -42.18 -8.84
C ALA B 479 -18.29 -40.88 -9.04
N VAL B 480 -19.31 -40.89 -9.89
CA VAL B 480 -20.06 -39.67 -10.13
C VAL B 480 -20.84 -39.26 -8.88
N PHE B 481 -21.29 -40.21 -8.09
CA PHE B 481 -21.96 -39.87 -6.84
C PHE B 481 -21.01 -39.18 -5.88
N ALA B 482 -19.76 -39.63 -5.82
CA ALA B 482 -18.78 -38.98 -4.95
C ALA B 482 -18.47 -37.56 -5.42
N ILE B 483 -18.33 -37.38 -6.73
CA ILE B 483 -18.09 -36.03 -7.25
C ILE B 483 -19.28 -35.12 -6.91
N ALA B 484 -20.50 -35.64 -7.08
CA ALA B 484 -21.68 -34.87 -6.73
C ALA B 484 -21.72 -34.57 -5.24
N ASN B 485 -21.23 -35.49 -4.40
CA ASN B 485 -21.14 -35.21 -2.97
C ASN B 485 -20.23 -34.03 -2.69
N ILE B 486 -19.09 -33.96 -3.38
CA ILE B 486 -18.21 -32.82 -3.18
C ILE B 486 -18.91 -31.52 -3.58
N PHE B 487 -19.58 -31.52 -4.73
CA PHE B 487 -20.25 -30.30 -5.15
C PHE B 487 -21.39 -29.91 -4.21
N SER B 488 -22.14 -30.89 -3.72
CA SER B 488 -23.21 -30.62 -2.77
C SER B 488 -22.66 -30.01 -1.50
N SER B 489 -21.55 -30.53 -1.00
CA SER B 489 -20.99 -30.00 0.23
C SER B 489 -20.33 -28.65 0.03
N LEU B 490 -19.86 -28.34 -1.18
CA LEU B 490 -19.36 -27.01 -1.45
C LEU B 490 -20.46 -25.99 -1.65
N ARG B 491 -21.67 -26.44 -2.02
CA ARG B 491 -22.81 -25.54 -2.11
C ARG B 491 -23.19 -24.96 -0.75
N LEU B 492 -22.48 -25.36 0.30
CA LEU B 492 -22.72 -24.85 1.64
C LEU B 492 -21.97 -23.56 1.94
N ILE B 493 -21.04 -23.15 1.08
CA ILE B 493 -20.31 -21.92 1.32
C ILE B 493 -21.13 -20.70 0.90
N SER B 494 -22.09 -20.89 -0.01
CA SER B 494 -22.94 -19.77 -0.41
C SER B 494 -23.85 -19.29 0.70
N LEU B 495 -24.09 -20.11 1.72
CA LEU B 495 -24.93 -19.68 2.83
C LEU B 495 -24.17 -18.84 3.83
N PHE B 496 -23.02 -18.30 3.47
CA PHE B 496 -22.33 -17.37 4.32
C PHE B 496 -22.45 -15.92 3.90
N THR B 497 -23.06 -15.64 2.75
CA THR B 497 -23.40 -14.25 2.49
C THR B 497 -24.39 -13.75 3.51
N ALA B 498 -25.12 -14.65 4.16
CA ALA B 498 -26.08 -14.28 5.19
C ALA B 498 -25.41 -13.85 6.49
N ASN B 499 -24.13 -14.18 6.67
CA ASN B 499 -23.41 -13.91 7.90
C ASN B 499 -22.56 -12.66 7.73
N SER B 500 -22.61 -11.77 8.73
CA SER B 500 -21.90 -10.51 8.64
C SER B 500 -20.40 -10.65 8.87
N HIS B 501 -19.94 -11.81 9.32
CA HIS B 501 -18.53 -12.04 9.58
C HIS B 501 -17.85 -12.82 8.47
N LEU B 502 -18.48 -13.90 8.01
CA LEU B 502 -17.98 -14.71 6.92
C LEU B 502 -18.49 -14.26 5.56
N GLY B 503 -19.40 -13.30 5.52
CA GLY B 503 -19.98 -12.85 4.28
C GLY B 503 -19.06 -12.02 3.44
N PRO B 504 -18.56 -10.90 3.97
CA PRO B 504 -17.64 -10.08 3.18
C PRO B 504 -16.42 -10.84 2.75
N LEU B 505 -15.91 -11.72 3.62
CA LEU B 505 -14.77 -12.55 3.27
C LEU B 505 -15.08 -13.49 2.13
N GLN B 506 -16.19 -14.20 2.21
CA GLN B 506 -16.54 -15.15 1.16
C GLN B 506 -16.76 -14.44 -0.17
N ILE B 507 -17.41 -13.28 -0.14
CA ILE B 507 -17.62 -12.51 -1.37
C ILE B 507 -16.29 -12.06 -1.95
N SER B 508 -15.39 -11.56 -1.11
CA SER B 508 -14.09 -11.10 -1.62
C SER B 508 -13.28 -12.25 -2.18
N LEU B 509 -13.28 -13.41 -1.51
CA LEU B 509 -12.57 -14.56 -2.06
C LEU B 509 -13.15 -14.96 -3.41
N GLY B 510 -14.47 -14.93 -3.54
CA GLY B 510 -15.07 -15.16 -4.85
C GLY B 510 -14.66 -14.12 -5.87
N ARG B 511 -14.34 -12.91 -5.43
CA ARG B 511 -13.94 -11.86 -6.37
C ARG B 511 -12.49 -11.95 -6.80
N MET B 512 -11.67 -12.75 -6.14
CA MET B 512 -10.29 -12.95 -6.56
C MET B 512 -10.12 -14.07 -7.57
N LEU B 513 -11.17 -14.86 -7.81
CA LEU B 513 -11.02 -16.07 -8.60
C LEU B 513 -10.60 -15.78 -10.03
N LEU B 514 -11.09 -14.69 -10.62
CA LEU B 514 -10.79 -14.45 -12.03
C LEU B 514 -9.30 -14.27 -12.28
N ASP B 515 -8.61 -13.57 -11.39
CA ASP B 515 -7.16 -13.46 -11.51
C ASP B 515 -6.49 -14.82 -11.36
N ILE B 516 -7.01 -15.65 -10.45
CA ILE B 516 -6.49 -17.01 -10.32
C ILE B 516 -6.64 -17.76 -11.63
N LEU B 517 -7.80 -17.63 -12.28
CA LEU B 517 -8.01 -18.34 -13.55
C LEU B 517 -7.05 -17.87 -14.64
N LYS B 518 -6.83 -16.56 -14.77
CA LYS B 518 -5.87 -16.10 -15.77
C LYS B 518 -4.48 -16.63 -15.47
N PHE B 519 -4.08 -16.56 -14.21
CA PHE B 519 -2.76 -17.06 -13.84
C PHE B 519 -2.65 -18.55 -14.09
N LEU B 520 -3.71 -19.30 -13.81
CA LEU B 520 -3.67 -20.75 -14.01
C LEU B 520 -3.66 -21.09 -15.49
N PHE B 521 -4.21 -20.24 -16.35
CA PHE B 521 -4.07 -20.47 -17.78
C PHE B 521 -2.61 -20.33 -18.21
N ILE B 522 -1.94 -19.29 -17.73
CA ILE B 522 -0.51 -19.15 -18.00
C ILE B 522 0.26 -20.35 -17.46
N TYR B 523 -0.08 -20.80 -16.26
CA TYR B 523 0.62 -21.94 -15.69
C TYR B 523 0.38 -23.19 -16.51
N CYS B 524 -0.85 -23.37 -17.02
CA CYS B 524 -1.11 -24.53 -17.86
C CYS B 524 -0.26 -24.51 -19.11
N LEU B 525 -0.02 -23.34 -19.68
CA LEU B 525 0.90 -23.29 -20.82
C LEU B 525 2.31 -23.69 -20.43
N VAL B 526 2.80 -23.19 -19.29
CA VAL B 526 4.13 -23.57 -18.83
C VAL B 526 4.21 -25.07 -18.62
N LEU B 527 3.18 -25.63 -17.98
CA LEU B 527 3.07 -27.06 -17.75
C LEU B 527 3.13 -27.85 -19.05
N LEU B 528 2.37 -27.40 -20.05
CA LEU B 528 2.35 -28.10 -21.32
C LEU B 528 3.72 -28.05 -22.00
N ALA B 529 4.39 -26.90 -21.91
CA ALA B 529 5.72 -26.79 -22.50
C ALA B 529 6.68 -27.80 -21.88
N PHE B 530 6.78 -27.81 -20.55
CA PHE B 530 7.72 -28.73 -19.92
C PHE B 530 7.28 -30.17 -20.05
N ALA B 531 5.98 -30.44 -20.13
CA ALA B 531 5.52 -31.80 -20.36
C ALA B 531 5.95 -32.29 -21.73
N ASN B 532 5.77 -31.44 -22.75
CA ASN B 532 6.23 -31.78 -24.08
C ASN B 532 7.72 -32.10 -24.09
N GLY B 533 8.53 -31.24 -23.46
CA GLY B 533 9.95 -31.49 -23.44
C GLY B 533 10.34 -32.77 -22.70
N LEU B 534 9.80 -32.95 -21.51
CA LEU B 534 10.17 -34.11 -20.69
C LEU B 534 9.71 -35.40 -21.35
N ASN B 535 8.50 -35.42 -21.90
CA ASN B 535 8.05 -36.60 -22.61
C ASN B 535 8.95 -36.89 -23.81
N GLN B 536 9.33 -35.85 -24.56
CA GLN B 536 10.21 -36.07 -25.69
C GLN B 536 11.54 -36.69 -25.25
N LEU B 537 12.04 -36.27 -24.09
CA LEU B 537 13.30 -36.84 -23.61
C LEU B 537 13.15 -38.28 -23.16
N TYR B 538 12.04 -38.61 -22.51
CA TYR B 538 11.96 -39.84 -21.72
C TYR B 538 11.14 -40.95 -22.36
N PHE B 539 10.52 -40.74 -23.52
CA PHE B 539 9.58 -41.73 -24.01
C PHE B 539 10.26 -42.94 -24.63
N TYR B 540 11.58 -42.91 -24.80
CA TYR B 540 12.27 -44.07 -25.34
C TYR B 540 12.57 -45.12 -24.28
N TYR B 541 12.48 -44.77 -23.00
CA TYR B 541 12.81 -45.69 -21.93
C TYR B 541 11.59 -46.20 -21.18
N GLU B 542 10.42 -46.15 -21.81
CA GLU B 542 9.22 -46.70 -21.18
C GLU B 542 9.46 -48.17 -20.84
N ASN B 543 9.08 -48.54 -19.63
CA ASN B 543 9.43 -49.84 -19.07
C ASN B 543 8.19 -50.53 -18.53
N SER B 544 8.09 -51.81 -18.75
CA SER B 544 6.98 -52.60 -18.22
C SER B 544 7.45 -53.80 -17.41
N GLU B 545 8.51 -54.46 -17.85
CA GLU B 545 8.95 -55.69 -17.19
C GLU B 545 9.31 -55.43 -15.74
N GLY B 546 8.98 -56.38 -14.88
CA GLY B 546 9.22 -56.21 -13.46
C GLY B 546 8.01 -55.70 -12.72
N MET B 547 7.93 -54.39 -12.54
CA MET B 547 6.87 -53.76 -11.77
C MET B 547 5.50 -54.23 -12.23
N THR B 548 4.55 -54.23 -11.29
CA THR B 548 3.17 -54.57 -11.59
C THR B 548 2.22 -53.38 -11.54
N CYS B 549 2.62 -52.29 -10.90
CA CYS B 549 1.89 -51.04 -10.94
C CYS B 549 2.79 -49.99 -11.59
N LYS B 550 2.30 -49.35 -12.64
CA LYS B 550 3.11 -48.41 -13.41
C LYS B 550 2.53 -47.00 -13.29
N GLY B 551 3.41 -46.04 -13.06
CA GLY B 551 3.04 -44.64 -12.96
C GLY B 551 3.71 -44.00 -11.76
N ILE B 552 3.17 -42.87 -11.34
CA ILE B 552 3.67 -42.18 -10.15
C ILE B 552 2.83 -42.49 -8.91
N ARG B 553 1.63 -43.00 -9.09
CA ARG B 553 0.79 -43.40 -7.97
C ARG B 553 1.15 -44.81 -7.56
N CYS B 554 2.38 -45.02 -7.13
CA CYS B 554 2.80 -46.32 -6.61
C CYS B 554 3.96 -46.11 -5.67
N GLU B 555 4.21 -47.09 -4.79
CA GLU B 555 5.23 -46.94 -3.77
C GLU B 555 6.58 -46.57 -4.38
N ARG B 556 7.03 -47.35 -5.36
CA ARG B 556 8.25 -47.06 -6.10
C ARG B 556 7.81 -46.39 -7.38
N GLN B 557 7.98 -45.08 -7.45
CA GLN B 557 7.45 -44.26 -8.53
C GLN B 557 8.24 -44.57 -9.81
N ASN B 558 7.69 -45.45 -10.62
CA ASN B 558 8.29 -45.80 -11.90
C ASN B 558 7.79 -44.79 -12.93
N ASN B 559 7.80 -45.17 -14.21
CA ASN B 559 7.73 -44.27 -15.36
C ASN B 559 6.88 -43.05 -15.09
N ALA B 560 7.50 -41.89 -15.15
CA ALA B 560 6.85 -40.64 -14.79
C ALA B 560 6.77 -39.67 -15.94
N PHE B 561 7.59 -39.85 -16.97
CA PHE B 561 7.58 -39.01 -18.15
C PHE B 561 7.52 -39.85 -19.41
N SER B 562 7.01 -41.07 -19.33
CA SER B 562 7.01 -42.00 -20.45
C SER B 562 5.80 -41.86 -21.35
N THR B 563 4.73 -41.22 -20.89
CA THR B 563 3.60 -40.86 -21.72
C THR B 563 3.22 -39.43 -21.40
N LEU B 564 2.53 -38.78 -22.35
CA LEU B 564 2.20 -37.37 -22.17
C LEU B 564 1.25 -37.18 -21.00
N PHE B 565 0.28 -38.07 -20.84
CA PHE B 565 -0.63 -37.99 -19.70
C PHE B 565 0.11 -38.19 -18.40
N GLU B 566 0.98 -39.18 -18.35
CA GLU B 566 1.75 -39.44 -17.13
C GLU B 566 2.71 -38.29 -16.85
N THR B 567 3.28 -37.69 -17.90
CA THR B 567 4.12 -36.51 -17.71
C THR B 567 3.33 -35.36 -17.13
N LEU B 568 2.10 -35.16 -17.62
CA LEU B 568 1.27 -34.09 -17.10
C LEU B 568 0.97 -34.30 -15.63
N GLN B 569 0.64 -35.54 -15.24
CA GLN B 569 0.43 -35.81 -13.82
C GLN B 569 1.69 -35.61 -13.00
N SER B 570 2.83 -36.06 -13.51
CA SER B 570 4.08 -35.90 -12.78
C SER B 570 4.40 -34.44 -12.54
N LEU B 571 4.25 -33.61 -13.56
CA LEU B 571 4.54 -32.20 -13.40
C LEU B 571 3.49 -31.50 -12.56
N PHE B 572 2.25 -31.99 -12.55
CA PHE B 572 1.27 -31.43 -11.63
C PHE B 572 1.61 -31.75 -10.18
N TRP B 573 1.91 -33.00 -9.87
CA TRP B 573 2.18 -33.37 -8.50
C TRP B 573 3.55 -32.92 -8.04
N SER B 574 4.41 -32.53 -8.97
CA SER B 574 5.71 -32.00 -8.61
C SER B 574 5.59 -30.71 -7.82
N ILE B 575 4.52 -29.95 -8.02
CA ILE B 575 4.38 -28.65 -7.35
C ILE B 575 3.93 -28.79 -5.91
N PHE B 576 3.61 -30.00 -5.46
CA PHE B 576 3.36 -30.25 -4.05
C PHE B 576 4.40 -31.16 -3.43
N GLY B 577 5.48 -31.44 -4.14
CA GLY B 577 6.55 -32.24 -3.62
C GLY B 577 6.23 -33.71 -3.48
N LEU B 578 5.26 -34.20 -4.23
CA LEU B 578 4.84 -35.59 -4.13
C LEU B 578 5.49 -36.47 -5.16
N ILE B 579 6.38 -35.93 -5.99
CA ILE B 579 7.11 -36.70 -6.97
C ILE B 579 8.56 -36.78 -6.49
N SER B 580 9.09 -37.99 -6.37
CA SER B 580 10.43 -38.16 -5.87
C SER B 580 11.44 -37.78 -6.94
N LEU B 581 12.70 -37.67 -6.52
CA LEU B 581 13.75 -37.25 -7.42
C LEU B 581 14.29 -38.36 -8.29
N TYR B 582 14.02 -39.61 -7.97
CA TYR B 582 14.56 -40.75 -8.69
C TYR B 582 13.72 -41.15 -9.88
N VAL B 583 12.64 -40.41 -10.17
CA VAL B 583 11.86 -40.67 -11.38
C VAL B 583 12.55 -40.13 -12.62
N THR B 584 13.57 -39.30 -12.45
CA THR B 584 14.32 -38.77 -13.56
C THR B 584 15.41 -39.72 -14.05
N ASN B 585 15.54 -40.88 -13.43
CA ASN B 585 16.51 -41.89 -13.83
C ASN B 585 15.89 -42.86 -14.83
N VAL B 586 16.76 -43.55 -15.56
CA VAL B 586 16.37 -44.61 -16.46
C VAL B 586 17.13 -45.87 -16.08
N LYS B 587 16.72 -47.00 -16.68
CA LYS B 587 17.38 -48.28 -16.44
C LYS B 587 18.67 -48.44 -17.22
N ALA B 588 19.25 -47.35 -17.72
CA ALA B 588 20.50 -47.39 -18.44
C ALA B 588 21.51 -46.49 -17.73
N ASP B 589 22.75 -46.54 -18.19
CA ASP B 589 23.83 -45.75 -17.63
C ASP B 589 23.93 -44.37 -18.26
N HIS B 590 22.85 -43.89 -18.88
CA HIS B 590 22.88 -42.65 -19.66
C HIS B 590 22.77 -41.47 -18.70
N LYS B 591 23.90 -41.10 -18.10
CA LYS B 591 23.90 -40.00 -17.15
C LYS B 591 23.62 -38.67 -17.83
N PHE B 592 23.90 -38.54 -19.12
CA PHE B 592 23.64 -37.28 -19.79
C PHE B 592 22.14 -37.03 -19.94
N THR B 593 21.40 -38.03 -20.41
CA THR B 593 19.95 -37.85 -20.56
C THR B 593 19.29 -37.68 -19.20
N GLU B 594 19.74 -38.42 -18.19
CA GLU B 594 19.21 -38.24 -16.85
C GLU B 594 19.49 -36.85 -16.32
N PHE B 595 20.69 -36.33 -16.57
CA PHE B 595 20.99 -34.98 -16.10
C PHE B 595 20.15 -33.95 -16.83
N VAL B 596 19.96 -34.11 -18.14
CA VAL B 596 19.14 -33.17 -18.87
C VAL B 596 17.70 -33.23 -18.39
N GLY B 597 17.19 -34.42 -18.12
CA GLY B 597 15.84 -34.55 -17.61
C GLY B 597 15.69 -33.95 -16.23
N ALA B 598 16.67 -34.17 -15.36
CA ALA B 598 16.64 -33.56 -14.04
C ALA B 598 16.73 -32.05 -14.13
N THR B 599 17.41 -31.53 -15.15
CA THR B 599 17.47 -30.08 -15.33
C THR B 599 16.15 -29.51 -15.86
N MET B 600 15.49 -30.21 -16.78
CA MET B 600 14.14 -29.81 -17.15
C MET B 600 13.22 -29.81 -15.95
N PHE B 601 13.28 -30.86 -15.14
CA PHE B 601 12.43 -30.97 -13.97
C PHE B 601 12.74 -29.87 -12.96
N GLY B 602 14.03 -29.59 -12.74
CA GLY B 602 14.41 -28.55 -11.81
C GLY B 602 14.04 -27.16 -12.30
N THR B 603 14.18 -26.91 -13.59
CA THR B 603 13.76 -25.63 -14.14
C THR B 603 12.26 -25.48 -14.04
N TYR B 604 11.51 -26.56 -14.20
CA TYR B 604 10.07 -26.46 -14.04
C TYR B 604 9.69 -26.15 -12.61
N ASN B 605 10.39 -26.77 -11.64
CA ASN B 605 10.12 -26.45 -10.25
C ASN B 605 10.51 -25.01 -9.91
N VAL B 606 11.61 -24.52 -10.44
CA VAL B 606 11.97 -23.12 -10.20
C VAL B 606 10.92 -22.19 -10.80
N ILE B 607 10.51 -22.45 -12.03
CA ILE B 607 9.54 -21.57 -12.67
C ILE B 607 8.21 -21.59 -11.93
N SER B 608 7.76 -22.76 -11.52
CA SER B 608 6.41 -22.87 -10.97
C SER B 608 6.34 -22.62 -9.47
N LEU B 609 7.29 -23.12 -8.69
CA LEU B 609 7.19 -23.08 -7.24
C LEU B 609 7.83 -21.86 -6.61
N VAL B 610 8.85 -21.27 -7.23
CA VAL B 610 9.50 -20.10 -6.65
C VAL B 610 9.42 -18.89 -7.56
N VAL B 611 8.74 -18.98 -8.69
CA VAL B 611 8.58 -17.81 -9.54
C VAL B 611 7.09 -17.55 -9.75
N LEU B 612 6.39 -18.48 -10.40
CA LEU B 612 4.98 -18.26 -10.69
C LEU B 612 4.15 -18.19 -9.43
N LEU B 613 4.40 -19.08 -8.47
CA LEU B 613 3.59 -19.08 -7.26
C LEU B 613 3.69 -17.74 -6.53
N ASN B 614 4.91 -17.20 -6.43
CA ASN B 614 5.07 -15.90 -5.78
C ASN B 614 4.48 -14.77 -6.60
N MET B 615 4.52 -14.87 -7.93
CA MET B 615 3.82 -13.88 -8.76
C MET B 615 2.32 -13.93 -8.51
N LEU B 616 1.78 -15.13 -8.30
CA LEU B 616 0.37 -15.28 -7.93
C LEU B 616 0.09 -14.61 -6.60
N ILE B 617 0.97 -14.79 -5.62
CA ILE B 617 0.80 -14.11 -4.34
C ILE B 617 0.79 -12.60 -4.53
N ALA B 618 1.71 -12.08 -5.35
CA ALA B 618 1.77 -10.64 -5.59
C ALA B 618 0.51 -10.12 -6.27
N MET B 619 0.02 -10.82 -7.30
CA MET B 619 -1.18 -10.36 -7.98
C MET B 619 -2.38 -10.43 -7.04
N MET B 620 -2.47 -11.47 -6.22
CA MET B 620 -3.55 -11.58 -5.27
C MET B 620 -3.52 -10.44 -4.26
N ASN B 621 -2.33 -10.06 -3.81
CA ASN B 621 -2.22 -8.94 -2.88
C ASN B 621 -2.69 -7.66 -3.51
N ASN B 622 -2.29 -7.40 -4.74
CA ASN B 622 -2.80 -6.21 -5.43
C ASN B 622 -4.30 -6.26 -5.59
N SER B 623 -4.84 -7.42 -5.96
CA SER B 623 -6.29 -7.54 -6.10
C SER B 623 -6.99 -7.26 -4.78
N TYR B 624 -6.54 -7.88 -3.70
CA TYR B 624 -7.21 -7.75 -2.42
C TYR B 624 -7.09 -6.35 -1.84
N GLN B 625 -6.06 -5.59 -2.22
CA GLN B 625 -6.04 -4.20 -1.80
C GLN B 625 -7.30 -3.48 -2.24
N HIS B 626 -7.65 -3.59 -3.52
CA HIS B 626 -8.84 -2.91 -4.03
C HIS B 626 -10.13 -3.60 -3.60
N ILE B 627 -10.15 -4.92 -3.66
CA ILE B 627 -11.38 -5.67 -3.40
C ILE B 627 -11.89 -5.40 -1.99
N ALA B 628 -10.99 -5.31 -1.03
CA ALA B 628 -11.42 -5.07 0.35
C ALA B 628 -11.94 -3.66 0.56
N ASP B 629 -11.72 -2.73 -0.36
CA ASP B 629 -12.34 -1.41 -0.23
C ASP B 629 -13.85 -1.50 -0.42
N HIS B 630 -14.29 -2.13 -1.50
CA HIS B 630 -15.72 -2.36 -1.69
C HIS B 630 -16.14 -3.72 -1.15
N ALA B 631 -15.76 -4.02 0.08
CA ALA B 631 -16.13 -5.32 0.64
C ALA B 631 -17.55 -5.29 1.18
N ASP B 632 -17.87 -4.27 2.00
CA ASP B 632 -19.21 -4.18 2.56
C ASP B 632 -20.25 -3.93 1.48
N ILE B 633 -19.96 -3.08 0.50
CA ILE B 633 -20.94 -2.79 -0.54
C ILE B 633 -21.29 -4.05 -1.33
N GLU B 634 -20.26 -4.77 -1.78
CA GLU B 634 -20.50 -6.00 -2.53
C GLU B 634 -21.16 -7.06 -1.67
N TRP B 635 -20.74 -7.18 -0.41
CA TRP B 635 -21.36 -8.21 0.41
C TRP B 635 -22.81 -7.89 0.66
N LYS B 636 -23.15 -6.62 0.87
CA LYS B 636 -24.53 -6.24 1.10
C LYS B 636 -25.37 -6.43 -0.15
N PHE B 637 -24.79 -6.20 -1.32
CA PHE B 637 -25.48 -6.56 -2.55
C PHE B 637 -25.78 -8.05 -2.60
N ALA B 638 -24.78 -8.88 -2.29
CA ALA B 638 -24.98 -10.32 -2.32
C ALA B 638 -26.00 -10.78 -1.29
N ARG B 639 -25.94 -10.20 -0.08
CA ARG B 639 -26.90 -10.55 0.96
C ARG B 639 -28.29 -10.07 0.61
N THR B 640 -28.41 -8.93 -0.07
CA THR B 640 -29.72 -8.51 -0.57
C THR B 640 -30.27 -9.50 -1.58
N LYS B 641 -29.44 -9.98 -2.50
CA LYS B 641 -29.91 -10.99 -3.44
C LYS B 641 -30.38 -12.24 -2.70
N LEU B 642 -29.57 -12.73 -1.76
CA LEU B 642 -29.95 -13.92 -1.01
C LEU B 642 -31.26 -13.69 -0.25
N TRP B 643 -31.36 -12.56 0.46
CA TRP B 643 -32.56 -12.25 1.22
C TRP B 643 -33.77 -12.19 0.32
N MET B 644 -33.65 -11.49 -0.80
CA MET B 644 -34.79 -11.24 -1.67
C MET B 644 -35.26 -12.53 -2.32
N SER B 645 -34.36 -13.49 -2.48
CA SER B 645 -34.77 -14.80 -2.96
C SER B 645 -35.72 -15.53 -2.01
N TYR B 646 -35.84 -15.08 -0.77
CA TYR B 646 -36.75 -15.70 0.20
C TYR B 646 -37.95 -14.84 0.53
N PHE B 647 -38.22 -13.80 -0.24
CA PHE B 647 -39.37 -12.94 0.00
C PHE B 647 -40.63 -13.40 -0.71
N GLU B 648 -40.50 -14.22 -1.74
CA GLU B 648 -41.65 -14.61 -2.56
C GLU B 648 -42.43 -15.75 -1.91
N GLU B 649 -43.66 -15.92 -2.38
CA GLU B 649 -44.46 -17.07 -1.97
C GLU B 649 -44.01 -18.34 -2.68
N GLY B 650 -43.56 -18.24 -3.93
CA GLY B 650 -43.02 -19.39 -4.61
C GLY B 650 -41.69 -19.83 -4.02
N GLY B 651 -41.45 -21.13 -4.07
CA GLY B 651 -40.24 -21.67 -3.46
C GLY B 651 -40.20 -21.52 -1.96
N THR B 652 -41.30 -21.83 -1.29
CA THR B 652 -41.36 -21.73 0.17
C THR B 652 -40.99 -23.04 0.86
N LEU B 653 -41.41 -24.16 0.31
CA LEU B 653 -41.10 -25.42 0.95
C LEU B 653 -39.69 -25.88 0.59
N PRO B 654 -39.00 -26.52 1.53
CA PRO B 654 -37.67 -27.05 1.25
C PRO B 654 -37.75 -28.23 0.30
N PRO B 655 -36.62 -28.62 -0.30
CA PRO B 655 -36.64 -29.60 -1.41
C PRO B 655 -37.27 -30.93 -1.06
N PRO B 656 -37.04 -31.51 0.11
CA PRO B 656 -37.72 -32.80 0.39
C PRO B 656 -39.22 -32.70 0.28
N PHE B 657 -39.80 -31.59 0.73
CA PHE B 657 -41.22 -31.31 0.64
C PHE B 657 -41.59 -30.52 -0.60
N ASN B 658 -40.61 -30.08 -1.36
CA ASN B 658 -40.87 -29.35 -2.61
C ASN B 658 -41.66 -30.23 -3.58
N ILE B 659 -41.29 -31.50 -3.67
CA ILE B 659 -41.99 -32.44 -4.57
C ILE B 659 -43.09 -33.09 -3.76
N ILE B 660 -44.20 -32.36 -3.63
CA ILE B 660 -45.40 -32.92 -3.03
C ILE B 660 -46.58 -32.45 -3.88
N PRO B 661 -47.41 -33.36 -4.38
CA PRO B 661 -48.62 -32.95 -5.09
C PRO B 661 -49.44 -31.94 -4.29
N SER B 662 -49.56 -30.72 -4.82
CA SER B 662 -50.25 -29.61 -4.17
C SER B 662 -51.74 -29.96 -4.01
N PRO B 663 -52.52 -29.14 -3.28
CA PRO B 663 -53.97 -29.38 -3.19
C PRO B 663 -54.60 -29.73 -4.53
N LYS B 664 -54.27 -28.98 -5.58
CA LYS B 664 -54.72 -29.35 -6.93
C LYS B 664 -53.78 -30.37 -7.55
N SER B 665 -52.53 -29.99 -7.79
CA SER B 665 -51.45 -30.86 -8.26
C SER B 665 -51.67 -31.35 -9.68
N ILE B 666 -52.87 -31.14 -10.22
CA ILE B 666 -53.15 -31.50 -11.61
C ILE B 666 -53.75 -30.31 -12.34
N CYS B 667 -54.28 -29.35 -11.58
CA CYS B 667 -54.94 -28.21 -12.18
C CYS B 667 -53.95 -27.25 -12.82
N TYR B 668 -52.87 -26.92 -12.13
CA TYR B 668 -51.83 -26.10 -12.74
C TYR B 668 -50.85 -26.96 -13.53
N LEU B 669 -50.97 -28.28 -13.45
CA LEU B 669 -50.16 -29.14 -14.29
C LEU B 669 -50.80 -29.39 -15.65
N ILE B 670 -52.10 -29.71 -15.68
CA ILE B 670 -52.78 -29.94 -16.95
C ILE B 670 -52.96 -28.62 -17.70
N THR B 671 -53.38 -27.57 -17.00
CA THR B 671 -53.70 -26.31 -17.65
C THR B 671 -52.47 -25.56 -18.14
N TRP B 672 -51.32 -25.76 -17.48
CA TRP B 672 -50.10 -25.07 -17.90
C TRP B 672 -49.72 -25.42 -19.33
N ILE B 673 -49.90 -26.69 -19.71
CA ILE B 673 -49.54 -27.14 -21.05
C ILE B 673 -50.63 -26.84 -22.06
N LYS B 674 -51.86 -26.58 -21.60
CA LYS B 674 -52.98 -26.31 -22.51
C LYS B 674 -52.87 -24.91 -23.10
N VAL B 675 -51.85 -24.71 -23.93
CA VAL B 675 -51.62 -23.47 -24.63
C VAL B 675 -51.45 -23.69 -26.13
N HIS B 676 -50.49 -24.54 -26.52
CA HIS B 676 -50.16 -24.79 -27.92
C HIS B 676 -50.15 -23.53 -28.77
N ARG B 694 -60.01 -1.15 -15.38
CA ARG B 694 -60.67 -0.30 -14.40
C ARG B 694 -59.83 -0.15 -13.14
N ALA B 695 -58.52 0.07 -13.33
CA ALA B 695 -57.57 0.21 -12.24
C ALA B 695 -57.20 1.70 -12.13
N ALA B 696 -58.00 2.44 -11.37
CA ALA B 696 -57.72 3.85 -11.13
C ALA B 696 -56.66 4.06 -10.06
N GLU B 697 -56.30 3.02 -9.30
CA GLU B 697 -55.22 3.13 -8.33
C GLU B 697 -53.87 3.34 -9.01
N ASN B 698 -53.73 2.90 -10.26
CA ASN B 698 -52.44 3.05 -10.95
C ASN B 698 -52.06 4.51 -11.12
N VAL B 699 -53.00 5.33 -11.60
CA VAL B 699 -52.73 6.75 -11.80
C VAL B 699 -52.46 7.44 -10.47
N ARG B 700 -53.22 7.09 -9.43
CA ARG B 700 -53.00 7.69 -8.12
C ARG B 700 -51.62 7.36 -7.58
N LEU B 701 -51.22 6.09 -7.69
CA LEU B 701 -49.87 5.69 -7.30
C LEU B 701 -48.83 6.47 -8.07
N ASN B 702 -49.05 6.65 -9.38
CA ASN B 702 -48.07 7.35 -10.19
C ASN B 702 -47.92 8.79 -9.74
N HIS B 703 -49.03 9.48 -9.47
CA HIS B 703 -48.94 10.87 -9.01
C HIS B 703 -48.29 10.97 -7.63
N GLN B 704 -48.63 10.05 -6.72
CA GLN B 704 -48.03 10.12 -5.39
C GLN B 704 -46.52 9.88 -5.46
N TYR B 705 -46.10 8.94 -6.30
CA TYR B 705 -44.68 8.75 -6.57
C TYR B 705 -44.07 9.99 -7.19
N GLN B 706 -44.80 10.67 -8.07
CA GLN B 706 -44.28 11.89 -8.68
C GLN B 706 -44.03 12.97 -7.65
N GLU B 707 -44.94 13.11 -6.68
CA GLU B 707 -44.72 14.09 -5.62
C GLU B 707 -43.51 13.74 -4.79
N VAL B 708 -43.39 12.45 -4.42
CA VAL B 708 -42.20 12.01 -3.70
C VAL B 708 -40.93 12.36 -4.47
N LEU B 709 -40.92 12.04 -5.76
CA LEU B 709 -39.74 12.25 -6.59
C LEU B 709 -39.42 13.73 -6.75
N ARG B 710 -40.44 14.56 -6.88
CA ARG B 710 -40.24 16.01 -6.90
C ARG B 710 -39.52 16.45 -5.64
N ASN B 711 -39.98 15.98 -4.47
CA ASN B 711 -39.35 16.39 -3.22
C ASN B 711 -37.90 15.91 -3.13
N LEU B 712 -37.65 14.65 -3.50
CA LEU B 712 -36.26 14.15 -3.47
C LEU B 712 -35.36 14.91 -4.43
N VAL B 713 -35.83 15.24 -5.63
CA VAL B 713 -34.96 15.97 -6.54
C VAL B 713 -34.70 17.37 -6.02
N LYS B 714 -35.72 18.01 -5.45
CA LYS B 714 -35.52 19.32 -4.85
C LYS B 714 -34.46 19.26 -3.76
N ARG B 715 -34.58 18.28 -2.86
CA ARG B 715 -33.62 18.13 -1.78
C ARG B 715 -32.23 17.85 -2.32
N TYR B 716 -32.12 17.00 -3.34
CA TYR B 716 -30.82 16.67 -3.90
C TYR B 716 -30.15 17.90 -4.50
N VAL B 717 -30.90 18.68 -5.28
CA VAL B 717 -30.34 19.90 -5.86
C VAL B 717 -29.89 20.84 -4.75
N ALA B 718 -30.72 21.00 -3.72
CA ALA B 718 -30.35 21.91 -2.63
C ALA B 718 -29.10 21.45 -1.91
N ALA B 719 -28.96 20.16 -1.65
CA ALA B 719 -27.98 19.68 -0.69
C ALA B 719 -26.73 19.08 -1.31
N MET B 720 -26.69 18.90 -2.62
CA MET B 720 -25.47 18.39 -3.25
C MET B 720 -25.07 19.12 -4.51
N ILE B 721 -25.89 20.04 -5.00
CA ILE B 721 -25.52 20.91 -6.11
C ILE B 721 -25.24 22.33 -5.62
N ARG B 722 -25.99 22.78 -4.62
CA ARG B 722 -25.86 24.13 -4.09
C ARG B 722 -24.88 24.20 -2.93
N ASP B 723 -24.89 23.22 -2.04
CA ASP B 723 -23.98 23.22 -0.90
C ASP B 723 -22.66 22.52 -1.19
N ALA B 724 -22.69 21.44 -1.97
CA ALA B 724 -21.44 20.73 -2.27
C ALA B 724 -20.53 21.58 -3.14
N LYS B 725 -21.11 22.31 -4.09
CA LYS B 725 -20.30 23.22 -4.90
C LYS B 725 -19.68 24.30 -4.02
N THR B 726 -20.44 24.82 -3.06
CA THR B 726 -19.91 25.82 -2.15
C THR B 726 -18.71 25.30 -1.37
N GLU B 727 -18.78 24.05 -0.92
CA GLU B 727 -17.68 23.41 -0.19
C GLU B 727 -16.69 22.91 -1.25
N GLU B 728 -15.81 23.80 -1.66
CA GLU B 728 -14.79 23.48 -2.66
C GLU B 728 -13.47 24.13 -2.28
N GLY B 729 -12.52 24.14 -3.22
CA GLY B 729 -11.25 24.81 -2.98
C GLY B 729 -10.93 25.84 -4.05
N LEU B 730 -10.78 27.10 -3.65
CA LEU B 730 -10.65 28.17 -4.63
C LEU B 730 -9.29 28.11 -5.32
N THR B 731 -9.30 28.22 -6.64
CA THR B 731 -8.15 28.06 -7.51
C THR B 731 -7.46 29.39 -7.73
N GLU B 732 -6.54 29.46 -8.69
CA GLU B 732 -5.86 30.70 -9.03
C GLU B 732 -6.78 31.68 -9.75
N GLU B 733 -7.83 31.16 -10.40
CA GLU B 733 -8.79 32.03 -11.08
C GLU B 733 -9.59 32.88 -10.11
N ASN B 734 -9.82 32.38 -8.89
CA ASN B 734 -10.54 33.14 -7.90
C ASN B 734 -9.70 34.31 -7.38
N PHE B 735 -8.41 34.09 -7.17
CA PHE B 735 -7.53 35.19 -6.82
C PHE B 735 -7.49 36.24 -7.93
N LYS B 736 -7.45 35.79 -9.18
CA LYS B 736 -7.43 36.74 -10.29
C LYS B 736 -8.71 37.56 -10.33
N GLU B 737 -9.86 36.91 -10.11
CA GLU B 737 -11.12 37.65 -10.02
C GLU B 737 -11.12 38.66 -8.88
N LEU B 738 -10.62 38.28 -7.71
CA LEU B 738 -10.57 39.22 -6.60
C LEU B 738 -9.69 40.43 -6.93
N LYS B 739 -8.50 40.16 -7.47
CA LYS B 739 -7.60 41.25 -7.83
C LYS B 739 -8.24 42.15 -8.88
N GLN B 740 -8.97 41.57 -9.82
CA GLN B 740 -9.60 42.37 -10.86
C GLN B 740 -10.73 43.23 -10.30
N ASP B 741 -11.51 42.70 -9.36
CA ASP B 741 -12.53 43.50 -8.71
C ASP B 741 -11.92 44.69 -7.97
N ILE B 742 -10.83 44.44 -7.23
CA ILE B 742 -10.19 45.54 -6.51
C ILE B 742 -9.66 46.58 -7.49
N SER B 743 -9.06 46.14 -8.60
CA SER B 743 -8.52 47.09 -9.55
C SER B 743 -9.61 47.92 -10.22
N SER B 744 -10.73 47.29 -10.59
CA SER B 744 -11.80 48.05 -11.23
C SER B 744 -12.44 49.04 -10.25
N PHE B 745 -12.63 48.61 -9.00
CA PHE B 745 -13.07 49.53 -7.94
C PHE B 745 -12.12 50.72 -7.85
N ARG B 746 -10.82 50.44 -7.84
CA ARG B 746 -9.81 51.48 -7.74
C ARG B 746 -9.93 52.46 -8.89
N TYR B 747 -10.04 51.96 -10.11
CA TYR B 747 -10.10 52.84 -11.27
C TYR B 747 -11.36 53.70 -11.23
N GLU B 748 -12.49 53.14 -10.84
CA GLU B 748 -13.69 53.96 -10.72
C GLU B 748 -13.49 55.08 -9.71
N VAL B 749 -13.01 54.74 -8.51
CA VAL B 749 -12.89 55.76 -7.48
C VAL B 749 -11.92 56.86 -7.90
N ILE B 750 -10.77 56.48 -8.45
CA ILE B 750 -9.80 57.49 -8.86
C ILE B 750 -10.34 58.33 -10.00
N GLY B 751 -11.11 57.72 -10.91
CA GLY B 751 -11.61 58.47 -12.04
C GLY B 751 -12.79 59.37 -11.75
N MET B 752 -13.51 59.13 -10.65
CA MET B 752 -14.66 59.97 -10.31
C MET B 752 -14.34 60.96 -9.20
N MET B 753 -13.06 61.18 -8.91
CA MET B 753 -12.65 62.18 -7.94
C MET B 753 -11.18 62.53 -8.09
N ARG C 17 22.17 30.37 30.53
CA ARG C 17 23.09 29.55 29.74
C ARG C 17 22.87 29.77 28.25
N ILE C 18 23.88 29.43 27.46
CA ILE C 18 23.89 29.59 26.01
C ILE C 18 23.48 31.02 25.66
N PRO C 19 24.35 32.01 25.83
CA PRO C 19 24.05 33.35 25.35
C PRO C 19 24.01 33.36 23.82
N LEU C 20 22.98 34.00 23.27
CA LEU C 20 22.73 33.96 21.84
C LEU C 20 23.07 35.31 21.23
N ARG C 21 23.91 35.28 20.20
CA ARG C 21 24.40 36.47 19.54
C ARG C 21 24.31 36.29 18.04
N ILE C 22 24.20 37.42 17.33
CA ILE C 22 24.09 37.39 15.88
C ILE C 22 25.44 37.03 15.27
N VAL C 23 25.42 36.10 14.32
CA VAL C 23 26.57 35.76 13.51
C VAL C 23 26.13 35.87 12.06
N ARG C 24 27.08 36.22 11.20
CA ARG C 24 26.90 36.21 9.74
C ARG C 24 25.60 36.90 9.29
N ALA C 25 25.21 37.96 9.99
CA ALA C 25 24.06 38.79 9.63
C ALA C 25 24.43 40.26 9.75
N GLU C 26 25.55 40.63 9.13
CA GLU C 26 26.22 41.89 9.40
C GLU C 26 25.30 43.10 9.31
N SER C 27 24.69 43.33 8.15
CA SER C 27 24.10 44.62 7.85
C SER C 27 22.75 44.79 8.53
N GLU C 28 22.56 45.94 9.20
CA GLU C 28 21.29 46.32 9.80
C GLU C 28 20.91 47.70 9.30
N LEU C 29 19.61 47.96 9.23
CA LEU C 29 19.08 49.11 8.52
C LEU C 29 18.80 50.27 9.47
N SER C 30 19.03 51.48 8.96
CA SER C 30 18.69 52.67 9.72
C SER C 30 17.18 52.90 9.70
N THR C 31 16.73 53.84 10.53
CA THR C 31 15.29 54.09 10.64
C THR C 31 14.69 54.56 9.32
N GLN C 32 15.40 55.43 8.60
CA GLN C 32 14.90 55.89 7.30
C GLN C 32 14.82 54.73 6.32
N GLU C 33 15.82 53.85 6.32
CA GLU C 33 15.81 52.69 5.44
C GLU C 33 14.64 51.78 5.73
N LYS C 34 14.38 51.50 7.01
CA LYS C 34 13.22 50.69 7.36
C LYS C 34 11.92 51.36 6.95
N SER C 35 11.83 52.68 7.14
CA SER C 35 10.61 53.38 6.76
C SER C 35 10.37 53.30 5.27
N TYR C 36 11.41 53.49 4.47
CA TYR C 36 11.27 53.47 3.02
C TYR C 36 10.98 52.06 2.50
N LEU C 37 11.64 51.05 3.05
CA LEU C 37 11.33 49.68 2.65
C LEU C 37 9.93 49.28 3.09
N SER C 38 9.47 49.75 4.25
CA SER C 38 8.11 49.47 4.68
C SER C 38 7.10 50.15 3.77
N ALA C 39 7.41 51.37 3.33
CA ALA C 39 6.54 52.04 2.37
C ALA C 39 6.45 51.26 1.07
N VAL C 40 7.58 50.72 0.61
CA VAL C 40 7.55 49.89 -0.60
C VAL C 40 6.73 48.63 -0.36
N GLU C 41 6.86 48.03 0.82
CA GLU C 41 6.02 46.89 1.20
C GLU C 41 4.55 47.23 1.09
N LYS C 42 4.12 48.33 1.72
CA LYS C 42 2.71 48.65 1.80
C LYS C 42 2.14 49.15 0.49
N GLY C 43 2.99 49.45 -0.48
CA GLY C 43 2.54 50.00 -1.74
C GLY C 43 2.38 51.50 -1.74
N ASP C 44 2.89 52.19 -0.73
CA ASP C 44 2.66 53.62 -0.59
C ASP C 44 3.43 54.39 -1.64
N TYR C 45 2.76 54.76 -2.73
CA TYR C 45 3.44 55.42 -3.83
C TYR C 45 3.93 56.81 -3.42
N ALA C 46 3.13 57.54 -2.63
CA ALA C 46 3.51 58.88 -2.24
C ALA C 46 4.70 58.87 -1.30
N SER C 47 4.73 57.94 -0.35
CA SER C 47 5.86 57.89 0.58
C SER C 47 7.14 57.47 -0.12
N VAL C 48 7.04 56.52 -1.06
CA VAL C 48 8.22 56.07 -1.79
C VAL C 48 8.75 57.17 -2.70
N LYS C 49 7.84 57.86 -3.40
CA LYS C 49 8.27 58.99 -4.21
C LYS C 49 8.93 60.06 -3.37
N LEU C 50 8.38 60.33 -2.18
CA LEU C 50 8.97 61.34 -1.31
C LEU C 50 10.35 60.93 -0.83
N ALA C 51 10.48 59.70 -0.34
CA ALA C 51 11.77 59.24 0.18
C ALA C 51 12.81 59.13 -0.93
N LEU C 52 12.39 58.84 -2.15
CA LEU C 52 13.33 58.76 -3.27
C LEU C 52 13.74 60.14 -3.75
N GLU C 53 12.83 61.11 -3.73
CA GLU C 53 13.21 62.48 -4.06
C GLU C 53 14.04 63.12 -2.98
N GLU C 54 13.92 62.65 -1.74
CA GLU C 54 14.80 63.06 -0.66
C GLU C 54 16.07 62.25 -0.60
N ALA C 55 16.26 61.34 -1.55
CA ALA C 55 17.44 60.52 -1.67
C ALA C 55 18.43 61.06 -2.69
N GLU C 56 18.21 62.27 -3.18
CA GLU C 56 19.08 62.87 -4.20
C GLU C 56 19.63 64.21 -3.79
N ILE C 57 18.88 65.00 -3.02
CA ILE C 57 19.41 66.26 -2.49
C ILE C 57 20.48 65.98 -1.44
N TYR C 58 20.10 65.29 -0.36
CA TYR C 58 21.01 64.83 0.67
C TYR C 58 20.68 63.36 0.91
N PHE C 59 21.53 62.47 0.39
CA PHE C 59 21.14 61.08 0.25
C PHE C 59 20.79 60.44 1.60
N LYS C 60 21.80 60.19 2.43
CA LYS C 60 21.62 59.69 3.79
C LYS C 60 20.62 58.53 3.91
N ILE C 61 20.38 57.79 2.83
CA ILE C 61 19.34 56.77 2.86
C ILE C 61 19.84 55.43 2.31
N ASN C 62 20.84 55.47 1.42
CA ASN C 62 21.30 54.27 0.71
C ASN C 62 20.14 53.62 -0.04
N ILE C 63 19.74 54.30 -1.10
CA ILE C 63 18.58 53.96 -1.94
C ILE C 63 18.48 52.47 -2.25
N ASN C 64 19.62 51.79 -2.35
CA ASN C 64 19.66 50.36 -2.66
C ASN C 64 19.80 49.50 -1.42
N CYS C 65 19.23 49.91 -0.29
CA CYS C 65 19.36 49.17 0.95
C CYS C 65 18.81 47.75 0.80
N ILE C 66 19.20 46.89 1.74
CA ILE C 66 18.83 45.48 1.71
C ILE C 66 18.22 45.11 3.07
N ASP C 67 17.01 44.58 3.05
CA ASP C 67 16.32 44.14 4.25
C ASP C 67 16.86 42.80 4.71
N PRO C 68 16.45 42.32 5.89
CA PRO C 68 16.75 40.94 6.25
C PRO C 68 16.14 40.00 5.22
N LEU C 69 16.80 38.86 5.01
CA LEU C 69 16.48 37.92 3.94
C LEU C 69 16.71 38.53 2.56
N GLY C 70 17.58 39.53 2.47
CA GLY C 70 17.82 40.19 1.21
C GLY C 70 16.71 41.17 0.87
N ARG C 71 15.91 40.82 -0.12
CA ARG C 71 14.61 41.45 -0.36
C ARG C 71 14.76 42.97 -0.50
N THR C 72 15.39 43.38 -1.59
CA THR C 72 15.62 44.78 -1.90
C THR C 72 14.32 45.46 -2.37
N ALA C 73 14.30 46.79 -2.31
CA ALA C 73 13.10 47.57 -2.65
C ALA C 73 12.55 47.19 -4.01
N LEU C 74 13.41 47.17 -5.04
CA LEU C 74 12.97 46.73 -6.36
C LEU C 74 12.45 45.30 -6.30
N LEU C 75 13.18 44.43 -5.61
CA LEU C 75 12.74 43.04 -5.49
C LEU C 75 11.45 42.95 -4.69
N ILE C 76 11.28 43.83 -3.70
CA ILE C 76 10.02 43.84 -2.93
C ILE C 76 8.86 44.18 -3.85
N ALA C 77 9.01 45.26 -4.63
CA ALA C 77 7.96 45.65 -5.55
C ALA C 77 7.67 44.54 -6.55
N ILE C 78 8.71 43.82 -6.96
CA ILE C 78 8.52 42.68 -7.86
C ILE C 78 7.68 41.60 -7.17
N GLU C 79 8.00 41.27 -5.91
CA GLU C 79 7.23 40.27 -5.17
C GLU C 79 5.80 40.71 -4.89
N ASN C 80 5.53 42.02 -4.87
CA ASN C 80 4.18 42.50 -4.62
C ASN C 80 3.38 42.74 -5.88
N GLU C 81 3.95 42.49 -7.06
CA GLU C 81 3.24 42.70 -8.32
C GLU C 81 2.88 44.17 -8.55
N ASN C 82 3.61 45.09 -7.90
CA ASN C 82 3.30 46.50 -8.00
C ASN C 82 4.10 47.11 -9.15
N LEU C 83 3.43 47.36 -10.27
CA LEU C 83 4.12 47.87 -11.44
C LEU C 83 4.39 49.37 -11.35
N GLU C 84 3.49 50.13 -10.71
CA GLU C 84 3.72 51.57 -10.57
C GLU C 84 5.00 51.86 -9.80
N ILE C 85 5.19 51.20 -8.66
CA ILE C 85 6.40 51.39 -7.88
C ILE C 85 7.61 50.91 -8.64
N ILE C 86 7.48 49.85 -9.44
CA ILE C 86 8.62 49.39 -10.23
C ILE C 86 9.03 50.43 -11.25
N GLU C 87 8.05 51.01 -11.96
CA GLU C 87 8.38 52.06 -12.91
C GLU C 87 9.03 53.25 -12.22
N LEU C 88 8.51 53.64 -11.05
CA LEU C 88 9.11 54.75 -10.32
C LEU C 88 10.56 54.44 -9.92
N LEU C 89 10.78 53.25 -9.35
CA LEU C 89 12.11 52.89 -8.88
C LEU C 89 13.09 52.84 -10.02
N LEU C 90 12.68 52.28 -11.16
CA LEU C 90 13.55 52.30 -12.34
C LEU C 90 13.78 53.71 -12.83
N SER C 91 12.78 54.58 -12.73
CA SER C 91 12.96 55.98 -13.11
C SER C 91 13.97 56.69 -12.23
N PHE C 92 14.21 56.18 -11.02
CA PHE C 92 15.23 56.79 -10.16
C PHE C 92 16.53 56.00 -10.12
N ASN C 93 16.78 55.14 -11.10
CA ASN C 93 18.08 54.50 -11.32
C ASN C 93 18.53 53.71 -10.08
N VAL C 94 17.77 52.69 -9.75
CA VAL C 94 18.18 51.74 -8.74
C VAL C 94 18.99 50.65 -9.41
N TYR C 95 19.75 49.90 -8.61
CA TYR C 95 20.58 48.82 -9.12
C TYR C 95 19.68 47.60 -9.34
N VAL C 96 19.37 47.32 -10.60
CA VAL C 96 18.46 46.22 -10.90
C VAL C 96 19.12 44.87 -10.61
N GLY C 97 20.40 44.72 -10.94
CA GLY C 97 21.11 43.49 -10.67
C GLY C 97 20.44 42.26 -11.24
N ASP C 98 19.89 41.42 -10.38
CA ASP C 98 19.14 40.24 -10.77
C ASP C 98 17.64 40.47 -10.77
N ALA C 99 17.19 41.72 -10.87
CA ALA C 99 15.76 42.00 -10.83
C ALA C 99 15.02 41.25 -11.92
N LEU C 100 15.60 41.17 -13.12
CA LEU C 100 14.96 40.44 -14.21
C LEU C 100 14.78 38.97 -13.84
N LEU C 101 15.77 38.39 -13.18
CA LEU C 101 15.71 36.98 -12.85
C LEU C 101 14.66 36.70 -11.77
N HIS C 102 14.55 37.56 -10.76
CA HIS C 102 13.48 37.36 -9.78
C HIS C 102 12.11 37.62 -10.37
N ALA C 103 12.01 38.58 -11.30
CA ALA C 103 10.73 38.80 -11.98
C ALA C 103 10.32 37.59 -12.79
N ILE C 104 11.28 36.97 -13.49
CA ILE C 104 10.98 35.79 -14.28
C ILE C 104 10.62 34.61 -13.38
N ARG C 105 11.42 34.39 -12.34
CA ARG C 105 11.19 33.25 -11.46
C ARG C 105 9.82 33.32 -10.79
N LYS C 106 9.29 34.52 -10.62
CA LYS C 106 7.96 34.71 -10.05
C LYS C 106 6.87 34.80 -11.11
N GLU C 107 7.21 34.68 -12.39
CA GLU C 107 6.24 34.70 -13.48
C GLU C 107 5.46 36.02 -13.47
N VAL C 108 6.19 37.11 -13.47
CA VAL C 108 5.63 38.45 -13.34
C VAL C 108 5.78 39.13 -14.70
N VAL C 109 4.73 39.08 -15.52
CA VAL C 109 4.86 39.50 -16.91
C VAL C 109 5.10 41.00 -17.02
N GLY C 110 4.41 41.79 -16.20
CA GLY C 110 4.58 43.23 -16.28
C GLY C 110 5.99 43.70 -15.93
N ALA C 111 6.54 43.17 -14.84
CA ALA C 111 7.91 43.54 -14.49
C ALA C 111 8.91 43.05 -15.52
N VAL C 112 8.70 41.85 -16.08
CA VAL C 112 9.58 41.39 -17.15
C VAL C 112 9.50 42.33 -18.34
N GLU C 113 8.31 42.85 -18.63
CA GLU C 113 8.19 43.82 -19.71
C GLU C 113 8.97 45.09 -19.41
N LEU C 114 8.91 45.57 -18.16
CA LEU C 114 9.60 46.82 -17.83
C LEU C 114 11.11 46.64 -17.77
N LEU C 115 11.59 45.56 -17.14
CA LEU C 115 13.02 45.35 -16.98
C LEU C 115 13.70 44.91 -18.27
N LEU C 116 12.95 44.49 -19.27
CA LEU C 116 13.56 44.11 -20.54
C LEU C 116 13.93 45.31 -21.39
N ASN C 117 13.35 46.47 -21.12
CA ASN C 117 13.66 47.69 -21.87
C ASN C 117 13.96 48.79 -20.85
N HIS C 118 15.21 48.87 -20.41
CA HIS C 118 15.62 49.81 -19.38
C HIS C 118 17.08 50.14 -19.58
N LYS C 119 17.37 51.41 -19.87
CA LYS C 119 18.74 51.86 -20.07
C LYS C 119 19.05 53.07 -19.21
N GLN C 135 30.03 40.22 -3.74
CA GLN C 135 28.95 39.89 -4.64
C GLN C 135 28.07 38.76 -4.09
N PHE C 136 26.76 38.89 -4.26
CA PHE C 136 25.84 37.86 -3.87
C PHE C 136 24.64 37.85 -4.79
N SER C 137 24.19 36.66 -5.17
CA SER C 137 23.06 36.48 -6.05
C SER C 137 22.31 35.22 -5.65
N ASP C 138 21.02 35.19 -5.94
CA ASP C 138 20.19 34.03 -5.65
C ASP C 138 20.18 33.01 -6.77
N PHE C 139 20.95 33.24 -7.82
CA PHE C 139 20.93 32.40 -9.02
C PHE C 139 22.34 31.99 -9.39
N THR C 140 22.47 30.71 -9.75
CA THR C 140 23.74 30.20 -10.21
C THR C 140 24.19 30.97 -11.45
N PRO C 141 25.46 31.37 -11.55
CA PRO C 141 25.85 32.29 -12.64
C PRO C 141 25.64 31.74 -14.04
N ASP C 142 25.39 30.45 -14.20
CA ASP C 142 25.06 29.92 -15.51
C ASP C 142 23.61 30.14 -15.91
N ILE C 143 22.77 30.64 -15.00
CA ILE C 143 21.36 30.85 -15.29
C ILE C 143 21.22 32.16 -16.06
N THR C 144 20.71 32.08 -17.27
CA THR C 144 20.38 33.23 -18.10
C THR C 144 18.87 33.43 -18.10
N PRO C 145 18.38 34.59 -18.51
CA PRO C 145 16.93 34.82 -18.48
C PRO C 145 16.11 33.78 -19.23
N ILE C 146 16.55 33.34 -20.41
CA ILE C 146 15.76 32.39 -21.17
C ILE C 146 15.75 31.03 -20.51
N ILE C 147 16.88 30.61 -19.93
CA ILE C 147 16.93 29.33 -19.24
C ILE C 147 15.96 29.31 -18.08
N LEU C 148 15.96 30.37 -17.28
CA LEU C 148 15.06 30.43 -16.13
C LEU C 148 13.60 30.51 -16.56
N ALA C 149 13.31 31.30 -17.59
CA ALA C 149 11.96 31.36 -18.11
C ALA C 149 11.48 29.98 -18.55
N ALA C 150 12.32 29.25 -19.28
CA ALA C 150 11.93 27.92 -19.72
C ALA C 150 11.81 26.96 -18.55
N HIS C 151 12.57 27.19 -17.48
CA HIS C 151 12.36 26.44 -16.24
C HIS C 151 10.97 26.67 -15.69
N THR C 152 10.50 27.92 -15.71
CA THR C 152 9.17 28.23 -15.19
C THR C 152 8.06 27.75 -16.12
N ASN C 153 8.38 27.51 -17.39
CA ASN C 153 7.40 27.07 -18.39
C ASN C 153 6.25 28.07 -18.53
N ASN C 154 6.55 29.35 -18.43
CA ASN C 154 5.55 30.39 -18.67
C ASN C 154 5.68 30.85 -20.11
N TYR C 155 4.60 30.76 -20.87
CA TYR C 155 4.70 30.95 -22.31
C TYR C 155 4.81 32.43 -22.68
N GLU C 156 4.22 33.33 -21.89
CA GLU C 156 4.30 34.75 -22.19
C GLU C 156 5.71 35.28 -22.01
N ILE C 157 6.36 34.95 -20.89
CA ILE C 157 7.71 35.43 -20.65
C ILE C 157 8.68 34.84 -21.65
N ILE C 158 8.56 33.55 -21.93
CA ILE C 158 9.42 32.93 -22.95
C ILE C 158 9.19 33.59 -24.30
N LYS C 159 7.94 33.88 -24.63
CA LYS C 159 7.64 34.50 -25.91
C LYS C 159 8.27 35.88 -26.02
N MET C 160 8.19 36.68 -24.96
CA MET C 160 8.75 38.02 -25.04
C MET C 160 10.28 38.02 -24.91
N LEU C 161 10.87 36.98 -24.34
CA LEU C 161 12.32 36.88 -24.35
C LEU C 161 12.85 36.44 -25.71
N VAL C 162 12.15 35.49 -26.35
CA VAL C 162 12.63 34.99 -27.63
C VAL C 162 12.63 36.10 -28.69
N GLN C 163 11.58 36.93 -28.68
CA GLN C 163 11.51 38.02 -29.64
C GLN C 163 12.70 38.96 -29.53
N LYS C 164 13.27 39.11 -28.34
CA LYS C 164 14.43 39.97 -28.19
C LYS C 164 15.65 39.41 -28.91
N GLY C 165 15.83 38.10 -28.89
CA GLY C 165 16.94 37.50 -29.59
C GLY C 165 17.86 36.65 -28.73
N VAL C 166 17.31 36.08 -27.66
CA VAL C 166 18.08 35.23 -26.76
C VAL C 166 18.44 33.92 -27.44
N SER C 167 19.35 33.17 -26.84
CA SER C 167 19.70 31.84 -27.31
C SER C 167 20.09 30.99 -26.11
N VAL C 168 20.01 29.67 -26.29
CA VAL C 168 20.32 28.73 -25.22
C VAL C 168 21.49 27.87 -25.64
N PRO C 169 22.50 27.65 -24.79
CA PRO C 169 23.66 26.89 -25.21
C PRO C 169 23.30 25.44 -25.55
N GLN C 170 24.10 24.87 -26.44
CA GLN C 170 23.87 23.52 -26.91
C GLN C 170 24.85 22.57 -26.24
N PRO C 171 24.39 21.65 -25.41
CA PRO C 171 25.31 20.70 -24.78
C PRO C 171 25.78 19.63 -25.76
N HIS C 172 26.85 18.95 -25.38
CA HIS C 172 27.44 17.93 -26.23
C HIS C 172 26.53 16.71 -26.32
N GLU C 173 27.00 15.71 -27.07
CA GLU C 173 26.16 14.58 -27.45
C GLU C 173 25.51 13.93 -26.24
N VAL C 174 26.32 13.35 -25.35
CA VAL C 174 25.79 12.69 -24.16
C VAL C 174 26.89 12.43 -23.15
N VAL C 187 37.06 20.36 -14.96
CA VAL C 187 37.85 21.07 -13.96
C VAL C 187 36.96 21.49 -12.79
N ASP C 188 35.70 21.78 -13.08
CA ASP C 188 34.69 22.07 -12.07
C ASP C 188 33.50 21.16 -12.37
N SER C 189 33.50 19.97 -11.80
CA SER C 189 32.45 19.01 -12.11
C SER C 189 31.09 19.49 -11.66
N LEU C 190 31.02 20.17 -10.51
CA LEU C 190 29.74 20.62 -9.98
C LEU C 190 29.10 21.63 -10.91
N ARG C 191 29.83 22.67 -11.30
CA ARG C 191 29.28 23.67 -12.20
C ARG C 191 28.90 23.07 -13.53
N HIS C 192 29.75 22.20 -14.08
CA HIS C 192 29.46 21.62 -15.39
C HIS C 192 28.19 20.78 -15.37
N SER C 193 28.08 19.88 -14.40
CA SER C 193 26.89 19.03 -14.32
C SER C 193 25.65 19.85 -14.06
N ARG C 194 25.75 20.85 -13.17
CA ARG C 194 24.58 21.68 -12.86
C ARG C 194 24.15 22.48 -14.09
N SER C 195 25.11 23.03 -14.84
CA SER C 195 24.77 23.81 -16.02
C SER C 195 24.14 22.93 -17.09
N ARG C 196 24.67 21.73 -17.29
CA ARG C 196 24.04 20.81 -18.25
C ARG C 196 22.62 20.46 -17.84
N LEU C 197 22.40 20.22 -16.55
CA LEU C 197 21.04 19.95 -16.10
C LEU C 197 20.14 21.16 -16.33
N ASN C 198 20.64 22.36 -16.08
CA ASN C 198 19.83 23.56 -16.26
C ASN C 198 19.47 23.78 -17.72
N ILE C 199 20.40 23.49 -18.65
CA ILE C 199 20.08 23.71 -20.06
C ILE C 199 19.37 22.54 -20.69
N TYR C 200 19.27 21.41 -20.00
CA TYR C 200 18.37 20.35 -20.46
C TYR C 200 16.98 20.49 -19.90
N LYS C 201 16.85 21.04 -18.70
CA LYS C 201 15.52 21.31 -18.16
C LYS C 201 14.86 22.46 -18.89
N ALA C 202 15.65 23.41 -19.38
CA ALA C 202 15.11 24.47 -20.23
C ALA C 202 14.68 23.92 -21.58
N LEU C 203 15.51 23.08 -22.19
CA LEU C 203 15.20 22.55 -23.52
C LEU C 203 13.95 21.69 -23.50
N ALA C 204 13.79 20.87 -22.46
CA ALA C 204 12.64 19.99 -22.33
C ALA C 204 11.45 20.72 -21.73
N SER C 205 11.12 21.88 -22.29
CA SER C 205 10.04 22.69 -21.77
C SER C 205 8.93 22.76 -22.80
N PRO C 206 7.69 22.39 -22.46
CA PRO C 206 6.61 22.46 -23.45
C PRO C 206 6.45 23.82 -24.09
N SER C 207 6.61 24.90 -23.33
CA SER C 207 6.47 26.23 -23.91
C SER C 207 7.58 26.51 -24.93
N LEU C 208 8.82 26.19 -24.57
CA LEU C 208 9.92 26.46 -25.49
C LEU C 208 9.89 25.54 -26.70
N ILE C 209 9.46 24.29 -26.52
CA ILE C 209 9.29 23.40 -27.66
C ILE C 209 8.14 23.87 -28.54
N ALA C 210 7.14 24.52 -27.98
CA ALA C 210 6.04 25.01 -28.78
C ALA C 210 6.37 26.31 -29.51
N LEU C 211 7.19 27.18 -28.92
CA LEU C 211 7.55 28.43 -29.57
C LEU C 211 8.66 28.26 -30.60
N SER C 212 9.40 27.16 -30.54
CA SER C 212 10.57 26.95 -31.38
C SER C 212 10.51 25.51 -31.87
N SER C 213 11.62 24.97 -32.39
CA SER C 213 11.66 23.56 -32.77
C SER C 213 10.60 23.24 -33.82
N GLU C 214 11.00 23.48 -35.07
CA GLU C 214 10.13 23.27 -36.24
C GLU C 214 9.21 22.07 -36.11
N ASP C 215 9.70 20.94 -35.63
CA ASP C 215 8.85 19.78 -35.37
C ASP C 215 8.89 19.44 -33.89
N PRO C 216 7.88 19.86 -33.11
CA PRO C 216 7.86 19.52 -31.69
C PRO C 216 7.83 18.04 -31.41
N PHE C 217 7.27 17.23 -32.31
CA PHE C 217 7.22 15.79 -32.06
C PHE C 217 8.60 15.17 -32.12
N LEU C 218 9.37 15.49 -33.16
CA LEU C 218 10.73 14.98 -33.26
C LEU C 218 11.59 15.49 -32.12
N THR C 219 11.43 16.76 -31.77
CA THR C 219 12.19 17.32 -30.65
C THR C 219 11.87 16.60 -29.35
N ALA C 220 10.58 16.34 -29.10
CA ALA C 220 10.20 15.65 -27.88
C ALA C 220 10.77 14.24 -27.85
N PHE C 221 10.69 13.52 -28.98
CA PHE C 221 11.22 12.15 -29.02
C PHE C 221 12.72 12.14 -28.75
N GLN C 222 13.46 12.96 -29.50
CA GLN C 222 14.91 12.97 -29.37
C GLN C 222 15.33 13.39 -27.97
N LEU C 223 14.65 14.38 -27.41
CA LEU C 223 15.02 14.88 -26.10
C LEU C 223 14.72 13.87 -25.01
N SER C 224 13.59 13.17 -25.10
CA SER C 224 13.31 12.12 -24.12
C SER C 224 14.36 11.02 -24.21
N TRP C 225 14.75 10.65 -25.43
CA TRP C 225 15.80 9.63 -25.57
C TRP C 225 17.12 10.11 -24.97
N GLU C 226 17.50 11.35 -25.23
CA GLU C 226 18.75 11.89 -24.72
C GLU C 226 18.75 11.93 -23.19
N LEU C 227 17.64 12.38 -22.61
CA LEU C 227 17.56 12.44 -21.15
C LEU C 227 17.58 11.04 -20.55
N GLN C 228 16.96 10.08 -21.22
CA GLN C 228 17.04 8.70 -20.74
C GLN C 228 18.48 8.21 -20.73
N GLU C 229 19.25 8.51 -21.78
CA GLU C 229 20.65 8.09 -21.79
C GLU C 229 21.45 8.80 -20.72
N LEU C 230 21.19 10.09 -20.51
CA LEU C 230 21.91 10.83 -19.50
C LEU C 230 21.60 10.33 -18.10
N SER C 231 20.40 9.81 -17.89
CA SER C 231 20.10 9.21 -16.58
C SER C 231 20.92 7.95 -16.32
N LYS C 232 21.59 7.41 -17.34
CA LYS C 232 22.54 6.33 -17.16
C LYS C 232 23.95 6.88 -17.00
N VAL C 233 24.34 7.83 -17.85
CA VAL C 233 25.68 8.39 -17.77
C VAL C 233 25.86 9.17 -16.46
N GLU C 234 24.91 10.05 -16.15
CA GLU C 234 24.96 10.85 -14.93
C GLU C 234 24.10 10.20 -13.85
N ASN C 235 24.62 9.09 -13.31
CA ASN C 235 23.83 8.30 -12.37
C ASN C 235 23.64 8.97 -11.03
N GLU C 236 24.34 10.06 -10.74
CA GLU C 236 24.10 10.78 -9.49
C GLU C 236 22.89 11.67 -9.57
N PHE C 237 22.59 12.22 -10.75
CA PHE C 237 21.40 13.00 -10.98
C PHE C 237 20.32 12.20 -11.70
N LYS C 238 20.49 10.87 -11.77
CA LYS C 238 19.62 9.99 -12.52
C LYS C 238 18.15 10.35 -12.36
N ALA C 239 17.65 10.30 -11.14
CA ALA C 239 16.25 10.61 -10.85
C ALA C 239 15.79 11.82 -11.63
N GLU C 240 16.50 12.94 -11.42
CA GLU C 240 16.12 14.20 -12.05
C GLU C 240 15.99 14.04 -13.56
N TYR C 241 17.04 13.49 -14.20
CA TYR C 241 16.98 13.31 -15.64
C TYR C 241 15.81 12.44 -16.03
N GLU C 242 15.59 11.33 -15.30
CA GLU C 242 14.46 10.48 -15.62
C GLU C 242 13.17 11.26 -15.58
N GLU C 243 12.98 12.07 -14.53
CA GLU C 243 11.75 12.85 -14.45
C GLU C 243 11.62 13.73 -15.67
N LEU C 244 12.71 14.41 -16.05
CA LEU C 244 12.68 15.24 -17.25
C LEU C 244 12.27 14.41 -18.45
N SER C 245 12.89 13.24 -18.62
CA SER C 245 12.54 12.38 -19.74
C SER C 245 11.06 12.11 -19.73
N HIS C 246 10.52 11.72 -18.58
CA HIS C 246 9.11 11.42 -18.47
C HIS C 246 8.28 12.60 -18.94
N GLN C 247 8.64 13.80 -18.49
CA GLN C 247 7.90 14.99 -18.87
C GLN C 247 7.82 15.11 -20.38
N CYS C 248 8.96 14.94 -21.06
CA CYS C 248 8.97 15.00 -22.52
C CYS C 248 7.95 14.05 -23.11
N LYS C 249 7.93 12.80 -22.61
CA LYS C 249 7.00 11.82 -23.11
C LYS C 249 5.57 12.34 -23.02
N HIS C 250 5.17 12.84 -21.86
CA HIS C 250 3.81 13.33 -21.73
C HIS C 250 3.55 14.46 -22.70
N PHE C 251 4.52 15.35 -22.90
CA PHE C 251 4.31 16.40 -23.88
C PHE C 251 3.86 15.80 -25.21
N ALA C 252 4.60 14.81 -25.69
CA ALA C 252 4.23 14.16 -26.95
C ALA C 252 2.80 13.67 -26.88
N LYS C 253 2.47 12.92 -25.83
CA LYS C 253 1.10 12.43 -25.68
C LYS C 253 0.12 13.59 -25.69
N ASP C 254 0.37 14.60 -24.87
CA ASP C 254 -0.60 15.69 -24.78
C ASP C 254 -0.59 16.55 -26.02
N LEU C 255 0.43 16.46 -26.86
CA LEU C 255 0.37 17.20 -28.11
C LEU C 255 -0.44 16.42 -29.14
N LEU C 256 -0.53 15.11 -28.98
CA LEU C 256 -1.31 14.28 -29.88
C LEU C 256 -2.77 14.17 -29.47
N ASP C 257 -3.08 14.49 -28.22
CA ASP C 257 -4.45 14.49 -27.76
C ASP C 257 -5.23 15.68 -28.29
N GLN C 258 -4.55 16.65 -28.89
CA GLN C 258 -5.17 17.83 -29.47
C GLN C 258 -5.64 17.62 -30.90
N THR C 259 -5.73 16.37 -31.34
CA THR C 259 -6.25 16.10 -32.68
C THR C 259 -7.77 16.00 -32.64
N ARG C 260 -8.43 16.64 -33.61
CA ARG C 260 -9.87 16.63 -33.67
C ARG C 260 -10.42 15.87 -34.86
N SER C 261 -9.57 15.24 -35.66
CA SER C 261 -10.02 14.57 -36.86
C SER C 261 -9.12 13.38 -37.14
N SER C 262 -9.69 12.35 -37.75
CA SER C 262 -8.90 11.17 -38.07
C SER C 262 -7.99 11.42 -39.27
N ARG C 263 -8.38 12.30 -40.19
CA ARG C 263 -7.51 12.62 -41.31
C ARG C 263 -6.27 13.36 -40.84
N GLU C 264 -6.45 14.31 -39.94
CA GLU C 264 -5.33 15.05 -39.35
C GLU C 264 -4.44 14.14 -38.51
N LEU C 265 -5.03 13.24 -37.74
CA LEU C 265 -4.24 12.28 -36.98
C LEU C 265 -3.47 11.34 -37.90
N GLU C 266 -4.09 10.93 -39.01
CA GLU C 266 -3.40 10.11 -39.99
C GLU C 266 -2.22 10.86 -40.61
N LEU C 267 -2.40 12.15 -40.87
CA LEU C 267 -1.27 12.97 -41.33
C LEU C 267 -0.16 12.98 -40.31
N ILE C 268 -0.50 13.13 -39.04
CA ILE C 268 0.52 13.14 -38.00
C ILE C 268 1.27 11.81 -37.96
N LEU C 269 0.56 10.70 -38.04
CA LEU C 269 1.19 9.40 -37.87
C LEU C 269 1.88 8.90 -39.14
N ASN C 270 1.41 9.32 -40.31
CA ASN C 270 2.05 8.93 -41.57
C ASN C 270 2.89 10.10 -42.06
N PHE C 271 4.06 10.28 -41.46
CA PHE C 271 4.95 11.35 -41.87
C PHE C 271 6.37 10.83 -41.97
N ARG C 272 7.02 11.12 -43.09
CA ARG C 272 8.37 10.66 -43.33
C ARG C 272 9.35 11.82 -43.32
N ASN C 284 7.04 1.70 -44.97
CA ASN C 284 6.45 2.73 -45.81
C ASN C 284 5.46 3.60 -45.05
N GLU C 285 4.32 3.02 -44.68
CA GLU C 285 3.26 3.76 -44.02
C GLU C 285 3.44 3.70 -42.50
N LEU C 286 2.70 4.57 -41.81
CA LEU C 286 2.73 4.66 -40.35
C LEU C 286 4.13 4.95 -39.85
N ALA C 287 4.88 5.76 -40.61
CA ALA C 287 6.30 5.97 -40.33
C ALA C 287 6.52 6.65 -38.99
N ARG C 288 5.73 7.68 -38.69
CA ARG C 288 5.95 8.40 -37.44
C ARG C 288 5.57 7.56 -36.23
N LEU C 289 4.61 6.65 -36.39
CA LEU C 289 4.30 5.71 -35.33
C LEU C 289 5.43 4.71 -35.11
N LYS C 290 6.05 4.22 -36.20
CA LYS C 290 7.22 3.36 -36.03
C LYS C 290 8.34 4.11 -35.34
N LEU C 291 8.51 5.38 -35.66
CA LEU C 291 9.53 6.20 -35.00
C LEU C 291 9.23 6.34 -33.52
N ALA C 292 7.97 6.53 -33.16
CA ALA C 292 7.59 6.57 -31.75
C ALA C 292 7.88 5.24 -31.07
N ILE C 293 7.63 4.13 -31.75
CA ILE C 293 7.94 2.82 -31.20
C ILE C 293 9.43 2.70 -30.95
N LYS C 294 10.25 3.17 -31.90
CA LYS C 294 11.69 3.05 -31.77
C LYS C 294 12.22 3.88 -30.60
N TYR C 295 11.66 5.07 -30.39
CA TYR C 295 12.06 5.92 -29.27
C TYR C 295 11.36 5.56 -27.97
N ARG C 296 10.53 4.52 -27.96
CA ARG C 296 9.93 4.00 -26.74
C ARG C 296 8.98 5.01 -26.11
N GLN C 297 8.18 5.65 -26.96
CA GLN C 297 7.19 6.64 -26.51
C GLN C 297 5.89 5.89 -26.20
N LYS C 298 5.87 5.27 -25.03
CA LYS C 298 4.77 4.39 -24.66
C LYS C 298 3.46 5.17 -24.55
N GLU C 299 3.51 6.36 -23.96
CA GLU C 299 2.29 7.15 -23.78
C GLU C 299 1.75 7.64 -25.13
N PHE C 300 2.65 8.05 -26.02
CA PHE C 300 2.23 8.49 -27.34
C PHE C 300 1.55 7.35 -28.10
N VAL C 301 2.13 6.15 -28.02
CA VAL C 301 1.56 5.00 -28.71
C VAL C 301 0.23 4.59 -28.09
N ALA C 302 0.17 4.56 -26.77
CA ALA C 302 -1.02 4.12 -26.06
C ALA C 302 -2.11 5.18 -26.00
N GLN C 303 -1.99 6.25 -26.77
CA GLN C 303 -3.04 7.25 -26.83
C GLN C 303 -4.29 6.63 -27.44
N PRO C 304 -5.48 6.94 -26.92
CA PRO C 304 -6.68 6.24 -27.39
C PRO C 304 -6.94 6.38 -28.89
N ASN C 305 -6.62 7.54 -29.47
CA ASN C 305 -6.90 7.72 -30.89
C ASN C 305 -5.92 6.94 -31.76
N CYS C 306 -4.64 6.90 -31.36
CA CYS C 306 -3.68 6.02 -32.00
C CYS C 306 -4.18 4.59 -32.00
N GLN C 307 -4.61 4.10 -30.85
CA GLN C 307 -5.06 2.71 -30.75
C GLN C 307 -6.30 2.48 -31.59
N GLN C 308 -7.19 3.46 -31.67
CA GLN C 308 -8.39 3.29 -32.49
C GLN C 308 -8.04 3.19 -33.96
N LEU C 309 -7.14 4.05 -34.43
CA LEU C 309 -6.68 3.97 -35.81
C LEU C 309 -5.96 2.66 -36.08
N LEU C 310 -5.14 2.23 -35.13
CA LEU C 310 -4.39 0.98 -35.29
C LEU C 310 -5.32 -0.22 -35.35
N ALA C 311 -6.37 -0.23 -34.54
CA ALA C 311 -7.32 -1.34 -34.61
C ALA C 311 -8.06 -1.34 -35.93
N SER C 312 -8.45 -0.15 -36.41
CA SER C 312 -9.07 -0.08 -37.73
C SER C 312 -8.15 -0.66 -38.80
N ARG C 313 -6.86 -0.42 -38.69
CA ARG C 313 -5.93 -1.04 -39.64
C ARG C 313 -5.62 -2.49 -39.30
N TRP C 314 -5.93 -2.92 -38.08
CA TRP C 314 -5.71 -4.30 -37.68
C TRP C 314 -6.75 -5.23 -38.26
N TYR C 315 -7.97 -4.75 -38.45
CA TYR C 315 -9.00 -5.66 -38.95
C TYR C 315 -9.16 -5.62 -40.47
N ASP C 316 -9.53 -4.46 -41.02
CA ASP C 316 -9.51 -4.19 -42.46
C ASP C 316 -10.55 -4.94 -43.29
N GLU C 317 -11.19 -5.95 -42.71
CA GLU C 317 -12.29 -6.62 -43.41
C GLU C 317 -13.38 -7.05 -42.44
N PHE C 318 -13.29 -6.65 -41.18
CA PHE C 318 -14.11 -7.22 -40.12
C PHE C 318 -14.81 -6.08 -39.40
N PRO C 319 -15.76 -5.41 -40.05
CA PRO C 319 -16.58 -4.43 -39.34
C PRO C 319 -17.37 -5.14 -38.25
N GLY C 320 -17.21 -4.66 -37.03
CA GLY C 320 -17.68 -5.43 -35.90
C GLY C 320 -16.49 -5.87 -35.08
N TRP C 321 -16.56 -7.09 -34.54
CA TRP C 321 -15.52 -7.64 -33.67
C TRP C 321 -15.47 -6.90 -32.35
N ARG C 322 -16.20 -5.80 -32.26
CA ARG C 322 -16.50 -5.11 -31.02
C ARG C 322 -17.93 -5.35 -30.57
N ARG C 323 -18.86 -5.33 -31.52
CA ARG C 323 -20.25 -5.65 -31.26
C ARG C 323 -20.57 -7.13 -31.47
N ARG C 324 -19.59 -7.93 -31.87
CA ARG C 324 -19.83 -9.35 -32.09
C ARG C 324 -19.65 -10.14 -30.80
N HIS C 325 -20.42 -11.21 -30.68
CA HIS C 325 -20.37 -12.04 -29.49
C HIS C 325 -19.15 -12.96 -29.55
N TRP C 326 -18.63 -13.29 -28.36
CA TRP C 326 -17.40 -14.07 -28.30
C TRP C 326 -17.54 -15.42 -28.99
N ALA C 327 -18.76 -15.96 -29.07
CA ALA C 327 -18.95 -17.25 -29.72
C ALA C 327 -18.62 -17.17 -31.21
N GLY C 328 -19.17 -16.18 -31.91
CA GLY C 328 -18.87 -16.03 -33.32
C GLY C 328 -17.42 -15.73 -33.57
N LYS C 329 -16.81 -14.91 -32.70
CA LYS C 329 -15.38 -14.67 -32.78
C LYS C 329 -14.61 -15.98 -32.72
N LEU C 330 -14.89 -16.80 -31.70
CA LEU C 330 -14.15 -18.04 -31.54
C LEU C 330 -14.34 -18.95 -32.74
N ILE C 331 -15.58 -19.07 -33.21
CA ILE C 331 -15.85 -19.95 -34.35
C ILE C 331 -15.09 -19.48 -35.58
N THR C 332 -15.11 -18.18 -35.85
CA THR C 332 -14.47 -17.71 -37.08
C THR C 332 -12.95 -17.76 -36.99
N CYS C 333 -12.37 -17.50 -35.82
CA CYS C 333 -10.93 -17.66 -35.67
C CYS C 333 -10.52 -19.11 -35.86
N VAL C 334 -11.23 -20.05 -35.25
CA VAL C 334 -10.91 -21.46 -35.46
C VAL C 334 -11.08 -21.82 -36.93
N PHE C 335 -12.10 -21.26 -37.58
CA PHE C 335 -12.40 -21.56 -38.97
C PHE C 335 -11.25 -21.13 -39.88
N ILE C 336 -10.82 -19.88 -39.74
CA ILE C 336 -9.73 -19.35 -40.56
C ILE C 336 -8.41 -20.03 -40.21
N GLY C 337 -8.16 -20.28 -38.93
CA GLY C 337 -6.98 -21.03 -38.56
C GLY C 337 -6.95 -22.39 -39.20
N LEU C 338 -8.10 -23.07 -39.24
CA LEU C 338 -8.17 -24.39 -39.84
C LEU C 338 -7.84 -24.35 -41.32
N MET C 339 -8.33 -23.34 -42.06
CA MET C 339 -7.90 -23.27 -43.44
C MET C 339 -6.75 -22.30 -43.69
N PHE C 340 -5.88 -22.09 -42.70
CA PHE C 340 -4.65 -21.34 -42.99
C PHE C 340 -3.85 -21.89 -44.17
N PRO C 341 -3.68 -23.22 -44.36
CA PRO C 341 -2.87 -23.66 -45.50
C PRO C 341 -3.46 -23.26 -46.84
N LEU C 342 -4.79 -23.25 -46.96
CA LEU C 342 -5.41 -22.85 -48.21
C LEU C 342 -5.15 -21.37 -48.50
N LEU C 343 -5.32 -20.52 -47.49
CA LEU C 343 -5.06 -19.10 -47.67
C LEU C 343 -3.62 -18.85 -48.07
N SER C 344 -2.68 -19.54 -47.41
CA SER C 344 -1.28 -19.38 -47.77
C SER C 344 -1.01 -19.87 -49.18
N LEU C 345 -1.65 -20.98 -49.58
CA LEU C 345 -1.49 -21.48 -50.94
C LEU C 345 -1.98 -20.47 -51.98
N CYS C 346 -3.15 -19.87 -51.73
CA CYS C 346 -3.66 -18.86 -52.64
C CYS C 346 -2.70 -17.68 -52.73
N TYR C 347 -2.18 -17.22 -51.60
CA TYR C 347 -1.21 -16.13 -51.68
C TYR C 347 0.07 -16.55 -52.39
N LEU C 348 0.41 -17.84 -52.36
CA LEU C 348 1.54 -18.32 -53.14
C LEU C 348 1.28 -18.22 -54.63
N VAL C 349 0.14 -18.73 -55.09
CA VAL C 349 -0.06 -18.90 -56.52
C VAL C 349 -0.70 -17.67 -57.16
N ALA C 350 -1.70 -17.09 -56.53
CA ALA C 350 -2.46 -15.97 -57.09
C ALA C 350 -2.58 -14.86 -56.05
N PRO C 351 -1.49 -14.14 -55.79
CA PRO C 351 -1.53 -13.11 -54.75
C PRO C 351 -2.18 -11.81 -55.23
N LYS C 352 -3.27 -11.94 -55.97
CA LYS C 352 -4.07 -10.78 -56.34
C LYS C 352 -5.56 -11.07 -56.39
N SER C 353 -5.99 -12.28 -56.05
CA SER C 353 -7.38 -12.67 -56.20
C SER C 353 -8.21 -12.21 -55.00
N ARG C 354 -9.47 -12.59 -54.99
CA ARG C 354 -10.35 -12.28 -53.86
C ARG C 354 -9.97 -13.07 -52.62
N TYR C 355 -9.15 -14.11 -52.75
CA TYR C 355 -8.68 -14.89 -51.62
C TYR C 355 -7.18 -14.77 -51.39
N GLY C 356 -6.40 -14.47 -52.43
CA GLY C 356 -4.98 -14.26 -52.24
C GLY C 356 -4.68 -13.03 -51.40
N LEU C 357 -5.54 -12.02 -51.48
CA LEU C 357 -5.37 -10.82 -50.67
C LEU C 357 -5.99 -10.96 -49.29
N PHE C 358 -6.66 -12.06 -49.00
CA PHE C 358 -7.36 -12.19 -47.74
C PHE C 358 -6.38 -12.39 -46.59
N ILE C 359 -5.26 -13.06 -46.86
CA ILE C 359 -4.19 -13.21 -45.87
C ILE C 359 -3.37 -11.94 -45.70
N ARG C 360 -3.49 -11.00 -46.63
CA ARG C 360 -2.80 -9.72 -46.51
C ARG C 360 -3.31 -8.88 -45.36
N LYS C 361 -4.44 -9.24 -44.79
CA LYS C 361 -5.04 -8.46 -43.72
C LYS C 361 -4.41 -8.83 -42.39
N PRO C 362 -3.97 -7.85 -41.59
CA PRO C 362 -3.10 -8.15 -40.45
C PRO C 362 -3.70 -9.13 -39.46
N PHE C 363 -4.98 -9.02 -39.16
CA PHE C 363 -5.59 -9.96 -38.22
C PHE C 363 -5.67 -11.36 -38.81
N ILE C 364 -5.99 -11.46 -40.09
CA ILE C 364 -6.07 -12.77 -40.73
C ILE C 364 -4.69 -13.43 -40.75
N LYS C 365 -3.64 -12.69 -41.09
CA LYS C 365 -2.35 -13.33 -41.13
C LYS C 365 -1.79 -13.60 -39.74
N PHE C 366 -2.21 -12.82 -38.74
CA PHE C 366 -1.85 -13.19 -37.37
C PHE C 366 -2.50 -14.50 -36.98
N ILE C 367 -3.78 -14.69 -37.36
CA ILE C 367 -4.44 -15.95 -37.11
C ILE C 367 -3.76 -17.09 -37.85
N CYS C 368 -3.31 -16.83 -39.08
CA CYS C 368 -2.65 -17.88 -39.86
C CYS C 368 -1.31 -18.27 -39.25
N HIS C 369 -0.51 -17.28 -38.84
CA HIS C 369 0.75 -17.60 -38.16
C HIS C 369 0.51 -18.34 -36.86
N THR C 370 -0.49 -17.92 -36.08
CA THR C 370 -0.79 -18.64 -34.85
C THR C 370 -1.21 -20.08 -35.14
N ALA C 371 -2.03 -20.28 -36.16
CA ALA C 371 -2.46 -21.64 -36.51
C ALA C 371 -1.28 -22.48 -36.97
N SER C 372 -0.38 -21.92 -37.76
CA SER C 372 0.80 -22.68 -38.17
C SER C 372 1.68 -23.02 -36.98
N TYR C 373 1.82 -22.10 -36.04
CA TYR C 373 2.60 -22.40 -34.85
C TYR C 373 1.96 -23.49 -34.00
N LEU C 374 0.64 -23.44 -33.85
CA LEU C 374 -0.03 -24.51 -33.10
C LEU C 374 0.09 -25.84 -33.83
N THR C 375 0.05 -25.83 -35.16
CA THR C 375 0.30 -27.05 -35.91
C THR C 375 1.69 -27.59 -35.64
N PHE C 376 2.68 -26.69 -35.60
CA PHE C 376 4.05 -27.10 -35.28
C PHE C 376 4.11 -27.73 -33.90
N LEU C 377 3.53 -27.08 -32.89
CA LEU C 377 3.58 -27.61 -31.54
C LEU C 377 2.88 -28.96 -31.43
N PHE C 378 1.75 -29.11 -32.12
CA PHE C 378 1.10 -30.42 -32.12
C PHE C 378 1.96 -31.46 -32.81
N LEU C 379 2.76 -31.05 -33.80
CA LEU C 379 3.69 -32.01 -34.41
C LEU C 379 4.77 -32.43 -33.43
N LEU C 380 5.30 -31.48 -32.65
CA LEU C 380 6.21 -31.83 -31.57
C LEU C 380 5.58 -32.76 -30.56
N LEU C 381 4.29 -32.58 -30.26
CA LEU C 381 3.64 -33.52 -29.37
C LEU C 381 3.57 -34.90 -29.98
N LEU C 382 3.23 -34.99 -31.27
CA LEU C 382 3.22 -36.30 -31.93
C LEU C 382 4.60 -36.92 -31.99
N ALA C 383 5.65 -36.10 -31.99
CA ALA C 383 7.00 -36.65 -32.08
C ALA C 383 7.35 -37.55 -30.90
N SER C 384 6.62 -37.44 -29.78
CA SER C 384 6.89 -38.23 -28.59
C SER C 384 5.87 -39.33 -28.36
N GLN C 385 5.18 -39.76 -29.40
CA GLN C 385 4.21 -40.86 -29.30
C GLN C 385 4.78 -42.11 -29.94
N HIS C 386 4.60 -43.24 -29.26
CA HIS C 386 5.14 -44.51 -29.74
C HIS C 386 4.41 -45.03 -30.97
N ILE C 387 3.30 -44.42 -31.36
CA ILE C 387 2.52 -44.89 -32.50
C ILE C 387 3.07 -44.35 -33.81
N VAL C 388 3.83 -43.27 -33.81
CA VAL C 388 4.33 -42.66 -35.03
C VAL C 388 5.83 -42.44 -34.93
N SER C 389 6.49 -43.18 -34.04
CA SER C 389 7.94 -43.12 -33.88
C SER C 389 8.56 -44.42 -34.35
N ASN C 390 9.89 -44.44 -34.39
CA ASN C 390 10.62 -45.65 -34.72
C ASN C 390 10.99 -46.38 -33.43
N ASN C 391 11.64 -47.53 -33.57
CA ASN C 391 12.03 -48.27 -32.38
C ASN C 391 13.25 -47.65 -31.71
N PRO C 392 13.39 -47.80 -30.39
CA PRO C 392 14.52 -47.16 -29.70
C PRO C 392 15.85 -47.84 -29.98
N ASP C 393 15.85 -49.10 -30.43
CA ASP C 393 17.09 -49.85 -30.61
C ASP C 393 17.63 -49.65 -32.03
N ARG C 394 17.87 -48.40 -32.37
CA ARG C 394 18.26 -48.04 -33.72
C ARG C 394 19.16 -46.81 -33.65
N GLN C 395 20.46 -47.00 -33.81
CA GLN C 395 21.38 -45.88 -33.95
C GLN C 395 21.29 -45.35 -35.38
N GLY C 396 21.33 -44.03 -35.53
CA GLY C 396 21.14 -43.45 -36.83
C GLY C 396 19.71 -43.64 -37.29
N PRO C 397 18.79 -42.93 -36.65
CA PRO C 397 17.36 -43.30 -36.74
C PRO C 397 16.77 -43.22 -38.14
N LYS C 398 17.36 -42.47 -39.07
CA LYS C 398 16.74 -42.28 -40.39
C LYS C 398 15.37 -41.63 -40.20
N PRO C 399 15.34 -40.32 -39.94
CA PRO C 399 14.15 -39.65 -39.41
C PRO C 399 12.79 -40.03 -39.98
N THR C 400 11.82 -40.14 -39.09
CA THR C 400 10.48 -40.60 -39.42
C THR C 400 9.68 -39.53 -40.14
N THR C 401 8.41 -39.85 -40.44
CA THR C 401 7.55 -38.94 -41.18
C THR C 401 7.28 -37.67 -40.38
N VAL C 402 7.04 -37.80 -39.08
CA VAL C 402 6.74 -36.62 -38.28
C VAL C 402 7.91 -35.66 -38.28
N GLU C 403 9.14 -36.16 -38.15
CA GLU C 403 10.29 -35.26 -38.14
C GLU C 403 10.46 -34.61 -39.51
N TRP C 404 10.21 -35.36 -40.59
CA TRP C 404 10.23 -34.77 -41.93
C TRP C 404 9.26 -33.61 -42.03
N MET C 405 8.03 -33.80 -41.54
CA MET C 405 7.06 -32.72 -41.57
C MET C 405 7.46 -31.58 -40.65
N ILE C 406 8.20 -31.87 -39.59
CA ILE C 406 8.68 -30.82 -38.70
C ILE C 406 9.71 -29.96 -39.41
N LEU C 407 10.54 -30.57 -40.25
CA LEU C 407 11.67 -29.88 -40.87
C LEU C 407 11.32 -28.58 -41.59
N PRO C 408 10.27 -28.50 -42.42
CA PRO C 408 9.98 -27.21 -43.05
C PRO C 408 9.66 -26.11 -42.06
N TRP C 409 8.99 -26.42 -40.94
CA TRP C 409 8.77 -25.41 -39.92
C TRP C 409 10.08 -24.93 -39.34
N VAL C 410 11.02 -25.84 -39.09
CA VAL C 410 12.31 -25.45 -38.53
C VAL C 410 13.06 -24.54 -39.49
N LEU C 411 13.09 -24.91 -40.77
CA LEU C 411 13.77 -24.09 -41.75
C LEU C 411 13.10 -22.72 -41.88
N GLY C 412 11.77 -22.68 -41.88
CA GLY C 412 11.07 -21.41 -41.93
C GLY C 412 11.33 -20.54 -40.72
N PHE C 413 11.41 -21.15 -39.54
CA PHE C 413 11.72 -20.39 -38.34
C PHE C 413 13.12 -19.80 -38.41
N ILE C 414 14.08 -20.59 -38.87
CA ILE C 414 15.45 -20.09 -39.00
C ILE C 414 15.51 -18.97 -40.02
N TRP C 415 14.80 -19.13 -41.13
CA TRP C 415 14.77 -18.09 -42.16
C TRP C 415 14.15 -16.80 -41.64
N THR C 416 13.07 -16.92 -40.89
CA THR C 416 12.45 -15.74 -40.30
C THR C 416 13.39 -15.05 -39.33
N GLU C 417 14.10 -15.82 -38.51
CA GLU C 417 15.00 -15.21 -37.57
C GLU C 417 16.17 -14.53 -38.28
N ILE C 418 16.67 -15.14 -39.36
CA ILE C 418 17.72 -14.51 -40.16
C ILE C 418 17.23 -13.19 -40.74
N LYS C 419 16.03 -13.18 -41.29
CA LYS C 419 15.49 -11.95 -41.87
C LYS C 419 15.33 -10.86 -40.81
N GLN C 420 14.85 -11.23 -39.62
CA GLN C 420 14.75 -10.25 -38.55
C GLN C 420 16.13 -9.72 -38.15
N MET C 421 17.12 -10.61 -38.05
CA MET C 421 18.48 -10.17 -37.71
C MET C 421 19.03 -9.23 -38.77
N TRP C 422 18.64 -9.42 -40.03
CA TRP C 422 19.09 -8.51 -41.08
C TRP C 422 18.31 -7.20 -41.07
N ASP C 423 17.01 -7.26 -41.34
CA ASP C 423 16.18 -6.06 -41.45
C ASP C 423 15.83 -5.57 -40.05
N GLY C 424 16.78 -4.85 -39.45
CA GLY C 424 16.58 -4.35 -38.10
C GLY C 424 17.86 -4.31 -37.30
N GLY C 425 18.93 -4.85 -37.85
CA GLY C 425 20.21 -4.85 -37.19
C GLY C 425 20.33 -5.93 -36.13
N PHE C 426 21.41 -5.82 -35.35
CA PHE C 426 21.71 -6.79 -34.32
C PHE C 426 21.61 -6.22 -32.91
N GLN C 427 21.51 -4.90 -32.76
CA GLN C 427 21.32 -4.31 -31.44
C GLN C 427 19.84 -4.27 -31.07
N ASP C 428 19.00 -3.74 -31.96
CA ASP C 428 17.56 -3.75 -31.72
C ASP C 428 17.03 -5.18 -31.67
N TYR C 429 17.69 -6.10 -32.38
CA TYR C 429 17.21 -7.48 -32.43
C TYR C 429 17.28 -8.14 -31.07
N ILE C 430 18.37 -7.94 -30.33
CA ILE C 430 18.55 -8.59 -29.03
C ILE C 430 17.89 -7.84 -27.90
N HIS C 431 17.36 -6.64 -28.16
CA HIS C 431 16.63 -5.93 -27.11
C HIS C 431 15.38 -6.69 -26.71
N ASP C 432 14.81 -7.46 -27.63
CA ASP C 432 13.67 -8.30 -27.31
C ASP C 432 14.16 -9.63 -26.77
N TRP C 433 13.65 -10.03 -25.60
CA TRP C 433 14.09 -11.28 -25.01
C TRP C 433 13.50 -12.47 -25.75
N TRP C 434 12.30 -12.32 -26.31
CA TRP C 434 11.74 -13.37 -27.14
C TRP C 434 12.64 -13.66 -28.33
N ASN C 435 13.37 -12.66 -28.82
CA ASN C 435 14.28 -12.89 -29.92
C ASN C 435 15.47 -13.74 -29.49
N LEU C 436 15.97 -13.50 -28.28
CA LEU C 436 17.03 -14.36 -27.75
C LEU C 436 16.53 -15.79 -27.58
N MET C 437 15.30 -15.95 -27.09
CA MET C 437 14.73 -17.29 -26.96
C MET C 437 14.60 -17.96 -28.32
N ASP C 438 14.17 -17.21 -29.33
CA ASP C 438 14.09 -17.76 -30.68
C ASP C 438 15.45 -18.18 -31.20
N PHE C 439 16.47 -17.37 -30.94
CA PHE C 439 17.82 -17.72 -31.38
C PHE C 439 18.28 -19.02 -30.73
N VAL C 440 18.05 -19.15 -29.43
CA VAL C 440 18.43 -20.39 -28.74
C VAL C 440 17.66 -21.58 -29.31
N MET C 441 16.36 -21.40 -29.53
CA MET C 441 15.54 -22.47 -30.09
C MET C 441 16.07 -22.94 -31.43
N ASN C 442 16.36 -22.00 -32.33
CA ASN C 442 16.80 -22.38 -33.66
C ASN C 442 18.21 -22.94 -33.66
N SER C 443 19.07 -22.43 -32.77
CA SER C 443 20.38 -23.06 -32.60
C SER C 443 20.24 -24.50 -32.16
N LEU C 444 19.32 -24.76 -31.23
CA LEU C 444 19.11 -26.12 -30.75
C LEU C 444 18.56 -27.03 -31.85
N TYR C 445 17.66 -26.51 -32.68
CA TYR C 445 17.17 -27.33 -33.79
C TYR C 445 18.24 -27.58 -34.84
N LEU C 446 19.10 -26.60 -35.10
CA LEU C 446 20.24 -26.84 -35.98
C LEU C 446 21.14 -27.92 -35.42
N ALA C 447 21.39 -27.88 -34.11
CA ALA C 447 22.16 -28.93 -33.47
C ALA C 447 21.48 -30.29 -33.61
N THR C 448 20.16 -30.33 -33.49
CA THR C 448 19.44 -31.58 -33.66
C THR C 448 19.64 -32.16 -35.06
N ILE C 449 19.48 -31.31 -36.08
CA ILE C 449 19.65 -31.78 -37.45
C ILE C 449 21.08 -32.26 -37.69
N SER C 450 22.07 -31.49 -37.23
CA SER C 450 23.45 -31.87 -37.45
C SER C 450 23.79 -33.18 -36.73
N LEU C 451 23.31 -33.34 -35.50
CA LEU C 451 23.62 -34.55 -34.75
C LEU C 451 22.93 -35.76 -35.35
N LYS C 452 21.70 -35.59 -35.83
CA LYS C 452 21.02 -36.69 -36.52
C LYS C 452 21.78 -37.08 -37.79
N ILE C 453 22.25 -36.09 -38.54
CA ILE C 453 23.01 -36.38 -39.76
C ILE C 453 24.29 -37.12 -39.41
N VAL C 454 25.01 -36.66 -38.39
CA VAL C 454 26.25 -37.31 -37.99
C VAL C 454 25.98 -38.75 -37.56
N ALA C 455 24.94 -38.96 -36.77
CA ALA C 455 24.61 -40.31 -36.34
C ALA C 455 24.22 -41.20 -37.51
N TYR C 456 23.60 -40.63 -38.55
CA TYR C 456 23.19 -41.45 -39.68
C TYR C 456 24.39 -41.87 -40.53
N VAL C 457 25.46 -41.08 -40.56
CA VAL C 457 26.60 -41.37 -41.40
C VAL C 457 27.76 -41.97 -40.62
N LYS C 458 27.54 -42.31 -39.36
CA LYS C 458 28.57 -42.96 -38.55
C LYS C 458 28.08 -44.15 -37.75
N TYR C 459 26.77 -44.31 -37.54
CA TYR C 459 26.21 -45.41 -36.77
C TYR C 459 25.13 -46.08 -37.62
N SER C 460 25.55 -46.99 -38.49
CA SER C 460 24.62 -47.71 -39.36
C SER C 460 24.06 -48.96 -38.71
N GLY C 461 24.55 -49.34 -37.53
CA GLY C 461 24.07 -50.53 -36.86
C GLY C 461 23.00 -50.23 -35.84
N CYS C 462 22.28 -51.29 -35.44
CA CYS C 462 21.22 -51.20 -34.45
C CYS C 462 21.53 -52.15 -33.29
N LYS C 463 21.26 -51.68 -32.08
CA LYS C 463 21.54 -52.43 -30.87
C LYS C 463 20.67 -51.89 -29.76
N PRO C 464 20.43 -52.66 -28.70
CA PRO C 464 19.52 -52.19 -27.64
C PRO C 464 20.04 -50.92 -26.99
N ARG C 465 19.09 -50.06 -26.60
CA ARG C 465 19.45 -48.74 -26.10
C ARG C 465 20.16 -48.81 -24.76
N ASP C 466 19.81 -49.77 -23.92
CA ASP C 466 20.43 -49.86 -22.60
C ASP C 466 21.94 -50.02 -22.71
N THR C 467 22.42 -50.66 -23.76
CA THR C 467 23.85 -50.91 -23.96
C THR C 467 24.57 -49.77 -24.67
N TRP C 468 23.85 -48.74 -25.09
CA TRP C 468 24.50 -47.64 -25.78
C TRP C 468 25.49 -46.96 -24.84
N GLU C 469 26.41 -46.20 -25.42
CA GLU C 469 27.36 -45.48 -24.61
C GLU C 469 26.92 -44.05 -24.44
N MET C 470 27.30 -43.46 -23.32
CA MET C 470 27.03 -42.06 -23.06
C MET C 470 27.60 -41.22 -24.20
N TRP C 471 27.05 -40.02 -24.38
CA TRP C 471 27.54 -39.07 -25.37
C TRP C 471 27.41 -39.62 -26.78
N HIS C 472 26.51 -40.57 -26.97
CA HIS C 472 26.18 -41.05 -28.29
C HIS C 472 25.49 -39.94 -29.07
N PRO C 473 25.87 -39.71 -30.33
CA PRO C 473 25.22 -38.63 -31.10
C PRO C 473 23.70 -38.69 -31.09
N THR C 474 23.11 -39.88 -31.18
CA THR C 474 21.66 -39.99 -31.18
C THR C 474 21.08 -39.54 -29.85
N LEU C 475 21.71 -39.94 -28.74
CA LEU C 475 21.21 -39.54 -27.43
C LEU C 475 21.27 -38.03 -27.25
N VAL C 476 22.37 -37.42 -27.66
CA VAL C 476 22.50 -35.97 -27.55
C VAL C 476 21.50 -35.29 -28.47
N ALA C 477 21.23 -35.90 -29.63
CA ALA C 477 20.22 -35.34 -30.53
C ALA C 477 18.85 -35.32 -29.87
N GLU C 478 18.47 -36.42 -29.22
CA GLU C 478 17.19 -36.43 -28.51
C GLU C 478 17.17 -35.40 -27.39
N ALA C 479 18.27 -35.25 -26.66
CA ALA C 479 18.31 -34.30 -25.56
C ALA C 479 18.12 -32.87 -26.05
N VAL C 480 18.90 -32.47 -27.06
CA VAL C 480 18.78 -31.10 -27.56
C VAL C 480 17.43 -30.89 -28.23
N PHE C 481 16.88 -31.91 -28.87
CA PHE C 481 15.56 -31.78 -29.45
C PHE C 481 14.50 -31.56 -28.38
N ALA C 482 14.62 -32.23 -27.25
CA ALA C 482 13.67 -32.03 -26.16
C ALA C 482 13.78 -30.63 -25.57
N ILE C 483 15.01 -30.14 -25.39
CA ILE C 483 15.18 -28.78 -24.90
C ILE C 483 14.56 -27.77 -25.88
N ALA C 484 14.79 -27.99 -27.18
CA ALA C 484 14.20 -27.13 -28.18
C ALA C 484 12.68 -27.22 -28.17
N ASN C 485 12.13 -28.40 -27.86
CA ASN C 485 10.68 -28.52 -27.72
C ASN C 485 10.16 -27.65 -26.59
N ILE C 486 10.87 -27.62 -25.46
CA ILE C 486 10.43 -26.77 -24.37
C ILE C 486 10.45 -25.30 -24.80
N PHE C 487 11.52 -24.88 -25.46
CA PHE C 487 11.59 -23.48 -25.87
C PHE C 487 10.52 -23.13 -26.91
N SER C 488 10.26 -24.05 -27.85
CA SER C 488 9.22 -23.83 -28.84
C SER C 488 7.87 -23.69 -28.18
N SER C 489 7.57 -24.53 -27.19
CA SER C 489 6.28 -24.45 -26.54
C SER C 489 6.16 -23.24 -25.62
N LEU C 490 7.28 -22.73 -25.10
CA LEU C 490 7.23 -21.49 -24.33
C LEU C 490 7.10 -20.27 -25.23
N ARG C 491 7.51 -20.36 -26.49
CA ARG C 491 7.31 -19.27 -27.43
C ARG C 491 5.84 -18.99 -27.68
N LEU C 492 4.96 -19.78 -27.07
CA LEU C 492 3.52 -19.60 -27.21
C LEU C 492 2.95 -18.60 -26.21
N ILE C 493 3.72 -18.17 -25.21
CA ILE C 493 3.21 -17.20 -24.26
C ILE C 493 3.27 -15.79 -24.82
N SER C 494 4.14 -15.54 -25.79
CA SER C 494 4.21 -14.22 -26.41
C SER C 494 2.97 -13.88 -27.21
N LEU C 495 2.18 -14.87 -27.61
CA LEU C 495 0.95 -14.60 -28.34
C LEU C 495 -0.19 -14.20 -27.44
N PHE C 496 0.09 -13.82 -26.20
CA PHE C 496 -0.94 -13.29 -25.32
C PHE C 496 -0.90 -11.79 -25.17
N THR C 497 0.10 -11.10 -25.70
CA THR C 497 -0.01 -9.65 -25.77
C THR C 497 -1.18 -9.26 -26.64
N ALA C 498 -1.62 -10.14 -27.53
CA ALA C 498 -2.77 -9.87 -28.39
C ALA C 498 -4.09 -9.93 -27.64
N ASN C 499 -4.11 -10.52 -26.47
CA ASN C 499 -5.33 -10.73 -25.71
C ASN C 499 -5.44 -9.67 -24.62
N SER C 500 -6.63 -9.07 -24.49
CA SER C 500 -6.83 -7.99 -23.54
C SER C 500 -6.94 -8.47 -22.10
N HIS C 501 -7.05 -9.77 -21.87
CA HIS C 501 -7.18 -10.33 -20.54
C HIS C 501 -5.87 -10.91 -20.03
N LEU C 502 -5.19 -11.69 -20.87
CA LEU C 502 -3.90 -12.27 -20.54
C LEU C 502 -2.73 -11.40 -20.96
N GLY C 503 -2.99 -10.30 -21.66
CA GLY C 503 -1.92 -9.44 -22.14
C GLY C 503 -1.27 -8.62 -21.07
N PRO C 504 -2.05 -7.79 -20.35
CA PRO C 504 -1.44 -6.99 -19.29
C PRO C 504 -0.76 -7.83 -18.24
N LEU C 505 -1.35 -8.99 -17.92
CA LEU C 505 -0.75 -9.90 -16.96
C LEU C 505 0.57 -10.43 -17.45
N GLN C 506 0.62 -10.92 -18.70
CA GLN C 506 1.85 -11.47 -19.22
C GLN C 506 2.95 -10.42 -19.30
N ILE C 507 2.59 -9.20 -19.71
CA ILE C 507 3.57 -8.12 -19.77
C ILE C 507 4.09 -7.80 -18.37
N SER C 508 3.20 -7.71 -17.38
CA SER C 508 3.64 -7.40 -16.02
C SER C 508 4.52 -8.49 -15.45
N LEU C 509 4.17 -9.76 -15.69
CA LEU C 509 5.02 -10.85 -15.22
C LEU C 509 6.39 -10.76 -15.87
N GLY C 510 6.45 -10.45 -17.16
CA GLY C 510 7.73 -10.21 -17.79
C GLY C 510 8.49 -9.04 -17.18
N ARG C 511 7.77 -8.07 -16.63
CA ARG C 511 8.43 -6.91 -16.03
C ARG C 511 8.95 -7.17 -14.62
N MET C 512 8.55 -8.26 -13.98
CA MET C 512 9.08 -8.59 -12.66
C MET C 512 10.35 -9.43 -12.73
N LEU C 513 10.73 -9.91 -13.92
CA LEU C 513 11.80 -10.88 -14.00
C LEU C 513 13.13 -10.32 -13.54
N LEU C 514 13.40 -9.04 -13.80
CA LEU C 514 14.72 -8.51 -13.46
C LEU C 514 14.99 -8.56 -11.96
N ASP C 515 13.99 -8.26 -11.15
CA ASP C 515 14.15 -8.40 -9.71
C ASP C 515 14.39 -9.85 -9.33
N ILE C 516 13.69 -10.78 -10.00
CA ILE C 516 13.94 -12.19 -9.76
C ILE C 516 15.39 -12.54 -10.06
N LEU C 517 15.93 -12.02 -11.16
CA LEU C 517 17.32 -12.33 -11.51
C LEU C 517 18.30 -11.79 -10.48
N LYS C 518 18.10 -10.55 -10.00
CA LYS C 518 19.01 -10.04 -8.98
C LYS C 518 18.93 -10.89 -7.71
N PHE C 519 17.71 -11.23 -7.30
CA PHE C 519 17.54 -12.05 -6.11
C PHE C 519 18.17 -13.42 -6.30
N LEU C 520 18.04 -14.00 -7.48
CA LEU C 520 18.61 -15.32 -7.74
C LEU C 520 20.12 -15.26 -7.79
N PHE C 521 20.70 -14.13 -8.17
CA PHE C 521 22.15 -14.00 -8.08
C PHE C 521 22.61 -14.04 -6.63
N ILE C 522 21.91 -13.31 -5.76
CA ILE C 522 22.22 -13.38 -4.33
C ILE C 522 22.05 -14.82 -3.81
N TYR C 523 20.97 -15.47 -4.23
CA TYR C 523 20.74 -16.84 -3.77
C TYR C 523 21.84 -17.77 -4.27
N CYS C 524 22.31 -17.57 -5.49
CA CYS C 524 23.41 -18.41 -5.98
C CYS C 524 24.66 -18.22 -5.15
N LEU C 525 24.92 -17.01 -4.68
CA LEU C 525 26.07 -16.84 -3.78
C LEU C 525 25.86 -17.59 -2.47
N VAL C 526 24.66 -17.50 -1.89
CA VAL C 526 24.38 -18.24 -0.65
C VAL C 526 24.55 -19.75 -0.88
N LEU C 527 24.03 -20.22 -2.00
CA LEU C 527 24.15 -21.62 -2.38
C LEU C 527 25.61 -22.05 -2.50
N LEU C 528 26.43 -21.22 -3.16
CA LEU C 528 27.85 -21.56 -3.30
C LEU C 528 28.55 -21.59 -1.96
N ALA C 529 28.21 -20.65 -1.07
CA ALA C 529 28.82 -20.65 0.26
C ALA C 529 28.53 -21.95 1.00
N PHE C 530 27.25 -22.32 1.10
CA PHE C 530 26.93 -23.53 1.84
C PHE C 530 27.40 -24.78 1.12
N ALA C 531 27.46 -24.77 -0.21
CA ALA C 531 28.01 -25.90 -0.93
C ALA C 531 29.49 -26.09 -0.61
N ASN C 532 30.24 -25.00 -0.62
CA ASN C 532 31.65 -25.06 -0.24
C ASN C 532 31.80 -25.65 1.15
N GLY C 533 31.02 -25.15 2.11
CA GLY C 533 31.14 -25.67 3.48
C GLY C 533 30.78 -27.14 3.60
N LEU C 534 29.63 -27.52 3.03
CA LEU C 534 29.16 -28.89 3.17
C LEU C 534 30.10 -29.87 2.47
N ASN C 535 30.58 -29.51 1.28
CA ASN C 535 31.54 -30.36 0.59
C ASN C 535 32.82 -30.49 1.40
N GLN C 536 33.29 -29.38 1.99
CA GLN C 536 34.48 -29.47 2.82
C GLN C 536 34.28 -30.42 3.98
N LEU C 537 33.09 -30.43 4.57
CA LEU C 537 32.83 -31.33 5.69
C LEU C 537 32.76 -32.78 5.26
N TYR C 538 32.15 -33.06 4.11
CA TYR C 538 31.71 -34.39 3.79
C TYR C 538 32.56 -35.13 2.75
N PHE C 539 33.59 -34.51 2.20
CA PHE C 539 34.25 -35.14 1.07
C PHE C 539 35.20 -36.25 1.50
N TYR C 540 35.43 -36.44 2.79
CA TYR C 540 36.28 -37.53 3.23
C TYR C 540 35.54 -38.85 3.33
N TYR C 541 34.21 -38.83 3.31
CA TYR C 541 33.43 -40.05 3.45
C TYR C 541 32.77 -40.48 2.16
N GLU C 542 33.30 -40.06 1.01
CA GLU C 542 32.77 -40.52 -0.26
C GLU C 542 32.82 -42.03 -0.32
N ASN C 543 31.73 -42.64 -0.77
CA ASN C 543 31.54 -44.08 -0.68
C ASN C 543 31.13 -44.62 -2.04
N SER C 544 31.66 -45.76 -2.38
CA SER C 544 31.28 -46.43 -3.62
C SER C 544 30.84 -47.87 -3.41
N GLU C 545 31.47 -48.59 -2.49
CA GLU C 545 31.18 -50.00 -2.30
C GLU C 545 29.73 -50.20 -1.89
N GLY C 546 29.12 -51.26 -2.41
CA GLY C 546 27.72 -51.52 -2.14
C GLY C 546 26.81 -50.99 -3.23
N MET C 547 26.30 -49.77 -3.04
CA MET C 547 25.35 -49.17 -3.96
C MET C 547 25.84 -49.24 -5.40
N THR C 548 24.88 -49.29 -6.33
CA THR C 548 25.18 -49.29 -7.75
C THR C 548 24.79 -47.99 -8.43
N CYS C 549 23.90 -47.20 -7.83
CA CYS C 549 23.58 -45.86 -8.29
C CYS C 549 23.99 -44.88 -7.20
N LYS C 550 24.82 -43.90 -7.56
CA LYS C 550 25.37 -42.97 -6.58
C LYS C 550 24.88 -41.55 -6.87
N GLY C 551 24.45 -40.87 -5.82
CA GLY C 551 23.98 -39.50 -5.90
C GLY C 551 22.70 -39.34 -5.11
N ILE C 552 21.98 -38.26 -5.42
CA ILE C 552 20.68 -38.01 -4.80
C ILE C 552 19.53 -38.47 -5.68
N ARG C 553 19.75 -38.68 -6.95
CA ARG C 553 18.74 -39.18 -7.86
C ARG C 553 18.71 -40.70 -7.78
N CYS C 554 18.41 -41.25 -6.61
CA CYS C 554 18.27 -42.68 -6.47
C CYS C 554 17.35 -42.95 -5.28
N GLU C 555 16.78 -44.15 -5.25
CA GLU C 555 15.80 -44.47 -4.20
C GLU C 555 16.38 -44.22 -2.82
N ARG C 556 17.54 -44.79 -2.54
CA ARG C 556 18.23 -44.56 -1.28
C ARG C 556 19.29 -43.51 -1.57
N GLN C 557 19.03 -42.28 -1.14
CA GLN C 557 19.84 -41.13 -1.50
C GLN C 557 21.18 -41.24 -0.80
N ASN C 558 22.17 -41.76 -1.50
CA ASN C 558 23.53 -41.88 -0.99
C ASN C 558 24.24 -40.57 -1.28
N ASN C 559 25.57 -40.59 -1.35
CA ASN C 559 26.44 -39.44 -1.24
C ASN C 559 25.83 -38.18 -1.83
N ALA C 560 25.63 -37.18 -0.99
CA ALA C 560 24.94 -35.97 -1.38
C ALA C 560 25.79 -34.74 -1.26
N PHE C 561 26.88 -34.80 -0.50
CA PHE C 561 27.81 -33.70 -0.34
C PHE C 561 29.24 -34.15 -0.56
N SER C 562 29.44 -35.23 -1.32
CA SER C 562 30.75 -35.82 -1.50
C SER C 562 31.52 -35.23 -2.66
N THR C 563 30.86 -34.54 -3.58
CA THR C 563 31.53 -33.77 -4.62
C THR C 563 30.84 -32.42 -4.70
N LEU C 564 31.54 -31.43 -5.25
CA LEU C 564 30.99 -30.08 -5.30
C LEU C 564 29.76 -30.02 -6.18
N PHE C 565 29.79 -30.71 -7.31
CA PHE C 565 28.63 -30.76 -8.19
C PHE C 565 27.45 -31.42 -7.50
N GLU C 566 27.70 -32.55 -6.84
CA GLU C 566 26.63 -33.25 -6.13
C GLU C 566 26.12 -32.41 -4.96
N THR C 567 27.00 -31.69 -4.29
CA THR C 567 26.58 -30.78 -3.23
C THR C 567 25.68 -29.69 -3.78
N LEU C 568 26.04 -29.13 -4.94
CA LEU C 568 25.22 -28.10 -5.55
C LEU C 568 23.83 -28.62 -5.88
N GLN C 569 23.75 -29.83 -6.44
CA GLN C 569 22.43 -30.42 -6.71
C GLN C 569 21.66 -30.69 -5.43
N SER C 570 22.33 -31.19 -4.40
CA SER C 570 21.65 -31.48 -3.15
C SER C 570 21.06 -30.22 -2.55
N LEU C 571 21.84 -29.13 -2.53
CA LEU C 571 21.34 -27.89 -1.96
C LEU C 571 20.30 -27.24 -2.86
N PHE C 572 20.34 -27.48 -4.16
CA PHE C 572 19.26 -27.00 -5.02
C PHE C 572 17.96 -27.74 -4.74
N TRP C 573 18.00 -29.06 -4.70
CA TRP C 573 16.77 -29.82 -4.51
C TRP C 573 16.29 -29.77 -3.07
N SER C 574 17.13 -29.34 -2.15
CA SER C 574 16.71 -29.17 -0.77
C SER C 574 15.62 -28.13 -0.63
N ILE C 575 15.57 -27.15 -1.53
CA ILE C 575 14.60 -26.07 -1.41
C ILE C 575 13.21 -26.48 -1.88
N PHE C 576 13.06 -27.68 -2.43
CA PHE C 576 11.75 -28.24 -2.72
C PHE C 576 11.44 -29.45 -1.88
N GLY C 577 12.26 -29.74 -0.87
CA GLY C 577 12.00 -30.86 0.01
C GLY C 577 12.23 -32.21 -0.59
N LEU C 578 13.03 -32.30 -1.64
CA LEU C 578 13.26 -33.55 -2.34
C LEU C 578 14.52 -34.26 -1.87
N ILE C 579 15.22 -33.71 -0.89
CA ILE C 579 16.41 -34.31 -0.33
C ILE C 579 16.04 -34.79 1.07
N SER C 580 16.26 -36.06 1.35
CA SER C 580 15.88 -36.61 2.64
C SER C 580 16.88 -36.18 3.70
N LEU C 581 16.51 -36.42 4.95
CA LEU C 581 17.32 -35.98 6.07
C LEU C 581 18.48 -36.91 6.38
N TYR C 582 18.45 -38.13 5.86
CA TYR C 582 19.47 -39.12 6.17
C TYR C 582 20.69 -39.03 5.26
N VAL C 583 20.73 -38.05 4.35
CA VAL C 583 21.92 -37.85 3.54
C VAL C 583 23.01 -37.14 4.31
N THR C 584 22.69 -36.59 5.48
CA THR C 584 23.67 -35.94 6.32
C THR C 584 24.43 -36.93 7.19
N ASN C 585 24.14 -38.21 7.10
CA ASN C 585 24.84 -39.25 7.84
C ASN C 585 26.01 -39.79 7.05
N VAL C 586 26.94 -40.42 7.76
CA VAL C 586 28.06 -41.12 7.16
C VAL C 586 28.05 -42.56 7.66
N LYS C 587 28.89 -43.40 7.03
CA LYS C 587 29.02 -44.79 7.43
C LYS C 587 29.88 -44.99 8.66
N ALA C 588 30.12 -43.94 9.43
CA ALA C 588 30.89 -44.03 10.66
C ALA C 588 30.03 -43.56 11.83
N ASP C 589 30.55 -43.72 13.04
CA ASP C 589 29.85 -43.32 14.25
C ASP C 589 30.12 -41.87 14.62
N HIS C 590 30.55 -41.05 13.66
CA HIS C 590 30.98 -39.69 13.93
C HIS C 590 29.76 -38.79 14.06
N LYS C 591 29.15 -38.81 15.23
CA LYS C 591 27.95 -38.02 15.46
C LYS C 591 28.25 -36.53 15.45
N PHE C 592 29.48 -36.13 15.74
CA PHE C 592 29.80 -34.71 15.73
C PHE C 592 29.80 -34.15 14.32
N THR C 593 30.47 -34.83 13.38
CA THR C 593 30.49 -34.36 12.01
C THR C 593 29.10 -34.40 11.40
N GLU C 594 28.34 -35.46 11.69
CA GLU C 594 26.97 -35.54 11.21
C GLU C 594 26.13 -34.40 11.76
N PHE C 595 26.29 -34.08 13.04
CA PHE C 595 25.52 -32.99 13.60
C PHE C 595 25.91 -31.65 12.98
N VAL C 596 27.20 -31.44 12.77
CA VAL C 596 27.64 -30.19 12.15
C VAL C 596 27.12 -30.10 10.72
N GLY C 597 27.13 -31.21 9.98
CA GLY C 597 26.58 -31.20 8.64
C GLY C 597 25.09 -30.95 8.61
N ALA C 598 24.36 -31.58 9.53
CA ALA C 598 22.93 -31.34 9.62
C ALA C 598 22.64 -29.90 10.02
N THR C 599 23.53 -29.27 10.78
CA THR C 599 23.33 -27.86 11.13
C THR C 599 23.65 -26.94 9.95
N MET C 600 24.67 -27.23 9.16
CA MET C 600 24.87 -26.50 7.91
C MET C 600 23.65 -26.64 7.02
N PHE C 601 23.15 -27.86 6.87
CA PHE C 601 21.98 -28.10 6.01
C PHE C 601 20.75 -27.38 6.54
N GLY C 602 20.54 -27.41 7.86
CA GLY C 602 19.39 -26.74 8.44
C GLY C 602 19.49 -25.24 8.34
N THR C 603 20.68 -24.68 8.54
CA THR C 603 20.88 -23.26 8.38
C THR C 603 20.66 -22.84 6.94
N TYR C 604 21.05 -23.68 5.99
CA TYR C 604 20.80 -23.35 4.59
C TYR C 604 19.31 -23.36 4.29
N ASN C 605 18.57 -24.33 4.85
CA ASN C 605 17.12 -24.34 4.65
C ASN C 605 16.45 -23.15 5.31
N VAL C 606 16.91 -22.75 6.50
CA VAL C 606 16.35 -21.55 7.12
C VAL C 606 16.62 -20.31 6.28
N ILE C 607 17.86 -20.16 5.82
CA ILE C 607 18.20 -18.97 5.05
C ILE C 607 17.42 -18.93 3.74
N SER C 608 17.29 -20.06 3.06
CA SER C 608 16.72 -20.05 1.73
C SER C 608 15.21 -20.18 1.70
N LEU C 609 14.64 -21.04 2.54
CA LEU C 609 13.22 -21.36 2.45
C LEU C 609 12.34 -20.49 3.32
N VAL C 610 12.84 -19.96 4.44
CA VAL C 610 12.02 -19.13 5.31
C VAL C 610 12.57 -17.73 5.46
N VAL C 611 13.67 -17.40 4.78
CA VAL C 611 14.17 -16.04 4.86
C VAL C 611 14.24 -15.46 3.45
N LEU C 612 15.07 -16.05 2.58
CA LEU C 612 15.22 -15.49 1.24
C LEU C 612 13.93 -15.59 0.45
N LEU C 613 13.25 -16.71 0.51
CA LEU C 613 12.03 -16.88 -0.28
C LEU C 613 10.99 -15.83 0.09
N ASN C 614 10.84 -15.56 1.38
CA ASN C 614 9.88 -14.54 1.81
C ASN C 614 10.35 -13.14 1.44
N MET C 615 11.66 -12.89 1.46
CA MET C 615 12.17 -11.62 0.98
C MET C 615 11.87 -11.44 -0.51
N LEU C 616 11.94 -12.52 -1.27
CA LEU C 616 11.56 -12.48 -2.68
C LEU C 616 10.08 -12.15 -2.83
N ILE C 617 9.23 -12.74 -1.99
CA ILE C 617 7.82 -12.39 -2.03
C ILE C 617 7.62 -10.90 -1.73
N ALA C 618 8.32 -10.39 -0.73
CA ALA C 618 8.20 -8.97 -0.39
C ALA C 618 8.65 -8.05 -1.53
N MET C 619 9.80 -8.36 -2.13
CA MET C 619 10.27 -7.52 -3.23
C MET C 619 9.32 -7.60 -4.42
N MET C 620 8.78 -8.78 -4.70
CA MET C 620 7.83 -8.93 -5.79
C MET C 620 6.57 -8.11 -5.54
N ASN C 621 6.11 -8.09 -4.29
CA ASN C 621 4.93 -7.31 -3.96
C ASN C 621 5.19 -5.83 -4.17
N ASN C 622 6.35 -5.34 -3.73
CA ASN C 622 6.67 -3.94 -3.98
C ASN C 622 6.76 -3.66 -5.47
N SER C 623 7.38 -4.55 -6.23
CA SER C 623 7.47 -4.36 -7.67
C SER C 623 6.09 -4.30 -8.31
N TYR C 624 5.23 -5.25 -7.97
CA TYR C 624 3.93 -5.34 -8.61
C TYR C 624 3.02 -4.19 -8.21
N GLN C 625 3.25 -3.56 -7.06
CA GLN C 625 2.49 -2.36 -6.76
C GLN C 625 2.66 -1.32 -7.86
N HIS C 626 3.91 -1.02 -8.22
CA HIS C 626 4.18 -0.02 -9.24
C HIS C 626 3.86 -0.54 -10.64
N ILE C 627 4.25 -1.78 -10.94
CA ILE C 627 4.13 -2.31 -12.29
C ILE C 627 2.68 -2.32 -12.74
N ALA C 628 1.76 -2.66 -11.84
CA ALA C 628 0.36 -2.70 -12.19
C ALA C 628 -0.24 -1.32 -12.44
N ASP C 629 0.43 -0.25 -12.03
CA ASP C 629 -0.07 1.09 -12.39
C ASP C 629 0.07 1.34 -13.87
N HIS C 630 1.24 1.10 -14.44
CA HIS C 630 1.42 1.21 -15.88
C HIS C 630 1.20 -0.14 -16.57
N ALA C 631 0.12 -0.81 -16.25
CA ALA C 631 -0.11 -2.11 -16.87
C ALA C 631 -0.72 -1.96 -18.25
N ASP C 632 -1.78 -1.15 -18.37
CA ASP C 632 -2.41 -0.94 -19.66
C ASP C 632 -1.49 -0.24 -20.64
N ILE C 633 -0.74 0.77 -20.17
CA ILE C 633 0.13 1.51 -21.08
C ILE C 633 1.20 0.59 -21.67
N GLU C 634 1.87 -0.17 -20.81
CA GLU C 634 2.89 -1.10 -21.29
C GLU C 634 2.30 -2.20 -22.14
N TRP C 635 1.13 -2.72 -21.77
CA TRP C 635 0.57 -3.79 -22.56
C TRP C 635 0.17 -3.27 -23.93
N LYS C 636 -0.38 -2.06 -24.01
CA LYS C 636 -0.76 -1.49 -25.29
C LYS C 636 0.45 -1.19 -26.15
N PHE C 637 1.55 -0.78 -25.54
CA PHE C 637 2.80 -0.67 -26.29
C PHE C 637 3.21 -2.02 -26.87
N ALA C 638 3.17 -3.07 -26.06
CA ALA C 638 3.55 -4.39 -26.54
C ALA C 638 2.62 -4.89 -27.62
N ARG C 639 1.31 -4.67 -27.46
CA ARG C 639 0.34 -5.08 -28.46
C ARG C 639 0.49 -4.28 -29.74
N THR C 640 0.85 -3.00 -29.63
CA THR C 640 1.15 -2.22 -30.82
C THR C 640 2.35 -2.79 -31.56
N LYS C 641 3.40 -3.17 -30.84
CA LYS C 641 4.54 -3.79 -31.50
C LYS C 641 4.13 -5.07 -32.21
N LEU C 642 3.38 -5.93 -31.52
CA LEU C 642 2.93 -7.18 -32.13
C LEU C 642 2.08 -6.92 -33.35
N TRP C 643 1.10 -6.01 -33.24
CA TRP C 643 0.22 -5.68 -34.35
C TRP C 643 1.01 -5.16 -35.53
N MET C 644 1.92 -4.23 -35.27
CA MET C 644 2.64 -3.55 -36.34
C MET C 644 3.56 -4.52 -37.05
N SER C 645 4.01 -5.56 -36.35
CA SER C 645 4.80 -6.59 -37.03
C SER C 645 4.01 -7.34 -38.10
N TYR C 646 2.68 -7.21 -38.13
CA TYR C 646 1.87 -7.88 -39.14
C TYR C 646 1.26 -6.92 -40.15
N PHE C 647 1.74 -5.68 -40.21
CA PHE C 647 1.21 -4.72 -41.16
C PHE C 647 1.95 -4.73 -42.49
N GLU C 648 3.17 -5.26 -42.53
CA GLU C 648 3.99 -5.19 -43.72
C GLU C 648 3.62 -6.29 -44.72
N GLU C 649 4.05 -6.09 -45.96
CA GLU C 649 3.91 -7.13 -46.98
C GLU C 649 4.93 -8.24 -46.79
N GLY C 650 6.13 -7.91 -46.32
CA GLY C 650 7.11 -8.93 -46.03
C GLY C 650 6.72 -9.74 -44.81
N GLY C 651 7.12 -11.02 -44.83
CA GLY C 651 6.73 -11.92 -43.76
C GLY C 651 5.24 -12.17 -43.68
N THR C 652 4.60 -12.43 -44.82
CA THR C 652 3.17 -12.71 -44.86
C THR C 652 2.87 -14.19 -44.76
N LEU C 653 3.66 -15.02 -45.39
CA LEU C 653 3.37 -16.45 -45.34
C LEU C 653 3.90 -17.06 -44.04
N PRO C 654 3.20 -18.04 -43.49
CA PRO C 654 3.68 -18.72 -42.29
C PRO C 654 4.88 -19.58 -42.61
N PRO C 655 5.63 -20.00 -41.58
CA PRO C 655 6.94 -20.64 -41.79
C PRO C 655 6.91 -21.87 -42.68
N PRO C 656 5.93 -22.78 -42.57
CA PRO C 656 5.96 -23.93 -43.48
C PRO C 656 5.96 -23.52 -44.94
N PHE C 657 5.21 -22.48 -45.28
CA PHE C 657 5.15 -21.92 -46.62
C PHE C 657 6.13 -20.78 -46.83
N ASN C 658 6.80 -20.34 -45.77
CA ASN C 658 7.81 -19.30 -45.90
C ASN C 658 8.92 -19.72 -46.83
N ILE C 659 9.37 -20.97 -46.73
CA ILE C 659 10.43 -21.49 -47.59
C ILE C 659 9.76 -22.11 -48.81
N ILE C 660 9.38 -21.24 -49.75
CA ILE C 660 8.89 -21.68 -51.04
C ILE C 660 9.53 -20.80 -52.11
N PRO C 661 10.20 -21.37 -53.10
CA PRO C 661 10.71 -20.56 -54.21
C PRO C 661 9.64 -19.66 -54.81
N SER C 662 9.84 -18.36 -54.68
CA SER C 662 8.90 -17.34 -55.14
C SER C 662 8.75 -17.42 -56.66
N PRO C 663 7.79 -16.69 -57.27
CA PRO C 663 7.71 -16.66 -58.74
C PRO C 663 9.05 -16.53 -59.42
N LYS C 664 9.89 -15.60 -58.95
CA LYS C 664 11.25 -15.52 -59.47
C LYS C 664 12.17 -16.51 -58.76
N SER C 665 12.37 -16.31 -57.45
CA SER C 665 13.10 -17.22 -56.57
C SER C 665 14.59 -17.29 -56.89
N ILE C 666 15.00 -16.72 -58.01
CA ILE C 666 16.41 -16.65 -58.36
C ILE C 666 16.78 -15.22 -58.71
N CYS C 667 15.78 -14.41 -59.05
CA CYS C 667 16.04 -13.04 -59.47
C CYS C 667 16.46 -12.16 -58.30
N TYR C 668 15.76 -12.24 -57.18
CA TYR C 668 16.20 -11.49 -56.00
C TYR C 668 17.23 -12.28 -55.21
N LEU C 669 17.48 -13.53 -55.59
CA LEU C 669 18.56 -14.29 -54.96
C LEU C 669 19.91 -14.05 -55.64
N ILE C 670 19.94 -14.11 -56.98
CA ILE C 670 21.20 -13.86 -57.70
C ILE C 670 21.58 -12.39 -57.62
N THR C 671 20.61 -11.49 -57.81
CA THR C 671 20.90 -10.07 -57.88
C THR C 671 21.25 -9.47 -56.52
N TRP C 672 20.73 -10.05 -55.44
CA TRP C 672 21.02 -9.51 -54.11
C TRP C 672 22.51 -9.56 -53.80
N ILE C 673 23.19 -10.63 -54.23
CA ILE C 673 24.62 -10.78 -53.97
C ILE C 673 25.45 -10.01 -54.98
N LYS C 674 24.89 -9.65 -56.13
CA LYS C 674 25.64 -8.95 -57.18
C LYS C 674 25.85 -7.49 -56.79
N VAL C 675 26.66 -7.29 -55.75
CA VAL C 675 27.03 -5.96 -55.28
C VAL C 675 28.56 -5.83 -55.16
N HIS C 676 29.18 -6.72 -54.39
CA HIS C 676 30.62 -6.66 -54.13
C HIS C 676 31.14 -5.24 -53.86
N ARG C 694 12.01 14.37 -59.05
CA ARG C 694 10.82 15.06 -59.54
C ARG C 694 9.60 14.72 -58.68
N ALA C 695 9.81 14.71 -57.37
CA ALA C 695 8.75 14.39 -56.40
C ALA C 695 8.30 15.70 -55.75
N ALA C 696 7.33 16.35 -56.38
CA ALA C 696 6.76 17.57 -55.82
C ALA C 696 5.72 17.30 -54.74
N GLU C 697 5.28 16.05 -54.60
CA GLU C 697 4.38 15.69 -53.52
C GLU C 697 5.04 15.81 -52.16
N ASN C 698 6.36 15.69 -52.09
CA ASN C 698 7.07 15.76 -50.81
C ASN C 698 6.87 17.12 -50.15
N VAL C 699 7.08 18.19 -50.91
CA VAL C 699 6.93 19.53 -50.36
C VAL C 699 5.48 19.79 -49.95
N ARG C 700 4.53 19.33 -50.76
CA ARG C 700 3.12 19.53 -50.44
C ARG C 700 2.76 18.81 -49.15
N LEU C 701 3.21 17.56 -49.01
CA LEU C 701 3.00 16.82 -47.77
C LEU C 701 3.61 17.56 -46.59
N ASN C 702 4.81 18.11 -46.77
CA ASN C 702 5.48 18.80 -45.68
C ASN C 702 4.68 20.03 -45.24
N HIS C 703 4.18 20.81 -46.20
CA HIS C 703 3.39 21.99 -45.82
C HIS C 703 2.07 21.61 -45.17
N GLN C 704 1.40 20.56 -45.67
CA GLN C 704 0.14 20.17 -45.08
C GLN C 704 0.34 19.68 -43.64
N TYR C 705 1.41 18.92 -43.41
CA TYR C 705 1.80 18.55 -42.07
C TYR C 705 2.11 19.76 -41.21
N GLN C 706 2.76 20.77 -41.81
CA GLN C 706 3.06 21.98 -41.05
C GLN C 706 1.80 22.68 -40.60
N GLU C 707 0.79 22.75 -41.46
CA GLU C 707 -0.47 23.36 -41.05
C GLU C 707 -1.13 22.57 -39.93
N VAL C 708 -1.14 21.24 -40.05
CA VAL C 708 -1.68 20.41 -38.98
C VAL C 708 -0.95 20.70 -37.67
N LEU C 709 0.38 20.73 -37.72
CA LEU C 709 1.19 20.91 -36.52
C LEU C 709 0.98 22.29 -35.92
N ARG C 710 0.85 23.31 -36.76
CA ARG C 710 0.50 24.64 -36.27
C ARG C 710 -0.79 24.60 -35.47
N ASN C 711 -1.81 23.95 -36.01
CA ASN C 711 -3.09 23.89 -35.31
C ASN C 711 -2.98 23.13 -34.00
N LEU C 712 -2.30 21.98 -33.99
CA LEU C 712 -2.12 21.24 -32.75
C LEU C 712 -1.35 22.03 -31.70
N VAL C 713 -0.30 22.75 -32.10
CA VAL C 713 0.45 23.50 -31.11
C VAL C 713 -0.39 24.65 -30.57
N LYS C 714 -1.15 25.30 -31.45
CA LYS C 714 -2.07 26.35 -30.98
C LYS C 714 -3.05 25.80 -29.96
N ARG C 715 -3.67 24.67 -30.27
CA ARG C 715 -4.62 24.06 -29.35
C ARG C 715 -3.97 23.67 -28.04
N TYR C 716 -2.75 23.11 -28.11
CA TYR C 716 -2.06 22.70 -26.90
C TYR C 716 -1.76 23.88 -26.00
N VAL C 717 -1.23 24.97 -26.58
CA VAL C 717 -0.97 26.16 -25.80
C VAL C 717 -2.24 26.68 -25.17
N ALA C 718 -3.32 26.73 -25.94
CA ALA C 718 -4.58 27.24 -25.41
C ALA C 718 -5.10 26.37 -24.26
N ALA C 719 -5.02 25.06 -24.39
CA ALA C 719 -5.77 24.17 -23.52
C ALA C 719 -4.96 23.52 -22.41
N MET C 720 -3.64 23.68 -22.41
CA MET C 720 -2.84 23.12 -21.32
C MET C 720 -1.79 24.07 -20.78
N ILE C 721 -1.59 25.23 -21.40
CA ILE C 721 -0.73 26.26 -20.86
C ILE C 721 -1.54 27.43 -20.31
N ARG C 722 -2.66 27.74 -20.96
CA ARG C 722 -3.51 28.86 -20.57
C ARG C 722 -4.59 28.44 -19.59
N ASP C 723 -5.21 27.27 -19.78
CA ASP C 723 -6.27 26.81 -18.89
C ASP C 723 -5.74 25.96 -17.74
N ALA C 724 -4.72 25.14 -17.98
CA ALA C 724 -4.18 24.32 -16.91
C ALA C 724 -3.50 25.17 -15.84
N LYS C 725 -2.80 26.22 -16.26
CA LYS C 725 -2.21 27.14 -15.30
C LYS C 725 -3.30 27.81 -14.47
N THR C 726 -4.39 28.20 -15.11
CA THR C 726 -5.50 28.82 -14.39
C THR C 726 -6.06 27.89 -13.31
N GLU C 727 -6.18 26.60 -13.64
CA GLU C 727 -6.66 25.59 -12.68
C GLU C 727 -5.46 25.21 -11.82
N GLU C 728 -5.24 25.99 -10.77
CA GLU C 728 -4.15 25.76 -9.85
C GLU C 728 -4.60 26.01 -8.42
N GLY C 729 -3.65 26.08 -7.48
CA GLY C 729 -3.98 26.42 -6.11
C GLY C 729 -3.20 27.59 -5.59
N LEU C 730 -3.89 28.66 -5.20
CA LEU C 730 -3.21 29.90 -4.86
C LEU C 730 -2.46 29.76 -3.53
N THR C 731 -1.21 30.21 -3.52
CA THR C 731 -0.27 30.07 -2.42
C THR C 731 -0.35 31.26 -1.48
N GLU C 732 0.60 31.38 -0.57
CA GLU C 732 0.64 32.53 0.34
C GLU C 732 1.05 33.81 -0.38
N GLU C 733 1.76 33.70 -1.50
CA GLU C 733 2.14 34.87 -2.27
C GLU C 733 0.94 35.58 -2.88
N ASN C 734 -0.11 34.84 -3.20
CA ASN C 734 -1.31 35.44 -3.76
C ASN C 734 -2.06 36.25 -2.71
N PHE C 735 -2.14 35.73 -1.48
CA PHE C 735 -2.71 36.53 -0.40
C PHE C 735 -1.90 37.78 -0.15
N LYS C 736 -0.57 37.68 -0.20
CA LYS C 736 0.26 38.86 0.00
C LYS C 736 0.02 39.90 -1.10
N GLU C 737 -0.10 39.45 -2.35
CA GLU C 737 -0.43 40.36 -3.44
C GLU C 737 -1.78 41.03 -3.24
N LEU C 738 -2.79 40.27 -2.82
CA LEU C 738 -4.10 40.87 -2.58
C LEU C 738 -4.04 41.92 -1.49
N LYS C 739 -3.39 41.59 -0.37
CA LYS C 739 -3.27 42.54 0.73
C LYS C 739 -2.52 43.79 0.28
N GLN C 740 -1.49 43.61 -0.55
CA GLN C 740 -0.73 44.76 -1.02
C GLN C 740 -1.55 45.65 -1.94
N ASP C 741 -2.36 45.05 -2.81
CA ASP C 741 -3.25 45.84 -3.66
C ASP C 741 -4.23 46.66 -2.82
N ILE C 742 -4.83 46.02 -1.80
CA ILE C 742 -5.77 46.76 -0.95
C ILE C 742 -5.06 47.89 -0.23
N SER C 743 -3.85 47.65 0.26
CA SER C 743 -3.13 48.69 0.99
C SER C 743 -2.75 49.85 0.08
N SER C 744 -2.30 49.57 -1.14
CA SER C 744 -1.93 50.65 -2.05
C SER C 744 -3.16 51.46 -2.47
N PHE C 745 -4.27 50.77 -2.75
CA PHE C 745 -5.54 51.45 -2.98
C PHE C 745 -5.88 52.37 -1.82
N ARG C 746 -5.76 51.85 -0.60
CA ARG C 746 -6.06 52.62 0.60
C ARG C 746 -5.21 53.88 0.67
N TYR C 747 -3.90 53.73 0.46
CA TYR C 747 -3.02 54.88 0.58
C TYR C 747 -3.33 55.92 -0.48
N GLU C 748 -3.63 55.50 -1.72
CA GLU C 748 -4.01 56.47 -2.72
C GLU C 748 -5.26 57.24 -2.30
N VAL C 749 -6.31 56.53 -1.90
CA VAL C 749 -7.56 57.20 -1.58
C VAL C 749 -7.38 58.16 -0.41
N ILE C 750 -6.69 57.72 0.64
CA ILE C 750 -6.51 58.60 1.80
C ILE C 750 -5.64 59.80 1.43
N GLY C 751 -4.65 59.60 0.56
CA GLY C 751 -3.77 60.70 0.21
C GLY C 751 -4.34 61.69 -0.77
N MET C 752 -5.39 61.33 -1.51
CA MET C 752 -5.98 62.25 -2.47
C MET C 752 -7.30 62.84 -1.96
N MET C 753 -7.55 62.74 -0.66
CA MET C 753 -8.73 63.35 -0.06
C MET C 753 -8.59 63.42 1.45
N ARG D 17 -36.02 16.64 27.78
CA ARG D 17 -35.02 15.88 28.51
C ARG D 17 -33.64 16.52 28.35
N ILE D 18 -32.74 16.20 29.27
CA ILE D 18 -31.37 16.73 29.30
C ILE D 18 -31.42 18.26 29.19
N PRO D 19 -31.79 18.97 30.25
CA PRO D 19 -31.67 20.43 30.21
C PRO D 19 -30.22 20.84 30.18
N LEU D 20 -29.89 21.78 29.30
CA LEU D 20 -28.52 22.17 29.03
C LEU D 20 -28.25 23.53 29.64
N ARG D 21 -27.20 23.61 30.46
CA ARG D 21 -26.84 24.82 31.17
C ARG D 21 -25.35 25.05 31.05
N ILE D 22 -24.96 26.33 31.15
CA ILE D 22 -23.56 26.69 31.04
C ILE D 22 -22.80 26.25 32.29
N VAL D 23 -21.66 25.63 32.08
CA VAL D 23 -20.72 25.28 33.15
C VAL D 23 -19.37 25.85 32.74
N ARG D 24 -18.57 26.23 33.75
CA ARG D 24 -17.17 26.63 33.56
C ARG D 24 -16.98 27.65 32.43
N ALA D 25 -17.95 28.53 32.25
CA ALA D 25 -17.87 29.63 31.29
C ALA D 25 -18.34 30.93 31.93
N GLU D 26 -17.77 31.23 33.12
CA GLU D 26 -18.32 32.22 34.03
C GLU D 26 -18.60 33.57 33.36
N SER D 27 -17.56 34.19 32.81
CA SER D 27 -17.63 35.62 32.48
C SER D 27 -18.39 35.86 31.19
N GLU D 28 -19.33 36.80 31.24
CA GLU D 28 -20.09 37.26 30.07
C GLU D 28 -19.97 38.77 29.98
N LEU D 29 -20.04 39.27 28.75
CA LEU D 29 -19.66 40.65 28.45
C LEU D 29 -20.89 41.56 28.41
N SER D 30 -20.70 42.79 28.88
CA SER D 30 -21.75 43.79 28.78
C SER D 30 -21.86 44.31 27.35
N THR D 31 -22.92 45.06 27.08
CA THR D 31 -23.18 45.54 25.73
C THR D 31 -22.06 46.44 25.24
N GLN D 32 -21.54 47.32 26.10
CA GLN D 32 -20.43 48.18 25.71
C GLN D 32 -19.18 47.36 25.39
N GLU D 33 -18.92 46.33 26.20
CA GLU D 33 -17.77 45.47 25.97
C GLU D 33 -17.88 44.75 24.63
N LYS D 34 -19.06 44.21 24.32
CA LYS D 34 -19.25 43.57 23.03
C LYS D 34 -19.09 44.57 21.89
N SER D 35 -19.62 45.77 22.06
CA SER D 35 -19.49 46.78 21.00
C SER D 35 -18.04 47.13 20.74
N TYR D 36 -17.27 47.32 21.81
CA TYR D 36 -15.86 47.70 21.67
C TYR D 36 -15.02 46.56 21.09
N LEU D 37 -15.26 45.32 21.55
CA LEU D 37 -14.54 44.19 20.97
C LEU D 37 -14.94 43.97 19.51
N SER D 38 -16.20 44.19 19.16
CA SER D 38 -16.63 44.09 17.77
C SER D 38 -15.98 45.16 16.92
N ALA D 39 -15.83 46.37 17.46
CA ALA D 39 -15.12 47.42 16.74
C ALA D 39 -13.68 47.02 16.51
N VAL D 40 -13.03 46.42 17.50
CA VAL D 40 -11.66 45.95 17.31
C VAL D 40 -11.60 44.85 16.25
N GLU D 41 -12.60 43.95 16.26
CA GLU D 41 -12.71 42.94 15.21
C GLU D 41 -12.77 43.58 13.83
N LYS D 42 -13.68 44.53 13.63
CA LYS D 42 -13.91 45.09 12.31
C LYS D 42 -12.80 46.00 11.85
N GLY D 43 -11.89 46.38 12.75
CA GLY D 43 -10.85 47.31 12.41
C GLY D 43 -11.22 48.76 12.55
N ASP D 44 -12.35 49.05 13.19
CA ASP D 44 -12.86 50.41 13.25
C ASP D 44 -12.00 51.27 14.16
N TYR D 45 -11.08 52.03 13.57
CA TYR D 45 -10.15 52.82 14.36
C TYR D 45 -10.87 53.93 15.12
N ALA D 46 -11.86 54.56 14.48
CA ALA D 46 -12.56 55.67 15.12
C ALA D 46 -13.40 55.19 16.30
N SER D 47 -14.08 54.06 16.14
CA SER D 47 -14.91 53.54 17.23
C SER D 47 -14.05 53.08 18.40
N VAL D 48 -12.92 52.44 18.12
CA VAL D 48 -12.03 51.98 19.18
C VAL D 48 -11.41 53.15 19.92
N LYS D 49 -10.96 54.16 19.18
CA LYS D 49 -10.43 55.36 19.81
C LYS D 49 -11.48 56.04 20.67
N LEU D 50 -12.73 56.09 20.20
CA LEU D 50 -13.79 56.72 20.97
C LEU D 50 -14.09 55.94 22.24
N ALA D 51 -14.23 54.62 22.13
CA ALA D 51 -14.55 53.81 23.30
C ALA D 51 -13.41 53.78 24.30
N LEU D 52 -12.17 53.91 23.83
CA LEU D 52 -11.02 53.94 24.72
C LEU D 52 -10.88 55.29 25.40
N GLU D 53 -11.19 56.38 24.70
CA GLU D 53 -11.20 57.68 25.35
C GLU D 53 -12.38 57.85 26.29
N GLU D 54 -13.45 57.10 26.08
CA GLU D 54 -14.56 57.06 27.02
C GLU D 54 -14.33 56.02 28.10
N ALA D 55 -13.18 55.38 28.11
CA ALA D 55 -12.79 54.39 29.11
C ALA D 55 -11.89 54.99 30.18
N GLU D 56 -11.74 56.30 30.22
CA GLU D 56 -10.87 56.96 31.17
C GLU D 56 -11.57 58.03 31.99
N ILE D 57 -12.54 58.72 31.41
CA ILE D 57 -13.35 59.66 32.18
C ILE D 57 -14.24 58.92 33.17
N TYR D 58 -15.13 58.08 32.66
CA TYR D 58 -15.96 57.20 33.47
C TYR D 58 -15.83 55.81 32.85
N PHE D 59 -15.07 54.93 33.51
CA PHE D 59 -14.61 53.72 32.85
C PHE D 59 -15.76 52.85 32.38
N LYS D 60 -16.44 52.19 33.31
CA LYS D 60 -17.64 51.41 33.04
C LYS D 60 -17.51 50.47 31.83
N ILE D 61 -16.29 50.10 31.45
CA ILE D 61 -16.12 49.31 30.23
C ILE D 61 -15.23 48.10 30.45
N ASN D 62 -14.32 48.18 31.43
CA ASN D 62 -13.32 47.12 31.65
C ASN D 62 -12.49 46.92 30.38
N ILE D 63 -11.65 47.93 30.12
CA ILE D 63 -10.81 48.05 28.93
C ILE D 63 -10.15 46.73 28.53
N ASN D 64 -9.82 45.89 29.51
CA ASN D 64 -9.15 44.62 29.26
C ASN D 64 -10.13 43.44 29.23
N CYS D 65 -11.35 43.66 28.75
CA CYS D 65 -12.36 42.60 28.74
C CYS D 65 -11.89 41.40 27.92
N ILE D 66 -12.56 40.28 28.13
CA ILE D 66 -12.19 39.03 27.48
C ILE D 66 -13.44 38.44 26.82
N ASP D 67 -13.34 38.17 25.52
CA ASP D 67 -14.43 37.58 24.76
C ASP D 67 -14.50 36.08 25.02
N PRO D 68 -15.55 35.41 24.53
CA PRO D 68 -15.52 33.95 24.55
C PRO D 68 -14.32 33.44 23.76
N LEU D 69 -13.81 32.29 24.18
CA LEU D 69 -12.55 31.73 23.69
C LEU D 69 -11.37 32.63 24.03
N GLY D 70 -11.47 33.43 25.08
CA GLY D 70 -10.41 34.34 25.45
C GLY D 70 -10.40 35.55 24.55
N ARG D 71 -9.39 35.65 23.69
CA ARG D 71 -9.38 36.55 22.55
C ARG D 71 -9.62 38.00 22.99
N THR D 72 -8.64 38.54 23.70
CA THR D 72 -8.68 39.91 24.20
C THR D 72 -8.47 40.91 23.05
N ALA D 73 -8.87 42.16 23.31
CA ALA D 73 -8.80 43.21 22.28
C ALA D 73 -7.41 43.32 21.66
N LEU D 74 -6.38 43.40 22.50
CA LEU D 74 -5.01 43.41 21.98
C LEU D 74 -4.73 42.14 21.19
N LEU D 75 -5.14 40.99 21.73
CA LEU D 75 -4.92 39.75 21.03
C LEU D 75 -5.75 39.70 19.75
N ILE D 76 -6.93 40.30 19.75
CA ILE D 76 -7.74 40.35 18.52
C ILE D 76 -7.01 41.14 17.45
N ALA D 77 -6.52 42.32 17.81
CA ALA D 77 -5.77 43.14 16.86
C ALA D 77 -4.54 42.40 16.36
N ILE D 78 -3.91 41.62 17.23
CA ILE D 78 -2.78 40.81 16.81
C ILE D 78 -3.20 39.78 15.77
N GLU D 79 -4.32 39.08 16.03
CA GLU D 79 -4.82 38.09 15.08
C GLU D 79 -5.28 38.71 13.76
N ASN D 80 -5.64 39.99 13.76
CA ASN D 80 -6.07 40.64 12.54
C ASN D 80 -4.96 41.35 11.79
N GLU D 81 -3.72 41.30 12.29
CA GLU D 81 -2.60 41.97 11.65
C GLU D 81 -2.78 43.48 11.59
N ASN D 82 -3.59 44.05 12.48
CA ASN D 82 -3.87 45.48 12.46
C ASN D 82 -2.87 46.18 13.36
N LEU D 83 -1.89 46.85 12.75
CA LEU D 83 -0.85 47.50 13.53
C LEU D 83 -1.30 48.84 14.10
N GLU D 84 -2.15 49.57 13.38
CA GLU D 84 -2.65 50.85 13.87
C GLU D 84 -3.39 50.68 15.19
N ILE D 85 -4.32 49.73 15.24
CA ILE D 85 -5.06 49.47 16.46
C ILE D 85 -4.14 48.98 17.57
N ILE D 86 -3.11 48.22 17.22
CA ILE D 86 -2.18 47.75 18.24
C ILE D 86 -1.43 48.94 18.85
N GLU D 87 -0.93 49.85 18.01
CA GLU D 87 -0.26 51.03 18.55
C GLU D 87 -1.20 51.85 19.41
N LEU D 88 -2.45 52.02 18.99
CA LEU D 88 -3.41 52.77 19.80
C LEU D 88 -3.64 52.10 21.15
N LEU D 89 -3.89 50.78 21.13
CA LEU D 89 -4.18 50.06 22.36
C LEU D 89 -3.01 50.12 23.32
N LEU D 90 -1.79 49.96 22.79
CA LEU D 90 -0.61 50.12 23.65
C LEU D 90 -0.48 51.55 24.17
N SER D 91 -0.85 52.53 23.35
CA SER D 91 -0.82 53.91 23.81
C SER D 91 -1.80 54.16 24.93
N PHE D 92 -2.84 53.33 25.07
CA PHE D 92 -3.76 53.48 26.19
C PHE D 92 -3.54 52.48 27.31
N ASN D 93 -2.36 51.87 27.39
CA ASN D 93 -1.93 51.08 28.54
C ASN D 93 -2.90 49.93 28.83
N VAL D 94 -2.99 49.02 27.87
CA VAL D 94 -3.71 47.77 28.09
C VAL D 94 -2.74 46.75 28.66
N TYR D 95 -3.29 45.70 29.26
CA TYR D 95 -2.47 44.64 29.85
C TYR D 95 -2.01 43.73 28.73
N VAL D 96 -0.72 43.83 28.37
CA VAL D 96 -0.20 43.05 27.26
C VAL D 96 -0.11 41.57 27.64
N GLY D 97 0.31 41.28 28.86
CA GLY D 97 0.40 39.89 29.31
C GLY D 97 1.23 39.01 28.42
N ASP D 98 0.57 38.09 27.71
CA ASP D 98 1.22 37.22 26.74
C ASP D 98 1.09 37.73 25.31
N ALA D 99 0.84 39.03 25.13
CA ALA D 99 0.66 39.56 23.78
C ALA D 99 1.86 39.27 22.90
N LEU D 100 3.07 39.39 23.45
CA LEU D 100 4.27 39.10 22.67
C LEU D 100 4.28 37.66 22.21
N LEU D 101 3.83 36.75 23.07
CA LEU D 101 3.86 35.33 22.73
C LEU D 101 2.85 34.98 21.65
N HIS D 102 1.65 35.57 21.70
CA HIS D 102 0.69 35.32 20.62
C HIS D 102 1.13 36.00 19.33
N ALA D 103 1.78 37.16 19.42
CA ALA D 103 2.31 37.79 18.22
C ALA D 103 3.38 36.92 17.57
N ILE D 104 4.26 36.33 18.38
CA ILE D 104 5.31 35.48 17.85
C ILE D 104 4.72 34.21 17.27
N ARG D 105 3.81 33.56 18.01
CA ARG D 105 3.23 32.30 17.56
C ARG D 105 2.51 32.46 16.23
N LYS D 106 2.00 33.66 15.95
CA LYS D 106 1.34 33.94 14.68
C LYS D 106 2.28 34.50 13.63
N GLU D 107 3.56 34.66 13.94
CA GLU D 107 4.55 35.15 12.99
C GLU D 107 4.18 36.54 12.49
N VAL D 108 3.94 37.45 13.42
CA VAL D 108 3.45 38.78 13.14
C VAL D 108 4.60 39.74 13.42
N VAL D 109 5.34 40.11 12.38
CA VAL D 109 6.60 40.84 12.60
C VAL D 109 6.33 42.24 13.12
N GLY D 110 5.29 42.92 12.61
CA GLY D 110 5.02 44.28 13.06
C GLY D 110 4.65 44.35 14.53
N ALA D 111 3.75 43.46 14.98
CA ALA D 111 3.39 43.45 16.39
C ALA D 111 4.57 43.07 17.26
N VAL D 112 5.39 42.12 16.82
CA VAL D 112 6.58 41.79 17.60
C VAL D 112 7.49 43.01 17.70
N GLU D 113 7.58 43.80 16.63
CA GLU D 113 8.38 45.01 16.70
C GLU D 113 7.80 46.00 17.72
N LEU D 114 6.48 46.13 17.77
CA LEU D 114 5.87 47.10 18.69
C LEU D 114 5.94 46.63 20.14
N LEU D 115 5.63 45.36 20.38
CA LEU D 115 5.60 44.84 21.74
C LEU D 115 6.99 44.62 22.32
N LEU D 116 8.03 44.62 21.50
CA LEU D 116 9.39 44.47 22.02
C LEU D 116 9.93 45.76 22.63
N ASN D 117 9.34 46.91 22.30
CA ASN D 117 9.76 48.19 22.83
C ASN D 117 8.52 48.93 23.34
N HIS D 118 8.15 48.63 24.60
CA HIS D 118 6.92 49.17 25.17
C HIS D 118 7.12 49.27 26.68
N LYS D 119 7.08 50.49 27.21
CA LYS D 119 7.23 50.70 28.64
C LYS D 119 6.11 51.58 29.19
N GLN D 135 -5.01 33.31 37.43
CA GLN D 135 -4.11 33.42 36.29
C GLN D 135 -4.40 32.39 35.21
N PHE D 136 -4.33 32.81 33.96
CA PHE D 136 -4.50 31.90 32.84
C PHE D 136 -3.67 32.37 31.66
N SER D 137 -3.02 31.41 30.98
CA SER D 137 -2.19 31.70 29.83
C SER D 137 -2.30 30.54 28.85
N ASP D 138 -2.07 30.84 27.58
CA ASP D 138 -2.11 29.82 26.53
C ASP D 138 -0.76 29.15 26.33
N PHE D 139 0.24 29.49 27.13
CA PHE D 139 1.59 29.01 26.94
C PHE D 139 2.14 28.44 28.23
N THR D 140 2.81 27.31 28.12
CA THR D 140 3.45 26.68 29.25
C THR D 140 4.48 27.65 29.84
N PRO D 141 4.54 27.81 31.17
CA PRO D 141 5.38 28.89 31.73
C PRO D 141 6.86 28.77 31.42
N ASP D 142 7.33 27.64 30.92
CA ASP D 142 8.71 27.54 30.49
C ASP D 142 8.96 28.13 29.11
N ILE D 143 7.92 28.53 28.39
CA ILE D 143 8.08 29.08 27.05
C ILE D 143 8.48 30.54 27.16
N THR D 144 9.64 30.87 26.65
CA THR D 144 10.13 32.23 26.55
C THR D 144 10.00 32.71 25.11
N PRO D 145 10.08 34.03 24.87
CA PRO D 145 9.91 34.50 23.49
C PRO D 145 10.86 33.87 22.48
N ILE D 146 12.13 33.69 22.82
CA ILE D 146 13.08 33.13 21.86
C ILE D 146 12.77 31.66 21.59
N ILE D 147 12.38 30.90 22.61
CA ILE D 147 12.05 29.50 22.40
C ILE D 147 10.87 29.38 21.44
N LEU D 148 9.83 30.18 21.65
CA LEU D 148 8.66 30.09 20.79
C LEU D 148 8.97 30.57 19.37
N ALA D 149 9.76 31.64 19.25
CA ALA D 149 10.18 32.09 17.93
C ALA D 149 10.92 30.99 17.19
N ALA D 150 11.86 30.33 17.86
CA ALA D 150 12.60 29.25 17.23
C ALA D 150 11.70 28.05 16.91
N HIS D 151 10.66 27.85 17.71
CA HIS D 151 9.64 26.86 17.35
C HIS D 151 8.98 27.21 16.03
N THR D 152 8.66 28.50 15.82
CA THR D 152 8.01 28.90 14.58
C THR D 152 8.97 28.89 13.40
N ASN D 153 10.28 28.95 13.66
CA ASN D 153 11.29 28.97 12.60
C ASN D 153 11.12 30.17 11.68
N ASN D 154 10.72 31.31 12.23
CA ASN D 154 10.63 32.54 11.47
C ASN D 154 11.92 33.32 11.68
N TYR D 155 12.62 33.64 10.59
CA TYR D 155 13.95 34.17 10.73
C TYR D 155 13.95 35.64 11.13
N GLU D 156 12.92 36.41 10.73
CA GLU D 156 12.87 37.82 11.09
C GLU D 156 12.63 38.01 12.59
N ILE D 157 11.67 37.28 13.15
CA ILE D 157 11.38 37.42 14.58
C ILE D 157 12.55 36.92 15.41
N ILE D 158 13.15 35.79 15.03
CA ILE D 158 14.32 35.31 15.75
C ILE D 158 15.45 36.32 15.66
N LYS D 159 15.63 36.93 14.49
CA LYS D 159 16.70 37.91 14.31
C LYS D 159 16.49 39.12 15.21
N MET D 160 15.25 39.61 15.29
CA MET D 160 15.03 40.79 16.11
C MET D 160 14.98 40.48 17.61
N LEU D 161 14.71 39.22 17.97
CA LEU D 161 14.82 38.85 19.39
C LEU D 161 16.28 38.69 19.80
N VAL D 162 17.11 38.09 18.94
CA VAL D 162 18.50 37.85 19.30
C VAL D 162 19.23 39.17 19.51
N GLN D 163 18.96 40.16 18.66
CA GLN D 163 19.61 41.46 18.81
C GLN D 163 19.33 42.09 20.16
N LYS D 164 18.16 41.81 20.75
CA LYS D 164 17.86 42.36 22.06
C LYS D 164 18.76 41.79 23.14
N GLY D 165 19.09 40.51 23.05
CA GLY D 165 19.97 39.91 24.03
C GLY D 165 19.40 38.71 24.76
N VAL D 166 18.49 37.99 24.11
CA VAL D 166 17.87 36.82 24.70
C VAL D 166 18.88 35.68 24.79
N SER D 167 18.53 34.64 25.53
CA SER D 167 19.35 33.43 25.61
C SER D 167 18.43 32.25 25.83
N VAL D 168 18.93 31.06 25.48
CA VAL D 168 18.14 29.84 25.59
C VAL D 168 18.83 28.90 26.59
N PRO D 169 18.12 28.28 27.51
CA PRO D 169 18.78 27.44 28.50
C PRO D 169 19.46 26.23 27.86
N GLN D 170 20.49 25.77 28.54
CA GLN D 170 21.28 24.65 28.05
C GLN D 170 20.92 23.39 28.81
N PRO D 171 20.34 22.39 28.19
CA PRO D 171 20.01 21.15 28.89
C PRO D 171 21.25 20.30 29.14
N HIS D 172 21.11 19.35 30.06
CA HIS D 172 22.23 18.50 30.43
C HIS D 172 22.58 17.55 29.30
N GLU D 173 23.58 16.70 29.56
CA GLU D 173 24.19 15.89 28.51
C GLU D 173 23.14 15.08 27.74
N VAL D 174 22.47 14.15 28.43
CA VAL D 174 21.46 13.32 27.78
C VAL D 174 20.61 12.60 28.80
N VAL D 187 11.23 16.05 40.35
CA VAL D 187 10.12 16.31 41.26
C VAL D 187 8.84 16.58 40.48
N ASP D 188 8.98 17.17 39.30
CA ASP D 188 7.86 17.37 38.37
C ASP D 188 8.34 16.83 37.02
N SER D 189 8.08 15.54 36.78
CA SER D 189 8.57 14.91 35.57
C SER D 189 7.95 15.52 34.33
N LEU D 190 6.66 15.87 34.40
CA LEU D 190 5.97 16.41 33.23
C LEU D 190 6.58 17.73 32.79
N ARG D 191 6.73 18.67 33.73
CA ARG D 191 7.31 19.96 33.39
C ARG D 191 8.73 19.80 32.89
N HIS D 192 9.53 18.97 33.55
CA HIS D 192 10.93 18.81 33.15
C HIS D 192 11.05 18.26 31.74
N SER D 193 10.33 17.17 31.46
CA SER D 193 10.41 16.57 30.13
C SER D 193 9.89 17.53 29.07
N ARG D 194 8.78 18.22 29.35
CA ARG D 194 8.23 19.14 28.38
C ARG D 194 9.17 20.30 28.12
N SER D 195 9.81 20.83 29.17
CA SER D 195 10.73 21.94 28.99
C SER D 195 11.95 21.51 28.19
N ARG D 196 12.49 20.32 28.47
CA ARG D 196 13.62 19.82 27.68
C ARG D 196 13.23 19.66 26.22
N LEU D 197 12.05 19.13 25.95
CA LEU D 197 11.59 19.03 24.57
C LEU D 197 11.46 20.40 23.92
N ASN D 198 10.94 21.38 24.66
CA ASN D 198 10.78 22.71 24.11
C ASN D 198 12.11 23.36 23.79
N ILE D 199 13.13 23.16 24.64
CA ILE D 199 14.41 23.80 24.37
C ILE D 199 15.29 22.98 23.44
N TYR D 200 14.91 21.75 23.12
CA TYR D 200 15.56 21.03 22.04
C TYR D 200 14.92 21.29 20.69
N LYS D 201 13.61 21.54 20.68
CA LYS D 201 12.95 21.90 19.44
C LYS D 201 13.34 23.30 19.01
N ALA D 202 13.61 24.19 19.97
CA ALA D 202 14.13 25.51 19.65
C ALA D 202 15.57 25.41 19.12
N LEU D 203 16.41 24.61 19.76
CA LEU D 203 17.80 24.52 19.37
C LEU D 203 17.94 23.94 17.96
N ALA D 204 17.13 22.94 17.64
CA ALA D 204 17.16 22.28 16.34
C ALA D 204 16.35 23.05 15.32
N SER D 205 16.56 24.34 15.22
CA SER D 205 15.81 25.18 14.32
C SER D 205 16.74 25.74 13.26
N PRO D 206 16.43 25.53 11.97
CA PRO D 206 17.32 26.06 10.93
C PRO D 206 17.59 27.54 11.03
N SER D 207 16.59 28.34 11.40
CA SER D 207 16.80 29.78 11.54
C SER D 207 17.76 30.09 12.67
N LEU D 208 17.57 29.46 13.82
CA LEU D 208 18.44 29.74 14.96
C LEU D 208 19.85 29.20 14.74
N ILE D 209 19.96 28.04 14.07
CA ILE D 209 21.28 27.53 13.74
C ILE D 209 21.95 28.41 12.70
N ALA D 210 21.18 29.08 11.85
CA ALA D 210 21.79 29.97 10.87
C ALA D 210 22.19 31.32 11.45
N LEU D 211 21.43 31.83 12.42
CA LEU D 211 21.76 33.12 13.03
C LEU D 211 22.86 33.01 14.07
N SER D 212 23.12 31.81 14.58
CA SER D 212 24.05 31.60 15.68
C SER D 212 24.88 30.38 15.34
N SER D 213 25.57 29.79 16.31
CA SER D 213 26.30 28.55 16.08
C SER D 213 27.35 28.72 14.98
N GLU D 214 28.52 29.19 15.41
CA GLU D 214 29.64 29.46 14.53
C GLU D 214 29.78 28.47 13.37
N ASP D 215 29.62 27.17 13.64
CA ASP D 215 29.62 26.17 12.58
C ASP D 215 28.28 25.47 12.54
N PRO D 216 27.37 25.86 11.64
CA PRO D 216 26.08 25.16 11.55
C PRO D 216 26.18 23.70 11.22
N PHE D 217 27.22 23.27 10.52
CA PHE D 217 27.36 21.86 10.18
C PHE D 217 27.64 21.02 11.41
N LEU D 218 28.61 21.44 12.22
CA LEU D 218 28.90 20.73 13.46
C LEU D 218 27.70 20.75 14.40
N THR D 219 27.04 21.89 14.50
CA THR D 219 25.86 21.99 15.37
C THR D 219 24.77 21.03 14.90
N ALA D 220 24.52 20.97 13.60
CA ALA D 220 23.50 20.07 13.09
C ALA D 220 23.86 18.62 13.36
N PHE D 221 25.12 18.24 13.14
CA PHE D 221 25.54 16.86 13.39
C PHE D 221 25.36 16.49 14.86
N GLN D 222 25.92 17.32 15.75
CA GLN D 222 25.86 17.02 17.17
C GLN D 222 24.43 16.97 17.66
N LEU D 223 23.60 17.90 17.19
CA LEU D 223 22.23 17.96 17.66
C LEU D 223 21.41 16.77 17.16
N SER D 224 21.61 16.35 15.91
CA SER D 224 20.93 15.17 15.44
C SER D 224 21.34 13.95 16.24
N TRP D 225 22.63 13.83 16.55
CA TRP D 225 23.08 12.71 17.38
C TRP D 225 22.45 12.74 18.76
N GLU D 226 22.42 13.92 19.38
CA GLU D 226 21.84 14.05 20.72
C GLU D 226 20.37 13.71 20.73
N LEU D 227 19.62 14.19 19.72
CA LEU D 227 18.20 13.88 19.66
C LEU D 227 17.96 12.41 19.41
N GLN D 228 18.83 11.78 18.62
CA GLN D 228 18.72 10.34 18.41
C GLN D 228 18.91 9.59 19.73
N GLU D 229 19.89 10.00 20.54
CA GLU D 229 20.09 9.35 21.83
C GLU D 229 18.90 9.58 22.76
N LEU D 230 18.36 10.80 22.76
CA LEU D 230 17.23 11.11 23.61
C LEU D 230 15.99 10.32 23.21
N SER D 231 15.85 10.00 21.93
CA SER D 231 14.73 9.17 21.52
C SER D 231 14.84 7.75 22.07
N LYS D 232 15.99 7.36 22.61
CA LYS D 232 16.14 6.12 23.33
C LYS D 232 15.92 6.33 24.83
N VAL D 233 16.53 7.37 25.40
CA VAL D 233 16.37 7.63 26.82
C VAL D 233 14.92 7.99 27.15
N GLU D 234 14.35 8.93 26.39
CA GLU D 234 12.97 9.36 26.60
C GLU D 234 12.04 8.62 25.64
N ASN D 235 11.83 7.33 25.92
CA ASN D 235 11.10 6.49 24.99
C ASN D 235 9.61 6.81 24.94
N GLU D 236 9.10 7.64 25.85
CA GLU D 236 7.69 8.04 25.75
C GLU D 236 7.48 9.15 24.74
N PHE D 237 8.46 10.02 24.56
CA PHE D 237 8.42 11.05 23.54
C PHE D 237 9.27 10.69 22.33
N LYS D 238 9.68 9.42 22.24
CA LYS D 238 10.59 8.94 21.20
C LYS D 238 10.28 9.52 19.83
N ALA D 239 9.06 9.26 19.33
CA ALA D 239 8.63 9.73 18.02
C ALA D 239 9.05 11.18 17.82
N GLU D 240 8.61 12.04 18.73
CA GLU D 240 8.89 13.47 18.60
C GLU D 240 10.37 13.73 18.45
N TYR D 241 11.19 13.18 19.37
CA TYR D 241 12.63 13.39 19.27
C TYR D 241 13.16 12.89 17.95
N GLU D 242 12.72 11.70 17.52
CA GLU D 242 13.19 11.19 16.24
C GLU D 242 12.88 12.17 15.13
N GLU D 243 11.66 12.71 15.10
CA GLU D 243 11.31 13.66 14.07
C GLU D 243 12.27 14.83 14.11
N LEU D 244 12.51 15.37 15.30
CA LEU D 244 13.46 16.46 15.44
C LEU D 244 14.81 16.07 14.87
N SER D 245 15.30 14.89 15.25
CA SER D 245 16.58 14.44 14.75
C SER D 245 16.58 14.45 13.22
N HIS D 246 15.52 13.88 12.64
CA HIS D 246 15.43 13.85 11.18
C HIS D 246 15.53 15.24 10.60
N GLN D 247 14.82 16.20 11.19
CA GLN D 247 14.84 17.57 10.70
C GLN D 247 16.28 18.08 10.64
N CYS D 248 17.03 17.88 11.72
CA CYS D 248 18.42 18.31 11.75
C CYS D 248 19.18 17.75 10.56
N LYS D 249 19.01 16.45 10.31
CA LYS D 249 19.70 15.83 9.19
C LYS D 249 19.41 16.57 7.89
N HIS D 250 18.13 16.81 7.61
CA HIS D 250 17.81 17.52 6.37
C HIS D 250 18.45 18.88 6.33
N PHE D 251 18.48 19.59 7.45
CA PHE D 251 19.15 20.88 7.46
C PHE D 251 20.55 20.74 6.90
N ALA D 252 21.31 19.78 7.43
CA ALA D 252 22.66 19.57 6.94
C ALA D 252 22.66 19.36 5.43
N LYS D 253 21.82 18.44 4.96
CA LYS D 253 21.72 18.20 3.52
C LYS D 253 21.39 19.48 2.79
N ASP D 254 20.34 20.18 3.24
CA ASP D 254 19.94 21.37 2.52
C ASP D 254 20.92 22.51 2.69
N LEU D 255 21.80 22.45 3.68
CA LEU D 255 22.83 23.48 3.75
C LEU D 255 23.97 23.16 2.81
N LEU D 256 24.15 21.90 2.45
CA LEU D 256 25.19 21.49 1.53
C LEU D 256 24.73 21.57 0.08
N ASP D 257 23.44 21.60 -0.16
CA ASP D 257 22.92 21.75 -1.51
C ASP D 257 23.08 23.16 -2.04
N GLN D 258 23.45 24.11 -1.19
CA GLN D 258 23.68 25.49 -1.56
C GLN D 258 25.09 25.74 -2.05
N THR D 259 25.84 24.70 -2.40
CA THR D 259 27.17 24.89 -2.95
C THR D 259 27.07 25.08 -4.46
N ARG D 260 27.82 26.06 -4.98
CA ARG D 260 27.80 26.35 -6.41
C ARG D 260 29.12 26.03 -7.09
N SER D 261 30.10 25.48 -6.39
CA SER D 261 31.40 25.24 -6.96
C SER D 261 32.01 24.02 -6.31
N SER D 262 32.83 23.30 -7.08
CA SER D 262 33.49 22.12 -6.54
C SER D 262 34.63 22.49 -5.60
N ARG D 263 35.26 23.64 -5.80
CA ARG D 263 36.31 24.07 -4.89
C ARG D 263 35.74 24.41 -3.52
N GLU D 264 34.61 25.11 -3.51
CA GLU D 264 33.93 25.44 -2.26
C GLU D 264 33.39 24.19 -1.57
N LEU D 265 32.85 23.25 -2.33
CA LEU D 265 32.40 21.99 -1.74
C LEU D 265 33.56 21.19 -1.19
N GLU D 266 34.70 21.21 -1.87
CA GLU D 266 35.90 20.56 -1.35
C GLU D 266 36.36 21.20 -0.06
N LEU D 267 36.28 22.53 0.04
CA LEU D 267 36.58 23.20 1.29
C LEU D 267 35.65 22.73 2.39
N ILE D 268 34.36 22.62 2.08
CA ILE D 268 33.40 22.16 3.09
C ILE D 268 33.74 20.75 3.57
N LEU D 269 34.08 19.85 2.64
CA LEU D 269 34.26 18.46 3.00
C LEU D 269 35.65 18.19 3.57
N ASN D 270 36.66 18.97 3.20
CA ASN D 270 38.01 18.81 3.75
C ASN D 270 38.23 19.88 4.81
N PHE D 271 37.65 19.67 5.98
CA PHE D 271 37.82 20.62 7.08
C PHE D 271 38.14 19.88 8.35
N ARG D 272 39.17 20.32 9.06
CA ARG D 272 39.60 19.69 10.29
C ARG D 272 39.34 20.60 11.48
N ASN D 284 43.38 11.87 7.20
CA ASN D 284 43.91 13.19 6.83
C ASN D 284 42.88 14.00 6.03
N GLU D 285 42.62 13.58 4.80
CA GLU D 285 41.73 14.31 3.90
C GLU D 285 40.30 13.83 4.07
N LEU D 286 39.37 14.61 3.52
CA LEU D 286 37.95 14.32 3.56
C LEU D 286 37.46 14.20 5.01
N ALA D 287 38.02 15.01 5.89
CA ALA D 287 37.77 14.87 7.32
C ALA D 287 36.32 15.12 7.68
N ARG D 288 35.72 16.17 7.11
CA ARG D 288 34.34 16.49 7.46
C ARG D 288 33.37 15.46 6.93
N LEU D 289 33.71 14.82 5.81
CA LEU D 289 32.90 13.71 5.32
C LEU D 289 33.00 12.50 6.23
N LYS D 290 34.21 12.19 6.74
CA LYS D 290 34.32 11.12 7.71
C LYS D 290 33.53 11.43 8.96
N LEU D 291 33.53 12.69 9.38
CA LEU D 291 32.74 13.09 10.54
C LEU D 291 31.25 12.90 10.27
N ALA D 292 30.79 13.22 9.08
CA ALA D 292 29.40 12.97 8.72
C ALA D 292 29.09 11.49 8.74
N ILE D 293 30.03 10.66 8.26
CA ILE D 293 29.83 9.21 8.32
C ILE D 293 29.70 8.75 9.76
N LYS D 294 30.54 9.28 10.64
CA LYS D 294 30.52 8.86 12.04
C LYS D 294 29.22 9.24 12.72
N TYR D 295 28.67 10.42 12.41
CA TYR D 295 27.40 10.86 12.97
C TYR D 295 26.20 10.32 12.22
N ARG D 296 26.41 9.49 11.20
CA ARG D 296 25.33 8.79 10.50
C ARG D 296 24.43 9.78 9.77
N GLN D 297 25.03 10.76 9.11
CA GLN D 297 24.30 11.76 8.34
C GLN D 297 24.12 11.22 6.93
N LYS D 298 23.14 10.33 6.79
CA LYS D 298 22.96 9.63 5.52
C LYS D 298 22.59 10.58 4.40
N GLU D 299 21.71 11.54 4.68
CA GLU D 299 21.29 12.49 3.64
C GLU D 299 22.42 13.39 3.21
N PHE D 300 23.23 13.85 4.17
CA PHE D 300 24.38 14.69 3.84
C PHE D 300 25.36 13.92 2.95
N VAL D 301 25.62 12.66 3.29
CA VAL D 301 26.55 11.86 2.51
C VAL D 301 25.99 11.57 1.12
N ALA D 302 24.72 11.21 1.05
CA ALA D 302 24.08 10.83 -0.21
C ALA D 302 23.69 12.03 -1.06
N GLN D 303 24.17 13.22 -0.73
CA GLN D 303 23.92 14.39 -1.56
C GLN D 303 24.60 14.20 -2.91
N PRO D 304 23.96 14.58 -4.01
CA PRO D 304 24.53 14.28 -5.34
C PRO D 304 25.92 14.83 -5.56
N ASN D 305 26.21 16.02 -5.02
CA ASN D 305 27.53 16.62 -5.25
C ASN D 305 28.61 15.92 -4.44
N CYS D 306 28.30 15.53 -3.21
CA CYS D 306 29.20 14.68 -2.44
C CYS D 306 29.53 13.41 -3.20
N GLN D 307 28.51 12.74 -3.73
CA GLN D 307 28.76 11.50 -4.44
C GLN D 307 29.57 11.72 -5.71
N GLN D 308 29.35 12.84 -6.39
CA GLN D 308 30.10 13.12 -7.60
C GLN D 308 31.58 13.33 -7.28
N LEU D 309 31.86 14.10 -6.23
CA LEU D 309 33.23 14.30 -5.79
C LEU D 309 33.87 12.99 -5.34
N LEU D 310 33.11 12.17 -4.62
CA LEU D 310 33.61 10.90 -4.14
C LEU D 310 33.92 9.95 -5.28
N ALA D 311 33.09 9.92 -6.32
CA ALA D 311 33.39 9.08 -7.47
C ALA D 311 34.63 9.57 -8.19
N SER D 312 34.77 10.88 -8.34
CA SER D 312 35.99 11.41 -8.94
C SER D 312 37.22 10.97 -8.16
N ARG D 313 37.13 10.93 -6.83
CA ARG D 313 38.25 10.40 -6.04
C ARG D 313 38.30 8.88 -6.04
N TRP D 314 37.22 8.21 -6.41
CA TRP D 314 37.19 6.76 -6.47
C TRP D 314 37.93 6.23 -7.68
N TYR D 315 37.93 6.96 -8.79
CA TYR D 315 38.58 6.43 -9.98
C TYR D 315 40.03 6.89 -10.13
N ASP D 316 40.26 8.21 -10.26
CA ASP D 316 41.59 8.83 -10.19
C ASP D 316 42.51 8.53 -11.35
N GLU D 317 42.18 7.55 -12.19
CA GLU D 317 42.96 7.30 -13.39
C GLU D 317 42.09 6.86 -14.55
N PHE D 318 40.78 6.89 -14.38
CA PHE D 318 39.85 6.24 -15.29
C PHE D 318 38.82 7.26 -15.76
N PRO D 319 39.24 8.25 -16.54
CA PRO D 319 38.26 9.15 -17.15
C PRO D 319 37.35 8.35 -18.07
N GLY D 320 36.06 8.45 -17.83
CA GLY D 320 35.14 7.53 -18.43
C GLY D 320 34.51 6.66 -17.36
N TRP D 321 34.29 5.39 -17.66
CA TRP D 321 33.66 4.44 -16.76
C TRP D 321 32.19 4.79 -16.56
N ARG D 322 31.79 5.96 -17.05
CA ARG D 322 30.39 6.34 -17.21
C ARG D 322 29.96 6.27 -18.65
N ARG D 323 30.81 6.71 -19.57
CA ARG D 323 30.57 6.61 -21.00
C ARG D 323 31.13 5.33 -21.60
N ARG D 324 31.77 4.48 -20.81
CA ARG D 324 32.34 3.25 -21.32
C ARG D 324 31.30 2.13 -21.30
N HIS D 325 31.41 1.23 -22.26
CA HIS D 325 30.47 0.13 -22.37
C HIS D 325 30.82 -0.96 -21.37
N TRP D 326 29.80 -1.69 -20.93
CA TRP D 326 29.98 -2.68 -19.87
C TRP D 326 30.99 -3.75 -20.28
N ALA D 327 31.15 -3.99 -21.58
CA ALA D 327 32.09 -5.01 -22.02
C ALA D 327 33.52 -4.62 -21.69
N GLY D 328 33.91 -3.40 -22.03
CA GLY D 328 35.26 -2.95 -21.71
C GLY D 328 35.50 -2.88 -20.22
N LYS D 329 34.49 -2.44 -19.47
CA LYS D 329 34.58 -2.47 -18.01
C LYS D 329 34.88 -3.88 -17.52
N LEU D 330 34.10 -4.85 -17.95
CA LEU D 330 34.29 -6.22 -17.48
C LEU D 330 35.67 -6.73 -17.85
N ILE D 331 36.10 -6.49 -19.09
CA ILE D 331 37.40 -6.98 -19.52
C ILE D 331 38.51 -6.37 -18.68
N THR D 332 38.45 -5.06 -18.44
CA THR D 332 39.55 -4.42 -17.73
C THR D 332 39.55 -4.77 -16.25
N CYS D 333 38.37 -4.94 -15.63
CA CYS D 333 38.36 -5.41 -14.24
C CYS D 333 38.92 -6.81 -14.12
N VAL D 334 38.53 -7.72 -15.02
CA VAL D 334 39.12 -9.06 -14.98
C VAL D 334 40.62 -8.99 -15.23
N PHE D 335 41.05 -8.09 -16.11
CA PHE D 335 42.45 -7.97 -16.47
C PHE D 335 43.29 -7.55 -15.25
N ILE D 336 42.85 -6.48 -14.58
CA ILE D 336 43.57 -5.98 -13.41
C ILE D 336 43.48 -6.96 -12.25
N GLY D 337 42.31 -7.58 -12.06
CA GLY D 337 42.20 -8.61 -11.05
C GLY D 337 43.18 -9.74 -11.29
N LEU D 338 43.32 -10.15 -12.55
CA LEU D 338 44.24 -11.23 -12.88
C LEU D 338 45.67 -10.87 -12.54
N MET D 339 46.10 -9.64 -12.83
CA MET D 339 47.45 -9.29 -12.40
C MET D 339 47.49 -8.53 -11.08
N PHE D 340 46.54 -8.75 -10.17
CA PHE D 340 46.68 -8.21 -8.83
C PHE D 340 48.01 -8.57 -8.16
N PRO D 341 48.53 -9.82 -8.25
CA PRO D 341 49.79 -10.10 -7.55
C PRO D 341 50.95 -9.26 -8.05
N LEU D 342 51.00 -8.97 -9.34
CA LEU D 342 52.07 -8.14 -9.87
C LEU D 342 51.99 -6.72 -9.34
N LEU D 343 50.78 -6.14 -9.32
CA LEU D 343 50.61 -4.79 -8.78
C LEU D 343 51.02 -4.73 -7.32
N SER D 344 50.60 -5.73 -6.55
CA SER D 344 50.98 -5.76 -5.14
C SER D 344 52.49 -5.91 -4.97
N LEU D 345 53.12 -6.73 -5.82
CA LEU D 345 54.57 -6.89 -5.76
C LEU D 345 55.28 -5.57 -6.05
N CYS D 346 54.83 -4.85 -7.07
CA CYS D 346 55.43 -3.56 -7.37
C CYS D 346 55.27 -2.59 -6.21
N TYR D 347 54.09 -2.55 -5.60
CA TYR D 347 53.94 -1.69 -4.44
C TYR D 347 54.80 -2.15 -3.27
N LEU D 348 55.12 -3.44 -3.19
CA LEU D 348 56.05 -3.90 -2.16
C LEU D 348 57.45 -3.38 -2.40
N VAL D 349 57.96 -3.52 -3.62
CA VAL D 349 59.37 -3.28 -3.85
C VAL D 349 59.65 -1.83 -4.24
N ALA D 350 58.84 -1.25 -5.11
CA ALA D 350 59.06 0.11 -5.62
C ALA D 350 57.78 0.91 -5.52
N PRO D 351 57.40 1.32 -4.31
CA PRO D 351 56.12 2.03 -4.15
C PRO D 351 56.23 3.49 -4.52
N LYS D 352 56.92 3.78 -5.62
CA LYS D 352 56.94 5.13 -6.18
C LYS D 352 56.97 5.15 -7.70
N SER D 353 56.94 3.99 -8.35
CA SER D 353 57.12 3.94 -9.80
C SER D 353 55.80 4.23 -10.51
N ARG D 354 55.81 4.10 -11.84
CA ARG D 354 54.60 4.27 -12.62
C ARG D 354 53.61 3.13 -12.41
N TYR D 355 54.05 2.02 -11.81
CA TYR D 355 53.18 0.90 -11.50
C TYR D 355 53.01 0.67 -10.01
N GLY D 356 53.98 1.07 -9.19
CA GLY D 356 53.81 0.95 -7.75
C GLY D 356 52.71 1.84 -7.21
N LEU D 357 52.48 2.98 -7.85
CA LEU D 357 51.41 3.88 -7.46
C LEU D 357 50.07 3.51 -8.08
N PHE D 358 50.05 2.52 -8.96
CA PHE D 358 48.81 2.20 -9.68
C PHE D 358 47.81 1.53 -8.75
N ILE D 359 48.29 0.75 -7.78
CA ILE D 359 47.43 0.14 -6.77
C ILE D 359 47.00 1.16 -5.72
N ARG D 360 47.65 2.31 -5.64
CA ARG D 360 47.24 3.35 -4.70
C ARG D 360 45.89 3.96 -5.04
N LYS D 361 45.37 3.67 -6.22
CA LYS D 361 44.11 4.25 -6.66
C LYS D 361 42.95 3.44 -6.11
N PRO D 362 41.95 4.08 -5.49
CA PRO D 362 40.97 3.33 -4.70
C PRO D 362 40.23 2.26 -5.47
N PHE D 363 39.85 2.53 -6.71
CA PHE D 363 39.15 1.52 -7.48
C PHE D 363 40.07 0.36 -7.84
N ILE D 364 41.32 0.66 -8.18
CA ILE D 364 42.27 -0.40 -8.51
C ILE D 364 42.52 -1.28 -7.30
N LYS D 365 42.70 -0.70 -6.13
CA LYS D 365 42.99 -1.54 -4.97
C LYS D 365 41.74 -2.26 -4.49
N PHE D 366 40.55 -1.70 -4.74
CA PHE D 366 39.34 -2.47 -4.46
C PHE D 366 39.26 -3.69 -5.36
N ILE D 367 39.60 -3.53 -6.64
CA ILE D 367 39.64 -4.67 -7.55
C ILE D 367 40.70 -5.68 -7.10
N CYS D 368 41.84 -5.20 -6.62
CA CYS D 368 42.89 -6.12 -6.18
C CYS D 368 42.48 -6.90 -4.94
N HIS D 369 41.86 -6.23 -3.96
CA HIS D 369 41.35 -6.94 -2.79
C HIS D 369 40.27 -7.94 -3.16
N THR D 370 39.37 -7.55 -4.07
CA THR D 370 38.34 -8.50 -4.51
C THR D 370 38.96 -9.70 -5.20
N ALA D 371 39.96 -9.47 -6.05
CA ALA D 371 40.61 -10.58 -6.73
C ALA D 371 41.33 -11.49 -5.75
N SER D 372 41.99 -10.92 -4.74
CA SER D 372 42.66 -11.76 -3.75
C SER D 372 41.63 -12.57 -2.96
N TYR D 373 40.49 -11.96 -2.64
CA TYR D 373 39.46 -12.69 -1.92
C TYR D 373 38.89 -13.83 -2.76
N LEU D 374 38.66 -13.58 -4.06
CA LEU D 374 38.18 -14.64 -4.93
C LEU D 374 39.22 -15.75 -5.07
N THR D 375 40.50 -15.38 -5.11
CA THR D 375 41.55 -16.39 -5.11
C THR D 375 41.49 -17.24 -3.84
N PHE D 376 41.27 -16.59 -2.70
CA PHE D 376 41.14 -17.31 -1.45
C PHE D 376 39.97 -18.28 -1.50
N LEU D 377 38.81 -17.82 -1.95
CA LEU D 377 37.64 -18.68 -2.00
C LEU D 377 37.83 -19.85 -2.95
N PHE D 378 38.48 -19.60 -4.09
CA PHE D 378 38.78 -20.71 -4.99
C PHE D 378 39.76 -21.68 -4.35
N LEU D 379 40.65 -21.20 -3.49
CA LEU D 379 41.53 -22.12 -2.77
C LEU D 379 40.74 -22.98 -1.79
N LEU D 380 39.78 -22.38 -1.09
CA LEU D 380 38.87 -23.17 -0.26
C LEU D 380 38.09 -24.19 -1.06
N LEU D 381 37.69 -23.85 -2.28
CA LEU D 381 37.04 -24.85 -3.11
C LEU D 381 37.97 -25.99 -3.45
N LEU D 382 39.22 -25.67 -3.80
CA LEU D 382 40.19 -26.74 -4.08
C LEU D 382 40.48 -27.58 -2.84
N ALA D 383 40.32 -27.00 -1.66
CA ALA D 383 40.63 -27.76 -0.45
C ALA D 383 39.73 -28.98 -0.28
N SER D 384 38.58 -29.02 -0.96
CA SER D 384 37.65 -30.13 -0.86
C SER D 384 37.65 -31.04 -2.08
N GLN D 385 38.72 -31.04 -2.85
CA GLN D 385 38.86 -31.91 -4.01
C GLN D 385 39.82 -33.04 -3.69
N HIS D 386 39.44 -34.27 -4.09
CA HIS D 386 40.25 -35.44 -3.83
C HIS D 386 41.53 -35.48 -4.64
N ILE D 387 41.69 -34.59 -5.61
CA ILE D 387 42.88 -34.59 -6.46
C ILE D 387 44.04 -33.85 -5.82
N VAL D 388 43.79 -32.97 -4.86
CA VAL D 388 44.86 -32.18 -4.25
C VAL D 388 44.77 -32.28 -2.73
N SER D 389 44.14 -33.33 -2.24
CA SER D 389 44.05 -33.59 -0.81
C SER D 389 44.85 -34.83 -0.45
N ASN D 390 44.97 -35.09 0.85
CA ASN D 390 45.64 -36.29 1.32
C ASN D 390 44.59 -37.39 1.54
N ASN D 391 45.06 -38.56 1.95
CA ASN D 391 44.11 -39.64 2.18
C ASN D 391 43.37 -39.46 3.51
N PRO D 392 42.15 -39.96 3.61
CA PRO D 392 41.38 -39.76 4.85
C PRO D 392 41.88 -40.59 6.02
N ASP D 393 42.63 -41.65 5.77
CA ASP D 393 43.06 -42.56 6.82
C ASP D 393 44.41 -42.12 7.40
N ARG D 394 44.44 -40.88 7.88
CA ARG D 394 45.67 -40.27 8.34
C ARG D 394 45.34 -39.29 9.46
N GLN D 395 45.60 -39.68 10.69
CA GLN D 395 45.51 -38.77 11.81
C GLN D 395 46.75 -37.88 11.84
N GLY D 396 46.57 -36.60 12.14
CA GLY D 396 47.67 -35.67 12.06
C GLY D 396 48.09 -35.46 10.62
N PRO D 397 47.23 -34.78 9.86
CA PRO D 397 47.35 -34.83 8.39
C PRO D 397 48.65 -34.28 7.82
N LYS D 398 49.39 -33.44 8.55
CA LYS D 398 50.57 -32.80 7.98
C LYS D 398 50.15 -31.97 6.77
N PRO D 399 49.59 -30.79 7.00
CA PRO D 399 48.83 -30.07 5.96
C PRO D 399 49.42 -30.03 4.56
N THR D 400 48.53 -30.17 3.58
CA THR D 400 48.89 -30.27 2.18
C THR D 400 49.28 -28.91 1.60
N THR D 401 49.59 -28.90 0.30
CA THR D 401 50.01 -27.68 -0.36
C THR D 401 48.91 -26.63 -0.38
N VAL D 402 47.67 -27.04 -0.64
CA VAL D 402 46.58 -26.08 -0.70
C VAL D 402 46.41 -25.38 0.64
N GLU D 403 46.47 -26.13 1.75
CA GLU D 403 46.30 -25.50 3.05
C GLU D 403 47.47 -24.56 3.34
N TRP D 404 48.68 -24.95 2.95
CA TRP D 404 49.82 -24.05 3.09
C TRP D 404 49.58 -22.74 2.37
N MET D 405 49.10 -22.81 1.13
CA MET D 405 48.80 -21.59 0.39
C MET D 405 47.64 -20.82 1.01
N ILE D 406 46.72 -21.52 1.67
CA ILE D 406 45.63 -20.84 2.36
C ILE D 406 46.15 -20.04 3.54
N LEU D 407 47.16 -20.57 4.23
CA LEU D 407 47.64 -19.97 5.47
C LEU D 407 47.99 -18.48 5.39
N PRO D 408 48.73 -17.99 4.38
CA PRO D 408 48.99 -16.55 4.34
C PRO D 408 47.73 -15.70 4.25
N TRP D 409 46.70 -16.15 3.53
CA TRP D 409 45.45 -15.42 3.52
C TRP D 409 44.83 -15.37 4.91
N VAL D 410 44.87 -16.48 5.64
CA VAL D 410 44.30 -16.50 6.99
C VAL D 410 45.03 -15.53 7.90
N LEU D 411 46.36 -15.56 7.85
CA LEU D 411 47.14 -14.65 8.69
C LEU D 411 46.88 -13.20 8.30
N GLY D 412 46.79 -12.91 7.00
CA GLY D 412 46.49 -11.55 6.57
C GLY D 412 45.12 -11.09 7.01
N PHE D 413 44.13 -11.99 6.95
CA PHE D 413 42.79 -11.65 7.41
C PHE D 413 42.79 -11.33 8.90
N ILE D 414 43.49 -12.15 9.68
CA ILE D 414 43.56 -11.90 11.12
C ILE D 414 44.27 -10.59 11.40
N TRP D 415 45.34 -10.32 10.67
CA TRP D 415 46.07 -9.06 10.86
C TRP D 415 45.21 -7.87 10.51
N THR D 416 44.46 -7.95 9.41
CA THR D 416 43.56 -6.87 9.04
C THR D 416 42.50 -6.65 10.10
N GLU D 417 41.94 -7.73 10.64
CA GLU D 417 40.91 -7.57 11.66
C GLU D 417 41.49 -6.97 12.93
N ILE D 418 42.71 -7.36 13.30
CA ILE D 418 43.37 -6.75 14.45
C ILE D 418 43.59 -5.26 14.24
N LYS D 419 44.06 -4.88 13.05
CA LYS D 419 44.27 -3.46 12.78
C LYS D 419 42.97 -2.68 12.83
N GLN D 420 41.88 -3.24 12.29
CA GLN D 420 40.59 -2.57 12.39
C GLN D 420 40.15 -2.43 13.85
N MET D 421 40.33 -3.49 14.64
CA MET D 421 39.96 -3.42 16.06
C MET D 421 40.77 -2.37 16.79
N TRP D 422 42.02 -2.14 16.36
CA TRP D 422 42.83 -1.10 16.98
C TRP D 422 42.45 0.29 16.48
N ASP D 423 42.65 0.54 15.19
CA ASP D 423 42.41 1.87 14.62
C ASP D 423 40.92 2.05 14.38
N GLY D 424 40.20 2.39 15.45
CA GLY D 424 38.77 2.55 15.36
C GLY D 424 38.05 2.14 16.62
N GLY D 425 38.78 1.57 17.56
CA GLY D 425 38.20 1.15 18.82
C GLY D 425 37.46 -0.17 18.72
N PHE D 426 36.74 -0.48 19.79
CA PHE D 426 35.99 -1.72 19.90
C PHE D 426 34.49 -1.53 19.91
N GLN D 427 34.00 -0.30 20.09
CA GLN D 427 32.57 -0.04 20.01
C GLN D 427 32.12 0.19 18.57
N ASP D 428 32.81 1.08 17.85
CA ASP D 428 32.50 1.28 16.45
C ASP D 428 32.79 0.02 15.64
N TYR D 429 33.74 -0.79 16.10
CA TYR D 429 34.12 -1.99 15.36
C TYR D 429 32.97 -2.99 15.30
N ILE D 430 32.26 -3.20 16.42
CA ILE D 430 31.18 -4.19 16.45
C ILE D 430 29.87 -3.64 15.95
N HIS D 431 29.77 -2.34 15.68
CA HIS D 431 28.55 -1.80 15.10
C HIS D 431 28.29 -2.38 13.72
N ASP D 432 29.34 -2.75 13.01
CA ASP D 432 29.20 -3.41 11.72
C ASP D 432 29.03 -4.91 11.95
N TRP D 433 27.97 -5.48 11.37
CA TRP D 433 27.74 -6.92 11.55
C TRP D 433 28.73 -7.74 10.73
N TRP D 434 29.17 -7.22 9.59
CA TRP D 434 30.21 -7.90 8.83
C TRP D 434 31.48 -8.03 9.65
N ASN D 435 31.74 -7.10 10.57
CA ASN D 435 32.91 -7.21 11.43
C ASN D 435 32.77 -8.35 12.41
N LEU D 436 31.56 -8.54 12.95
CA LEU D 436 31.32 -9.69 13.81
C LEU D 436 31.48 -10.99 13.04
N MET D 437 30.99 -11.03 11.80
CA MET D 437 31.18 -12.21 10.98
C MET D 437 32.66 -12.48 10.72
N ASP D 438 33.42 -11.43 10.45
CA ASP D 438 34.87 -11.59 10.26
C ASP D 438 35.54 -12.11 11.51
N PHE D 439 35.13 -11.61 12.68
CA PHE D 439 35.73 -12.08 13.92
C PHE D 439 35.45 -13.57 14.12
N VAL D 440 34.21 -13.99 13.87
CA VAL D 440 33.88 -15.41 14.00
C VAL D 440 34.69 -16.24 13.00
N MET D 441 34.79 -15.77 11.77
CA MET D 441 35.55 -16.48 10.74
C MET D 441 37.00 -16.67 11.17
N ASN D 442 37.65 -15.61 11.64
CA ASN D 442 39.06 -15.71 11.99
C ASN D 442 39.26 -16.51 13.27
N SER D 443 38.32 -16.43 14.21
CA SER D 443 38.38 -17.31 15.37
C SER D 443 38.31 -18.77 14.94
N LEU D 444 37.44 -19.08 13.99
CA LEU D 444 37.30 -20.45 13.52
C LEU D 444 38.56 -20.92 12.80
N TYR D 445 39.20 -20.04 12.02
CA TYR D 445 40.45 -20.44 11.37
C TYR D 445 41.57 -20.61 12.38
N LEU D 446 41.62 -19.78 13.41
CA LEU D 446 42.60 -20.00 14.48
C LEU D 446 42.38 -21.33 15.15
N ALA D 447 41.12 -21.68 15.40
CA ALA D 447 40.81 -22.99 15.95
C ALA D 447 41.25 -24.11 15.01
N THR D 448 41.07 -23.93 13.71
CA THR D 448 41.51 -24.93 12.76
C THR D 448 43.02 -25.15 12.84
N ILE D 449 43.79 -24.06 12.84
CA ILE D 449 45.24 -24.17 12.92
C ILE D 449 45.66 -24.85 14.22
N SER D 450 45.07 -24.43 15.34
CA SER D 450 45.45 -24.99 16.62
C SER D 450 45.11 -26.48 16.70
N LEU D 451 43.94 -26.86 16.20
CA LEU D 451 43.54 -28.26 16.26
C LEU D 451 44.39 -29.12 15.34
N LYS D 452 44.74 -28.60 14.17
CA LYS D 452 45.65 -29.33 13.29
C LYS D 452 47.01 -29.52 13.95
N ILE D 453 47.52 -28.48 14.61
CA ILE D 453 48.80 -28.58 15.30
C ILE D 453 48.73 -29.62 16.40
N VAL D 454 47.66 -29.58 17.20
CA VAL D 454 47.50 -30.54 18.29
C VAL D 454 47.44 -31.96 17.74
N ALA D 455 46.67 -32.17 16.68
CA ALA D 455 46.58 -33.49 16.08
C ALA D 455 47.91 -33.96 15.53
N TYR D 456 48.74 -33.03 15.04
CA TYR D 456 50.03 -33.43 14.48
C TYR D 456 51.01 -33.85 15.56
N VAL D 457 50.90 -33.29 16.76
CA VAL D 457 51.85 -33.57 17.83
C VAL D 457 51.30 -34.57 18.84
N LYS D 458 50.15 -35.17 18.57
CA LYS D 458 49.59 -36.19 19.44
C LYS D 458 49.09 -37.43 18.72
N TYR D 459 48.87 -37.38 17.41
CA TYR D 459 48.38 -38.52 16.64
C TYR D 459 49.31 -38.72 15.45
N SER D 460 50.39 -39.44 15.68
CA SER D 460 51.36 -39.72 14.63
C SER D 460 51.03 -40.98 13.83
N GLY D 461 50.01 -41.73 14.24
CA GLY D 461 49.65 -42.92 13.53
C GLY D 461 48.52 -42.71 12.54
N CYS D 462 48.37 -43.68 11.63
CA CYS D 462 47.33 -43.64 10.61
C CYS D 462 46.48 -44.90 10.72
N LYS D 463 45.17 -44.72 10.54
CA LYS D 463 44.20 -45.79 10.68
C LYS D 463 42.94 -45.40 9.94
N PRO D 464 42.11 -46.36 9.54
CA PRO D 464 40.92 -46.02 8.75
C PRO D 464 39.99 -45.08 9.51
N ARG D 465 39.35 -44.19 8.75
CA ARG D 465 38.56 -43.13 9.37
C ARG D 465 37.32 -43.68 10.06
N ASP D 466 36.72 -44.74 9.52
CA ASP D 466 35.51 -45.28 10.11
C ASP D 466 35.72 -45.70 11.55
N THR D 467 36.94 -46.11 11.90
CA THR D 467 37.25 -46.58 13.24
C THR D 467 37.69 -45.46 14.17
N TRP D 468 37.80 -44.23 13.68
CA TRP D 468 38.23 -43.14 14.54
C TRP D 468 37.21 -42.93 15.64
N GLU D 469 37.62 -42.24 16.68
CA GLU D 469 36.70 -41.94 17.77
C GLU D 469 36.16 -40.54 17.62
N MET D 470 34.95 -40.35 18.11
CA MET D 470 34.32 -39.04 18.12
C MET D 470 35.23 -38.06 18.85
N TRP D 471 35.08 -36.77 18.54
CA TRP D 471 35.82 -35.71 19.21
C TRP D 471 37.32 -35.84 18.97
N HIS D 472 37.69 -36.53 17.91
CA HIS D 472 39.08 -36.58 17.49
C HIS D 472 39.51 -35.19 17.03
N PRO D 473 40.69 -34.72 17.45
CA PRO D 473 41.12 -33.38 17.02
C PRO D 473 41.06 -33.14 15.52
N THR D 474 41.41 -34.13 14.71
CA THR D 474 41.36 -33.95 13.26
C THR D 474 39.92 -33.76 12.79
N LEU D 475 38.99 -34.55 13.32
CA LEU D 475 37.59 -34.42 12.92
C LEU D 475 37.05 -33.04 13.26
N VAL D 476 37.34 -32.57 14.48
CA VAL D 476 36.89 -31.25 14.89
C VAL D 476 37.55 -30.18 14.04
N ALA D 477 38.81 -30.40 13.64
CA ALA D 477 39.48 -29.45 12.77
C ALA D 477 38.77 -29.33 11.44
N GLU D 478 38.40 -30.47 10.85
CA GLU D 478 37.65 -30.42 9.59
C GLU D 478 36.30 -29.73 9.77
N ALA D 479 35.63 -29.99 10.89
CA ALA D 479 34.32 -29.38 11.10
C ALA D 479 34.42 -27.86 11.22
N VAL D 480 35.33 -27.37 12.05
CA VAL D 480 35.46 -25.93 12.21
C VAL D 480 35.99 -25.28 10.93
N PHE D 481 36.84 -25.99 10.19
CA PHE D 481 37.29 -25.46 8.92
C PHE D 481 36.16 -25.32 7.92
N ALA D 482 35.23 -26.28 7.91
CA ALA D 482 34.08 -26.19 7.02
C ALA D 482 33.17 -25.04 7.40
N ILE D 483 32.94 -24.85 8.71
CA ILE D 483 32.12 -23.72 9.14
C ILE D 483 32.78 -22.40 8.74
N ALA D 484 34.09 -22.31 8.92
CA ALA D 484 34.83 -21.13 8.50
C ALA D 484 34.75 -20.92 7.00
N ASN D 485 34.72 -22.01 6.23
CA ASN D 485 34.55 -21.89 4.79
C ASN D 485 33.21 -21.24 4.44
N ILE D 486 32.15 -21.66 5.15
CA ILE D 486 30.85 -21.04 4.89
C ILE D 486 30.90 -19.55 5.20
N PHE D 487 31.49 -19.18 6.34
CA PHE D 487 31.53 -17.76 6.68
C PHE D 487 32.40 -16.97 5.70
N SER D 488 33.51 -17.54 5.26
CA SER D 488 34.36 -16.87 4.28
C SER D 488 33.61 -16.64 2.99
N SER D 489 32.86 -17.65 2.53
CA SER D 489 32.14 -17.48 1.28
C SER D 489 30.94 -16.57 1.40
N LEU D 490 30.37 -16.43 2.60
CA LEU D 490 29.32 -15.44 2.80
C LEU D 490 29.86 -14.03 2.92
N ARG D 491 31.12 -13.88 3.30
CA ARG D 491 31.75 -12.56 3.32
C ARG D 491 31.84 -11.94 1.93
N LEU D 492 31.41 -12.68 0.91
CA LEU D 492 31.42 -12.20 -0.46
C LEU D 492 30.18 -11.40 -0.83
N ILE D 493 29.14 -11.41 0.01
CA ILE D 493 27.95 -10.64 -0.29
C ILE D 493 28.14 -9.16 0.04
N SER D 494 29.07 -8.84 0.95
CA SER D 494 29.33 -7.45 1.28
C SER D 494 29.95 -6.68 0.13
N LEU D 495 30.54 -7.35 -0.84
CA LEU D 495 31.12 -6.68 -2.00
C LEU D 495 30.08 -6.32 -3.03
N PHE D 496 28.80 -6.32 -2.68
CA PHE D 496 27.78 -5.85 -3.58
C PHE D 496 27.24 -4.48 -3.25
N THR D 497 27.63 -3.89 -2.13
CA THR D 497 27.33 -2.48 -1.95
C THR D 497 28.01 -1.65 -3.02
N ALA D 498 29.07 -2.18 -3.63
CA ALA D 498 29.78 -1.48 -4.69
C ALA D 498 29.00 -1.48 -6.00
N ASN D 499 28.01 -2.34 -6.14
CA ASN D 499 27.26 -2.49 -7.38
C ASN D 499 25.94 -1.74 -7.27
N SER D 500 25.60 -0.99 -8.32
CA SER D 500 24.41 -0.17 -8.30
C SER D 500 23.13 -0.97 -8.50
N HIS D 501 23.24 -2.24 -8.87
CA HIS D 501 22.08 -3.10 -9.10
C HIS D 501 21.81 -4.03 -7.94
N LEU D 502 22.84 -4.67 -7.42
CA LEU D 502 22.74 -5.56 -6.28
C LEU D 502 22.98 -4.86 -4.95
N GLY D 503 23.37 -3.59 -4.98
CA GLY D 503 23.67 -2.85 -3.78
C GLY D 503 22.46 -2.46 -2.98
N PRO D 504 21.53 -1.72 -3.57
CA PRO D 504 20.33 -1.36 -2.82
C PRO D 504 19.56 -2.56 -2.32
N LEU D 505 19.51 -3.61 -3.13
CA LEU D 505 18.85 -4.83 -2.71
C LEU D 505 19.53 -5.48 -1.53
N GLN D 506 20.85 -5.62 -1.58
CA GLN D 506 21.56 -6.25 -0.48
C GLN D 506 21.43 -5.43 0.80
N ILE D 507 21.50 -4.11 0.70
CA ILE D 507 21.33 -3.26 1.87
C ILE D 507 19.93 -3.42 2.44
N SER D 508 18.90 -3.42 1.59
CA SER D 508 17.53 -3.55 2.09
C SER D 508 17.30 -4.91 2.73
N LEU D 509 17.83 -5.98 2.13
CA LEU D 509 17.70 -7.29 2.76
C LEU D 509 18.38 -7.32 4.12
N GLY D 510 19.55 -6.69 4.23
CA GLY D 510 20.16 -6.56 5.54
C GLY D 510 19.32 -5.75 6.51
N ARG D 511 18.50 -4.83 6.00
CA ARG D 511 17.67 -4.02 6.88
C ARG D 511 16.41 -4.72 7.33
N MET D 512 16.03 -5.84 6.73
CA MET D 512 14.88 -6.60 7.18
C MET D 512 15.21 -7.61 8.26
N LEU D 513 16.50 -7.83 8.53
CA LEU D 513 16.89 -8.95 9.40
C LEU D 513 16.37 -8.79 10.81
N LEU D 514 16.32 -7.56 11.33
CA LEU D 514 15.92 -7.40 12.73
C LEU D 514 14.50 -7.88 12.99
N ASP D 515 13.58 -7.62 12.06
CA ASP D 515 12.24 -8.15 12.20
C ASP D 515 12.24 -9.67 12.14
N ILE D 516 13.09 -10.23 11.28
CA ILE D 516 13.23 -11.68 11.24
C ILE D 516 13.68 -12.21 12.58
N LEU D 517 14.65 -11.55 13.22
CA LEU D 517 15.13 -12.01 14.52
C LEU D 517 14.05 -11.95 15.59
N LYS D 518 13.27 -10.88 15.64
CA LYS D 518 12.19 -10.83 16.62
C LYS D 518 11.18 -11.94 16.38
N PHE D 519 10.81 -12.13 15.12
CA PHE D 519 9.86 -13.18 14.80
C PHE D 519 10.42 -14.56 15.13
N LEU D 520 11.71 -14.77 14.89
CA LEU D 520 12.32 -16.06 15.18
C LEU D 520 12.43 -16.29 16.68
N PHE D 521 12.54 -15.22 17.48
CA PHE D 521 12.49 -15.40 18.91
C PHE D 521 11.12 -15.91 19.36
N ILE D 522 10.06 -15.30 18.83
CA ILE D 522 8.72 -15.81 19.11
C ILE D 522 8.57 -17.26 18.66
N TYR D 523 9.09 -17.57 17.48
CA TYR D 523 8.97 -18.93 16.99
C TYR D 523 9.74 -19.90 17.87
N CYS D 524 10.90 -19.48 18.38
CA CYS D 524 11.65 -20.36 19.28
C CYS D 524 10.85 -20.64 20.54
N LEU D 525 10.12 -19.66 21.05
CA LEU D 525 9.25 -19.96 22.19
C LEU D 525 8.17 -20.96 21.85
N VAL D 526 7.53 -20.81 20.68
CA VAL D 526 6.51 -21.77 20.27
C VAL D 526 7.11 -23.16 20.14
N LEU D 527 8.30 -23.23 19.53
CA LEU D 527 9.03 -24.49 19.38
C LEU D 527 9.31 -25.13 20.73
N LEU D 528 9.78 -24.34 21.68
CA LEU D 528 10.09 -24.88 23.00
C LEU D 528 8.83 -25.39 23.69
N ALA D 529 7.72 -24.68 23.55
CA ALA D 529 6.47 -25.13 24.14
C ALA D 529 6.05 -26.50 23.60
N PHE D 530 6.00 -26.63 22.28
CA PHE D 530 5.58 -27.90 21.72
C PHE D 530 6.61 -28.99 21.93
N ALA D 531 7.89 -28.65 22.00
CA ALA D 531 8.90 -29.65 22.31
C ALA D 531 8.72 -30.19 23.72
N ASN D 532 8.49 -29.30 24.67
CA ASN D 532 8.21 -29.73 26.04
C ASN D 532 7.02 -30.67 26.08
N GLY D 533 5.92 -30.30 25.41
CA GLY D 533 4.76 -31.16 25.43
C GLY D 533 4.99 -32.51 24.77
N LEU D 534 5.57 -32.51 23.58
CA LEU D 534 5.77 -33.75 22.85
C LEU D 534 6.74 -34.67 23.58
N ASN D 535 7.82 -34.12 24.11
CA ASN D 535 8.74 -34.93 24.88
C ASN D 535 8.05 -35.51 26.11
N GLN D 536 7.23 -34.71 26.79
CA GLN D 536 6.53 -35.23 27.95
C GLN D 536 5.62 -36.40 27.56
N LEU D 537 5.00 -36.32 26.39
CA LEU D 537 4.13 -37.41 25.97
C LEU D 537 4.92 -38.67 25.60
N TYR D 538 6.07 -38.51 24.96
CA TYR D 538 6.69 -39.62 24.24
C TYR D 538 7.91 -40.20 24.93
N PHE D 539 8.36 -39.66 26.06
CA PHE D 539 9.63 -40.11 26.60
C PHE D 539 9.56 -41.45 27.30
N TYR D 540 8.36 -42.01 27.50
CA TYR D 540 8.25 -43.31 28.11
C TYR D 540 8.46 -44.46 27.13
N TYR D 541 8.41 -44.18 25.82
CA TYR D 541 8.53 -45.21 24.81
C TYR D 541 9.86 -45.17 24.08
N GLU D 542 10.88 -44.57 24.68
CA GLU D 542 12.19 -44.57 24.07
C GLU D 542 12.65 -46.00 23.82
N ASN D 543 13.17 -46.25 22.63
CA ASN D 543 13.45 -47.59 22.16
C ASN D 543 14.87 -47.68 21.65
N SER D 544 15.52 -48.78 21.95
CA SER D 544 16.87 -49.01 21.44
C SER D 544 17.00 -50.34 20.72
N GLU D 545 16.33 -51.39 21.20
CA GLU D 545 16.50 -52.71 20.62
C GLU D 545 16.07 -52.73 19.17
N GLY D 546 16.80 -53.49 18.36
CA GLY D 546 16.53 -53.53 16.94
C GLY D 546 17.42 -52.58 16.15
N MET D 547 16.89 -51.38 15.90
CA MET D 547 17.59 -50.39 15.07
C MET D 547 19.01 -50.18 15.54
N THR D 548 19.87 -49.81 14.59
CA THR D 548 21.26 -49.48 14.89
C THR D 548 21.57 -48.01 14.76
N CYS D 549 20.74 -47.24 14.05
CA CYS D 549 20.83 -45.79 14.00
C CYS D 549 19.56 -45.23 14.61
N LYS D 550 19.70 -44.37 15.61
CA LYS D 550 18.55 -43.84 16.33
C LYS D 550 18.44 -42.34 16.12
N GLY D 551 17.22 -41.87 15.84
CA GLY D 551 16.93 -40.48 15.66
C GLY D 551 16.07 -40.26 14.43
N ILE D 552 16.05 -39.03 13.93
CA ILE D 552 15.32 -38.71 12.71
C ILE D 552 16.22 -38.69 11.49
N ARG D 553 17.53 -38.61 11.68
CA ARG D 553 18.48 -38.66 10.58
C ARG D 553 18.78 -40.11 10.25
N CYS D 554 17.77 -40.87 9.85
CA CYS D 554 17.99 -42.24 9.42
C CYS D 554 16.86 -42.62 8.48
N GLU D 555 17.10 -43.66 7.67
CA GLU D 555 16.13 -44.04 6.65
C GLU D 555 14.75 -44.29 7.27
N ARG D 556 14.68 -45.11 8.29
CA ARG D 556 13.45 -45.35 9.03
C ARG D 556 13.52 -44.48 10.27
N GLN D 557 12.78 -43.38 10.25
CA GLN D 557 12.87 -42.35 11.28
C GLN D 557 12.30 -42.90 12.57
N ASN D 558 13.16 -43.39 13.44
CA ASN D 558 12.77 -43.90 14.74
C ASN D 558 12.75 -42.72 15.70
N ASN D 559 12.90 -42.98 17.00
CA ASN D 559 12.54 -42.08 18.09
C ASN D 559 12.77 -40.63 17.74
N ALA D 560 11.69 -39.85 17.73
CA ALA D 560 11.73 -38.48 17.30
C ALA D 560 11.35 -37.51 18.39
N PHE D 561 10.67 -37.97 19.44
CA PHE D 561 10.30 -37.14 20.57
C PHE D 561 10.71 -37.79 21.88
N SER D 562 11.71 -38.66 21.85
CA SER D 562 12.10 -39.41 23.03
C SER D 562 13.11 -38.71 23.91
N THR D 563 13.80 -37.69 23.39
CA THR D 563 14.63 -36.81 24.19
C THR D 563 14.34 -35.38 23.78
N LEU D 564 14.66 -34.44 24.68
CA LEU D 564 14.33 -33.05 24.40
C LEU D 564 15.11 -32.52 23.21
N PHE D 565 16.39 -32.90 23.09
CA PHE D 565 17.18 -32.48 21.94
C PHE D 565 16.61 -33.07 20.66
N GLU D 566 16.28 -34.35 20.68
CA GLU D 566 15.72 -34.99 19.49
C GLU D 566 14.36 -34.41 19.16
N THR D 567 13.56 -34.06 20.18
CA THR D 567 12.29 -33.41 19.93
C THR D 567 12.50 -32.05 19.27
N LEU D 568 13.50 -31.30 19.73
CA LEU D 568 13.78 -30.00 19.14
C LEU D 568 14.16 -30.14 17.67
N GLN D 569 15.00 -31.12 17.34
CA GLN D 569 15.34 -31.35 15.95
C GLN D 569 14.14 -31.80 15.13
N SER D 570 13.30 -32.67 15.69
CA SER D 570 12.12 -33.14 14.97
C SER D 570 11.20 -31.98 14.65
N LEU D 571 10.95 -31.11 15.62
CA LEU D 571 10.06 -29.99 15.37
C LEU D 571 10.70 -28.93 14.47
N PHE D 572 12.03 -28.84 14.47
CA PHE D 572 12.68 -27.96 13.52
C PHE D 572 12.53 -28.48 12.09
N TRP D 573 12.82 -29.74 11.86
CA TRP D 573 12.77 -30.27 10.51
C TRP D 573 11.35 -30.52 10.05
N SER D 574 10.38 -30.50 10.97
CA SER D 574 8.98 -30.62 10.59
C SER D 574 8.53 -29.45 9.73
N ILE D 575 9.16 -28.28 9.87
CA ILE D 575 8.71 -27.11 9.12
C ILE D 575 9.20 -27.12 7.69
N PHE D 576 10.02 -28.08 7.31
CA PHE D 576 10.38 -28.27 5.91
C PHE D 576 9.86 -29.59 5.36
N GLY D 577 9.00 -30.28 6.10
CA GLY D 577 8.41 -31.51 5.63
C GLY D 577 9.35 -32.69 5.59
N LEU D 578 10.43 -32.65 6.35
CA LEU D 578 11.43 -33.71 6.32
C LEU D 578 11.23 -34.73 7.42
N ILE D 579 10.17 -34.59 8.22
CA ILE D 579 9.84 -35.54 9.27
C ILE D 579 8.59 -36.28 8.81
N SER D 580 8.66 -37.60 8.77
CA SER D 580 7.54 -38.38 8.30
C SER D 580 6.44 -38.44 9.36
N LEU D 581 5.29 -38.92 8.95
CA LEU D 581 4.13 -38.95 9.84
C LEU D 581 4.13 -40.14 10.78
N TYR D 582 4.94 -41.15 10.53
CA TYR D 582 4.95 -42.36 11.33
C TYR D 582 5.86 -42.27 12.53
N VAL D 583 6.50 -41.12 12.76
CA VAL D 583 7.30 -40.94 13.97
C VAL D 583 6.42 -40.68 15.18
N THR D 584 5.14 -40.41 14.97
CA THR D 584 4.21 -40.19 16.07
C THR D 584 3.66 -41.50 16.63
N ASN D 585 4.07 -42.64 16.08
CA ASN D 585 3.64 -43.95 16.55
C ASN D 585 4.60 -44.47 17.60
N VAL D 586 4.12 -45.44 18.38
CA VAL D 586 4.94 -46.16 19.34
C VAL D 586 4.82 -47.65 19.05
N LYS D 587 5.68 -48.44 19.70
CA LYS D 587 5.67 -49.88 19.55
C LYS D 587 4.57 -50.55 20.36
N ALA D 588 3.56 -49.80 20.80
CA ALA D 588 2.44 -50.36 21.54
C ALA D 588 1.16 -50.05 20.79
N ASP D 589 0.05 -50.62 21.27
CA ASP D 589 -1.26 -50.41 20.67
C ASP D 589 -1.96 -49.19 21.22
N HIS D 590 -1.22 -48.25 21.81
CA HIS D 590 -1.80 -47.10 22.50
C HIS D 590 -2.22 -46.05 21.48
N LYS D 591 -3.39 -46.27 20.87
CA LYS D 591 -3.86 -45.34 19.86
C LYS D 591 -4.21 -43.98 20.45
N PHE D 592 -4.54 -43.92 21.73
CA PHE D 592 -4.87 -42.63 22.32
C PHE D 592 -3.64 -41.73 22.44
N THR D 593 -2.54 -42.27 22.96
CA THR D 593 -1.33 -41.47 23.07
C THR D 593 -0.79 -41.09 21.70
N GLU D 594 -0.86 -42.01 20.74
CA GLU D 594 -0.44 -41.70 19.39
C GLU D 594 -1.30 -40.61 18.78
N PHE D 595 -2.61 -40.66 19.01
CA PHE D 595 -3.47 -39.63 18.47
C PHE D 595 -3.19 -38.29 19.12
N VAL D 596 -2.97 -38.27 20.43
CA VAL D 596 -2.66 -37.01 21.10
C VAL D 596 -1.33 -36.46 20.60
N GLY D 597 -0.35 -37.32 20.40
CA GLY D 597 0.93 -36.87 19.87
C GLY D 597 0.81 -36.33 18.46
N ALA D 598 0.05 -37.02 17.62
CA ALA D 598 -0.18 -36.54 16.27
C ALA D 598 -0.94 -35.23 16.27
N THR D 599 -1.79 -35.00 17.26
CA THR D 599 -2.49 -33.73 17.35
C THR D 599 -1.58 -32.61 17.83
N MET D 600 -0.68 -32.88 18.79
CA MET D 600 0.35 -31.90 19.11
C MET D 600 1.19 -31.55 17.89
N PHE D 601 1.61 -32.58 17.16
CA PHE D 601 2.43 -32.36 15.98
C PHE D 601 1.68 -31.58 14.90
N GLY D 602 0.41 -31.91 14.70
CA GLY D 602 -0.38 -31.20 13.71
C GLY D 602 -0.67 -29.78 14.10
N THR D 603 -0.93 -29.54 15.38
CA THR D 603 -1.13 -28.17 15.84
C THR D 603 0.15 -27.36 15.72
N TYR D 604 1.30 -27.99 15.94
CA TYR D 604 2.55 -27.28 15.75
C TYR D 604 2.77 -26.93 14.29
N ASN D 605 2.44 -27.85 13.38
CA ASN D 605 2.54 -27.53 11.96
C ASN D 605 1.57 -26.44 11.53
N VAL D 606 0.34 -26.45 12.05
CA VAL D 606 -0.58 -25.37 11.74
C VAL D 606 -0.07 -24.04 12.27
N ILE D 607 0.40 -24.00 13.51
CA ILE D 607 0.86 -22.75 14.08
C ILE D 607 2.07 -22.22 13.32
N SER D 608 3.01 -23.09 12.97
CA SER D 608 4.27 -22.63 12.42
C SER D 608 4.25 -22.45 10.90
N LEU D 609 3.62 -23.38 10.17
CA LEU D 609 3.72 -23.39 8.72
C LEU D 609 2.60 -22.61 8.02
N VAL D 610 1.43 -22.50 8.62
CA VAL D 610 0.33 -21.78 7.98
C VAL D 610 -0.14 -20.60 8.81
N VAL D 611 0.49 -20.33 9.94
CA VAL D 611 0.10 -19.15 10.71
C VAL D 611 1.31 -18.25 10.89
N LEU D 612 2.35 -18.74 11.59
CA LEU D 612 3.51 -17.89 11.84
C LEU D 612 4.24 -17.53 10.56
N LEU D 613 4.43 -18.50 9.66
CA LEU D 613 5.16 -18.21 8.44
C LEU D 613 4.48 -17.11 7.64
N ASN D 614 3.16 -17.16 7.53
CA ASN D 614 2.45 -16.12 6.80
C ASN D 614 2.46 -14.79 7.54
N MET D 615 2.45 -14.81 8.87
CA MET D 615 2.62 -13.58 9.63
C MET D 615 3.99 -12.96 9.37
N LEU D 616 5.01 -13.81 9.22
CA LEU D 616 6.35 -13.34 8.84
C LEU D 616 6.33 -12.69 7.47
N ILE D 617 5.62 -13.31 6.52
CA ILE D 617 5.49 -12.69 5.19
C ILE D 617 4.82 -11.34 5.29
N ALA D 618 3.76 -11.23 6.09
CA ALA D 618 3.06 -9.95 6.25
C ALA D 618 3.96 -8.89 6.87
N MET D 619 4.68 -9.23 7.94
CA MET D 619 5.56 -8.26 8.57
C MET D 619 6.67 -7.84 7.63
N MET D 620 7.21 -8.78 6.86
CA MET D 620 8.26 -8.46 5.90
C MET D 620 7.74 -7.51 4.83
N ASN D 621 6.51 -7.72 4.38
CA ASN D 621 5.93 -6.83 3.38
C ASN D 621 5.77 -5.42 3.93
N ASN D 622 5.28 -5.31 5.15
CA ASN D 622 5.19 -3.98 5.76
C ASN D 622 6.55 -3.34 5.90
N SER D 623 7.55 -4.11 6.33
CA SER D 623 8.90 -3.57 6.45
C SER D 623 9.42 -3.08 5.11
N TYR D 624 9.31 -3.91 4.07
CA TYR D 624 9.87 -3.57 2.78
C TYR D 624 9.15 -2.42 2.12
N GLN D 625 7.88 -2.17 2.47
CA GLN D 625 7.25 -0.95 1.96
C GLN D 625 8.06 0.27 2.34
N HIS D 626 8.40 0.41 3.62
CA HIS D 626 9.15 1.57 4.08
C HIS D 626 10.61 1.50 3.67
N ILE D 627 11.23 0.34 3.81
CA ILE D 627 12.67 0.19 3.58
C ILE D 627 13.02 0.58 2.15
N ALA D 628 12.19 0.20 1.19
CA ALA D 628 12.48 0.53 -0.20
C ALA D 628 12.33 2.01 -0.51
N ASP D 629 11.70 2.79 0.36
CA ASP D 629 11.68 4.24 0.14
C ASP D 629 13.07 4.85 0.32
N HIS D 630 13.73 4.55 1.43
CA HIS D 630 15.11 4.98 1.61
C HIS D 630 16.09 3.92 1.15
N ALA D 631 15.90 3.41 -0.06
CA ALA D 631 16.82 2.38 -0.54
C ALA D 631 18.09 3.01 -1.12
N ASP D 632 17.93 4.01 -1.99
CA ASP D 632 19.10 4.65 -2.57
C ASP D 632 19.91 5.40 -1.52
N ILE D 633 19.25 6.09 -0.59
CA ILE D 633 19.99 6.86 0.41
C ILE D 633 20.84 5.93 1.27
N GLU D 634 20.24 4.85 1.78
CA GLU D 634 20.99 3.92 2.60
C GLU D 634 22.07 3.20 1.80
N TRP D 635 21.77 2.83 0.56
CA TRP D 635 22.79 2.14 -0.21
C TRP D 635 23.95 3.06 -0.51
N LYS D 636 23.68 4.33 -0.79
CA LYS D 636 24.76 5.27 -1.07
C LYS D 636 25.58 5.55 0.18
N PHE D 637 24.94 5.56 1.35
CA PHE D 637 25.70 5.63 2.59
C PHE D 637 26.63 4.42 2.72
N ALA D 638 26.11 3.22 2.47
CA ALA D 638 26.93 2.02 2.59
C ALA D 638 28.06 2.01 1.57
N ARG D 639 27.76 2.43 0.33
CA ARG D 639 28.80 2.48 -0.70
C ARG D 639 29.83 3.54 -0.40
N THR D 640 29.42 4.66 0.21
CA THR D 640 30.39 5.64 0.66
C THR D 640 31.31 5.07 1.72
N LYS D 641 30.77 4.32 2.69
CA LYS D 641 31.62 3.69 3.67
C LYS D 641 32.61 2.74 3.01
N LEU D 642 32.12 1.88 2.11
CA LEU D 642 33.00 0.94 1.42
C LEU D 642 34.08 1.68 0.63
N TRP D 643 33.68 2.69 -0.14
CA TRP D 643 34.62 3.46 -0.94
C TRP D 643 35.67 4.10 -0.06
N MET D 644 35.24 4.74 1.01
CA MET D 644 36.13 5.52 1.85
C MET D 644 37.12 4.62 2.57
N SER D 645 36.74 3.36 2.81
CA SER D 645 37.68 2.41 3.36
C SER D 645 38.87 2.14 2.44
N TYR D 646 38.80 2.51 1.17
CA TYR D 646 39.89 2.30 0.23
C TYR D 646 40.59 3.58 -0.17
N PHE D 647 40.36 4.68 0.54
CA PHE D 647 41.02 5.94 0.22
C PHE D 647 42.34 6.13 0.94
N GLU D 648 42.57 5.41 2.02
CA GLU D 648 43.76 5.62 2.85
C GLU D 648 44.97 4.91 2.26
N GLU D 649 46.15 5.32 2.72
CA GLU D 649 47.38 4.63 2.38
C GLU D 649 47.54 3.34 3.16
N GLY D 650 47.07 3.30 4.40
CA GLY D 650 47.09 2.08 5.16
C GLY D 650 46.10 1.07 4.62
N GLY D 651 46.46 -0.21 4.75
CA GLY D 651 45.63 -1.27 4.19
C GLY D 651 45.55 -1.24 2.68
N THR D 652 46.68 -1.07 2.02
CA THR D 652 46.71 -1.05 0.56
C THR D 652 46.97 -2.42 -0.05
N LEU D 653 47.84 -3.20 0.56
CA LEU D 653 48.13 -4.50 0.01
C LEU D 653 47.07 -5.52 0.40
N PRO D 654 46.74 -6.45 -0.48
CA PRO D 654 45.79 -7.50 -0.15
C PRO D 654 46.37 -8.47 0.87
N PRO D 655 45.52 -9.27 1.51
CA PRO D 655 45.95 -10.08 2.67
C PRO D 655 47.12 -11.01 2.40
N PRO D 656 47.19 -11.70 1.25
CA PRO D 656 48.36 -12.56 1.05
C PRO D 656 49.67 -11.80 1.13
N PHE D 657 49.70 -10.58 0.61
CA PHE D 657 50.85 -9.69 0.66
C PHE D 657 50.81 -8.75 1.84
N ASN D 658 49.71 -8.73 2.60
CA ASN D 658 49.62 -7.91 3.78
C ASN D 658 50.69 -8.28 4.80
N ILE D 659 50.93 -9.58 4.98
CA ILE D 659 51.95 -10.06 5.92
C ILE D 659 53.25 -10.19 5.13
N ILE D 660 53.92 -9.05 4.94
CA ILE D 660 55.26 -9.05 4.36
C ILE D 660 56.09 -8.05 5.16
N PRO D 661 57.23 -8.47 5.71
CA PRO D 661 58.12 -7.51 6.38
C PRO D 661 58.42 -6.30 5.51
N SER D 662 57.98 -5.14 5.96
CA SER D 662 58.11 -3.87 5.24
C SER D 662 59.60 -3.53 5.08
N PRO D 663 59.95 -2.50 4.28
CA PRO D 663 61.35 -2.08 4.19
C PRO D 663 62.05 -2.02 5.55
N LYS D 664 61.41 -1.44 6.55
CA LYS D 664 61.95 -1.48 7.91
C LYS D 664 61.57 -2.78 8.60
N SER D 665 60.27 -2.97 8.84
CA SER D 665 59.69 -4.21 9.38
C SER D 665 60.08 -4.47 10.82
N ILE D 666 61.05 -3.71 11.33
CA ILE D 666 61.44 -3.83 12.74
C ILE D 666 61.44 -2.45 13.38
N CYS D 667 61.50 -1.41 12.56
CA CYS D 667 61.58 -0.06 13.08
C CYS D 667 60.25 0.40 13.68
N TYR D 668 59.15 0.17 12.98
CA TYR D 668 57.85 0.49 13.55
C TYR D 668 57.34 -0.66 14.41
N LEU D 669 58.03 -1.80 14.41
CA LEU D 669 57.67 -2.89 15.31
C LEU D 669 58.35 -2.75 16.67
N ILE D 670 59.64 -2.45 16.70
CA ILE D 670 60.34 -2.28 17.97
C ILE D 670 59.91 -0.97 18.64
N THR D 671 59.81 0.11 17.88
CA THR D 671 59.54 1.42 18.44
C THR D 671 58.10 1.57 18.90
N TRP D 672 57.17 0.84 18.28
CA TRP D 672 55.77 0.95 18.67
C TRP D 672 55.56 0.54 20.12
N ILE D 673 56.28 -0.49 20.58
CA ILE D 673 56.15 -0.97 21.94
C ILE D 673 56.97 -0.14 22.92
N LYS D 674 57.96 0.60 22.43
CA LYS D 674 58.83 1.39 23.31
C LYS D 674 58.10 2.63 23.81
N VAL D 675 57.09 2.40 24.64
CA VAL D 675 56.32 3.45 25.27
C VAL D 675 56.25 3.27 26.78
N HIS D 676 55.76 2.11 27.23
CA HIS D 676 55.55 1.82 28.65
C HIS D 676 54.97 2.99 29.43
N ARG D 694 54.04 26.57 14.58
CA ARG D 694 54.27 27.57 13.54
C ARG D 694 53.46 27.26 12.29
N ALA D 695 52.20 26.88 12.48
CA ALA D 695 51.30 26.52 11.39
C ALA D 695 50.31 27.68 11.20
N ALA D 696 50.70 28.65 10.39
CA ALA D 696 49.83 29.77 10.07
C ALA D 696 48.81 29.42 9.00
N GLU D 697 48.95 28.30 8.31
CA GLU D 697 47.95 27.85 7.36
C GLU D 697 46.64 27.48 8.03
N ASN D 698 46.68 27.10 9.31
CA ASN D 698 45.46 26.70 10.02
C ASN D 698 44.47 27.85 10.10
N VAL D 699 44.94 29.03 10.51
CA VAL D 699 44.06 30.18 10.64
C VAL D 699 43.53 30.60 9.27
N ARG D 700 44.39 30.56 8.24
CA ARG D 700 43.94 30.93 6.90
C ARG D 700 42.86 29.98 6.40
N LEU D 701 43.06 28.68 6.59
CA LEU D 701 42.04 27.69 6.24
C LEU D 701 40.74 27.98 6.99
N ASN D 702 40.84 28.31 8.28
CA ASN D 702 39.65 28.55 9.07
C ASN D 702 38.87 29.76 8.53
N HIS D 703 39.57 30.84 8.19
CA HIS D 703 38.88 32.01 7.65
C HIS D 703 38.28 31.74 6.28
N GLN D 704 38.99 31.00 5.43
CA GLN D 704 38.44 30.72 4.10
C GLN D 704 37.20 29.84 4.20
N TYR D 705 37.23 28.86 5.11
CA TYR D 705 36.03 28.09 5.41
C TYR D 705 34.93 28.96 5.96
N GLN D 706 35.26 29.95 6.79
CA GLN D 706 34.25 30.84 7.33
C GLN D 706 33.56 31.63 6.24
N GLU D 707 34.33 32.11 5.25
CA GLU D 707 33.71 32.82 4.13
C GLU D 707 32.79 31.91 3.35
N VAL D 708 33.26 30.69 3.06
CA VAL D 708 32.40 29.72 2.38
C VAL D 708 31.11 29.52 3.15
N LEU D 709 31.22 29.30 4.46
CA LEU D 709 30.05 29.01 5.29
C LEU D 709 29.10 30.20 5.37
N ARG D 710 29.66 31.42 5.43
CA ARG D 710 28.83 32.61 5.36
C ARG D 710 28.00 32.62 4.09
N ASN D 711 28.64 32.33 2.95
CA ASN D 711 27.91 32.34 1.68
C ASN D 711 26.84 31.26 1.64
N LEU D 712 27.16 30.04 2.09
CA LEU D 712 26.15 28.99 2.11
C LEU D 712 24.98 29.31 3.03
N VAL D 713 25.23 29.89 4.20
CA VAL D 713 24.12 30.20 5.08
C VAL D 713 23.27 31.31 4.49
N LYS D 714 23.90 32.31 3.86
CA LYS D 714 23.16 33.35 3.18
C LYS D 714 22.25 32.75 2.12
N ARG D 715 22.81 31.88 1.28
CA ARG D 715 22.03 31.25 0.22
C ARG D 715 20.89 30.42 0.79
N TYR D 716 21.16 29.68 1.87
CA TYR D 716 20.14 28.84 2.46
C TYR D 716 18.98 29.67 3.00
N VAL D 717 19.30 30.74 3.72
CA VAL D 717 18.25 31.62 4.23
C VAL D 717 17.45 32.20 3.07
N ALA D 718 18.13 32.65 2.02
CA ALA D 718 17.41 33.23 0.90
C ALA D 718 16.50 32.23 0.22
N ALA D 719 16.96 30.99 0.03
CA ALA D 719 16.31 30.07 -0.88
C ALA D 719 15.44 29.02 -0.20
N MET D 720 15.46 28.92 1.11
CA MET D 720 14.59 27.96 1.79
C MET D 720 13.89 28.52 3.00
N ILE D 721 14.21 29.73 3.43
CA ILE D 721 13.47 30.40 4.49
C ILE D 721 12.60 31.51 3.92
N ARG D 722 13.09 32.20 2.88
CA ARG D 722 12.38 33.31 2.27
C ARG D 722 11.49 32.88 1.13
N ASP D 723 11.94 31.94 0.30
CA ASP D 723 11.14 31.47 -0.83
C ASP D 723 10.27 30.27 -0.48
N ALA D 724 10.76 29.36 0.36
CA ALA D 724 9.96 28.20 0.72
C ALA D 724 8.75 28.60 1.55
N LYS D 725 8.93 29.57 2.45
CA LYS D 725 7.79 30.08 3.21
C LYS D 725 6.76 30.72 2.28
N THR D 726 7.23 31.45 1.28
CA THR D 726 6.32 32.07 0.32
C THR D 726 5.49 31.01 -0.41
N GLU D 727 6.11 29.90 -0.78
CA GLU D 727 5.43 28.79 -1.46
C GLU D 727 4.76 27.97 -0.36
N GLU D 728 3.55 28.41 0.01
CA GLU D 728 2.77 27.73 1.04
C GLU D 728 1.31 27.69 0.64
N GLY D 729 0.44 27.33 1.59
CA GLY D 729 -0.99 27.36 1.33
C GLY D 729 -1.76 28.19 2.34
N LEU D 730 -2.44 29.23 1.87
CA LEU D 730 -3.05 30.19 2.79
C LEU D 730 -4.25 29.58 3.49
N THR D 731 -4.31 29.76 4.81
CA THR D 731 -5.28 29.15 5.70
C THR D 731 -6.50 30.06 5.86
N GLU D 732 -7.36 29.75 6.82
CA GLU D 732 -8.53 30.60 7.09
C GLU D 732 -8.13 31.91 7.74
N GLU D 733 -6.99 31.97 8.41
CA GLU D 733 -6.52 33.21 9.02
C GLU D 733 -6.17 34.26 7.98
N ASN D 734 -5.73 33.84 6.80
CA ASN D 734 -5.40 34.79 5.75
C ASN D 734 -6.67 35.42 5.17
N PHE D 735 -7.72 34.64 5.01
CA PHE D 735 -9.00 35.21 4.59
C PHE D 735 -9.52 36.19 5.64
N LYS D 736 -9.37 35.85 6.92
CA LYS D 736 -9.82 36.76 7.97
C LYS D 736 -9.03 38.06 7.94
N GLU D 737 -7.72 37.98 7.74
CA GLU D 737 -6.91 39.19 7.59
C GLU D 737 -7.34 40.03 6.39
N LEU D 738 -7.61 39.40 5.26
CA LEU D 738 -8.07 40.16 4.09
C LEU D 738 -9.38 40.86 4.36
N LYS D 739 -10.34 40.13 4.93
CA LYS D 739 -11.64 40.72 5.25
C LYS D 739 -11.48 41.88 6.22
N GLN D 740 -10.58 41.73 7.19
CA GLN D 740 -10.38 42.79 8.17
C GLN D 740 -9.76 44.02 7.54
N ASP D 741 -8.81 43.84 6.62
CA ASP D 741 -8.23 44.99 5.91
C ASP D 741 -9.30 45.72 5.11
N ILE D 742 -10.16 44.98 4.40
CA ILE D 742 -11.21 45.62 3.63
C ILE D 742 -12.16 46.38 4.55
N SER D 743 -12.52 45.79 5.69
CA SER D 743 -13.44 46.46 6.59
C SER D 743 -12.84 47.72 7.20
N SER D 744 -11.56 47.68 7.59
CA SER D 744 -10.94 48.86 8.16
C SER D 744 -10.80 49.97 7.12
N PHE D 745 -10.42 49.61 5.89
CA PHE D 745 -10.43 50.55 4.78
C PHE D 745 -11.80 51.19 4.63
N ARG D 746 -12.84 50.36 4.66
CA ARG D 746 -14.21 50.84 4.50
C ARG D 746 -14.56 51.85 5.59
N TYR D 747 -14.25 51.51 6.84
CA TYR D 747 -14.60 52.39 7.94
C TYR D 747 -13.86 53.73 7.83
N GLU D 748 -12.58 53.70 7.47
CA GLU D 748 -11.87 54.96 7.27
C GLU D 748 -12.54 55.81 6.21
N VAL D 749 -12.80 55.23 5.04
CA VAL D 749 -13.35 56.01 3.94
C VAL D 749 -14.70 56.60 4.31
N ILE D 750 -15.58 55.78 4.90
CA ILE D 750 -16.91 56.27 5.26
C ILE D 750 -16.80 57.33 6.34
N GLY D 751 -15.86 57.20 7.27
CA GLY D 751 -15.76 58.15 8.35
C GLY D 751 -15.09 59.45 7.99
N MET D 752 -14.33 59.50 6.90
CA MET D 752 -13.68 60.73 6.50
C MET D 752 -14.39 61.41 5.33
N MET D 753 -15.63 61.03 5.05
CA MET D 753 -16.43 61.69 4.02
C MET D 753 -17.90 61.33 4.17
#